data_9LP9
#
_entry.id   9LP9
#
_cell.length_a   1.00
_cell.length_b   1.00
_cell.length_c   1.00
_cell.angle_alpha   90.00
_cell.angle_beta   90.00
_cell.angle_gamma   90.00
#
_symmetry.space_group_name_H-M   'P 1'
#
loop_
_entity.id
_entity.type
_entity.pdbx_description
1 polymer 'Retron Eco8 OLD nuclease'
2 polymer 'Retron Eco8 reverse transcriptase'
3 polymer 'RNA (161-MER)'
4 polymer 'DNA (75-MER)'
#
loop_
_entity_poly.entity_id
_entity_poly.type
_entity_poly.pdbx_seq_one_letter_code
_entity_poly.pdbx_strand_id
1 'polypeptide(L)'
;MTIESIRVKNLLSFDDVILRDFRDINCIIGRNNVGKSNLLKVIRYFYAKLENKKVIPLDFHTNYNAVGEITFTFDTTRIK
KIVTSRKNNGRFHKHIYNTLFKSSSVKLNFEELIARKNSTNKSFFSLTLTICKDDSVMWSVDDPKVRSLLATLYPFLYIE
TRHIDLYDWNPIWKLISNLNSFNFDDVDHDELVNFLDEKISSRKGDYKKYIDRVVSVIDTKPYTYKEKVINYIKVAIKGD
SFVNAGEELFTQSDGTNSNKFLETLLHLLITLTRTEFISPIVYIDEPEVGLHPKLAESFVSNLNKIYSKFKKTSELSGPG
RYKTPYPNIFYSTHSPSILKQTIKLFGKDQQVLHFSKKKDGSTRVNKINSTYSDERFLNIFSDNEARLFFSEYIVFVEGA
TELELFRNLSLLNLYPAFSLADIYDANEVILANINPGYSKASIPFVIIKDIDTLIDYSIKTEKFSLRPLFEKMIKELTKE
FDYYDTGFGRVRKEIDLFSDIQSSTKKHMDSGLFFKRFSLHNLSSRINKVSRKLNRYFMTTTIEGALINEQSLPYFFNWI
GDVILTQMTINNPNPDKFIEAMRRRYNIKSQVVPLFKSVFCIGLNHPVYSSAVDKQALRIKLSFLNYLKRKVYSDFNNEK
EIVLALRLAFGGKTETQYTLDKLRKDGEAELFREKIKNYKNNELFFLEPQMTKTSGWVTTFLNYTIEKITSEESDDDRIR
QKLSFIFPEIISIIEQASSSIEAEESSLTG
;
B,E,I,M
2 'polypeptide(L)'
;MKTKKMILVDKVFYEKILSVESFKENIITQSAIPKISNKEVRLISSGSKIFYAINNTSPHSHVQLRLNRFFLSHIPLNSA
AKAFVRGGSYLKYLEPHIYGSSYCRLDISSFFNNISFDDVKQSLSPYIKDEYLIGTEQKLIDAILNSVGYESPIRKDKGM
IIPMGFRTSPAISNIVFRKMDLLIQDFCAKKGVIYSRYADDMLFSNPRESKLLMSDYFIDEISSLLSIMGFNINQSKYIS
REKEISINGYVIENKGGNGSIGTIRLSKSKLNTVLKVTHALAQNIPYKNICNKYIKVRLKEKNIKYESKKDEFEKKYYRD
QLINYLGGYRSYLISLVKFHSEYKCVNSDFIIQINGILNDIQNHIQKIKKNRRL
;
A,F,J,N
3 'polyribonucleotide'
;GCUUCUUCUUCGAUAGAAGCUGAGGAGUCCAGUUUGACUGGAUAAGGUGUUCGCCAUCUCUAGCCUCAGUAAAAACUAGC
UCAUCCUUUGCGCACUUGGCGCUAUAGGUAACUUUAAUACUCACAGAGUGUAAAGAUUGGUCUUGGUAUCGGAGAAGAAG
C
;
C,G,K,O
4 'polydeoxyribonucleotide'
;(DC)(DA)(DA)(DG)(DA)(DC)(DC)(DA)(DA)(DT)(DC)(DT)(DT)(DT)(DA)(DC)(DA)(DC)(DT)(DC)
(DT)(DG)(DT)(DG)(DA)(DG)(DT)(DA)(DT)(DT)(DA)(DA)(DA)(DG)(DT)(DT)(DA)(DC)(DC)(DT)
(DA)(DT)(DA)(DG)(DC)(DG)(DC)(DC)(DA)(DA)(DG)(DT)(DG)(DC)(DG)(DC)(DA)(DA)(DA)(DG)
(DG)(DA)(DT)(DG)(DA)(DG)(DC)(DT)(DA)(DG)(DT)(DT)(DT)(DT)(DT)
;
D,H,L,P
#
loop_
_chem_comp.id
_chem_comp.type
_chem_comp.name
_chem_comp.formula
A RNA linking ADENOSINE-5'-MONOPHOSPHATE 'C10 H14 N5 O7 P'
C RNA linking CYTIDINE-5'-MONOPHOSPHATE 'C9 H14 N3 O8 P'
DA DNA linking 2'-DEOXYADENOSINE-5'-MONOPHOSPHATE 'C10 H14 N5 O6 P'
DC DNA linking 2'-DEOXYCYTIDINE-5'-MONOPHOSPHATE 'C9 H14 N3 O7 P'
DG DNA linking 2'-DEOXYGUANOSINE-5'-MONOPHOSPHATE 'C10 H14 N5 O7 P'
DT DNA linking THYMIDINE-5'-MONOPHOSPHATE 'C10 H15 N2 O8 P'
G RNA linking GUANOSINE-5'-MONOPHOSPHATE 'C10 H14 N5 O8 P'
U RNA linking URIDINE-5'-MONOPHOSPHATE 'C9 H13 N2 O9 P'
#
# COMPACT_ATOMS: atom_id res chain seq x y z
N MET A 1 3.83 35.90 20.85
CA MET A 1 4.32 34.89 19.92
C MET A 1 4.31 33.49 20.54
N THR A 2 4.77 32.51 19.77
CA THR A 2 4.88 31.13 20.23
C THR A 2 6.30 30.62 20.21
N ILE A 3 6.99 30.75 19.08
CA ILE A 3 8.37 30.30 18.94
C ILE A 3 9.21 31.50 18.56
N GLU A 4 10.25 31.77 19.36
CA GLU A 4 11.10 32.93 19.09
C GLU A 4 12.15 32.60 18.04
N SER A 5 12.79 31.43 18.16
CA SER A 5 13.87 31.10 17.24
C SER A 5 14.03 29.60 17.12
N ILE A 6 14.57 29.17 15.98
CA ILE A 6 14.98 27.80 15.74
C ILE A 6 16.37 27.85 15.12
N ARG A 7 17.32 27.13 15.73
CA ARG A 7 18.71 27.17 15.28
C ARG A 7 19.20 25.76 15.03
N VAL A 8 19.74 25.51 13.85
CA VAL A 8 20.28 24.20 13.47
C VAL A 8 21.74 24.37 13.08
N LYS A 9 22.60 23.57 13.70
CA LYS A 9 24.03 23.61 13.44
C LYS A 9 24.49 22.24 12.99
N ASN A 10 25.06 22.15 11.79
CA ASN A 10 25.72 20.94 11.31
C ASN A 10 24.78 19.74 11.31
N LEU A 11 23.66 19.88 10.61
CA LEU A 11 22.73 18.78 10.44
C LEU A 11 22.12 18.84 9.05
N LEU A 12 22.06 17.66 8.40
CA LEU A 12 21.55 17.55 7.04
C LEU A 12 22.25 18.53 6.11
N SER A 13 21.52 19.46 5.52
CA SER A 13 22.11 20.45 4.63
C SER A 13 22.31 21.80 5.31
N PHE A 14 22.17 21.86 6.62
CA PHE A 14 22.29 23.11 7.37
C PHE A 14 23.69 23.21 7.97
N ASP A 15 24.36 24.31 7.69
CA ASP A 15 25.66 24.58 8.31
C ASP A 15 25.45 25.29 9.63
N ASP A 16 24.84 26.48 9.59
CA ASP A 16 24.46 27.19 10.82
C ASP A 16 23.30 28.12 10.42
N VAL A 17 22.08 27.69 10.71
CA VAL A 17 20.89 28.38 10.25
C VAL A 17 20.07 28.80 11.46
N ILE A 18 19.69 30.07 11.51
CA ILE A 18 18.87 30.62 12.58
C ILE A 18 17.65 31.26 11.95
N LEU A 19 16.46 30.83 12.39
CA LEU A 19 15.19 31.38 11.95
C LEU A 19 14.52 32.05 13.13
N ARG A 20 14.09 33.30 12.96
CA ARG A 20 13.45 34.04 14.04
C ARG A 20 12.46 35.02 13.42
N ASP A 21 11.93 35.91 14.26
CA ASP A 21 10.95 36.91 13.83
C ASP A 21 9.74 36.25 13.17
N PHE A 22 9.26 35.17 13.77
CA PHE A 22 8.12 34.46 13.20
C PHE A 22 6.86 35.30 13.27
N ARG A 23 6.18 35.44 12.14
CA ARG A 23 4.92 36.15 12.06
C ARG A 23 3.77 35.15 12.09
N ASP A 24 2.55 35.68 11.97
CA ASP A 24 1.35 34.80 12.10
C ASP A 24 1.23 33.88 10.90
N ILE A 25 1.65 34.31 9.70
CA ILE A 25 1.64 33.48 8.51
C ILE A 25 3.05 33.48 7.93
N ASN A 26 3.63 32.30 7.75
CA ASN A 26 5.00 32.17 7.25
C ASN A 26 4.98 31.39 5.95
N CYS A 27 5.33 32.07 4.85
CA CYS A 27 5.30 31.48 3.51
C CYS A 27 6.71 31.11 3.11
N ILE A 28 6.93 29.84 2.76
CA ILE A 28 8.26 29.32 2.43
C ILE A 28 8.31 29.05 0.94
N ILE A 29 9.22 29.74 0.25
CA ILE A 29 9.36 29.62 -1.20
C ILE A 29 10.84 29.43 -1.53
N GLY A 30 11.08 28.95 -2.74
CA GLY A 30 12.44 28.75 -3.21
C GLY A 30 12.52 27.53 -4.10
N ARG A 31 13.75 27.18 -4.47
CA ARG A 31 13.96 25.97 -5.26
C ARG A 31 13.69 24.73 -4.42
N ASN A 32 13.18 23.69 -5.09
CA ASN A 32 12.56 22.58 -4.40
C ASN A 32 13.55 21.79 -3.56
N ASN A 33 13.19 21.56 -2.30
CA ASN A 33 13.92 20.67 -1.40
C ASN A 33 15.40 21.04 -1.29
N VAL A 34 15.70 22.32 -1.39
CA VAL A 34 17.06 22.81 -1.20
C VAL A 34 17.28 23.04 0.29
N GLY A 35 16.35 22.53 1.10
CA GLY A 35 16.38 22.74 2.53
C GLY A 35 15.00 22.87 3.13
N LYS A 36 13.96 22.93 2.28
CA LYS A 36 12.60 22.95 2.79
C LYS A 36 12.28 21.65 3.52
N SER A 37 12.40 20.52 2.81
CA SER A 37 12.16 19.24 3.44
C SER A 37 13.15 18.97 4.55
N ASN A 38 14.37 19.52 4.44
CA ASN A 38 15.33 19.35 5.53
C ASN A 38 14.90 20.10 6.78
N LEU A 39 14.38 21.32 6.62
CA LEU A 39 13.87 22.05 7.78
C LEU A 39 12.68 21.33 8.39
N LEU A 40 11.79 20.81 7.55
CA LEU A 40 10.66 20.03 8.07
C LEU A 40 11.15 18.82 8.83
N LYS A 41 12.16 18.12 8.29
CA LYS A 41 12.71 16.95 8.98
C LYS A 41 13.32 17.33 10.31
N VAL A 42 14.01 18.47 10.37
CA VAL A 42 14.61 18.92 11.62
C VAL A 42 13.54 19.18 12.66
N ILE A 43 12.49 19.91 12.27
CA ILE A 43 11.44 20.24 13.23
C ILE A 43 10.72 18.99 13.69
N ARG A 44 10.40 18.09 12.76
CA ARG A 44 9.72 16.85 13.14
C ARG A 44 10.58 16.01 14.05
N TYR A 45 11.89 15.93 13.79
CA TYR A 45 12.77 15.15 14.64
C TYR A 45 12.86 15.75 16.03
N PHE A 46 12.95 17.08 16.12
CA PHE A 46 13.01 17.71 17.44
C PHE A 46 11.74 17.44 18.22
N TYR A 47 10.58 17.55 17.57
CA TYR A 47 9.34 17.31 18.30
C TYR A 47 9.07 15.84 18.57
N ALA A 48 9.68 14.94 17.80
CA ALA A 48 9.58 13.52 18.13
C ALA A 48 10.48 13.17 19.29
N LYS A 49 11.66 13.77 19.37
CA LYS A 49 12.54 13.54 20.51
C LYS A 49 12.06 14.26 21.75
N LEU A 50 11.22 15.29 21.60
CA LEU A 50 10.64 15.95 22.76
C LEU A 50 9.72 15.01 23.52
N GLU A 51 8.95 14.19 22.79
CA GLU A 51 8.01 13.25 23.40
C GLU A 51 8.62 11.88 23.64
N ASN A 52 9.94 11.78 23.66
CA ASN A 52 10.64 10.53 23.96
C ASN A 52 10.25 9.40 23.00
N LYS A 53 10.09 9.74 21.73
CA LYS A 53 9.90 8.73 20.70
C LYS A 53 11.26 8.27 20.19
N LYS A 54 11.38 6.97 19.94
CA LYS A 54 12.63 6.41 19.43
C LYS A 54 12.65 6.59 17.92
N VAL A 55 13.31 7.66 17.47
CA VAL A 55 13.45 7.95 16.05
C VAL A 55 14.94 7.98 15.71
N ILE A 56 15.24 7.74 14.44
CA ILE A 56 16.63 7.69 14.00
C ILE A 56 17.25 9.08 14.08
N PRO A 57 18.51 9.20 14.49
CA PRO A 57 19.14 10.53 14.51
C PRO A 57 19.44 11.02 13.10
N LEU A 58 19.55 12.33 12.97
CA LEU A 58 19.82 12.96 11.70
C LEU A 58 21.30 12.84 11.34
N ASP A 59 21.58 12.99 10.04
CA ASP A 59 22.95 12.92 9.55
C ASP A 59 23.65 14.26 9.72
N PHE A 60 24.98 14.21 9.72
CA PHE A 60 25.80 15.40 9.87
C PHE A 60 26.05 16.04 8.52
N HIS A 61 26.08 17.37 8.49
CA HIS A 61 26.43 18.07 7.27
C HIS A 61 27.88 17.80 6.88
N THR A 62 28.78 17.87 7.85
CA THR A 62 30.18 17.53 7.63
C THR A 62 30.67 16.75 8.84
N ASN A 63 31.45 15.70 8.58
CA ASN A 63 31.90 14.83 9.65
C ASN A 63 33.10 15.37 10.40
N TYR A 64 33.55 16.58 10.07
CA TYR A 64 34.63 17.22 10.79
C TYR A 64 34.16 17.95 12.04
N ASN A 65 32.90 17.77 12.42
CA ASN A 65 32.38 18.23 13.70
C ASN A 65 31.86 17.02 14.47
N ALA A 66 31.95 17.09 15.78
CA ALA A 66 31.53 15.96 16.60
C ALA A 66 30.03 15.92 16.82
N VAL A 67 29.34 17.06 16.79
CA VAL A 67 27.93 17.14 17.19
C VAL A 67 27.14 18.06 16.28
N GLY A 68 25.82 17.88 16.32
CA GLY A 68 24.92 18.81 15.68
C GLY A 68 23.82 19.22 16.63
N GLU A 69 23.50 20.51 16.63
CA GLU A 69 22.64 21.09 17.65
C GLU A 69 21.38 21.67 17.03
N ILE A 70 20.24 21.48 17.71
CA ILE A 70 18.98 22.11 17.36
C ILE A 70 18.48 22.84 18.60
N THR A 71 18.37 24.16 18.54
CA THR A 71 17.97 24.96 19.68
C THR A 71 16.61 25.59 19.40
N PHE A 72 15.66 25.35 20.30
CA PHE A 72 14.33 25.94 20.21
C PHE A 72 14.14 26.91 21.37
N THR A 73 13.76 28.13 21.05
CA THR A 73 13.45 29.13 22.06
C THR A 73 11.94 29.33 22.09
N PHE A 74 11.31 28.96 23.20
CA PHE A 74 9.88 29.14 23.37
C PHE A 74 9.62 30.46 24.06
N ASP A 75 8.57 31.14 23.64
CA ASP A 75 8.16 32.42 24.21
C ASP A 75 7.09 32.13 25.27
N THR A 76 7.50 32.12 26.53
CA THR A 76 6.59 31.76 27.63
C THR A 76 6.10 32.98 28.39
N THR A 77 6.12 34.16 27.76
CA THR A 77 5.66 35.37 28.44
C THR A 77 4.20 35.24 28.86
N ARG A 78 3.34 34.82 27.93
CA ARG A 78 1.92 34.73 28.23
C ARG A 78 1.65 33.69 29.30
N ILE A 79 2.36 32.57 29.28
CA ILE A 79 2.14 31.53 30.28
C ILE A 79 2.57 32.03 31.66
N LYS A 80 3.65 32.81 31.72
CA LYS A 80 4.05 33.41 32.99
C LYS A 80 2.98 34.36 33.49
N LYS A 81 2.42 35.18 32.59
CA LYS A 81 1.30 36.04 32.98
C LYS A 81 0.11 35.20 33.44
N ILE A 82 -0.06 34.03 32.83
CA ILE A 82 -1.18 33.15 33.17
C ILE A 82 -1.04 32.67 34.61
N VAL A 83 0.14 32.19 34.96
CA VAL A 83 0.29 31.41 36.18
C VAL A 83 0.67 32.29 37.38
N THR A 84 1.55 33.28 37.17
CA THR A 84 2.00 34.10 38.29
C THR A 84 0.87 34.85 38.97
N SER A 85 -0.26 35.03 38.29
CA SER A 85 -1.41 35.70 38.89
C SER A 85 -1.97 34.88 40.05
N ARG A 86 -2.58 35.58 41.01
CA ARG A 86 -3.07 34.93 42.21
C ARG A 86 -4.37 34.18 41.99
N LYS A 87 -5.21 34.65 41.06
CA LYS A 87 -6.56 34.11 40.93
C LYS A 87 -6.55 32.63 40.56
N ASN A 88 -5.70 32.26 39.60
CA ASN A 88 -5.68 30.89 39.07
C ASN A 88 -4.82 30.01 39.96
N ASN A 89 -5.46 29.45 40.98
CA ASN A 89 -4.83 28.51 41.90
C ASN A 89 -5.06 27.06 41.50
N GLY A 90 -5.39 26.81 40.24
CA GLY A 90 -5.67 25.46 39.80
C GLY A 90 -4.44 24.58 39.82
N ARG A 91 -4.67 23.28 39.67
CA ARG A 91 -3.57 22.33 39.71
C ARG A 91 -2.65 22.50 38.49
N PHE A 92 -3.22 22.78 37.32
CA PHE A 92 -2.39 22.88 36.12
C PHE A 92 -1.49 24.11 36.17
N HIS A 93 -2.01 25.25 36.59
CA HIS A 93 -1.17 26.44 36.71
C HIS A 93 -0.06 26.21 37.72
N LYS A 94 -0.38 25.56 38.84
CA LYS A 94 0.62 25.28 39.86
C LYS A 94 1.73 24.39 39.31
N HIS A 95 1.35 23.34 38.58
CA HIS A 95 2.35 22.46 38.00
C HIS A 95 3.21 23.18 36.96
N ILE A 96 2.58 24.02 36.14
CA ILE A 96 3.33 24.78 35.13
C ILE A 96 4.34 25.70 35.80
N TYR A 97 3.95 26.37 36.87
CA TYR A 97 4.91 27.21 37.59
C TYR A 97 6.04 26.36 38.15
N ASN A 98 5.71 25.26 38.82
CA ASN A 98 6.74 24.46 39.46
C ASN A 98 7.70 23.87 38.45
N THR A 99 7.25 23.65 37.21
CA THR A 99 8.10 23.01 36.20
C THR A 99 8.88 24.00 35.36
N LEU A 100 8.21 24.97 34.75
CA LEU A 100 8.85 25.82 33.76
C LEU A 100 9.49 27.06 34.37
N PHE A 101 8.84 27.70 35.34
CA PHE A 101 9.29 29.00 35.81
C PHE A 101 10.07 28.94 37.11
N LYS A 102 9.97 27.88 37.89
CA LYS A 102 10.82 27.74 39.06
C LYS A 102 12.23 27.35 38.61
N SER A 103 13.16 27.42 39.56
CA SER A 103 14.58 27.15 39.31
C SER A 103 15.19 28.23 38.43
N SER A 104 14.37 29.18 37.98
CA SER A 104 14.84 30.38 37.32
C SER A 104 14.46 31.64 38.07
N SER A 105 13.39 31.60 38.85
CA SER A 105 13.01 32.70 39.74
C SER A 105 13.49 32.51 41.17
N VAL A 106 13.86 31.28 41.53
CA VAL A 106 14.38 31.02 42.87
C VAL A 106 15.70 31.75 43.08
N LYS A 107 16.58 31.71 42.06
CA LYS A 107 17.89 32.34 42.18
C LYS A 107 17.79 33.85 42.33
N LEU A 108 16.72 34.46 41.85
CA LEU A 108 16.61 35.91 41.85
C LEU A 108 16.39 36.45 43.26
N ASN A 109 16.76 37.71 43.46
CA ASN A 109 16.49 38.40 44.70
C ASN A 109 15.19 39.19 44.59
N PHE A 110 14.85 39.93 45.64
CA PHE A 110 13.58 40.65 45.65
C PHE A 110 13.57 41.79 44.65
N GLU A 111 14.66 42.55 44.56
CA GLU A 111 14.69 43.69 43.65
C GLU A 111 14.54 43.26 42.20
N GLU A 112 15.26 42.21 41.79
CA GLU A 112 15.17 41.75 40.42
C GLU A 112 13.83 41.11 40.11
N LEU A 113 13.22 40.43 41.10
CA LEU A 113 11.88 39.90 40.91
C LEU A 113 10.88 41.02 40.68
N ILE A 114 10.97 42.09 41.48
CA ILE A 114 10.08 43.23 41.30
C ILE A 114 10.31 43.89 39.94
N ALA A 115 11.57 44.02 39.54
CA ALA A 115 11.88 44.63 38.25
C ALA A 115 11.31 43.80 37.11
N ARG A 116 11.44 42.48 37.19
CA ARG A 116 10.87 41.61 36.16
C ARG A 116 9.35 41.71 36.12
N LYS A 117 8.71 41.74 37.29
CA LYS A 117 7.26 41.83 37.33
C LYS A 117 6.77 43.13 36.71
N ASN A 118 7.31 44.26 37.18
CA ASN A 118 6.74 45.55 36.82
C ASN A 118 7.06 45.97 35.39
N SER A 119 8.23 45.58 34.87
CA SER A 119 8.62 46.03 33.54
C SER A 119 7.80 45.32 32.47
N THR A 120 7.82 45.83 31.22
CA THR A 120 7.08 45.16 30.10
C THR A 120 7.98 44.04 29.60
N ASN A 121 8.27 43.05 30.45
CA ASN A 121 9.29 42.05 30.10
C ASN A 121 8.80 40.97 29.15
N LYS A 122 9.75 40.32 28.48
CA LYS A 122 9.44 39.14 27.62
C LYS A 122 10.27 37.98 28.19
N SER A 123 9.67 36.84 28.43
CA SER A 123 10.26 35.66 29.02
C SER A 123 10.47 34.60 27.96
N PHE A 124 11.63 33.94 28.01
CA PHE A 124 12.00 32.93 27.03
C PHE A 124 12.51 31.69 27.73
N PHE A 125 12.36 30.54 27.07
CA PHE A 125 12.81 29.25 27.58
C PHE A 125 13.55 28.56 26.45
N SER A 126 14.84 28.33 26.62
CA SER A 126 15.68 27.79 25.56
C SER A 126 16.00 26.32 25.83
N LEU A 127 15.73 25.47 24.86
CA LEU A 127 15.97 24.03 24.98
C LEU A 127 16.80 23.57 23.79
N THR A 128 17.93 22.91 24.07
CA THR A 128 18.89 22.54 23.05
C THR A 128 19.04 21.02 23.01
N LEU A 129 18.94 20.45 21.81
CA LEU A 129 19.15 19.03 21.58
C LEU A 129 20.44 18.85 20.82
N THR A 130 21.37 18.08 21.37
CA THR A 130 22.68 17.86 20.79
C THR A 130 22.82 16.40 20.40
N ILE A 131 23.20 16.16 19.15
CA ILE A 131 23.45 14.81 18.65
C ILE A 131 24.95 14.63 18.52
N CYS A 132 25.47 13.64 19.25
CA CYS A 132 26.91 13.37 19.23
C CYS A 132 27.25 12.46 18.05
N LYS A 133 28.53 12.18 17.88
CA LYS A 133 28.97 11.40 16.73
C LYS A 133 28.53 9.94 16.83
N ASP A 134 28.30 9.44 18.04
CA ASP A 134 27.89 8.05 18.26
C ASP A 134 26.40 7.93 18.53
N ASP A 135 25.58 8.76 17.89
CA ASP A 135 24.13 8.72 17.89
C ASP A 135 23.49 9.06 19.23
N SER A 136 24.27 9.39 20.25
CA SER A 136 23.68 9.78 21.53
C SER A 136 23.06 11.16 21.43
N VAL A 137 22.07 11.41 22.28
CA VAL A 137 21.33 12.68 22.30
C VAL A 137 21.39 13.24 23.70
N MET A 138 21.73 14.53 23.81
CA MET A 138 21.84 15.22 25.10
C MET A 138 20.98 16.48 25.07
N TRP A 139 20.20 16.69 26.13
CA TRP A 139 19.38 17.87 26.25
C TRP A 139 20.03 18.87 27.20
N SER A 140 19.81 20.15 26.94
CA SER A 140 20.29 21.19 27.83
C SER A 140 19.47 21.29 29.10
N VAL A 141 18.30 20.67 29.14
CA VAL A 141 17.47 20.58 30.34
C VAL A 141 17.19 19.10 30.58
N ASP A 142 17.66 18.59 31.71
CA ASP A 142 17.63 17.15 31.96
C ASP A 142 16.32 16.66 32.56
N ASP A 143 15.34 17.54 32.76
CA ASP A 143 14.07 17.14 33.37
C ASP A 143 13.09 16.75 32.27
N PRO A 144 12.68 15.48 32.18
CA PRO A 144 11.69 15.12 31.16
C PRO A 144 10.34 15.78 31.36
N LYS A 145 10.01 16.18 32.58
CA LYS A 145 8.75 16.90 32.81
C LYS A 145 8.73 18.21 32.03
N VAL A 146 9.85 18.91 32.00
CA VAL A 146 9.94 20.16 31.24
C VAL A 146 9.67 19.90 29.76
N ARG A 147 10.29 18.85 29.21
CA ARG A 147 10.11 18.54 27.80
C ARG A 147 8.68 18.18 27.48
N SER A 148 8.05 17.35 28.32
CA SER A 148 6.67 16.96 28.06
C SER A 148 5.74 18.16 28.16
N LEU A 149 5.95 19.02 29.16
CA LEU A 149 5.10 20.19 29.31
C LEU A 149 5.26 21.14 28.13
N LEU A 150 6.50 21.32 27.66
CA LEU A 150 6.73 22.17 26.49
C LEU A 150 6.07 21.59 25.26
N ALA A 151 6.10 20.27 25.12
CA ALA A 151 5.40 19.63 24.00
C ALA A 151 3.91 19.88 24.09
N THR A 152 3.35 19.82 25.30
CA THR A 152 1.92 20.05 25.46
C THR A 152 1.55 21.50 25.13
N LEU A 153 2.30 22.46 25.66
CA LEU A 153 1.92 23.86 25.51
C LEU A 153 2.07 24.35 24.07
N TYR A 154 3.04 23.81 23.32
CA TYR A 154 3.31 24.24 21.95
C TYR A 154 3.29 23.03 21.03
N PRO A 155 2.13 22.45 20.79
CA PRO A 155 2.06 21.26 19.95
C PRO A 155 2.36 21.61 18.49
N PHE A 156 2.87 20.61 17.77
CA PHE A 156 3.23 20.75 16.36
C PHE A 156 2.30 19.87 15.54
N LEU A 157 1.59 20.47 14.59
CA LEU A 157 0.70 19.75 13.68
C LEU A 157 1.22 19.90 12.27
N TYR A 158 1.46 18.78 11.60
CA TYR A 158 1.96 18.77 10.22
C TYR A 158 0.87 18.22 9.32
N ILE A 159 0.49 18.99 8.31
CA ILE A 159 -0.53 18.61 7.34
C ILE A 159 0.12 18.53 5.98
N GLU A 160 0.15 17.33 5.40
CA GLU A 160 0.63 17.13 4.05
C GLU A 160 -0.57 16.95 3.13
N THR A 161 -0.61 17.74 2.06
CA THR A 161 -1.79 17.74 1.20
C THR A 161 -1.69 16.68 0.10
N ARG A 162 -0.49 16.40 -0.38
CA ARG A 162 -0.33 15.39 -1.43
C ARG A 162 -0.81 14.03 -0.96
N HIS A 163 -0.31 13.58 0.19
CA HIS A 163 -0.68 12.29 0.75
C HIS A 163 -1.82 12.41 1.76
N ILE A 164 -2.63 13.46 1.65
CA ILE A 164 -3.75 13.62 2.58
C ILE A 164 -4.75 12.50 2.35
N ASP A 165 -5.46 12.15 3.41
CA ASP A 165 -6.46 11.07 3.37
C ASP A 165 -7.83 11.70 3.55
N LEU A 166 -8.61 11.71 2.47
CA LEU A 166 -9.93 12.33 2.48
C LEU A 166 -10.95 11.54 3.30
N TYR A 167 -10.63 10.33 3.71
CA TYR A 167 -11.54 9.52 4.51
C TYR A 167 -11.02 9.23 5.91
N ASP A 168 -9.74 9.46 6.17
CA ASP A 168 -9.16 9.32 7.51
C ASP A 168 -9.09 10.70 8.14
N TRP A 169 -10.00 10.95 9.08
CA TRP A 169 -10.07 12.24 9.77
C TRP A 169 -9.61 12.13 11.22
N ASN A 170 -8.82 11.11 11.55
CA ASN A 170 -8.33 10.91 12.91
C ASN A 170 -7.58 12.13 13.46
N PRO A 171 -6.70 12.80 12.70
CA PRO A 171 -6.07 14.01 13.24
C PRO A 171 -7.06 15.07 13.69
N ILE A 172 -8.22 15.19 13.03
CA ILE A 172 -9.22 16.17 13.45
C ILE A 172 -9.64 15.89 14.90
N TRP A 173 -9.96 14.63 15.21
CA TRP A 173 -10.39 14.28 16.55
C TRP A 173 -9.24 14.39 17.55
N LYS A 174 -8.06 13.90 17.17
CA LYS A 174 -6.89 14.01 18.04
C LYS A 174 -6.55 15.47 18.34
N LEU A 175 -6.96 16.38 17.47
CA LEU A 175 -6.73 17.81 17.63
C LEU A 175 -7.80 18.47 18.51
N ILE A 176 -9.08 18.21 18.20
CA ILE A 176 -10.15 18.89 18.92
C ILE A 176 -10.24 18.38 20.36
N SER A 177 -10.09 17.07 20.56
CA SER A 177 -10.16 16.53 21.91
C SER A 177 -9.06 17.10 22.81
N ASN A 178 -7.93 17.50 22.22
CA ASN A 178 -6.82 18.04 22.99
C ASN A 178 -6.90 19.54 23.17
N LEU A 179 -7.36 20.27 22.16
CA LEU A 179 -7.26 21.72 22.15
C LEU A 179 -8.08 22.35 23.27
N ASN A 180 -9.40 22.21 23.24
CA ASN A 180 -10.24 22.75 24.29
C ASN A 180 -10.17 21.85 25.52
N SER A 181 -9.82 22.43 26.66
CA SER A 181 -9.53 21.65 27.87
C SER A 181 -10.83 21.43 28.63
N PHE A 182 -11.49 20.33 28.33
CA PHE A 182 -12.57 19.82 29.17
C PHE A 182 -12.04 18.69 30.03
N ASN A 183 -12.33 18.76 31.33
CA ASN A 183 -11.85 17.77 32.29
C ASN A 183 -12.94 16.72 32.50
N PHE A 184 -12.93 15.69 31.65
CA PHE A 184 -13.83 14.57 31.81
C PHE A 184 -13.34 13.53 32.80
N ASP A 185 -12.12 13.69 33.33
CA ASP A 185 -11.62 12.75 34.34
C ASP A 185 -12.45 12.80 35.61
N ASP A 186 -12.87 14.00 36.02
CA ASP A 186 -13.74 14.13 37.18
C ASP A 186 -15.07 13.41 36.97
N VAL A 187 -15.53 13.35 35.72
CA VAL A 187 -16.77 12.64 35.39
C VAL A 187 -16.40 11.17 35.21
N ASP A 188 -16.75 10.36 36.20
CA ASP A 188 -16.40 8.94 36.18
C ASP A 188 -16.95 8.26 34.93
N HIS A 189 -16.12 7.46 34.29
CA HIS A 189 -16.62 6.63 33.19
C HIS A 189 -17.59 5.57 33.69
N ASP A 190 -17.44 5.13 34.95
CA ASP A 190 -18.47 4.31 35.55
C ASP A 190 -19.76 5.11 35.73
N GLU A 191 -19.66 6.30 36.32
CA GLU A 191 -20.81 7.17 36.46
C GLU A 191 -21.36 7.55 35.10
N LEU A 192 -20.50 7.84 34.14
CA LEU A 192 -20.97 8.19 32.80
C LEU A 192 -21.67 7.03 32.13
N VAL A 193 -21.15 5.81 32.27
CA VAL A 193 -21.79 4.67 31.62
C VAL A 193 -23.16 4.43 32.24
N ASN A 194 -23.25 4.46 33.57
CA ASN A 194 -24.54 4.30 34.22
C ASN A 194 -25.50 5.42 33.80
N PHE A 195 -24.98 6.64 33.71
CA PHE A 195 -25.75 7.83 33.36
C PHE A 195 -26.31 7.73 31.94
N LEU A 196 -25.44 7.46 30.97
CA LEU A 196 -25.85 7.35 29.58
C LEU A 196 -26.80 6.18 29.36
N ASP A 197 -26.53 5.04 29.98
CA ASP A 197 -27.41 3.89 29.79
C ASP A 197 -28.71 4.06 30.55
N GLU A 198 -28.71 4.88 31.61
CA GLU A 198 -29.96 5.29 32.22
C GLU A 198 -30.81 6.06 31.23
N LYS A 199 -30.19 6.99 30.50
CA LYS A 199 -30.96 7.86 29.64
C LYS A 199 -31.34 7.23 28.30
N ILE A 200 -30.35 6.85 27.48
CA ILE A 200 -30.62 6.38 26.11
C ILE A 200 -31.43 5.09 26.07
N SER A 201 -31.62 4.42 27.19
CA SER A 201 -32.39 3.18 27.20
C SER A 201 -33.85 3.43 26.85
N SER A 202 -34.38 2.63 25.93
CA SER A 202 -35.82 2.67 25.64
C SER A 202 -36.61 2.25 26.87
N ARG A 203 -36.29 1.09 27.44
CA ARG A 203 -36.65 0.74 28.81
C ARG A 203 -35.38 0.81 29.64
N LYS A 204 -35.48 1.40 30.83
CA LYS A 204 -34.30 1.53 31.68
C LYS A 204 -33.71 0.15 31.93
N GLY A 205 -32.56 -0.13 31.31
CA GLY A 205 -31.93 -1.43 31.36
C GLY A 205 -31.89 -2.15 30.03
N ASP A 206 -32.92 -1.98 29.19
CA ASP A 206 -32.98 -2.72 27.93
C ASP A 206 -31.74 -2.46 27.08
N TYR A 207 -31.45 -1.19 26.83
CA TYR A 207 -30.18 -0.84 26.20
C TYR A 207 -29.02 -1.34 27.03
N LYS A 208 -29.14 -1.26 28.36
CA LYS A 208 -28.08 -1.75 29.23
C LYS A 208 -27.94 -3.26 29.15
N LYS A 209 -29.04 -4.01 29.07
CA LYS A 209 -28.92 -5.45 28.91
C LYS A 209 -28.25 -5.80 27.59
N TYR A 210 -28.63 -5.12 26.51
CA TYR A 210 -28.03 -5.38 25.21
C TYR A 210 -26.52 -5.09 25.24
N ILE A 211 -26.14 -3.96 25.82
CA ILE A 211 -24.74 -3.57 25.86
C ILE A 211 -23.96 -4.51 26.80
N ASP A 212 -24.58 -4.96 27.88
CA ASP A 212 -23.91 -5.90 28.78
C ASP A 212 -23.68 -7.24 28.10
N ARG A 213 -24.66 -7.71 27.32
CA ARG A 213 -24.45 -8.93 26.53
C ARG A 213 -23.30 -8.74 25.56
N VAL A 214 -23.27 -7.60 24.87
CA VAL A 214 -22.18 -7.33 23.94
C VAL A 214 -20.85 -7.36 24.67
N VAL A 215 -20.75 -6.65 25.80
CA VAL A 215 -19.49 -6.53 26.53
C VAL A 215 -19.04 -7.90 27.03
N SER A 216 -19.97 -8.72 27.52
CA SER A 216 -19.61 -10.08 27.89
C SER A 216 -19.12 -10.87 26.68
N VAL A 217 -19.61 -10.53 25.48
CA VAL A 217 -19.16 -11.21 24.28
C VAL A 217 -17.83 -10.66 23.79
N ILE A 218 -17.68 -9.34 23.76
CA ILE A 218 -16.53 -8.68 23.16
C ILE A 218 -15.49 -8.39 24.25
N ASP A 219 -14.25 -8.76 23.99
CA ASP A 219 -13.14 -8.49 24.91
C ASP A 219 -12.53 -7.16 24.51
N THR A 220 -12.75 -6.14 25.33
CA THR A 220 -12.36 -4.77 24.99
C THR A 220 -11.29 -4.26 25.94
N LYS A 221 -10.38 -3.46 25.40
CA LYS A 221 -9.43 -2.74 26.22
C LYS A 221 -10.16 -1.67 27.03
N PRO A 222 -9.63 -1.28 28.19
CA PRO A 222 -10.20 -0.14 28.90
C PRO A 222 -10.12 1.11 28.04
N TYR A 223 -11.15 1.95 28.16
CA TYR A 223 -11.20 3.17 27.36
C TYR A 223 -10.12 4.15 27.78
N THR A 224 -9.36 4.62 26.80
CA THR A 224 -8.43 5.72 27.04
C THR A 224 -9.21 7.03 27.07
N TYR A 225 -8.62 8.02 27.75
CA TYR A 225 -9.32 9.29 27.93
C TYR A 225 -9.56 9.99 26.59
N LYS A 226 -8.55 9.96 25.70
CA LYS A 226 -8.72 10.60 24.40
C LYS A 226 -9.82 9.94 23.59
N GLU A 227 -9.89 8.61 23.64
CA GLU A 227 -11.00 7.91 22.99
C GLU A 227 -12.33 8.33 23.58
N LYS A 228 -12.39 8.46 24.91
CA LYS A 228 -13.61 8.91 25.57
C LYS A 228 -14.04 10.27 25.04
N VAL A 229 -13.10 11.22 24.95
CA VAL A 229 -13.45 12.57 24.54
C VAL A 229 -13.86 12.59 23.07
N ILE A 230 -13.18 11.81 22.23
CA ILE A 230 -13.53 11.75 20.82
C ILE A 230 -14.94 11.20 20.65
N ASN A 231 -15.25 10.11 21.36
CA ASN A 231 -16.60 9.56 21.34
C ASN A 231 -17.62 10.62 21.75
N TYR A 232 -17.36 11.29 22.89
CA TYR A 232 -18.22 12.37 23.35
C TYR A 232 -18.50 13.35 22.22
N ILE A 233 -17.44 13.95 21.68
CA ILE A 233 -17.60 15.07 20.77
C ILE A 233 -18.35 14.63 19.52
N LYS A 234 -17.90 13.56 18.88
CA LYS A 234 -18.48 13.26 17.57
C LYS A 234 -19.85 12.59 17.70
N VAL A 235 -20.19 12.09 18.88
CA VAL A 235 -21.58 11.69 19.11
C VAL A 235 -22.45 12.93 19.27
N ALA A 236 -21.98 13.92 20.02
CA ALA A 236 -22.78 15.13 20.22
C ALA A 236 -22.90 15.94 18.94
N ILE A 237 -21.88 15.90 18.08
CA ILE A 237 -21.96 16.58 16.79
C ILE A 237 -23.08 15.97 15.96
N LYS A 238 -23.74 16.80 15.16
CA LYS A 238 -24.80 16.34 14.28
C LYS A 238 -24.28 15.64 13.02
N GLY A 239 -22.98 15.35 12.96
CA GLY A 239 -22.44 14.62 11.83
C GLY A 239 -21.02 14.14 12.03
N ASP A 240 -20.76 12.86 11.79
CA ASP A 240 -19.41 12.33 11.85
C ASP A 240 -18.71 12.43 10.50
N SER A 241 -19.39 12.04 9.43
CA SER A 241 -18.84 12.14 8.09
C SER A 241 -18.74 13.60 7.66
N PHE A 242 -18.13 13.81 6.50
CA PHE A 242 -17.88 15.16 6.01
C PHE A 242 -18.43 15.33 4.60
N GLY A 255 -9.40 17.00 -5.22
CA GLY A 255 -8.94 18.37 -5.23
C GLY A 255 -9.68 19.26 -4.25
N THR A 256 -10.96 19.50 -4.53
CA THR A 256 -11.77 20.33 -3.63
C THR A 256 -11.97 19.65 -2.28
N ASN A 257 -11.96 18.31 -2.24
CA ASN A 257 -12.09 17.61 -0.98
C ASN A 257 -10.89 17.91 -0.06
N SER A 258 -9.68 17.91 -0.63
CA SER A 258 -8.51 18.26 0.16
C SER A 258 -8.57 19.70 0.63
N ASN A 259 -9.07 20.60 -0.22
CA ASN A 259 -9.24 21.99 0.17
C ASN A 259 -10.20 22.11 1.35
N LYS A 260 -11.31 21.38 1.31
CA LYS A 260 -12.26 21.42 2.42
C LYS A 260 -11.65 20.85 3.68
N PHE A 261 -10.91 19.74 3.56
CA PHE A 261 -10.21 19.17 4.71
C PHE A 261 -9.32 20.22 5.36
N LEU A 262 -8.46 20.86 4.56
CA LEU A 262 -7.50 21.83 5.10
C LEU A 262 -8.22 23.04 5.68
N GLU A 263 -9.25 23.53 4.99
CA GLU A 263 -9.96 24.71 5.46
C GLU A 263 -10.66 24.45 6.78
N THR A 264 -11.30 23.28 6.93
CA THR A 264 -11.92 22.96 8.20
C THR A 264 -10.88 22.75 9.28
N LEU A 265 -9.72 22.18 8.94
CA LEU A 265 -8.64 22.08 9.92
C LEU A 265 -8.27 23.44 10.48
N LEU A 266 -8.00 24.39 9.59
CA LEU A 266 -7.59 25.71 10.02
C LEU A 266 -8.71 26.42 10.78
N HIS A 267 -9.96 26.26 10.34
CA HIS A 267 -11.08 26.86 11.04
C HIS A 267 -11.19 26.31 12.46
N LEU A 268 -11.07 24.98 12.60
CA LEU A 268 -11.14 24.38 13.93
C LEU A 268 -10.03 24.89 14.82
N LEU A 269 -8.80 24.94 14.32
CA LEU A 269 -7.69 25.44 15.12
C LEU A 269 -7.92 26.87 15.58
N ILE A 270 -8.22 27.76 14.62
CA ILE A 270 -8.33 29.17 14.97
C ILE A 270 -9.50 29.42 15.91
N THR A 271 -10.65 28.76 15.67
CA THR A 271 -11.79 28.95 16.55
C THR A 271 -11.53 28.38 17.94
N LEU A 272 -10.96 27.19 18.03
CA LEU A 272 -10.83 26.53 19.32
C LEU A 272 -9.71 27.11 20.17
N THR A 273 -8.66 27.66 19.57
CA THR A 273 -7.53 28.14 20.36
C THR A 273 -7.83 29.45 21.08
N ARG A 274 -8.97 30.08 20.83
CA ARG A 274 -9.22 31.39 21.40
C ARG A 274 -9.39 31.34 22.91
N THR A 275 -9.94 30.26 23.44
CA THR A 275 -10.18 30.16 24.88
C THR A 275 -9.06 29.49 25.64
N GLU A 276 -8.09 28.89 24.95
CA GLU A 276 -7.00 28.16 25.58
C GLU A 276 -5.70 28.95 25.54
N PHE A 277 -4.76 28.55 26.40
CA PHE A 277 -3.41 29.11 26.37
C PHE A 277 -2.46 28.22 25.61
N ILE A 278 -2.94 27.15 24.98
CA ILE A 278 -2.12 26.32 24.12
C ILE A 278 -2.08 26.94 22.73
N SER A 279 -0.87 27.16 22.21
CA SER A 279 -0.67 27.86 20.95
C SER A 279 0.08 26.95 19.98
N PRO A 280 -0.64 26.15 19.21
CA PRO A 280 0.02 25.18 18.33
C PRO A 280 0.72 25.85 17.16
N ILE A 281 1.65 25.09 16.56
CA ILE A 281 2.36 25.50 15.35
C ILE A 281 1.98 24.52 14.26
N VAL A 282 1.45 25.03 13.15
CA VAL A 282 0.92 24.18 12.08
C VAL A 282 1.75 24.41 10.81
N TYR A 283 2.27 23.31 10.26
CA TYR A 283 3.10 23.33 9.06
C TYR A 283 2.37 22.59 7.96
N ILE A 284 2.12 23.26 6.85
CA ILE A 284 1.38 22.71 5.72
C ILE A 284 2.34 22.55 4.55
N ASP A 285 2.30 21.38 3.92
CA ASP A 285 3.18 21.05 2.80
C ASP A 285 2.39 21.13 1.50
N GLU A 286 2.69 22.13 0.68
CA GLU A 286 2.04 22.37 -0.59
C GLU A 286 0.52 22.42 -0.43
N PRO A 287 -0.03 23.48 0.14
CA PRO A 287 -1.48 23.58 0.28
C PRO A 287 -2.21 23.67 -1.04
N GLU A 288 -1.56 24.14 -2.09
CA GLU A 288 -2.20 24.40 -3.37
C GLU A 288 -2.17 23.20 -4.31
N VAL A 289 -1.62 22.07 -3.89
CA VAL A 289 -1.47 20.93 -4.80
C VAL A 289 -2.84 20.43 -5.21
N GLY A 290 -3.03 20.28 -6.52
CA GLY A 290 -4.30 19.82 -7.04
C GLY A 290 -5.44 20.81 -6.91
N LEU A 291 -5.13 22.11 -6.89
CA LEU A 291 -6.14 23.14 -6.72
C LEU A 291 -6.14 24.08 -7.92
N HIS A 292 -7.33 24.42 -8.39
CA HIS A 292 -7.49 25.50 -9.34
C HIS A 292 -7.00 26.79 -8.71
N PRO A 293 -6.39 27.70 -9.49
CA PRO A 293 -5.86 28.93 -8.88
C PRO A 293 -6.88 29.71 -8.08
N LYS A 294 -8.11 29.82 -8.60
CA LYS A 294 -9.16 30.48 -7.84
C LYS A 294 -9.46 29.74 -6.56
N LEU A 295 -9.36 28.41 -6.56
CA LEU A 295 -9.59 27.65 -5.35
C LEU A 295 -8.53 27.95 -4.29
N ALA A 296 -7.27 28.05 -4.68
CA ALA A 296 -6.23 28.41 -3.72
C ALA A 296 -6.42 29.82 -3.18
N GLU A 297 -6.75 30.77 -4.07
CA GLU A 297 -7.02 32.13 -3.61
C GLU A 297 -8.20 32.15 -2.63
N SER A 298 -9.24 31.38 -2.92
CA SER A 298 -10.38 31.33 -2.01
C SER A 298 -10.01 30.65 -0.69
N PHE A 299 -9.10 29.67 -0.72
CA PHE A 299 -8.65 29.06 0.53
C PHE A 299 -7.95 30.07 1.41
N VAL A 300 -7.05 30.87 0.82
CA VAL A 300 -6.37 31.90 1.60
C VAL A 300 -7.37 32.94 2.08
N SER A 301 -8.36 33.29 1.24
CA SER A 301 -9.37 34.26 1.65
C SER A 301 -10.19 33.75 2.82
N ASN A 302 -10.57 32.47 2.80
CA ASN A 302 -11.33 31.90 3.90
C ASN A 302 -10.49 31.87 5.18
N LEU A 303 -9.21 31.51 5.06
CA LEU A 303 -8.34 31.54 6.23
C LEU A 303 -8.25 32.95 6.81
N ASN A 304 -8.10 33.96 5.96
CA ASN A 304 -8.01 35.33 6.44
C ASN A 304 -9.33 35.79 7.06
N LYS A 305 -10.46 35.38 6.48
CA LYS A 305 -11.75 35.73 7.07
C LYS A 305 -11.90 35.14 8.46
N ILE A 306 -11.53 33.87 8.63
CA ILE A 306 -11.58 33.26 9.96
C ILE A 306 -10.63 33.99 10.91
N TYR A 307 -9.46 34.37 10.40
CA TYR A 307 -8.48 35.05 11.23
C TYR A 307 -8.98 36.41 11.72
N SER A 308 -9.61 37.18 10.85
CA SER A 308 -9.99 38.55 11.19
C SER A 308 -11.33 38.62 11.91
N LYS A 309 -12.23 37.67 11.65
CA LYS A 309 -13.53 37.69 12.33
C LYS A 309 -13.38 37.49 13.83
N PHE A 310 -12.36 36.74 14.26
CA PHE A 310 -12.11 36.48 15.68
C PHE A 310 -11.08 37.45 16.26
N LYS A 311 -10.72 38.49 15.53
CA LYS A 311 -9.66 39.41 15.93
C LYS A 311 -10.26 40.60 16.67
N LYS A 312 -9.71 40.89 17.85
CA LYS A 312 -10.13 42.02 18.66
C LYS A 312 -8.99 43.02 18.71
N THR A 313 -9.29 44.28 18.41
CA THR A 313 -8.31 45.35 18.48
C THR A 313 -8.90 46.54 19.25
N SER A 314 -8.23 47.69 19.18
CA SER A 314 -8.75 48.90 19.81
C SER A 314 -10.08 49.32 19.19
N GLU A 315 -10.37 48.90 17.97
CA GLU A 315 -11.62 49.23 17.29
C GLU A 315 -12.66 48.13 17.41
N LEU A 316 -12.32 46.92 16.99
CA LEU A 316 -13.25 45.79 17.00
C LEU A 316 -13.25 45.20 18.40
N SER A 317 -14.39 45.32 19.08
CA SER A 317 -14.59 44.75 20.41
C SER A 317 -16.03 44.25 20.52
N GLY A 318 -16.24 43.34 21.47
CA GLY A 318 -17.54 42.79 21.73
C GLY A 318 -17.48 41.34 22.18
N PRO A 319 -18.63 40.70 22.51
CA PRO A 319 -18.63 39.27 22.80
C PRO A 319 -18.34 38.55 21.48
N GLY A 320 -17.30 37.73 21.44
CA GLY A 320 -17.03 36.95 20.23
C GLY A 320 -15.73 37.40 19.63
N ARG A 321 -15.07 38.30 20.34
CA ARG A 321 -13.76 38.73 19.85
C ARG A 321 -12.74 38.60 20.97
N TYR A 322 -11.62 37.95 20.67
CA TYR A 322 -10.63 37.62 21.67
C TYR A 322 -9.28 38.23 21.31
N LYS A 323 -8.45 38.43 22.33
CA LYS A 323 -7.08 38.88 22.17
C LYS A 323 -6.07 37.76 22.33
N THR A 324 -6.53 36.52 22.32
CA THR A 324 -5.63 35.38 22.45
C THR A 324 -4.69 35.32 21.24
N PRO A 325 -3.40 35.06 21.46
CA PRO A 325 -2.49 34.92 20.32
C PRO A 325 -2.87 33.75 19.42
N TYR A 326 -2.69 33.95 18.12
CA TYR A 326 -3.06 32.96 17.13
C TYR A 326 -1.94 31.94 16.92
N PRO A 327 -2.28 30.74 16.46
CA PRO A 327 -1.24 29.76 16.14
C PRO A 327 -0.36 30.23 15.00
N ASN A 328 0.89 29.78 15.00
CA ASN A 328 1.86 30.13 13.97
C ASN A 328 1.71 29.15 12.81
N ILE A 329 1.51 29.68 11.61
CA ILE A 329 1.20 28.89 10.43
C ILE A 329 2.35 29.01 9.45
N PHE A 330 3.06 27.92 9.21
CA PHE A 330 3.99 27.79 8.10
C PHE A 330 3.30 27.01 6.99
N TYR A 331 3.53 27.42 5.74
CA TYR A 331 3.14 26.56 4.63
C TYR A 331 4.11 26.78 3.48
N SER A 332 4.55 25.68 2.89
CA SER A 332 5.52 25.71 1.80
C SER A 332 4.80 25.58 0.47
N THR A 333 4.93 26.59 -0.39
CA THR A 333 4.15 26.66 -1.61
C THR A 333 5.07 26.81 -2.81
N HIS A 334 4.53 26.44 -3.98
CA HIS A 334 5.19 26.63 -5.27
C HIS A 334 4.35 27.43 -6.24
N SER A 335 3.25 28.02 -5.79
CA SER A 335 2.32 28.69 -6.68
C SER A 335 2.25 30.17 -6.37
N PRO A 336 2.36 31.04 -7.37
CA PRO A 336 2.24 32.48 -7.11
C PRO A 336 0.89 32.92 -6.61
N SER A 337 -0.17 32.13 -6.83
CA SER A 337 -1.50 32.54 -6.39
C SER A 337 -1.59 32.57 -4.86
N ILE A 338 -1.10 31.51 -4.21
CA ILE A 338 -1.12 31.45 -2.75
C ILE A 338 -0.35 32.61 -2.17
N LEU A 339 0.85 32.86 -2.69
CA LEU A 339 1.68 33.94 -2.17
C LEU A 339 1.05 35.30 -2.40
N LYS A 340 0.48 35.52 -3.58
CA LYS A 340 -0.16 36.80 -3.87
C LYS A 340 -1.32 37.06 -2.92
N GLN A 341 -2.17 36.05 -2.73
CA GLN A 341 -3.31 36.23 -1.83
C GLN A 341 -2.85 36.46 -0.40
N THR A 342 -1.82 35.74 0.04
CA THR A 342 -1.32 35.93 1.42
C THR A 342 -0.87 37.37 1.55
N ILE A 343 0.02 37.81 0.68
CA ILE A 343 0.57 39.16 0.81
C ILE A 343 -0.54 40.19 0.80
N LYS A 344 -1.51 40.04 -0.11
CA LYS A 344 -2.58 41.02 -0.22
C LYS A 344 -3.43 41.06 1.04
N LEU A 345 -3.74 39.89 1.60
CA LEU A 345 -4.74 39.84 2.67
C LEU A 345 -4.14 40.06 4.05
N PHE A 346 -2.90 39.62 4.28
CA PHE A 346 -2.37 39.63 5.64
C PHE A 346 -1.52 40.85 5.96
N GLY A 347 -1.11 41.62 4.96
CA GLY A 347 -0.50 42.92 5.23
C GLY A 347 0.84 42.85 5.93
N LYS A 348 0.85 43.20 7.22
CA LYS A 348 2.06 43.21 8.02
C LYS A 348 2.23 41.97 8.88
N ASP A 349 1.35 40.98 8.75
CA ASP A 349 1.35 39.83 9.65
C ASP A 349 1.92 38.58 9.02
N GLN A 350 2.59 38.69 7.88
CA GLN A 350 3.10 37.50 7.20
C GLN A 350 4.59 37.69 6.97
N GLN A 351 5.27 36.58 6.71
CA GLN A 351 6.69 36.57 6.42
C GLN A 351 6.96 35.61 5.26
N VAL A 352 7.85 36.00 4.35
CA VAL A 352 8.19 35.17 3.20
C VAL A 352 9.63 34.70 3.36
N LEU A 353 9.84 33.39 3.36
CA LEU A 353 11.15 32.80 3.54
C LEU A 353 11.64 32.22 2.22
N HIS A 354 12.89 32.53 1.88
CA HIS A 354 13.51 32.10 0.63
C HIS A 354 14.63 31.12 0.96
N PHE A 355 14.57 29.93 0.35
CA PHE A 355 15.55 28.88 0.57
C PHE A 355 16.45 28.76 -0.65
N SER A 356 17.76 28.83 -0.43
CA SER A 356 18.72 28.76 -1.52
C SER A 356 19.92 27.94 -1.04
N LYS A 357 20.98 27.91 -1.84
CA LYS A 357 22.14 27.08 -1.56
C LYS A 357 23.38 27.95 -1.47
N LYS A 358 24.26 27.65 -0.53
CA LYS A 358 25.48 28.43 -0.33
C LYS A 358 26.56 27.96 -1.31
N LYS A 359 27.76 28.52 -1.17
CA LYS A 359 28.89 28.06 -1.97
C LYS A 359 29.18 26.59 -1.71
N ASP A 360 29.33 26.21 -0.45
CA ASP A 360 29.69 24.85 -0.11
C ASP A 360 28.51 23.89 -0.18
N GLY A 361 27.38 24.31 -0.74
CA GLY A 361 26.23 23.47 -0.89
C GLY A 361 25.25 23.51 0.27
N SER A 362 25.58 24.19 1.36
CA SER A 362 24.69 24.25 2.51
C SER A 362 23.50 25.16 2.24
N THR A 363 22.45 24.97 3.02
CA THR A 363 21.20 25.70 2.83
C THR A 363 21.30 27.10 3.42
N ARG A 364 20.71 28.06 2.72
CA ARG A 364 20.71 29.46 3.14
C ARG A 364 19.28 29.96 3.16
N VAL A 365 18.88 30.60 4.25
CA VAL A 365 17.51 31.04 4.44
C VAL A 365 17.51 32.56 4.55
N ASN A 366 16.62 33.22 3.80
CA ASN A 366 16.51 34.67 3.83
C ASN A 366 15.06 35.08 3.99
N LYS A 367 14.85 36.31 4.43
CA LYS A 367 13.52 36.87 4.60
C LYS A 367 13.30 37.93 3.52
N ILE A 368 12.33 37.70 2.66
CA ILE A 368 12.02 38.63 1.58
C ILE A 368 10.96 39.60 2.06
N ASN A 369 11.19 40.90 1.83
CA ASN A 369 10.25 41.93 2.25
C ASN A 369 8.97 41.78 1.44
N SER A 370 7.87 41.44 2.13
CA SER A 370 6.56 41.37 1.51
C SER A 370 5.59 42.38 2.08
N THR A 371 6.03 43.25 2.98
CA THR A 371 5.18 44.27 3.58
C THR A 371 5.42 45.58 2.85
N TYR A 372 4.34 46.20 2.36
CA TYR A 372 4.41 47.43 1.60
C TYR A 372 3.63 48.52 2.32
N SER A 373 4.25 49.70 2.44
CA SER A 373 3.58 50.85 3.02
C SER A 373 2.67 51.57 2.03
N ASP A 374 2.82 51.28 0.74
CA ASP A 374 1.98 51.90 -0.30
C ASP A 374 0.75 51.02 -0.49
N GLU A 375 -0.40 51.49 -0.02
CA GLU A 375 -1.63 50.72 -0.15
C GLU A 375 -2.01 50.50 -1.60
N ARG A 376 -1.67 51.44 -2.48
CA ARG A 376 -1.95 51.24 -3.89
C ARG A 376 -1.21 50.03 -4.44
N PHE A 377 0.05 49.85 -4.04
CA PHE A 377 0.80 48.68 -4.50
C PHE A 377 0.19 47.39 -3.98
N LEU A 378 -0.32 47.41 -2.74
CA LEU A 378 -1.00 46.24 -2.21
C LEU A 378 -2.24 45.92 -3.02
N ASN A 379 -3.02 46.93 -3.40
CA ASN A 379 -4.24 46.68 -4.16
C ASN A 379 -3.92 46.19 -5.57
N ILE A 380 -2.98 46.85 -6.25
CA ILE A 380 -2.63 46.47 -7.61
C ILE A 380 -1.82 45.17 -7.65
N PHE A 381 -1.42 44.66 -6.49
CA PHE A 381 -0.67 43.40 -6.46
C PHE A 381 -1.42 42.33 -7.22
N SER A 382 -0.73 41.71 -8.19
CA SER A 382 -1.36 40.75 -9.08
C SER A 382 -0.43 39.55 -9.24
N ASP A 383 -0.78 38.66 -10.17
CA ASP A 383 -0.01 37.43 -10.35
C ASP A 383 1.40 37.72 -10.84
N ASN A 384 1.53 38.70 -11.74
CA ASN A 384 2.86 39.00 -12.29
C ASN A 384 3.81 39.48 -11.20
N GLU A 385 3.34 40.35 -10.30
CA GLU A 385 4.20 40.84 -9.23
C GLU A 385 4.60 39.72 -8.28
N ALA A 386 3.65 38.85 -7.94
CA ALA A 386 3.96 37.74 -7.04
C ALA A 386 4.81 36.68 -7.72
N ARG A 387 4.89 36.68 -9.04
CA ARG A 387 5.76 35.73 -9.72
C ARG A 387 7.22 36.03 -9.48
N LEU A 388 7.58 37.31 -9.33
CA LEU A 388 8.98 37.69 -9.16
C LEU A 388 9.60 37.07 -7.91
N PHE A 389 8.80 36.66 -6.94
CA PHE A 389 9.34 36.04 -5.74
C PHE A 389 9.99 34.70 -6.02
N PHE A 390 9.65 34.06 -7.14
CA PHE A 390 10.24 32.78 -7.53
C PHE A 390 11.34 32.95 -8.56
N SER A 391 11.69 34.19 -8.90
CA SER A 391 12.64 34.45 -9.97
C SER A 391 14.06 34.10 -9.56
N GLU A 392 14.81 33.52 -10.50
CA GLU A 392 16.23 33.26 -10.28
C GLU A 392 17.06 34.53 -10.46
N TYR A 393 16.64 35.42 -11.36
CA TYR A 393 17.37 36.63 -11.65
C TYR A 393 16.41 37.62 -12.29
N ILE A 394 16.44 38.87 -11.85
CA ILE A 394 15.49 39.89 -12.29
C ILE A 394 16.22 40.95 -13.08
N VAL A 395 15.61 41.40 -14.16
CA VAL A 395 16.12 42.54 -14.94
C VAL A 395 15.04 43.61 -14.90
N PHE A 396 15.11 44.49 -13.91
CA PHE A 396 14.13 45.56 -13.81
C PHE A 396 14.35 46.58 -14.92
N VAL A 397 13.27 47.01 -15.55
CA VAL A 397 13.35 47.95 -16.66
C VAL A 397 12.38 49.09 -16.45
N GLU A 398 12.27 49.98 -17.44
CA GLU A 398 11.49 51.19 -17.29
C GLU A 398 10.33 51.35 -18.26
N GLY A 399 10.38 50.71 -19.44
CA GLY A 399 9.35 50.91 -20.43
C GLY A 399 8.94 49.60 -21.07
N ALA A 400 7.88 49.67 -21.87
CA ALA A 400 7.37 48.49 -22.55
C ALA A 400 8.30 48.03 -23.67
N THR A 401 9.07 48.95 -24.24
CA THR A 401 10.00 48.59 -25.31
C THR A 401 11.06 47.64 -24.81
N GLU A 402 11.54 47.85 -23.58
CA GLU A 402 12.51 46.93 -22.99
C GLU A 402 11.92 45.54 -22.85
N LEU A 403 10.67 45.44 -22.41
CA LEU A 403 10.01 44.14 -22.31
C LEU A 403 9.87 43.50 -23.68
N GLU A 404 9.55 44.30 -24.71
CA GLU A 404 9.44 43.75 -26.05
C GLU A 404 10.77 43.19 -26.52
N LEU A 405 11.86 43.90 -26.25
CA LEU A 405 13.17 43.43 -26.71
C LEU A 405 13.62 42.20 -25.95
N PHE A 406 13.75 42.32 -24.62
CA PHE A 406 14.37 41.27 -23.83
C PHE A 406 13.54 40.01 -23.73
N ARG A 407 12.28 40.04 -24.16
CA ARG A 407 11.44 38.85 -24.18
C ARG A 407 11.33 38.23 -25.57
N ASN A 408 12.04 38.77 -26.56
CA ASN A 408 11.93 38.27 -27.92
C ASN A 408 12.34 36.81 -28.00
N LEU A 409 11.44 35.97 -28.51
CA LEU A 409 11.69 34.53 -28.52
C LEU A 409 12.90 34.17 -29.39
N SER A 410 13.00 34.79 -30.56
CA SER A 410 14.11 34.49 -31.46
C SER A 410 15.44 34.89 -30.82
N LEU A 411 15.47 36.04 -30.16
CA LEU A 411 16.71 36.47 -29.51
C LEU A 411 17.09 35.56 -28.36
N LEU A 412 16.12 35.17 -27.53
CA LEU A 412 16.43 34.29 -26.42
C LEU A 412 16.72 32.86 -26.86
N ASN A 413 16.37 32.50 -28.10
CA ASN A 413 16.75 31.19 -28.61
C ASN A 413 18.27 31.04 -28.68
N LEU A 414 18.96 32.09 -29.12
CA LEU A 414 20.41 32.04 -29.27
C LEU A 414 21.16 32.21 -27.96
N TYR A 415 20.49 32.64 -26.89
CA TYR A 415 21.13 32.86 -25.59
C TYR A 415 20.31 32.13 -24.53
N PRO A 416 20.48 30.82 -24.39
CA PRO A 416 19.70 30.08 -23.39
C PRO A 416 19.98 30.51 -21.95
N ALA A 417 21.14 31.12 -21.68
CA ALA A 417 21.44 31.55 -20.32
C ALA A 417 20.49 32.65 -19.87
N PHE A 418 20.21 33.62 -20.73
CA PHE A 418 19.32 34.72 -20.38
C PHE A 418 17.87 34.30 -20.29
N SER A 419 17.53 33.09 -20.73
CA SER A 419 16.15 32.63 -20.68
C SER A 419 15.66 32.43 -19.26
N LEU A 420 16.57 32.37 -18.28
CA LEU A 420 16.21 32.15 -16.89
C LEU A 420 16.01 33.45 -16.13
N ALA A 421 16.12 34.60 -16.78
CA ALA A 421 15.97 35.90 -16.14
C ALA A 421 14.61 36.46 -16.48
N ASP A 422 13.90 36.94 -15.48
CA ASP A 422 12.58 37.53 -15.67
C ASP A 422 12.72 39.04 -15.82
N ILE A 423 12.12 39.58 -16.87
CA ILE A 423 12.16 41.01 -17.15
C ILE A 423 10.86 41.62 -16.66
N TYR A 424 10.96 42.61 -15.78
CA TYR A 424 9.79 43.24 -15.18
C TYR A 424 9.96 44.75 -15.24
N ASP A 425 8.91 45.44 -15.65
CA ASP A 425 8.93 46.89 -15.66
C ASP A 425 8.53 47.43 -14.30
N ALA A 426 9.34 48.32 -13.74
CA ALA A 426 9.12 48.85 -12.41
C ALA A 426 9.19 50.36 -12.44
N ASN A 427 8.14 51.00 -11.91
CA ASN A 427 8.17 52.44 -11.71
C ASN A 427 9.10 52.78 -10.56
N GLU A 428 9.36 54.08 -10.38
CA GLU A 428 10.28 54.49 -9.31
C GLU A 428 9.73 54.11 -7.94
N VAL A 429 8.45 54.33 -7.69
CA VAL A 429 7.85 53.96 -6.41
C VAL A 429 7.80 52.43 -6.28
N ILE A 430 7.40 51.74 -7.35
CA ILE A 430 7.37 50.29 -7.32
C ILE A 430 8.75 49.73 -7.05
N LEU A 431 9.76 50.25 -7.75
CA LEU A 431 11.13 49.82 -7.51
C LEU A 431 11.55 50.15 -6.08
N ALA A 432 11.08 51.27 -5.55
CA ALA A 432 11.44 51.66 -4.19
C ALA A 432 10.92 50.65 -3.18
N ASN A 433 9.70 50.18 -3.37
CA ASN A 433 9.09 49.29 -2.38
C ASN A 433 9.04 47.82 -2.81
N ILE A 434 9.82 47.42 -3.82
CA ILE A 434 9.85 46.00 -4.18
C ILE A 434 11.26 45.46 -4.21
N ASN A 435 12.25 46.33 -4.41
CA ASN A 435 13.57 45.87 -4.84
C ASN A 435 14.25 45.00 -3.77
N PRO A 436 15.03 44.01 -4.21
CA PRO A 436 15.66 43.11 -3.23
C PRO A 436 16.66 43.79 -2.31
N GLY A 437 17.32 44.85 -2.76
CA GLY A 437 18.29 45.51 -1.89
C GLY A 437 17.66 46.02 -0.61
N TYR A 438 16.53 46.73 -0.75
CA TYR A 438 15.78 47.15 0.42
C TYR A 438 15.13 45.98 1.14
N SER A 439 14.94 44.86 0.44
CA SER A 439 14.41 43.65 1.06
C SER A 439 15.51 42.72 1.53
N LYS A 440 16.78 43.11 1.37
CA LYS A 440 17.96 42.33 1.75
C LYS A 440 17.81 40.86 1.35
N ALA A 441 17.31 40.62 0.14
CA ALA A 441 17.08 39.27 -0.35
C ALA A 441 18.19 38.86 -1.31
N SER A 442 18.48 37.56 -1.34
CA SER A 442 19.46 37.00 -2.27
C SER A 442 18.76 36.44 -3.51
N ILE A 443 18.03 37.34 -4.16
CA ILE A 443 17.57 37.12 -5.53
C ILE A 443 18.28 38.18 -6.38
N PRO A 444 19.38 37.83 -7.02
CA PRO A 444 20.16 38.86 -7.73
C PRO A 444 19.35 39.53 -8.82
N PHE A 445 19.62 40.82 -9.01
CA PHE A 445 18.84 41.63 -9.93
C PHE A 445 19.72 42.72 -10.50
N VAL A 446 19.30 43.27 -11.63
CA VAL A 446 19.94 44.43 -12.22
C VAL A 446 18.87 45.42 -12.64
N ILE A 447 19.06 46.69 -12.31
CA ILE A 447 18.13 47.76 -12.68
C ILE A 447 18.72 48.45 -13.91
N ILE A 448 18.08 48.26 -15.06
CA ILE A 448 18.55 48.86 -16.31
C ILE A 448 17.84 50.19 -16.47
N LYS A 449 18.62 51.27 -16.52
CA LYS A 449 18.05 52.60 -16.70
C LYS A 449 18.92 53.40 -17.66
N ASP A 450 18.31 54.41 -18.27
CA ASP A 450 19.03 55.28 -19.18
C ASP A 450 19.83 56.32 -18.39
N ILE A 451 20.88 56.84 -19.03
CA ILE A 451 21.71 57.86 -18.41
C ILE A 451 20.97 59.18 -18.22
N ASP A 452 19.83 59.35 -18.90
CA ASP A 452 19.11 60.61 -18.82
C ASP A 452 18.46 60.84 -17.46
N THR A 453 18.30 59.78 -16.66
CA THR A 453 17.68 59.94 -15.34
C THR A 453 18.60 60.61 -14.33
N LEU A 454 19.86 60.84 -14.67
CA LEU A 454 20.79 61.52 -13.79
C LEU A 454 21.12 62.94 -14.23
N ILE A 455 21.34 63.14 -15.53
CA ILE A 455 21.82 64.40 -16.07
C ILE A 455 20.87 64.86 -17.17
N ASP A 456 20.45 66.12 -17.12
CA ASP A 456 19.66 66.70 -18.20
C ASP A 456 20.40 67.88 -18.81
N TYR A 457 20.48 67.90 -20.13
CA TYR A 457 21.26 68.88 -20.87
C TYR A 457 20.36 70.00 -21.39
N SER A 458 20.83 71.23 -21.27
CA SER A 458 20.15 72.40 -21.78
C SER A 458 20.94 72.95 -22.95
N ILE A 459 20.32 72.97 -24.12
CA ILE A 459 20.96 73.49 -25.33
C ILE A 459 21.10 75.00 -25.27
N LYS A 460 20.08 75.69 -24.77
CA LYS A 460 20.11 77.15 -24.73
C LYS A 460 21.27 77.66 -23.88
N THR A 461 21.44 77.09 -22.69
CA THR A 461 22.56 77.45 -21.83
C THR A 461 23.77 76.56 -22.03
N GLU A 462 23.65 75.48 -22.83
CA GLU A 462 24.75 74.55 -23.07
C GLU A 462 25.30 73.98 -21.76
N LYS A 463 24.38 73.57 -20.87
CA LYS A 463 24.76 73.20 -19.52
C LYS A 463 24.07 71.91 -19.07
N PHE A 464 24.81 71.05 -18.38
CA PHE A 464 24.21 69.91 -17.71
C PHE A 464 23.71 70.31 -16.33
N SER A 465 22.56 69.78 -15.95
CA SER A 465 22.03 69.94 -14.60
C SER A 465 21.74 68.55 -14.03
N LEU A 466 21.82 68.46 -12.71
CA LEU A 466 21.84 67.18 -12.01
C LEU A 466 20.43 66.82 -11.55
N ARG A 467 20.03 65.57 -11.81
CA ARG A 467 18.73 65.11 -11.37
C ARG A 467 18.79 64.66 -9.90
N PRO A 468 17.67 64.74 -9.18
CA PRO A 468 17.69 64.38 -7.76
C PRO A 468 18.12 62.94 -7.49
N LEU A 469 17.79 62.01 -8.40
CA LEU A 469 18.21 60.63 -8.21
C LEU A 469 19.72 60.49 -8.24
N PHE A 470 20.41 61.31 -9.05
CA PHE A 470 21.86 61.31 -9.02
C PHE A 470 22.40 61.77 -7.67
N GLU A 471 21.78 62.81 -7.09
CA GLU A 471 22.18 63.25 -5.75
C GLU A 471 21.94 62.16 -4.72
N LYS A 472 20.82 61.44 -4.85
CA LYS A 472 20.55 60.33 -3.94
C LYS A 472 21.59 59.24 -4.08
N MET A 473 21.99 58.93 -5.31
CA MET A 473 23.03 57.93 -5.53
C MET A 473 24.36 58.38 -4.94
N ILE A 474 24.70 59.65 -5.09
CA ILE A 474 25.92 60.19 -4.50
C ILE A 474 25.86 60.08 -2.98
N LYS A 475 24.71 60.44 -2.39
CA LYS A 475 24.57 60.36 -0.94
C LYS A 475 24.68 58.92 -0.45
N GLU A 476 24.14 57.96 -1.21
CA GLU A 476 24.27 56.56 -0.83
C GLU A 476 25.72 56.09 -0.96
N LEU A 477 26.44 56.59 -1.96
CA LEU A 477 27.80 56.13 -2.20
C LEU A 477 28.84 56.85 -1.37
N THR A 478 28.48 57.97 -0.72
CA THR A 478 29.45 58.75 0.05
C THR A 478 29.51 58.32 1.51
N LYS A 479 29.20 57.05 1.79
CA LYS A 479 29.26 56.53 3.16
C LYS A 479 30.65 56.63 3.76
N GLU A 480 31.66 56.98 2.97
CA GLU A 480 33.01 57.15 3.49
C GLU A 480 33.23 58.52 4.12
N PHE A 481 32.24 59.41 4.07
CA PHE A 481 32.32 60.70 4.75
C PHE A 481 32.25 60.57 6.27
N ASP A 482 31.94 59.38 6.78
CA ASP A 482 31.83 59.16 8.22
C ASP A 482 32.69 58.01 8.70
N TYR A 483 33.80 57.71 8.01
CA TYR A 483 34.60 56.53 8.33
C TYR A 483 36.06 56.79 8.00
N TYR A 484 36.88 55.76 8.23
CA TYR A 484 38.33 55.85 8.16
C TYR A 484 38.82 55.62 6.73
N ASP A 485 40.12 55.43 6.58
CA ASP A 485 40.77 55.33 5.27
C ASP A 485 41.04 53.88 4.89
N THR A 486 40.81 53.57 3.63
CA THR A 486 41.17 52.30 3.00
C THR A 486 41.28 52.55 1.50
N GLY A 487 41.30 51.48 0.71
CA GLY A 487 41.54 51.60 -0.71
C GLY A 487 40.40 52.15 -1.56
N PHE A 488 39.52 52.94 -0.93
CA PHE A 488 38.36 53.51 -1.62
C PHE A 488 38.62 54.87 -2.26
N GLY A 489 39.89 55.32 -2.31
CA GLY A 489 40.17 56.68 -2.77
C GLY A 489 39.73 56.93 -4.20
N ARG A 490 39.84 55.92 -5.07
CA ARG A 490 39.45 56.10 -6.46
C ARG A 490 37.96 56.37 -6.58
N VAL A 491 37.16 55.75 -5.72
CA VAL A 491 35.72 56.05 -5.71
C VAL A 491 35.50 57.52 -5.34
N ARG A 492 36.29 58.02 -4.39
CA ARG A 492 36.12 59.42 -4.01
C ARG A 492 36.48 60.32 -5.17
N LYS A 493 37.55 59.96 -5.90
CA LYS A 493 37.94 60.72 -7.08
C LYS A 493 36.84 60.74 -8.12
N GLU A 494 36.22 59.58 -8.37
CA GLU A 494 35.12 59.51 -9.33
C GLU A 494 33.95 60.37 -8.88
N ILE A 495 33.65 60.37 -7.58
CA ILE A 495 32.57 61.20 -7.08
C ILE A 495 32.91 62.68 -7.23
N ASP A 496 34.18 63.05 -7.05
CA ASP A 496 34.59 64.42 -7.29
C ASP A 496 34.40 64.80 -8.75
N LEU A 497 34.73 63.89 -9.66
CA LEU A 497 34.47 64.16 -11.08
C LEU A 497 32.98 64.32 -11.36
N PHE A 498 32.15 63.50 -10.71
CA PHE A 498 30.70 63.65 -10.83
C PHE A 498 30.26 65.03 -10.35
N SER A 499 30.85 65.51 -9.27
CA SER A 499 30.54 66.86 -8.78
C SER A 499 30.94 67.91 -9.80
N ASP A 500 32.12 67.76 -10.40
CA ASP A 500 32.58 68.71 -11.41
C ASP A 500 31.77 68.65 -12.70
N ILE A 501 31.01 67.56 -12.92
CA ILE A 501 30.13 67.51 -14.09
C ILE A 501 29.16 68.69 -14.07
N GLN A 502 28.72 69.12 -12.89
CA GLN A 502 27.74 70.21 -12.81
C GLN A 502 28.29 71.49 -13.42
N SER A 503 29.46 71.94 -12.96
CA SER A 503 29.96 73.24 -13.35
C SER A 503 30.37 73.31 -14.82
N SER A 504 30.75 72.18 -15.41
CA SER A 504 31.24 72.18 -16.78
C SER A 504 30.13 72.49 -17.77
N THR A 505 30.47 73.32 -18.76
CA THR A 505 29.60 73.63 -19.88
C THR A 505 30.22 73.06 -21.14
N LYS A 506 29.37 72.62 -22.07
CA LYS A 506 29.87 71.97 -23.28
C LYS A 506 29.11 72.50 -24.49
N LYS A 507 29.83 72.73 -25.59
CA LYS A 507 29.26 73.36 -26.77
C LYS A 507 28.67 72.31 -27.71
N HIS A 508 27.58 72.68 -28.37
CA HIS A 508 26.87 71.79 -29.29
C HIS A 508 27.05 72.23 -30.73
N MET A 509 26.74 71.31 -31.65
CA MET A 509 26.82 71.58 -33.08
C MET A 509 25.47 71.30 -33.73
N ASP A 510 25.28 71.86 -34.92
CA ASP A 510 24.04 71.72 -35.70
C ASP A 510 22.82 72.09 -34.86
N SER A 511 22.91 73.21 -34.14
CA SER A 511 21.82 73.73 -33.32
C SER A 511 21.43 72.77 -32.20
N GLY A 512 22.39 72.00 -31.71
CA GLY A 512 22.14 71.14 -30.55
C GLY A 512 21.72 69.72 -30.89
N LEU A 513 22.44 69.08 -31.81
CA LEU A 513 22.17 67.69 -32.16
C LEU A 513 23.34 66.76 -31.90
N PHE A 514 24.57 67.27 -31.90
CA PHE A 514 25.75 66.45 -31.69
C PHE A 514 26.73 67.18 -30.77
N PHE A 515 27.59 66.41 -30.13
CA PHE A 515 28.59 66.95 -29.23
C PHE A 515 29.92 67.12 -29.95
N LYS A 516 30.55 68.27 -29.74
CA LYS A 516 31.75 68.61 -30.49
C LYS A 516 32.91 67.67 -30.18
N ARG A 517 33.20 67.48 -28.89
CA ARG A 517 34.34 66.66 -28.49
C ARG A 517 33.92 65.59 -27.49
N PHE A 518 32.87 65.87 -26.73
CA PHE A 518 32.49 65.02 -25.62
C PHE A 518 31.94 63.68 -26.11
N SER A 519 32.29 62.62 -25.39
CA SER A 519 31.74 61.29 -25.64
C SER A 519 30.93 60.89 -24.42
N LEU A 520 29.61 60.85 -24.57
CA LEU A 520 28.74 60.39 -23.48
C LEU A 520 29.00 58.93 -23.16
N HIS A 521 29.62 58.19 -24.07
CA HIS A 521 29.95 56.79 -23.79
C HIS A 521 30.96 56.68 -22.65
N ASN A 522 31.94 57.59 -22.61
CA ASN A 522 32.92 57.55 -21.52
C ASN A 522 32.25 57.85 -20.18
N LEU A 523 31.38 58.85 -20.13
CA LEU A 523 30.68 59.16 -18.89
C LEU A 523 29.77 58.01 -18.48
N SER A 524 29.11 57.38 -19.44
CA SER A 524 28.28 56.23 -19.14
C SER A 524 29.11 55.08 -18.58
N SER A 525 30.29 54.85 -19.16
CA SER A 525 31.18 53.81 -18.65
C SER A 525 31.61 54.12 -17.22
N ARG A 526 31.94 55.37 -16.94
CA ARG A 526 32.33 55.74 -15.58
C ARG A 526 31.17 55.55 -14.61
N ILE A 527 29.96 55.94 -15.01
CA ILE A 527 28.80 55.78 -14.14
C ILE A 527 28.53 54.31 -13.87
N ASN A 528 28.59 53.48 -14.91
CA ASN A 528 28.37 52.05 -14.72
C ASN A 528 29.43 51.44 -13.81
N LYS A 529 30.70 51.83 -14.01
CA LYS A 529 31.77 51.32 -13.16
C LYS A 529 31.54 51.70 -11.71
N VAL A 530 31.11 52.94 -11.45
CA VAL A 530 30.89 53.38 -10.08
C VAL A 530 29.68 52.69 -9.46
N SER A 531 28.60 52.56 -10.22
CA SER A 531 27.32 52.14 -9.67
C SER A 531 27.06 50.64 -9.79
N ARG A 532 27.97 49.85 -10.37
CA ARG A 532 27.77 48.42 -10.41
C ARG A 532 27.62 47.82 -9.02
N LYS A 533 28.15 48.50 -7.99
CA LYS A 533 28.06 48.00 -6.63
C LYS A 533 26.69 48.25 -6.06
N LEU A 534 25.91 49.13 -6.68
CA LEU A 534 24.55 49.38 -6.30
C LEU A 534 23.57 48.65 -7.22
N ASN A 535 24.08 47.74 -8.06
CA ASN A 535 23.28 46.84 -8.89
C ASN A 535 22.50 47.57 -9.98
N ARG A 536 22.84 48.82 -10.29
CA ARG A 536 22.18 49.56 -11.35
C ARG A 536 23.10 49.70 -12.54
N TYR A 537 22.62 49.31 -13.72
CA TYR A 537 23.33 49.50 -14.97
C TYR A 537 22.66 50.62 -15.75
N PHE A 538 23.47 51.54 -16.27
CA PHE A 538 22.97 52.68 -17.02
C PHE A 538 23.38 52.51 -18.47
N MET A 539 22.40 52.22 -19.32
CA MET A 539 22.63 52.10 -20.74
C MET A 539 22.87 53.48 -21.37
N THR A 540 23.82 53.54 -22.30
CA THR A 540 24.21 54.82 -22.88
C THR A 540 23.06 55.47 -23.63
N THR A 541 22.30 54.70 -24.40
CA THR A 541 21.22 55.21 -25.21
C THR A 541 19.97 54.36 -24.97
N THR A 542 18.83 54.90 -25.40
CA THR A 542 17.56 54.20 -25.22
C THR A 542 17.55 52.90 -26.03
N ILE A 543 16.60 52.04 -25.69
CA ILE A 543 16.47 50.75 -26.37
C ILE A 543 16.23 50.96 -27.87
N GLU A 544 15.29 51.85 -28.18
CA GLU A 544 15.08 52.26 -29.57
C GLU A 544 16.30 52.98 -30.14
N GLY A 545 17.11 53.60 -29.29
CA GLY A 545 18.37 54.13 -29.76
C GLY A 545 19.44 53.06 -29.90
N ALA A 546 19.33 51.99 -29.12
CA ALA A 546 20.31 50.91 -29.20
C ALA A 546 20.07 50.02 -30.41
N LEU A 547 18.82 49.85 -30.82
CA LEU A 547 18.54 49.04 -32.00
C LEU A 547 18.92 49.77 -33.28
N ILE A 548 18.64 51.07 -33.35
CA ILE A 548 18.97 51.88 -34.52
C ILE A 548 20.37 52.41 -34.30
N ASN A 549 21.36 51.62 -34.71
CA ASN A 549 22.76 52.04 -34.67
C ASN A 549 23.34 51.96 -36.06
N GLU A 550 24.51 52.59 -36.22
CA GLU A 550 25.12 52.70 -37.54
C GLU A 550 25.43 51.34 -38.14
N GLN A 551 25.71 50.35 -37.30
CA GLN A 551 26.08 49.03 -37.81
C GLN A 551 24.88 48.26 -38.36
N SER A 552 23.69 48.50 -37.82
CA SER A 552 22.50 47.76 -38.22
C SER A 552 21.65 48.49 -39.23
N LEU A 553 22.10 49.65 -39.73
CA LEU A 553 21.31 50.37 -40.72
C LEU A 553 21.02 49.58 -41.99
N PRO A 554 21.96 48.83 -42.59
CA PRO A 554 21.58 48.03 -43.76
C PRO A 554 20.40 47.12 -43.50
N TYR A 555 20.47 46.29 -42.45
CA TYR A 555 19.37 45.40 -42.12
C TYR A 555 18.08 46.17 -41.89
N PHE A 556 18.15 47.29 -41.17
CA PHE A 556 16.99 48.17 -41.02
C PHE A 556 16.41 48.52 -42.39
N PHE A 557 17.25 48.98 -43.32
CA PHE A 557 16.75 49.26 -44.65
C PHE A 557 16.16 48.00 -45.28
N ASN A 558 16.84 46.87 -45.13
CA ASN A 558 16.28 45.62 -45.61
C ASN A 558 14.90 45.39 -45.02
N TRP A 559 14.75 45.63 -43.72
CA TRP A 559 13.43 45.47 -43.11
C TRP A 559 12.40 46.33 -43.81
N ILE A 560 12.75 47.60 -44.08
CA ILE A 560 11.82 48.47 -44.78
C ILE A 560 11.46 47.86 -46.13
N GLY A 561 12.46 47.37 -46.86
CA GLY A 561 12.18 46.71 -48.11
C GLY A 561 11.17 45.59 -47.94
N ASP A 562 11.36 44.78 -46.89
CA ASP A 562 10.41 43.71 -46.62
C ASP A 562 9.01 44.27 -46.43
N VAL A 563 8.88 45.31 -45.60
CA VAL A 563 7.53 45.80 -45.31
C VAL A 563 6.96 46.48 -46.55
N ILE A 564 7.80 46.79 -47.53
CA ILE A 564 7.29 47.29 -48.80
C ILE A 564 6.95 46.13 -49.72
N LEU A 565 7.78 45.09 -49.72
CA LEU A 565 7.66 44.06 -50.75
C LEU A 565 6.64 42.99 -50.39
N THR A 566 6.56 42.61 -49.12
CA THR A 566 5.72 41.49 -48.70
C THR A 566 4.51 41.91 -47.88
N GLN A 567 4.64 42.91 -47.01
CA GLN A 567 3.56 43.30 -46.13
C GLN A 567 2.60 44.31 -46.77
N MET A 568 2.84 44.71 -48.00
CA MET A 568 1.99 45.67 -48.69
C MET A 568 1.07 44.96 -49.69
N THR A 569 -0.11 45.54 -49.88
CA THR A 569 -1.13 45.00 -50.78
C THR A 569 -1.73 46.15 -51.58
N ILE A 570 -2.70 45.81 -52.42
CA ILE A 570 -3.34 46.75 -53.34
C ILE A 570 -4.72 47.10 -52.81
N ASN A 571 -5.02 48.39 -52.73
CA ASN A 571 -6.28 48.88 -52.15
C ASN A 571 -7.36 49.02 -53.21
N ASN A 572 -7.78 47.88 -53.78
CA ASN A 572 -8.87 47.87 -54.73
C ASN A 572 -9.37 46.45 -54.96
N PRO A 573 -10.69 46.23 -55.05
CA PRO A 573 -11.20 44.89 -55.36
C PRO A 573 -10.94 44.44 -56.79
N ASN A 574 -10.49 45.33 -57.67
CA ASN A 574 -10.19 44.97 -59.06
C ASN A 574 -8.78 45.43 -59.37
N PRO A 575 -7.78 44.60 -59.07
CA PRO A 575 -6.38 45.03 -59.25
C PRO A 575 -6.03 45.45 -60.67
N ASP A 576 -6.60 44.80 -61.69
CA ASP A 576 -6.18 45.05 -63.06
C ASP A 576 -6.52 46.48 -63.50
N LYS A 577 -7.81 46.81 -63.52
CA LYS A 577 -8.23 48.13 -63.95
C LYS A 577 -7.68 49.22 -63.03
N PHE A 578 -7.61 48.93 -61.73
CA PHE A 578 -7.05 49.90 -60.78
C PHE A 578 -5.60 50.23 -61.10
N ILE A 579 -4.75 49.20 -61.25
CA ILE A 579 -3.34 49.44 -61.49
C ILE A 579 -3.13 50.08 -62.85
N GLU A 580 -3.93 49.71 -63.84
CA GLU A 580 -3.80 50.34 -65.15
C GLU A 580 -4.20 51.82 -65.08
N ALA A 581 -5.29 52.12 -64.36
CA ALA A 581 -5.77 53.50 -64.28
C ALA A 581 -4.77 54.39 -63.57
N MET A 582 -4.21 53.93 -62.45
CA MET A 582 -3.22 54.77 -61.77
C MET A 582 -1.84 54.74 -62.40
N ARG A 583 -1.54 53.74 -63.24
CA ARG A 583 -0.36 53.85 -64.09
C ARG A 583 -0.56 54.95 -65.13
N ARG A 584 -1.76 55.04 -65.70
CA ARG A 584 -2.05 56.07 -66.68
C ARG A 584 -2.04 57.46 -66.05
N ARG A 585 -2.74 57.63 -64.93
CA ARG A 585 -2.96 58.96 -64.38
C ARG A 585 -1.69 59.56 -63.81
N TYR A 586 -0.95 58.78 -63.00
CA TYR A 586 0.24 59.27 -62.32
C TYR A 586 1.48 58.69 -62.98
N ASN A 587 2.44 59.56 -63.27
CA ASN A 587 3.68 59.13 -63.90
C ASN A 587 4.50 58.30 -62.93
N ILE A 588 5.23 57.32 -63.47
CA ILE A 588 6.05 56.45 -62.64
C ILE A 588 7.22 57.21 -62.04
N LYS A 589 7.81 58.13 -62.81
CA LYS A 589 9.01 58.84 -62.37
C LYS A 589 8.68 60.10 -61.58
N SER A 590 7.98 61.04 -62.21
CA SER A 590 7.76 62.35 -61.59
C SER A 590 6.70 62.33 -60.50
N GLN A 591 5.87 61.30 -60.45
CA GLN A 591 4.79 61.20 -59.47
C GLN A 591 4.79 59.83 -58.80
N VAL A 592 5.97 59.37 -58.39
CA VAL A 592 6.08 58.04 -57.79
C VAL A 592 5.42 58.02 -56.41
N VAL A 593 5.53 59.10 -55.65
CA VAL A 593 5.01 59.15 -54.29
C VAL A 593 3.48 59.04 -54.29
N PRO A 594 2.73 59.86 -55.03
CA PRO A 594 1.27 59.70 -55.03
C PRO A 594 0.83 58.38 -55.65
N LEU A 595 1.55 57.89 -56.66
CA LEU A 595 1.22 56.60 -57.25
C LEU A 595 1.34 55.49 -56.23
N PHE A 596 2.42 55.49 -55.44
CA PHE A 596 2.58 54.49 -54.40
C PHE A 596 1.54 54.66 -53.30
N LYS A 597 1.21 55.91 -52.97
CA LYS A 597 0.19 56.15 -51.93
C LYS A 597 -1.17 55.60 -52.36
N SER A 598 -1.54 55.82 -53.62
CA SER A 598 -2.84 55.34 -54.09
C SER A 598 -2.83 53.83 -54.29
N VAL A 599 -1.74 53.28 -54.84
CA VAL A 599 -1.74 51.86 -55.22
C VAL A 599 -1.55 50.97 -54.00
N PHE A 600 -0.51 51.21 -53.22
CA PHE A 600 -0.10 50.29 -52.18
C PHE A 600 -0.54 50.76 -50.80
N CYS A 601 -0.85 49.79 -49.94
CA CYS A 601 -1.20 50.07 -48.56
C CYS A 601 -0.87 48.86 -47.71
N ILE A 602 -0.57 49.10 -46.44
CA ILE A 602 -0.23 48.02 -45.52
C ILE A 602 -1.50 47.28 -45.14
N GLY A 603 -1.47 45.96 -45.31
CA GLY A 603 -2.60 45.12 -44.96
C GLY A 603 -2.20 43.72 -44.56
N LEU A 604 -2.85 43.18 -43.52
CA LEU A 604 -2.53 41.83 -43.06
C LEU A 604 -2.87 40.79 -44.13
N ASN A 605 -4.01 40.94 -44.79
CA ASN A 605 -4.44 39.99 -45.81
C ASN A 605 -3.83 40.38 -47.16
N HIS A 606 -3.30 39.40 -47.87
CA HIS A 606 -2.65 39.61 -49.17
C HIS A 606 -3.45 38.88 -50.25
N PRO A 607 -4.45 39.53 -50.86
CA PRO A 607 -5.19 38.88 -51.94
C PRO A 607 -4.32 38.63 -53.15
N VAL A 608 -4.64 37.55 -53.87
CA VAL A 608 -3.86 37.15 -55.03
C VAL A 608 -4.16 38.08 -56.20
N TYR A 609 -3.11 38.58 -56.84
CA TYR A 609 -3.22 39.47 -57.98
C TYR A 609 -2.75 38.78 -59.25
N SER A 610 -3.11 39.36 -60.38
CA SER A 610 -2.77 38.77 -61.67
C SER A 610 -1.28 38.93 -61.97
N SER A 611 -0.82 38.19 -62.97
CA SER A 611 0.59 38.22 -63.32
C SER A 611 1.02 39.59 -63.81
N ALA A 612 0.22 40.21 -64.67
CA ALA A 612 0.54 41.57 -65.12
C ALA A 612 0.49 42.56 -63.97
N VAL A 613 -0.53 42.44 -63.11
CA VAL A 613 -0.63 43.32 -61.95
C VAL A 613 0.54 43.09 -60.99
N ASP A 614 0.90 41.82 -60.76
CA ASP A 614 2.02 41.53 -59.87
C ASP A 614 3.32 42.10 -60.43
N LYS A 615 3.53 41.96 -61.75
CA LYS A 615 4.74 42.51 -62.36
C LYS A 615 4.77 44.03 -62.27
N GLN A 616 3.64 44.69 -62.54
CA GLN A 616 3.59 46.14 -62.43
C GLN A 616 3.85 46.59 -61.00
N ALA A 617 3.25 45.91 -60.02
CA ALA A 617 3.46 46.26 -58.62
C ALA A 617 4.93 46.06 -58.24
N LEU A 618 5.54 44.97 -58.70
CA LEU A 618 6.94 44.73 -58.40
C LEU A 618 7.83 45.81 -58.99
N ARG A 619 7.54 46.22 -60.23
CA ARG A 619 8.33 47.27 -60.87
C ARG A 619 8.19 48.60 -60.12
N ILE A 620 6.96 48.95 -59.74
CA ILE A 620 6.75 50.18 -58.99
C ILE A 620 7.46 50.11 -57.64
N LYS A 621 7.41 48.94 -56.99
CA LYS A 621 8.10 48.78 -55.71
C LYS A 621 9.60 48.96 -55.86
N LEU A 622 10.19 48.36 -56.89
CA LEU A 622 11.63 48.50 -57.10
C LEU A 622 12.00 49.95 -57.39
N SER A 623 11.19 50.63 -58.21
CA SER A 623 11.46 52.03 -58.50
C SER A 623 11.37 52.88 -57.24
N PHE A 624 10.36 52.62 -56.41
CA PHE A 624 10.21 53.37 -55.17
C PHE A 624 11.35 53.08 -54.20
N LEU A 625 11.82 51.84 -54.16
CA LEU A 625 12.95 51.49 -53.31
C LEU A 625 14.21 52.24 -53.74
N ASN A 626 14.47 52.26 -55.04
CA ASN A 626 15.63 53.00 -55.54
C ASN A 626 15.49 54.49 -55.26
N TYR A 627 14.30 55.05 -55.48
CA TYR A 627 14.06 56.46 -55.19
C TYR A 627 14.31 56.75 -53.72
N LEU A 628 13.78 55.90 -52.83
CA LEU A 628 13.92 56.13 -51.40
C LEU A 628 15.38 56.06 -50.98
N LYS A 629 16.13 55.10 -51.53
CA LYS A 629 17.56 55.02 -51.22
C LYS A 629 18.27 56.27 -51.67
N ARG A 630 17.99 56.73 -52.90
CA ARG A 630 18.63 57.94 -53.41
C ARG A 630 18.31 59.14 -52.52
N LYS A 631 17.03 59.33 -52.19
CA LYS A 631 16.64 60.51 -51.42
C LYS A 631 17.15 60.45 -50.00
N VAL A 632 17.21 59.26 -49.40
CA VAL A 632 17.77 59.13 -48.06
C VAL A 632 19.25 59.49 -48.06
N TYR A 633 19.99 59.00 -49.07
CA TYR A 633 21.41 59.32 -49.13
C TYR A 633 21.65 60.77 -49.54
N SER A 634 20.67 61.43 -50.15
CA SER A 634 20.86 62.80 -50.63
C SER A 634 20.47 63.85 -49.58
N ASP A 635 19.28 63.71 -49.00
CA ASP A 635 18.78 64.75 -48.10
C ASP A 635 19.61 64.86 -46.83
N PHE A 636 20.20 63.76 -46.37
CA PHE A 636 21.00 63.74 -45.15
C PHE A 636 22.48 63.70 -45.51
N ASN A 637 23.27 64.54 -44.83
CA ASN A 637 24.68 64.68 -45.19
C ASN A 637 25.47 63.41 -44.89
N ASN A 638 25.21 62.78 -43.74
CA ASN A 638 26.04 61.67 -43.30
C ASN A 638 25.15 60.62 -42.62
N GLU A 639 25.74 59.44 -42.41
CA GLU A 639 24.99 58.34 -41.81
C GLU A 639 24.55 58.65 -40.39
N LYS A 640 25.32 59.48 -39.67
CA LYS A 640 24.93 59.85 -38.32
C LYS A 640 23.61 60.62 -38.31
N GLU A 641 23.42 61.52 -39.27
CA GLU A 641 22.17 62.24 -39.37
C GLU A 641 21.02 61.29 -39.68
N ILE A 642 21.26 60.28 -40.52
CA ILE A 642 20.24 59.29 -40.83
C ILE A 642 19.84 58.52 -39.57
N VAL A 643 20.83 58.06 -38.80
CA VAL A 643 20.55 57.33 -37.57
C VAL A 643 19.78 58.20 -36.61
N LEU A 644 20.20 59.46 -36.46
CA LEU A 644 19.51 60.37 -35.54
C LEU A 644 18.07 60.60 -35.97
N ALA A 645 17.84 60.80 -37.27
CA ALA A 645 16.49 61.03 -37.76
C ALA A 645 15.60 59.81 -37.52
N LEU A 646 16.13 58.62 -37.80
CA LEU A 646 15.34 57.40 -37.55
C LEU A 646 15.03 57.25 -36.07
N ARG A 647 16.02 57.52 -35.21
CA ARG A 647 15.80 57.39 -33.78
C ARG A 647 14.71 58.34 -33.31
N LEU A 648 14.80 59.61 -33.71
CA LEU A 648 13.79 60.57 -33.30
C LEU A 648 12.41 60.22 -33.85
N ALA A 649 12.35 59.75 -35.10
CA ALA A 649 11.06 59.47 -35.73
C ALA A 649 10.29 58.37 -35.00
N PHE A 650 11.00 57.47 -34.33
CA PHE A 650 10.40 56.43 -33.51
C PHE A 650 10.26 56.82 -32.05
N GLY A 651 10.54 58.08 -31.71
CA GLY A 651 10.45 58.54 -30.34
C GLY A 651 11.75 58.57 -29.57
N GLY A 652 12.89 58.49 -30.25
CA GLY A 652 14.17 58.42 -29.60
C GLY A 652 14.67 59.76 -29.10
N LYS A 653 15.95 59.78 -28.73
CA LYS A 653 16.60 60.99 -28.26
C LYS A 653 17.95 61.14 -28.96
N THR A 654 18.44 62.37 -29.00
CA THR A 654 19.69 62.67 -29.68
C THR A 654 20.86 62.31 -28.77
N GLU A 655 22.08 62.64 -29.22
CA GLU A 655 23.23 62.55 -28.32
C GLU A 655 23.07 63.50 -27.15
N THR A 656 22.31 64.57 -27.33
CA THR A 656 22.00 65.52 -26.28
C THR A 656 20.77 65.12 -25.47
N GLN A 657 20.19 63.95 -25.77
CA GLN A 657 19.06 63.40 -25.02
C GLN A 657 17.84 64.33 -25.12
N TYR A 658 17.36 64.50 -26.35
CA TYR A 658 16.18 65.31 -26.63
C TYR A 658 15.21 64.54 -27.52
N THR A 659 13.94 64.52 -27.12
CA THR A 659 12.89 63.88 -27.90
C THR A 659 12.32 64.86 -28.93
N LEU A 660 11.55 64.31 -29.88
CA LEU A 660 10.92 65.16 -30.88
C LEU A 660 9.93 66.13 -30.23
N ASP A 661 9.13 65.65 -29.29
CA ASP A 661 8.21 66.53 -28.58
C ASP A 661 8.96 67.59 -27.77
N LYS A 662 10.09 67.20 -27.17
CA LYS A 662 10.89 68.16 -26.41
C LYS A 662 11.42 69.25 -27.33
N LEU A 663 11.91 68.88 -28.51
CA LEU A 663 12.40 69.87 -29.46
C LEU A 663 11.26 70.76 -29.94
N ARG A 664 10.09 70.17 -30.19
CA ARG A 664 8.95 70.95 -30.66
C ARG A 664 8.51 71.97 -29.61
N LYS A 665 8.45 71.56 -28.35
CA LYS A 665 8.09 72.49 -27.29
C LYS A 665 9.15 73.57 -27.12
N ASP A 666 10.42 73.17 -27.12
CA ASP A 666 11.50 74.14 -26.93
C ASP A 666 11.71 75.00 -28.18
N GLY A 667 11.69 74.40 -29.36
CA GLY A 667 11.80 75.13 -30.60
C GLY A 667 13.12 75.03 -31.35
N GLU A 668 13.99 74.12 -30.96
CA GLU A 668 15.27 73.93 -31.63
C GLU A 668 15.14 72.88 -32.74
N ALA A 669 16.18 72.81 -33.57
CA ALA A 669 16.26 71.84 -34.67
C ALA A 669 15.04 71.93 -35.58
N GLU A 670 14.71 73.16 -35.98
CA GLU A 670 13.55 73.37 -36.84
C GLU A 670 13.74 72.70 -38.19
N LEU A 671 14.93 72.82 -38.78
CA LEU A 671 15.17 72.24 -40.10
C LEU A 671 15.06 70.73 -40.07
N PHE A 672 15.69 70.11 -39.07
CA PHE A 672 15.63 68.65 -38.94
C PHE A 672 14.21 68.18 -38.69
N ARG A 673 13.47 68.90 -37.85
CA ARG A 673 12.08 68.54 -37.58
C ARG A 673 11.24 68.62 -38.85
N GLU A 674 11.43 69.68 -39.64
CA GLU A 674 10.67 69.80 -40.88
C GLU A 674 11.05 68.73 -41.89
N LYS A 675 12.33 68.36 -41.95
CA LYS A 675 12.75 67.28 -42.84
C LYS A 675 12.08 65.97 -42.43
N ILE A 676 12.06 65.68 -41.13
CA ILE A 676 11.44 64.44 -40.65
C ILE A 676 9.94 64.46 -40.93
N LYS A 677 9.30 65.62 -40.74
CA LYS A 677 7.88 65.75 -41.04
C LYS A 677 7.60 65.51 -42.51
N ASN A 678 8.45 66.07 -43.38
CA ASN A 678 8.29 65.84 -44.82
C ASN A 678 8.44 64.36 -45.14
N TYR A 679 9.41 63.69 -44.54
CA TYR A 679 9.61 62.27 -44.80
C TYR A 679 8.43 61.43 -44.31
N LYS A 680 7.86 61.79 -43.16
CA LYS A 680 6.76 61.00 -42.63
C LYS A 680 5.46 61.26 -43.38
N ASN A 681 5.28 62.47 -43.91
CA ASN A 681 4.06 62.79 -44.64
C ASN A 681 4.12 62.44 -46.12
N ASN A 682 5.32 62.23 -46.67
CA ASN A 682 5.45 61.95 -48.09
C ASN A 682 5.98 60.54 -48.36
N GLU A 683 7.16 60.20 -47.83
CA GLU A 683 7.80 58.94 -48.21
C GLU A 683 7.50 57.81 -47.25
N LEU A 684 7.49 58.09 -45.95
CA LEU A 684 7.25 57.08 -44.92
C LEU A 684 5.82 57.10 -44.39
N PHE A 685 4.86 57.44 -45.26
CA PHE A 685 3.46 57.45 -44.84
C PHE A 685 2.99 56.06 -44.43
N PHE A 686 3.50 55.01 -45.07
CA PHE A 686 3.09 53.66 -44.74
C PHE A 686 3.68 53.21 -43.41
N LEU A 687 4.89 53.66 -43.08
CA LEU A 687 5.51 53.32 -41.80
C LEU A 687 5.09 54.23 -40.67
N GLU A 688 4.25 55.23 -40.93
CA GLU A 688 3.80 56.11 -39.85
C GLU A 688 3.09 55.37 -38.72
N PRO A 689 2.14 54.46 -38.97
CA PRO A 689 1.51 53.75 -37.83
C PRO A 689 2.49 52.94 -37.00
N GLN A 690 3.63 52.56 -37.56
CA GLN A 690 4.64 51.82 -36.83
C GLN A 690 5.68 52.73 -36.18
N MET A 691 5.52 54.04 -36.26
CA MET A 691 6.43 55.00 -35.63
C MET A 691 6.23 55.10 -34.13
N THR A 692 5.14 54.55 -33.59
CA THR A 692 4.87 54.71 -32.18
C THR A 692 5.71 53.75 -31.35
N LYS A 693 5.88 54.10 -30.07
CA LYS A 693 6.67 53.28 -29.17
C LYS A 693 5.99 51.94 -28.90
N THR A 694 4.66 51.93 -28.87
CA THR A 694 3.90 50.72 -28.58
C THR A 694 3.43 50.01 -29.84
N SER A 695 3.90 50.43 -31.02
CA SER A 695 3.48 49.79 -32.25
C SER A 695 4.00 48.36 -32.37
N GLY A 696 5.01 47.99 -31.59
CA GLY A 696 5.60 46.69 -31.73
C GLY A 696 6.54 46.54 -32.91
N TRP A 697 7.09 47.65 -33.42
CA TRP A 697 8.06 47.56 -34.49
C TRP A 697 9.34 46.87 -34.04
N VAL A 698 9.61 46.84 -32.74
CA VAL A 698 10.80 46.18 -32.22
C VAL A 698 10.74 44.68 -32.51
N THR A 699 9.58 44.06 -32.28
CA THR A 699 9.48 42.62 -32.47
C THR A 699 9.68 42.23 -33.93
N THR A 700 9.01 42.94 -34.84
CA THR A 700 9.19 42.65 -36.26
C THR A 700 10.63 42.90 -36.70
N PHE A 701 11.22 44.00 -36.22
CA PHE A 701 12.60 44.31 -36.53
C PHE A 701 13.51 43.15 -36.14
N LEU A 702 13.43 42.72 -34.88
CA LEU A 702 14.35 41.69 -34.41
C LEU A 702 14.07 40.35 -35.09
N ASN A 703 12.80 40.01 -35.30
CA ASN A 703 12.49 38.73 -35.93
C ASN A 703 13.06 38.69 -37.34
N TYR A 704 12.82 39.74 -38.13
CA TYR A 704 13.36 39.77 -39.48
C TYR A 704 14.88 39.76 -39.46
N THR A 705 15.49 40.53 -38.55
CA THR A 705 16.94 40.60 -38.52
C THR A 705 17.56 39.24 -38.20
N ILE A 706 17.06 38.58 -37.16
CA ILE A 706 17.63 37.29 -36.77
C ILE A 706 17.39 36.25 -37.84
N GLU A 707 16.20 36.23 -38.45
CA GLU A 707 15.96 35.27 -39.53
C GLU A 707 16.89 35.53 -40.71
N LYS A 708 17.10 36.80 -41.06
CA LYS A 708 17.98 37.13 -42.17
C LYS A 708 19.41 36.69 -41.88
N ILE A 709 19.91 36.98 -40.69
CA ILE A 709 21.30 36.60 -40.39
C ILE A 709 21.43 35.08 -40.31
N THR A 710 20.41 34.39 -39.80
CA THR A 710 20.45 32.93 -39.79
C THR A 710 20.48 32.40 -41.23
N SER A 711 19.77 33.05 -42.14
CA SER A 711 19.92 32.72 -43.55
C SER A 711 21.33 33.00 -44.03
N GLU A 712 21.98 34.02 -43.48
CA GLU A 712 23.33 34.36 -43.93
C GLU A 712 24.37 33.36 -43.43
N GLU A 713 24.30 32.97 -42.15
CA GLU A 713 25.31 32.09 -41.56
C GLU A 713 24.64 30.95 -40.80
N SER A 714 25.29 29.79 -40.80
CA SER A 714 24.71 28.56 -40.29
C SER A 714 25.33 28.06 -38.99
N ASP A 715 26.15 28.86 -38.31
CA ASP A 715 26.82 28.45 -37.09
C ASP A 715 26.28 29.25 -35.90
N ASP A 716 26.00 28.55 -34.80
CA ASP A 716 25.40 29.20 -33.64
C ASP A 716 26.36 30.19 -32.99
N ASP A 717 27.63 29.79 -32.79
CA ASP A 717 28.59 30.73 -32.25
C ASP A 717 28.81 31.89 -33.20
N ARG A 718 28.88 31.60 -34.50
CA ARG A 718 29.03 32.66 -35.48
C ARG A 718 27.81 33.58 -35.50
N ILE A 719 26.61 33.01 -35.39
CA ILE A 719 25.41 33.84 -35.41
C ILE A 719 25.37 34.73 -34.17
N ARG A 720 25.82 34.21 -33.03
CA ARG A 720 25.92 35.05 -31.84
C ARG A 720 26.94 36.15 -32.04
N GLN A 721 28.05 35.84 -32.73
CA GLN A 721 29.04 36.87 -33.01
C GLN A 721 28.47 37.97 -33.91
N LYS A 722 27.71 37.59 -34.93
CA LYS A 722 27.12 38.59 -35.82
C LYS A 722 26.10 39.44 -35.07
N LEU A 723 25.28 38.82 -34.22
CA LEU A 723 24.32 39.58 -33.43
C LEU A 723 25.03 40.54 -32.48
N SER A 724 26.15 40.09 -31.89
CA SER A 724 26.93 40.95 -31.02
C SER A 724 27.49 42.13 -31.79
N PHE A 725 27.95 41.90 -33.02
CA PHE A 725 28.45 43.01 -33.84
C PHE A 725 27.33 43.98 -34.18
N ILE A 726 26.14 43.47 -34.52
CA ILE A 726 25.05 44.33 -34.97
C ILE A 726 24.50 45.18 -33.83
N PHE A 727 24.29 44.57 -32.66
CA PHE A 727 23.80 45.25 -31.47
C PHE A 727 24.84 45.15 -30.37
N PRO A 728 25.91 45.95 -30.43
CA PRO A 728 26.94 45.84 -29.38
C PRO A 728 26.40 46.05 -27.98
N GLU A 729 25.48 47.00 -27.80
CA GLU A 729 25.10 47.40 -26.45
C GLU A 729 24.05 46.46 -25.86
N ILE A 730 23.01 46.13 -26.63
CA ILE A 730 22.00 45.21 -26.14
C ILE A 730 22.62 43.84 -25.88
N ILE A 731 23.45 43.36 -26.81
CA ILE A 731 24.09 42.08 -26.61
C ILE A 731 25.09 42.15 -25.46
N SER A 732 25.73 43.31 -25.26
CA SER A 732 26.61 43.45 -24.10
C SER A 732 25.83 43.33 -22.80
N ILE A 733 24.66 43.96 -22.72
CA ILE A 733 23.82 43.84 -21.54
C ILE A 733 23.39 42.39 -21.34
N ILE A 734 22.98 41.72 -22.42
CA ILE A 734 22.54 40.33 -22.33
C ILE A 734 23.69 39.44 -21.87
N GLU A 735 24.89 39.68 -22.39
CA GLU A 735 26.03 38.84 -22.04
C GLU A 735 26.47 39.07 -20.60
N GLN A 736 26.47 40.32 -20.15
CA GLN A 736 26.77 40.58 -18.75
C GLN A 736 25.75 39.93 -17.83
N ALA A 737 24.47 40.03 -18.19
CA ALA A 737 23.43 39.39 -17.39
C ALA A 737 23.60 37.88 -17.39
N SER A 738 23.96 37.29 -18.54
CA SER A 738 24.15 35.86 -18.61
C SER A 738 25.35 35.40 -17.78
N SER A 739 26.43 36.19 -17.82
CA SER A 739 27.60 35.85 -17.00
C SER A 739 27.26 35.93 -15.52
N SER A 740 26.54 36.97 -15.11
CA SER A 740 26.12 37.06 -13.71
C SER A 740 25.18 35.93 -13.34
N ILE A 741 24.29 35.55 -14.27
CA ILE A 741 23.37 34.44 -14.03
C ILE A 741 24.13 33.15 -13.82
N GLU A 742 25.15 32.90 -14.65
CA GLU A 742 25.94 31.68 -14.49
C GLU A 742 26.73 31.71 -13.19
N ALA A 743 27.27 32.88 -12.82
CA ALA A 743 28.00 33.00 -11.57
C ALA A 743 27.09 32.71 -10.38
N GLU A 744 25.88 33.28 -10.38
CA GLU A 744 24.96 33.05 -9.28
C GLU A 744 24.33 31.66 -9.33
N GLU A 745 24.28 31.03 -10.50
CA GLU A 745 23.84 29.66 -10.59
C GLU A 745 24.88 28.71 -10.00
N SER A 746 26.15 29.00 -10.23
CA SER A 746 27.22 28.32 -9.51
C SER A 746 27.21 28.69 -8.02
N SER A 747 26.71 29.86 -7.68
CA SER A 747 26.53 30.21 -6.27
C SER A 747 25.40 29.39 -5.64
N LEU A 748 24.39 29.02 -6.44
CA LEU A 748 23.32 28.17 -5.95
C LEU A 748 23.61 26.69 -6.27
N THR A 749 23.73 26.35 -7.55
CA THR A 749 23.82 24.95 -7.93
C THR A 749 25.26 24.45 -8.00
N GLY A 750 26.25 25.32 -7.86
CA GLY A 750 27.64 24.90 -7.95
C GLY A 750 28.38 25.01 -6.63
N LYS B 5 34.44 18.03 -3.32
CA LYS B 5 35.70 17.41 -3.73
C LYS B 5 36.87 17.95 -2.92
N MET B 6 37.67 17.03 -2.38
CA MET B 6 38.83 17.42 -1.60
C MET B 6 39.89 18.05 -2.52
N ILE B 7 40.49 19.15 -2.05
CA ILE B 7 41.53 19.79 -2.83
C ILE B 7 42.74 18.88 -2.95
N LEU B 8 43.37 18.87 -4.11
CA LEU B 8 44.59 18.08 -4.33
C LEU B 8 45.53 18.90 -5.20
N VAL B 9 46.65 19.32 -4.62
CA VAL B 9 47.68 20.06 -5.35
C VAL B 9 48.72 19.07 -5.84
N ASP B 10 48.98 19.07 -7.14
CA ASP B 10 49.98 18.20 -7.76
C ASP B 10 51.06 19.07 -8.40
N LYS B 11 51.95 18.42 -9.15
CA LYS B 11 53.10 19.12 -9.72
C LYS B 11 52.66 20.23 -10.67
N VAL B 12 51.66 19.94 -11.52
CA VAL B 12 51.17 20.95 -12.45
C VAL B 12 50.53 22.11 -11.70
N PHE B 13 49.83 21.80 -10.60
CA PHE B 13 49.20 22.84 -9.80
C PHE B 13 50.25 23.77 -9.19
N TYR B 14 51.33 23.20 -8.67
CA TYR B 14 52.40 24.04 -8.12
C TYR B 14 53.07 24.86 -9.22
N GLU B 15 53.36 24.22 -10.36
CA GLU B 15 54.09 24.91 -11.43
C GLU B 15 53.27 26.08 -11.98
N LYS B 16 52.00 25.86 -12.27
CA LYS B 16 51.19 26.88 -12.94
C LYS B 16 50.65 27.90 -11.96
N ILE B 17 49.82 27.45 -11.01
CA ILE B 17 49.02 28.36 -10.20
C ILE B 17 49.82 28.93 -9.04
N LEU B 18 50.62 28.11 -8.36
CA LEU B 18 51.29 28.57 -7.15
C LEU B 18 52.61 29.26 -7.44
N SER B 19 53.55 28.56 -8.09
CA SER B 19 54.87 29.12 -8.32
C SER B 19 54.81 30.33 -9.25
N VAL B 20 54.03 30.23 -10.32
CA VAL B 20 53.86 31.29 -11.31
C VAL B 20 55.24 31.71 -11.83
N GLU B 21 55.78 32.80 -11.27
CA GLU B 21 57.10 33.29 -11.64
C GLU B 21 58.08 33.36 -10.48
N SER B 22 57.62 33.15 -9.25
CA SER B 22 58.50 33.31 -8.09
C SER B 22 59.63 32.29 -8.11
N PHE B 23 59.33 31.05 -8.51
CA PHE B 23 60.34 29.99 -8.56
C PHE B 23 60.39 29.37 -9.95
N LYS B 24 60.36 30.22 -10.98
CA LYS B 24 60.48 29.73 -12.36
C LYS B 24 61.89 29.17 -12.61
N GLU B 25 62.91 29.90 -12.17
CA GLU B 25 64.28 29.45 -12.39
C GLU B 25 64.55 28.12 -11.69
N ASN B 26 64.09 27.99 -10.45
CA ASN B 26 64.34 26.76 -9.71
C ASN B 26 63.58 25.58 -10.29
N ILE B 27 62.49 25.83 -11.01
CA ILE B 27 61.71 24.73 -11.56
C ILE B 27 62.14 24.38 -12.98
N ILE B 28 62.76 25.31 -13.71
CA ILE B 28 63.23 24.97 -15.05
C ILE B 28 64.64 24.40 -14.99
N THR B 29 65.46 24.85 -14.04
CA THR B 29 66.83 24.37 -13.90
C THR B 29 66.92 23.10 -13.06
N GLN B 30 65.80 22.60 -12.55
CA GLN B 30 65.77 21.38 -11.74
C GLN B 30 66.69 21.49 -10.52
N SER B 31 66.73 22.69 -9.92
CA SER B 31 67.48 22.92 -8.70
C SER B 31 66.53 22.98 -7.52
N ALA B 32 66.94 22.37 -6.41
CA ALA B 32 66.08 22.27 -5.24
C ALA B 32 65.73 23.65 -4.69
N ILE B 33 64.46 23.83 -4.36
CA ILE B 33 64.00 25.07 -3.71
C ILE B 33 64.58 25.13 -2.31
N PRO B 34 65.24 26.21 -1.92
CA PRO B 34 65.97 26.22 -0.66
C PRO B 34 65.16 26.73 0.53
N LYS B 35 65.71 26.47 1.72
CA LYS B 35 65.08 26.87 2.95
C LYS B 35 65.03 28.40 3.05
N ILE B 36 64.11 28.89 3.87
CA ILE B 36 64.03 30.31 4.13
C ILE B 36 65.24 30.69 4.99
N SER B 37 66.23 31.33 4.37
CA SER B 37 67.46 31.64 5.07
C SER B 37 67.27 32.79 6.03
N ASN B 38 68.22 32.93 6.95
CA ASN B 38 68.15 33.98 7.96
C ASN B 38 68.21 35.37 7.36
N LYS B 39 68.66 35.49 6.10
CA LYS B 39 68.75 36.80 5.47
C LYS B 39 67.36 37.36 5.16
N GLU B 40 66.40 36.50 4.85
CA GLU B 40 65.06 36.94 4.49
C GLU B 40 64.18 37.21 5.70
N VAL B 41 64.60 36.82 6.89
CA VAL B 41 63.77 36.88 8.09
C VAL B 41 64.37 37.88 9.06
N ARG B 42 63.57 38.85 9.48
CA ARG B 42 63.93 39.77 10.55
C ARG B 42 63.18 39.40 11.82
N LEU B 43 63.80 39.70 12.96
CA LEU B 43 63.32 39.26 14.26
C LEU B 43 62.94 40.48 15.10
N ILE B 44 61.64 40.73 15.22
CA ILE B 44 61.17 41.79 16.11
C ILE B 44 60.92 41.22 17.49
N SER B 45 61.03 42.09 18.50
CA SER B 45 60.83 41.70 19.89
C SER B 45 59.66 42.50 20.46
N SER B 46 58.60 41.80 20.87
CA SER B 46 57.43 42.42 21.49
C SER B 46 57.29 41.81 22.88
N GLY B 47 57.74 42.54 23.90
CA GLY B 47 57.73 42.00 25.25
C GLY B 47 58.60 40.76 25.32
N SER B 48 58.05 39.71 25.93
CA SER B 48 58.75 38.43 25.99
C SER B 48 58.58 37.60 24.72
N LYS B 49 57.79 38.07 23.76
CA LYS B 49 57.56 37.34 22.53
C LYS B 49 58.49 37.83 21.43
N ILE B 50 58.79 36.93 20.50
CA ILE B 50 59.64 37.22 19.35
C ILE B 50 58.85 36.91 18.09
N PHE B 51 58.80 37.88 17.17
CA PHE B 51 58.03 37.77 15.94
C PHE B 51 58.97 37.70 14.75
N TYR B 52 58.61 36.87 13.77
CA TYR B 52 59.43 36.62 12.59
C TYR B 52 58.74 37.24 11.39
N ALA B 53 59.43 38.16 10.70
CA ALA B 53 58.86 38.84 9.55
C ALA B 53 59.72 38.57 8.31
N ILE B 54 59.09 38.12 7.26
CA ILE B 54 59.79 37.82 6.01
C ILE B 54 59.69 39.03 5.09
N ASN B 55 60.76 39.27 4.33
CA ASN B 55 60.75 40.40 3.41
C ASN B 55 59.83 40.12 2.23
N ASN B 56 59.13 41.17 1.78
CA ASN B 56 58.18 41.01 0.68
C ASN B 56 58.88 40.72 -0.64
N THR B 57 60.09 41.23 -0.83
CA THR B 57 60.81 41.03 -2.07
C THR B 57 61.17 39.58 -2.32
N SER B 58 61.29 38.77 -1.27
CA SER B 58 61.63 37.37 -1.46
C SER B 58 60.49 36.63 -2.15
N PRO B 59 60.82 35.64 -2.99
CA PRO B 59 59.75 34.82 -3.58
C PRO B 59 58.99 34.00 -2.56
N HIS B 60 59.58 33.75 -1.40
CA HIS B 60 58.90 32.99 -0.36
C HIS B 60 57.63 33.70 0.10
N SER B 61 57.68 35.03 0.21
CA SER B 61 56.50 35.78 0.60
C SER B 61 55.39 35.61 -0.42
N HIS B 62 55.73 35.69 -1.70
CA HIS B 62 54.71 35.56 -2.75
C HIS B 62 54.08 34.17 -2.74
N VAL B 63 54.92 33.13 -2.65
CA VAL B 63 54.37 31.79 -2.67
C VAL B 63 53.56 31.52 -1.41
N GLN B 64 53.97 32.07 -0.27
CA GLN B 64 53.20 31.91 0.96
C GLN B 64 51.83 32.58 0.85
N LEU B 65 51.80 33.81 0.32
CA LEU B 65 50.53 34.51 0.18
C LEU B 65 49.60 33.77 -0.76
N ARG B 66 50.13 33.27 -1.88
CA ARG B 66 49.28 32.53 -2.81
C ARG B 66 48.87 31.18 -2.23
N LEU B 67 49.71 30.59 -1.38
CA LEU B 67 49.36 29.37 -0.67
C LEU B 67 48.17 29.60 0.26
N ASN B 68 48.20 30.69 1.03
CA ASN B 68 47.02 31.11 1.80
C ASN B 68 45.81 31.32 0.94
N ARG B 69 45.98 31.96 -0.20
CA ARG B 69 44.81 32.32 -1.00
C ARG B 69 44.16 31.09 -1.61
N PHE B 70 44.95 30.14 -2.12
CA PHE B 70 44.40 29.11 -2.99
C PHE B 70 44.36 27.71 -2.39
N PHE B 71 45.26 27.38 -1.46
CA PHE B 71 45.35 26.01 -0.94
C PHE B 71 44.84 25.89 0.48
N LEU B 72 45.40 26.67 1.41
CA LEU B 72 45.04 26.51 2.81
C LEU B 72 43.59 26.88 3.08
N SER B 73 43.03 27.78 2.29
CA SER B 73 41.65 28.21 2.52
C SER B 73 40.63 27.17 2.11
N HIS B 74 41.02 26.11 1.41
CA HIS B 74 40.09 25.10 0.93
C HIS B 74 40.02 23.86 1.81
N ILE B 75 41.01 23.65 2.67
CA ILE B 75 41.00 22.47 3.54
C ILE B 75 39.94 22.66 4.62
N PRO B 76 39.08 21.68 4.87
CA PRO B 76 38.02 21.84 5.87
C PRO B 76 38.59 21.96 7.28
N LEU B 77 37.81 22.61 8.14
CA LEU B 77 38.18 22.87 9.52
C LEU B 77 37.08 22.36 10.45
N ASN B 78 37.29 22.55 11.73
CA ASN B 78 36.28 22.23 12.74
C ASN B 78 35.51 23.49 13.12
N SER B 79 34.22 23.31 13.40
CA SER B 79 33.35 24.45 13.68
C SER B 79 33.64 25.10 15.03
N ALA B 80 34.42 24.46 15.90
CA ALA B 80 34.74 25.08 17.18
C ALA B 80 35.87 26.09 17.05
N ALA B 81 36.58 26.10 15.94
CA ALA B 81 37.66 27.06 15.72
C ALA B 81 37.06 28.34 15.15
N LYS B 82 37.01 29.39 15.96
CA LYS B 82 36.40 30.65 15.55
C LYS B 82 37.44 31.72 15.22
N ALA B 83 38.70 31.34 15.02
CA ALA B 83 39.78 32.29 14.80
C ALA B 83 40.47 32.01 13.48
N PHE B 84 40.80 33.10 12.76
CA PHE B 84 41.48 33.05 11.47
C PHE B 84 40.70 32.25 10.43
N VAL B 85 39.39 32.10 10.61
CA VAL B 85 38.55 31.36 9.69
C VAL B 85 37.60 32.33 9.02
N ARG B 86 37.30 32.06 7.75
CA ARG B 86 36.36 32.87 7.00
C ARG B 86 35.03 32.99 7.72
N GLY B 87 34.69 34.20 8.16
CA GLY B 87 33.44 34.42 8.87
C GLY B 87 33.51 34.29 10.37
N GLY B 88 34.66 33.91 10.93
CA GLY B 88 34.79 33.82 12.37
C GLY B 88 35.14 35.15 13.01
N SER B 89 34.78 35.28 14.28
CA SER B 89 35.03 36.51 15.01
C SER B 89 35.00 36.19 16.50
N TYR B 90 35.51 37.13 17.30
CA TYR B 90 35.52 36.95 18.75
C TYR B 90 34.11 36.86 19.31
N LEU B 91 33.21 37.70 18.79
CA LEU B 91 31.82 37.64 19.25
C LEU B 91 31.19 36.30 18.95
N LYS B 92 31.47 35.74 17.78
CA LYS B 92 31.02 34.39 17.47
C LYS B 92 31.68 33.37 18.39
N TYR B 93 32.86 33.67 18.91
CA TYR B 93 33.53 32.77 19.85
C TYR B 93 32.88 32.82 21.22
N LEU B 94 32.32 33.96 21.61
CA LEU B 94 31.65 34.11 22.89
C LEU B 94 30.18 33.73 22.85
N GLU B 95 29.55 33.81 21.68
CA GLU B 95 28.10 33.67 21.61
C GLU B 95 27.56 32.36 22.14
N PRO B 96 28.09 31.19 21.77
CA PRO B 96 27.43 29.94 22.18
C PRO B 96 27.42 29.72 23.69
N HIS B 97 28.09 30.56 24.47
CA HIS B 97 28.17 30.39 25.91
C HIS B 97 27.16 31.22 26.67
N ILE B 98 26.27 31.94 25.97
CA ILE B 98 25.23 32.68 26.67
C ILE B 98 24.27 31.72 27.35
N TYR B 99 24.12 30.51 26.83
CA TYR B 99 23.20 29.54 27.42
C TYR B 99 23.78 28.86 28.65
N GLY B 100 25.05 29.10 28.98
CA GLY B 100 25.69 28.41 30.08
C GLY B 100 25.54 29.14 31.40
N SER B 101 25.49 28.37 32.49
CA SER B 101 25.38 28.92 33.82
C SER B 101 26.71 28.95 34.57
N SER B 102 27.67 28.13 34.17
CA SER B 102 29.02 28.20 34.74
C SER B 102 30.03 28.26 33.61
N TYR B 103 31.13 28.98 33.82
CA TYR B 103 32.09 29.24 32.76
C TYR B 103 33.50 28.87 33.20
N CYS B 104 34.28 28.37 32.24
CA CYS B 104 35.67 28.03 32.44
C CYS B 104 36.47 28.46 31.22
N ARG B 105 37.65 29.01 31.45
CA ARG B 105 38.49 29.55 30.38
C ARG B 105 39.91 29.04 30.57
N LEU B 106 40.45 28.43 29.51
CA LEU B 106 41.77 27.83 29.53
C LEU B 106 42.60 28.40 28.39
N ASP B 107 43.92 28.33 28.54
CA ASP B 107 44.86 28.85 27.57
C ASP B 107 45.91 27.80 27.27
N ILE B 108 46.49 27.87 26.07
CA ILE B 108 47.56 26.97 25.66
C ILE B 108 48.87 27.74 25.65
N SER B 109 49.88 27.21 26.34
CA SER B 109 51.14 27.91 26.49
C SER B 109 51.97 27.75 25.23
N SER B 110 52.32 28.88 24.60
CA SER B 110 53.15 28.91 23.40
C SER B 110 52.57 28.00 22.31
N PHE B 111 51.37 28.38 21.86
CA PHE B 111 50.65 27.55 20.90
C PHE B 111 51.43 27.39 19.61
N PHE B 112 51.93 28.49 19.05
CA PHE B 112 52.62 28.42 17.77
C PHE B 112 54.02 27.84 17.90
N ASN B 113 54.69 28.07 19.03
CA ASN B 113 56.03 27.53 19.21
C ASN B 113 56.02 26.02 19.46
N ASN B 114 54.92 25.48 19.98
CA ASN B 114 54.83 24.07 20.29
C ASN B 114 54.23 23.24 19.17
N ILE B 115 53.94 23.85 18.02
CA ILE B 115 53.41 23.10 16.88
C ILE B 115 54.56 22.39 16.19
N SER B 116 54.63 21.07 16.37
CA SER B 116 55.69 20.30 15.75
C SER B 116 55.50 20.25 14.24
N PHE B 117 56.61 20.36 13.51
CA PHE B 117 56.52 20.33 12.06
C PHE B 117 56.14 18.94 11.54
N ASP B 118 56.44 17.90 12.31
CA ASP B 118 56.02 16.56 11.92
C ASP B 118 54.50 16.47 11.88
N ASP B 119 53.82 17.05 12.87
CA ASP B 119 52.37 17.07 12.85
C ASP B 119 51.84 17.85 11.66
N VAL B 120 52.51 18.94 11.30
CA VAL B 120 52.10 19.71 10.13
C VAL B 120 52.21 18.88 8.87
N LYS B 121 53.32 18.16 8.71
CA LYS B 121 53.50 17.31 7.54
C LYS B 121 52.44 16.21 7.50
N GLN B 122 52.16 15.58 8.63
CA GLN B 122 51.14 14.54 8.67
C GLN B 122 49.76 15.10 8.36
N SER B 123 49.49 16.34 8.77
CA SER B 123 48.18 16.93 8.52
C SER B 123 48.01 17.32 7.06
N LEU B 124 49.05 17.90 6.46
CA LEU B 124 48.97 18.36 5.07
C LEU B 124 49.24 17.26 4.05
N SER B 125 49.70 16.10 4.48
CA SER B 125 50.02 15.04 3.52
C SER B 125 48.83 14.57 2.71
N PRO B 126 47.67 14.25 3.28
CA PRO B 126 46.57 13.73 2.46
C PRO B 126 46.07 14.70 1.41
N TYR B 127 46.28 16.00 1.60
CA TYR B 127 45.79 17.01 0.67
C TYR B 127 46.84 17.40 -0.38
N ILE B 128 47.99 16.74 -0.39
CA ILE B 128 49.05 17.00 -1.36
C ILE B 128 49.46 15.68 -1.99
N LYS B 129 49.56 15.66 -3.32
CA LYS B 129 49.90 14.43 -4.03
C LYS B 129 51.32 13.99 -3.68
N ASP B 130 51.51 12.67 -3.58
CA ASP B 130 52.81 12.09 -3.23
C ASP B 130 53.64 11.90 -4.49
N GLU B 131 54.17 13.01 -4.99
CA GLU B 131 54.97 13.02 -6.21
C GLU B 131 56.35 13.57 -5.91
N TYR B 132 57.22 13.48 -6.91
CA TYR B 132 58.54 14.10 -6.87
C TYR B 132 58.50 15.37 -7.69
N LEU B 133 58.73 16.52 -7.05
CA LEU B 133 58.67 17.78 -7.76
C LEU B 133 59.88 17.98 -8.65
N ILE B 134 61.07 17.68 -8.15
CA ILE B 134 62.32 17.98 -8.84
C ILE B 134 63.09 16.67 -8.97
N GLY B 135 63.00 16.05 -10.14
CA GLY B 135 63.73 14.82 -10.38
C GLY B 135 63.38 13.76 -9.36
N THR B 136 64.39 13.28 -8.65
CA THR B 136 64.21 12.37 -7.53
C THR B 136 64.96 12.93 -6.32
N GLU B 137 65.06 14.25 -6.24
CA GLU B 137 65.79 14.93 -5.16
C GLU B 137 64.85 15.46 -4.09
N GLN B 138 63.89 16.29 -4.48
CA GLN B 138 62.98 16.95 -3.55
C GLN B 138 61.54 16.64 -3.90
N LYS B 139 60.72 16.39 -2.88
CA LYS B 139 59.31 16.12 -3.08
C LYS B 139 58.51 17.41 -3.12
N LEU B 140 57.32 17.33 -3.71
CA LEU B 140 56.44 18.49 -3.77
C LEU B 140 56.02 18.93 -2.37
N ILE B 141 55.65 17.97 -1.52
CA ILE B 141 55.21 18.31 -0.17
C ILE B 141 56.36 18.95 0.61
N ASP B 142 57.58 18.44 0.43
CA ASP B 142 58.72 19.04 1.12
C ASP B 142 58.99 20.46 0.61
N ALA B 143 58.78 20.71 -0.68
CA ALA B 143 58.95 22.07 -1.20
C ALA B 143 57.91 23.02 -0.59
N ILE B 144 56.66 22.57 -0.50
CA ILE B 144 55.63 23.41 0.09
C ILE B 144 55.93 23.67 1.57
N LEU B 145 56.39 22.64 2.28
CA LEU B 145 56.76 22.84 3.68
C LEU B 145 57.94 23.79 3.81
N ASN B 146 58.90 23.71 2.87
CA ASN B 146 59.96 24.72 2.78
C ASN B 146 59.36 26.11 2.67
N SER B 147 58.31 26.24 1.87
CA SER B 147 57.62 27.53 1.75
C SER B 147 57.02 27.97 3.08
N VAL B 148 56.44 27.04 3.84
CA VAL B 148 55.73 27.43 5.05
C VAL B 148 56.61 27.41 6.31
N GLY B 149 57.68 26.61 6.32
CA GLY B 149 58.46 26.39 7.52
C GLY B 149 59.63 27.35 7.67
N TYR B 150 60.29 27.23 8.81
CA TYR B 150 61.47 28.05 9.11
C TYR B 150 62.25 27.41 10.25
N GLU B 151 63.56 27.70 10.28
CA GLU B 151 64.44 27.31 11.38
C GLU B 151 64.83 28.57 12.12
N SER B 152 64.51 28.64 13.40
CA SER B 152 64.83 29.82 14.19
C SER B 152 66.31 29.81 14.54
N PRO B 153 67.08 30.83 14.15
CA PRO B 153 68.48 30.88 14.57
C PRO B 153 68.64 31.03 16.07
N ILE B 154 67.65 31.61 16.75
CA ILE B 154 67.72 31.73 18.21
C ILE B 154 67.73 30.35 18.85
N ARG B 155 66.84 29.47 18.38
CA ARG B 155 66.70 28.12 18.92
C ARG B 155 66.88 27.14 17.77
N LYS B 156 68.12 26.66 17.59
CA LYS B 156 68.43 25.66 16.57
C LYS B 156 68.08 24.25 17.01
N ASP B 157 67.75 24.05 18.29
CA ASP B 157 67.46 22.71 18.79
C ASP B 157 66.22 22.12 18.13
N LYS B 158 65.17 22.94 17.96
CA LYS B 158 63.92 22.44 17.41
C LYS B 158 63.93 22.31 15.89
N GLY B 159 64.89 22.92 15.21
CA GLY B 159 64.92 22.83 13.76
C GLY B 159 63.74 23.54 13.13
N MET B 160 62.91 22.79 12.42
CA MET B 160 61.72 23.33 11.79
C MET B 160 60.77 23.90 12.84
N ILE B 161 60.32 25.14 12.63
CA ILE B 161 59.41 25.82 13.53
C ILE B 161 58.47 26.68 12.70
N ILE B 162 57.20 26.70 13.09
CA ILE B 162 56.21 27.63 12.53
C ILE B 162 56.25 28.89 13.38
N PRO B 163 56.67 30.04 12.78
CA PRO B 163 56.82 31.25 13.52
C PRO B 163 55.62 32.20 13.43
N MET B 164 55.45 32.97 14.48
CA MET B 164 54.35 33.92 14.44
C MET B 164 54.74 35.02 13.46
N GLY B 165 53.79 35.65 12.82
CA GLY B 165 53.93 36.72 11.86
C GLY B 165 54.07 36.31 10.42
N PHE B 166 54.19 35.02 10.13
CA PHE B 166 54.28 34.60 8.74
C PHE B 166 52.91 34.70 8.06
N ARG B 167 52.95 34.53 6.74
CA ARG B 167 51.72 34.58 5.95
C ARG B 167 50.79 33.44 6.32
N THR B 168 51.32 32.23 6.51
CA THR B 168 50.55 30.99 6.53
C THR B 168 50.43 30.41 7.94
N SER B 169 51.06 31.01 8.96
CA SER B 169 51.07 30.37 10.28
C SER B 169 49.69 30.18 10.89
N PRO B 170 48.77 31.16 10.87
CA PRO B 170 47.48 30.94 11.55
C PRO B 170 46.66 29.80 10.95
N ALA B 171 46.52 29.80 9.62
CA ALA B 171 45.72 28.75 8.99
C ALA B 171 46.33 27.38 9.19
N ILE B 172 47.66 27.29 9.10
CA ILE B 172 48.32 26.01 9.34
C ILE B 172 48.10 25.56 10.78
N SER B 173 48.12 26.51 11.72
CA SER B 173 47.82 26.17 13.11
C SER B 173 46.42 25.60 13.25
N ASN B 174 45.45 26.24 12.59
CA ASN B 174 44.08 25.73 12.66
C ASN B 174 43.97 24.33 12.08
N ILE B 175 44.60 24.09 10.93
CA ILE B 175 44.53 22.76 10.32
C ILE B 175 45.19 21.71 11.19
N VAL B 176 46.36 22.02 11.75
CA VAL B 176 47.04 21.02 12.58
C VAL B 176 46.29 20.79 13.88
N PHE B 177 45.59 21.79 14.39
CA PHE B 177 44.87 21.65 15.65
C PHE B 177 43.43 21.17 15.46
N ARG B 178 42.98 20.97 14.22
CA ARG B 178 41.66 20.39 14.00
C ARG B 178 41.48 19.06 14.73
N LYS B 179 42.54 18.28 14.85
CA LYS B 179 42.46 17.01 15.54
C LYS B 179 42.06 17.19 17.00
N MET B 180 42.77 18.06 17.71
CA MET B 180 42.39 18.33 19.10
C MET B 180 41.06 19.06 19.20
N ASP B 181 40.72 19.89 18.21
CA ASP B 181 39.40 20.50 18.22
C ASP B 181 38.33 19.42 18.22
N LEU B 182 38.47 18.42 17.35
CA LEU B 182 37.50 17.34 17.30
C LEU B 182 37.47 16.56 18.61
N LEU B 183 38.64 16.24 19.15
CA LEU B 183 38.68 15.43 20.38
C LEU B 183 38.05 16.17 21.55
N ILE B 184 38.42 17.43 21.74
CA ILE B 184 37.89 18.21 22.85
C ILE B 184 36.40 18.47 22.66
N GLN B 185 35.96 18.72 21.42
CA GLN B 185 34.55 18.94 21.18
C GLN B 185 33.74 17.69 21.50
N ASP B 186 34.24 16.52 21.12
CA ASP B 186 33.54 15.28 21.45
C ASP B 186 33.47 15.07 22.95
N PHE B 187 34.59 15.28 23.65
CA PHE B 187 34.58 15.08 25.10
C PHE B 187 33.59 16.04 25.78
N CYS B 188 33.68 17.33 25.46
CA CYS B 188 32.83 18.30 26.11
C CYS B 188 31.36 18.04 25.81
N ALA B 189 31.04 17.68 24.56
CA ALA B 189 29.65 17.43 24.21
C ALA B 189 29.11 16.20 24.91
N LYS B 190 29.92 15.15 25.03
CA LYS B 190 29.48 14.00 25.82
C LYS B 190 29.33 14.35 27.29
N LYS B 191 30.03 15.38 27.76
CA LYS B 191 29.81 15.87 29.12
C LYS B 191 28.73 16.93 29.20
N GLY B 192 28.15 17.35 28.07
CA GLY B 192 27.12 18.36 28.08
C GLY B 192 27.61 19.79 28.12
N VAL B 193 28.89 20.02 27.85
CA VAL B 193 29.50 21.34 27.95
C VAL B 193 29.65 21.94 26.56
N ILE B 194 29.30 23.21 26.43
CA ILE B 194 29.50 23.94 25.18
C ILE B 194 30.95 24.39 25.12
N TYR B 195 31.62 24.07 24.01
CA TYR B 195 33.04 24.35 23.85
C TYR B 195 33.27 25.21 22.61
N SER B 196 34.17 26.17 22.73
CA SER B 196 34.60 26.95 21.58
C SER B 196 36.04 27.37 21.78
N ARG B 197 36.72 27.71 20.68
CA ARG B 197 38.13 28.04 20.74
C ARG B 197 38.45 29.17 19.79
N TYR B 198 39.26 30.11 20.28
CA TYR B 198 39.77 31.23 19.49
C TYR B 198 41.28 31.24 19.64
N ALA B 199 41.99 30.87 18.57
CA ALA B 199 43.42 30.67 18.60
C ALA B 199 43.78 29.63 19.66
N ASP B 200 44.47 30.05 20.71
CA ASP B 200 44.83 29.14 21.80
C ASP B 200 43.91 29.25 23.00
N ASP B 201 42.92 30.13 22.95
CA ASP B 201 42.05 30.38 24.09
C ASP B 201 40.80 29.52 23.96
N MET B 202 40.60 28.61 24.90
CA MET B 202 39.45 27.72 24.88
C MET B 202 38.45 28.15 25.95
N LEU B 203 37.18 28.22 25.57
CA LEU B 203 36.11 28.60 26.48
C LEU B 203 35.09 27.47 26.56
N PHE B 204 34.77 27.06 27.79
CA PHE B 204 33.77 26.05 28.06
C PHE B 204 32.68 26.64 28.94
N SER B 205 31.44 26.21 28.71
CA SER B 205 30.32 26.66 29.53
C SER B 205 29.37 25.52 29.79
N ASN B 206 28.96 25.37 31.05
CA ASN B 206 28.01 24.35 31.44
C ASN B 206 26.66 25.01 31.68
N PRO B 207 25.62 24.64 30.93
CA PRO B 207 24.30 25.25 31.12
C PRO B 207 23.55 24.65 32.30
N ARG B 208 23.84 23.40 32.62
CA ARG B 208 23.16 22.76 33.75
C ARG B 208 23.70 23.30 35.06
N GLU B 209 23.10 22.85 36.16
CA GLU B 209 23.55 23.22 37.50
C GLU B 209 24.48 22.14 37.99
N SER B 210 25.79 22.38 37.91
CA SER B 210 26.78 21.41 38.30
C SER B 210 28.10 22.12 38.53
N LYS B 211 28.99 21.46 39.26
CA LYS B 211 30.31 21.98 39.56
C LYS B 211 31.39 21.40 38.67
N LEU B 212 31.01 20.90 37.48
CA LEU B 212 31.96 20.18 36.64
C LEU B 212 33.12 21.07 36.21
N LEU B 213 32.82 22.28 35.78
CA LEU B 213 33.87 23.18 35.30
C LEU B 213 34.76 23.69 36.42
N MET B 214 34.38 23.50 37.68
CA MET B 214 35.18 23.97 38.80
C MET B 214 36.10 22.90 39.35
N SER B 215 35.81 21.63 39.12
CA SER B 215 36.63 20.56 39.63
C SER B 215 37.97 20.50 38.92
N ASP B 216 38.96 19.88 39.57
CA ASP B 216 40.24 19.67 38.92
C ASP B 216 40.17 18.58 37.87
N TYR B 217 39.12 17.77 37.89
CA TYR B 217 39.01 16.68 36.92
C TYR B 217 38.92 17.22 35.50
N PHE B 218 38.16 18.31 35.30
CA PHE B 218 38.00 18.86 33.95
C PHE B 218 39.34 19.36 33.42
N ILE B 219 40.09 20.08 34.25
CA ILE B 219 41.40 20.56 33.81
C ILE B 219 42.33 19.39 33.53
N ASP B 220 42.29 18.37 34.39
CA ASP B 220 43.13 17.19 34.15
C ASP B 220 42.78 16.53 32.83
N GLU B 221 41.49 16.41 32.52
CA GLU B 221 41.09 15.75 31.29
C GLU B 221 41.47 16.56 30.06
N ILE B 222 41.30 17.88 30.11
CA ILE B 222 41.69 18.71 28.98
C ILE B 222 43.20 18.67 28.78
N SER B 223 43.97 18.67 29.88
CA SER B 223 45.41 18.54 29.76
C SER B 223 45.80 17.20 29.16
N SER B 224 45.11 16.13 29.58
CA SER B 224 45.38 14.81 29.04
C SER B 224 45.11 14.75 27.55
N LEU B 225 44.01 15.37 27.10
CA LEU B 225 43.73 15.41 25.67
C LEU B 225 44.78 16.22 24.93
N LEU B 226 45.19 17.36 25.48
CA LEU B 226 46.19 18.19 24.80
C LEU B 226 47.54 17.51 24.74
N SER B 227 47.83 16.62 25.69
CA SER B 227 49.14 15.98 25.75
C SER B 227 49.41 15.07 24.56
N ILE B 228 48.38 14.71 23.80
CA ILE B 228 48.57 13.78 22.68
C ILE B 228 49.51 14.37 21.64
N MET B 229 49.32 15.64 21.29
CA MET B 229 50.20 16.32 20.34
C MET B 229 51.21 17.24 21.01
N GLY B 230 51.35 17.16 22.33
CA GLY B 230 52.45 17.83 23.00
C GLY B 230 52.18 19.20 23.54
N PHE B 231 50.93 19.62 23.64
CA PHE B 231 50.60 20.95 24.14
C PHE B 231 50.48 20.95 25.66
N ASN B 232 50.45 22.15 26.23
CA ASN B 232 50.34 22.32 27.68
C ASN B 232 49.36 23.44 27.98
N ILE B 233 48.77 23.39 29.17
CA ILE B 233 47.81 24.38 29.62
C ILE B 233 48.54 25.42 30.46
N ASN B 234 48.31 26.69 30.15
CA ASN B 234 48.88 27.78 30.93
C ASN B 234 48.06 27.94 32.20
N GLN B 235 48.63 27.53 33.33
CA GLN B 235 47.89 27.55 34.59
C GLN B 235 47.71 28.94 35.18
N SER B 236 48.45 29.94 34.69
CA SER B 236 48.26 31.30 35.18
C SER B 236 46.99 31.94 34.62
N LYS B 237 46.52 31.47 33.47
CA LYS B 237 45.36 32.05 32.81
C LYS B 237 44.10 31.22 32.98
N TYR B 238 44.12 30.22 33.85
CA TYR B 238 42.95 29.36 34.07
C TYR B 238 41.93 30.08 34.94
N ILE B 239 40.71 30.20 34.44
CA ILE B 239 39.64 30.94 35.13
C ILE B 239 38.40 30.06 35.22
N SER B 240 37.72 30.12 36.35
CA SER B 240 36.47 29.39 36.54
C SER B 240 35.53 30.22 37.39
N ARG B 241 34.29 30.40 36.94
CA ARG B 241 33.36 31.26 37.65
C ARG B 241 31.93 30.83 37.40
N GLU B 242 31.01 31.33 38.24
CA GLU B 242 29.60 31.01 38.16
C GLU B 242 28.80 32.28 37.85
N LYS B 243 27.81 32.13 36.96
CA LYS B 243 26.76 33.12 36.74
C LYS B 243 27.26 34.37 36.03
N GLU B 244 28.57 34.52 35.88
CA GLU B 244 29.14 35.60 35.09
C GLU B 244 30.63 35.42 35.00
N ILE B 245 31.20 35.87 33.89
CA ILE B 245 32.63 35.86 33.67
C ILE B 245 33.01 37.12 32.89
N SER B 246 34.17 37.67 33.21
CA SER B 246 34.68 38.89 32.58
C SER B 246 35.93 38.51 31.80
N ILE B 247 35.73 38.06 30.57
CA ILE B 247 36.81 37.53 29.74
C ILE B 247 37.39 38.72 28.98
N ASN B 248 38.56 39.19 29.44
CA ASN B 248 39.33 40.19 28.73
C ASN B 248 38.51 41.44 28.42
N GLY B 249 37.53 41.74 29.27
CA GLY B 249 36.66 42.88 29.10
C GLY B 249 35.23 42.53 28.74
N TYR B 250 35.02 41.52 27.90
CA TYR B 250 33.69 41.09 27.51
C TYR B 250 33.07 40.33 28.68
N VAL B 251 31.91 40.76 29.15
CA VAL B 251 31.26 40.17 30.32
C VAL B 251 30.07 39.36 29.86
N ILE B 252 30.07 38.07 30.18
CA ILE B 252 28.91 37.20 29.97
C ILE B 252 28.24 36.99 31.31
N GLU B 253 26.92 37.08 31.34
CA GLU B 253 26.18 36.89 32.59
C GLU B 253 24.94 36.06 32.35
N ASN B 254 24.70 35.08 33.22
CA ASN B 254 23.50 34.26 33.13
C ASN B 254 23.15 33.79 34.54
N LYS B 255 22.25 34.52 35.20
CA LYS B 255 21.87 34.18 36.57
C LYS B 255 20.92 33.00 36.62
N GLY B 256 20.09 32.82 35.60
CA GLY B 256 19.00 31.87 35.67
C GLY B 256 19.47 30.43 35.65
N GLY B 257 18.49 29.54 35.79
CA GLY B 257 18.75 28.12 35.80
C GLY B 257 18.27 27.44 34.54
N ASN B 258 17.19 26.66 34.63
CA ASN B 258 16.72 25.89 33.49
C ASN B 258 16.19 26.82 32.41
N GLY B 259 16.73 26.66 31.20
CA GLY B 259 16.24 27.42 30.06
C GLY B 259 16.39 28.92 30.19
N SER B 260 17.59 29.38 30.53
CA SER B 260 17.86 30.80 30.63
C SER B 260 18.85 31.23 29.57
N ILE B 261 18.73 32.46 29.11
CA ILE B 261 19.59 33.04 28.08
C ILE B 261 20.39 34.17 28.71
N GLY B 262 21.71 34.08 28.62
CA GLY B 262 22.57 35.08 29.19
C GLY B 262 22.70 36.30 28.30
N THR B 263 23.44 37.28 28.80
CA THR B 263 23.68 38.54 28.11
C THR B 263 25.17 38.80 28.03
N ILE B 264 25.62 39.31 26.88
CA ILE B 264 27.00 39.69 26.67
C ILE B 264 27.06 41.21 26.58
N ARG B 265 27.88 41.81 27.44
CA ARG B 265 28.09 43.25 27.43
C ARG B 265 29.59 43.53 27.49
N LEU B 266 29.95 44.79 27.54
CA LEU B 266 31.33 45.21 27.69
C LEU B 266 31.52 45.87 29.04
N SER B 267 32.57 45.49 29.74
CA SER B 267 32.86 46.08 31.03
C SER B 267 33.30 47.52 30.86
N LYS B 268 33.31 48.26 31.97
CA LYS B 268 33.76 49.65 31.93
C LYS B 268 35.22 49.77 31.55
N SER B 269 36.01 48.71 31.75
CA SER B 269 37.42 48.76 31.36
C SER B 269 37.57 48.94 29.86
N LYS B 270 36.78 48.22 29.07
CA LYS B 270 36.85 48.38 27.61
C LYS B 270 36.39 49.76 27.18
N LEU B 271 35.31 50.26 27.79
CA LEU B 271 34.79 51.57 27.42
C LEU B 271 35.61 52.72 27.97
N ASN B 272 36.57 52.44 28.85
CA ASN B 272 37.30 53.50 29.54
C ASN B 272 38.03 54.40 28.55
N THR B 273 38.79 53.82 27.64
CA THR B 273 39.61 54.62 26.73
C THR B 273 38.75 55.46 25.80
N VAL B 274 37.68 54.88 25.24
CA VAL B 274 36.86 55.62 24.29
C VAL B 274 36.09 56.73 25.00
N LEU B 275 35.59 56.46 26.21
CA LEU B 275 34.91 57.51 26.96
C LEU B 275 35.87 58.64 27.30
N LYS B 276 37.09 58.31 27.70
CA LYS B 276 38.06 59.35 28.01
C LYS B 276 38.44 60.15 26.77
N VAL B 277 38.54 59.49 25.61
CA VAL B 277 38.85 60.20 24.38
C VAL B 277 37.72 61.16 24.02
N THR B 278 36.47 60.71 24.14
CA THR B 278 35.34 61.60 23.86
C THR B 278 35.31 62.78 24.82
N HIS B 279 35.57 62.53 26.10
CA HIS B 279 35.61 63.62 27.07
C HIS B 279 36.72 64.61 26.75
N ALA B 280 37.90 64.10 26.37
CA ALA B 280 39.01 64.98 26.02
C ALA B 280 38.68 65.81 24.79
N LEU B 281 38.05 65.21 23.78
CA LEU B 281 37.65 65.97 22.60
C LEU B 281 36.61 67.02 22.94
N ALA B 282 35.70 66.72 23.87
CA ALA B 282 34.77 67.75 24.34
C ALA B 282 35.48 68.83 25.14
N GLN B 283 36.62 68.51 25.73
CA GLN B 283 37.38 69.45 26.56
C GLN B 283 38.29 70.35 25.74
N ASN B 284 38.37 70.15 24.42
CA ASN B 284 39.14 70.97 23.49
C ASN B 284 40.65 70.92 23.73
N ILE B 285 41.12 69.92 24.47
CA ILE B 285 42.56 69.62 24.54
C ILE B 285 43.02 69.21 23.15
N PRO B 286 44.18 69.76 22.66
CA PRO B 286 44.63 69.55 21.28
C PRO B 286 44.76 68.09 20.80
N TYR B 287 44.83 67.92 19.49
CA TYR B 287 44.86 66.58 18.95
C TYR B 287 46.17 65.86 19.25
N LYS B 288 47.28 66.60 19.32
CA LYS B 288 48.56 65.97 19.63
C LYS B 288 48.54 65.32 21.02
N ASN B 289 48.02 66.05 22.00
CA ASN B 289 47.94 65.51 23.35
C ASN B 289 46.97 64.32 23.43
N ILE B 290 45.85 64.40 22.70
CA ILE B 290 44.91 63.29 22.69
C ILE B 290 45.56 62.04 22.12
N CYS B 291 46.27 62.19 21.01
CA CYS B 291 46.92 61.05 20.39
C CYS B 291 48.01 60.47 21.28
N ASN B 292 48.83 61.34 21.88
CA ASN B 292 49.96 60.85 22.66
C ASN B 292 49.52 60.22 23.98
N LYS B 293 48.62 60.89 24.70
CA LYS B 293 48.30 60.48 26.07
C LYS B 293 47.49 59.20 26.12
N TYR B 294 46.47 59.08 25.28
CA TYR B 294 45.54 57.95 25.36
C TYR B 294 45.78 56.90 24.30
N ILE B 295 46.11 57.32 23.07
CA ILE B 295 46.14 56.37 21.95
C ILE B 295 47.54 55.80 21.73
N LYS B 296 48.57 56.46 22.26
CA LYS B 296 49.95 56.04 22.09
C LYS B 296 50.35 56.00 20.61
N VAL B 297 49.80 56.92 19.83
CA VAL B 297 50.18 57.10 18.43
C VAL B 297 50.88 58.45 18.31
N ARG B 298 52.04 58.46 17.66
CA ARG B 298 52.84 59.68 17.54
C ARG B 298 53.58 59.65 16.22
N LEU B 299 53.98 60.83 15.77
CA LEU B 299 54.74 61.00 14.52
C LEU B 299 56.19 61.23 14.90
N LYS B 300 57.02 60.19 14.76
CA LYS B 300 58.44 60.33 15.02
C LYS B 300 59.09 61.22 13.96
N GLU B 301 60.06 62.02 14.39
CA GLU B 301 60.69 62.97 13.48
C GLU B 301 61.41 62.27 12.34
N LYS B 302 61.91 61.06 12.57
CA LYS B 302 62.57 60.32 11.51
C LYS B 302 61.61 59.78 10.46
N ASN B 303 60.31 59.85 10.71
CA ASN B 303 59.30 59.32 9.80
C ASN B 303 58.68 60.40 8.91
N ILE B 304 59.25 61.61 8.90
CA ILE B 304 58.72 62.67 8.07
C ILE B 304 59.07 62.37 6.62
N LYS B 305 58.05 62.26 5.77
CA LYS B 305 58.26 61.87 4.38
C LYS B 305 59.04 62.93 3.61
N TYR B 306 58.58 64.18 3.68
CA TYR B 306 59.18 65.28 2.94
C TYR B 306 59.42 66.46 3.87
N GLU B 307 60.48 67.22 3.58
CA GLU B 307 60.85 68.37 4.38
C GLU B 307 60.24 69.67 3.87
N SER B 308 59.36 69.60 2.88
CA SER B 308 58.75 70.81 2.34
C SER B 308 57.91 71.52 3.40
N LYS B 309 57.08 70.78 4.13
CA LYS B 309 56.26 71.34 5.19
C LYS B 309 56.22 70.36 6.36
N LYS B 310 56.32 70.90 7.57
CA LYS B 310 56.38 70.08 8.77
C LYS B 310 55.17 70.29 9.68
N ASP B 311 54.89 71.53 10.08
CA ASP B 311 53.82 71.78 11.05
C ASP B 311 52.47 71.39 10.47
N GLU B 312 52.19 71.79 9.23
CA GLU B 312 50.93 71.40 8.59
C GLU B 312 50.89 69.89 8.39
N PHE B 313 52.03 69.29 8.06
CA PHE B 313 52.08 67.83 7.93
C PHE B 313 51.74 67.15 9.26
N GLU B 314 52.30 67.65 10.36
CA GLU B 314 52.01 67.03 11.66
C GLU B 314 50.55 67.23 12.05
N LYS B 315 49.99 68.40 11.75
CA LYS B 315 48.57 68.64 12.06
C LYS B 315 47.69 67.70 11.26
N LYS B 316 47.98 67.55 9.96
CA LYS B 316 47.21 66.64 9.12
C LYS B 316 47.35 65.20 9.59
N TYR B 317 48.56 64.79 9.98
CA TYR B 317 48.75 63.42 10.44
C TYR B 317 48.00 63.15 11.73
N TYR B 318 48.02 64.10 12.68
CA TYR B 318 47.30 63.89 13.92
C TYR B 318 45.79 63.88 13.67
N ARG B 319 45.30 64.73 12.77
CA ARG B 319 43.89 64.70 12.42
C ARG B 319 43.52 63.37 11.77
N ASP B 320 44.39 62.85 10.90
CA ASP B 320 44.15 61.56 10.27
C ASP B 320 44.12 60.44 11.30
N GLN B 321 45.05 60.47 12.26
CA GLN B 321 45.05 59.45 13.30
C GLN B 321 43.78 59.52 14.13
N LEU B 322 43.32 60.72 14.45
CA LEU B 322 42.10 60.83 15.26
C LEU B 322 40.88 60.35 14.49
N ILE B 323 40.75 60.76 13.22
CA ILE B 323 39.62 60.32 12.43
C ILE B 323 39.64 58.80 12.27
N ASN B 324 40.83 58.24 12.06
CA ASN B 324 40.94 56.79 11.93
C ASN B 324 40.56 56.08 13.21
N TYR B 325 41.00 56.59 14.36
CA TYR B 325 40.66 55.94 15.62
C TYR B 325 39.16 55.99 15.87
N LEU B 326 38.54 57.15 15.66
CA LEU B 326 37.11 57.27 15.91
C LEU B 326 36.33 56.35 14.98
N GLY B 327 36.72 56.30 13.70
CA GLY B 327 36.06 55.38 12.78
C GLY B 327 36.25 53.93 13.20
N GLY B 328 37.43 53.58 13.68
CA GLY B 328 37.67 52.20 14.09
C GLY B 328 36.86 51.79 15.29
N TYR B 329 36.79 52.64 16.31
CA TYR B 329 36.01 52.30 17.49
C TYR B 329 34.52 52.29 17.17
N ARG B 330 34.06 53.20 16.32
CA ARG B 330 32.68 53.15 15.86
C ARG B 330 32.39 51.86 15.13
N SER B 331 33.33 51.40 14.29
CA SER B 331 33.16 50.16 13.57
C SER B 331 33.09 48.97 14.53
N TYR B 332 33.93 48.98 15.56
CA TYR B 332 33.88 47.92 16.55
C TYR B 332 32.53 47.88 17.26
N LEU B 333 32.02 49.05 17.63
CA LEU B 333 30.75 49.07 18.35
C LEU B 333 29.58 48.70 17.44
N ILE B 334 29.63 49.04 16.15
CA ILE B 334 28.54 48.60 15.29
C ILE B 334 28.69 47.10 15.00
N SER B 335 29.91 46.58 15.04
CA SER B 335 30.04 45.13 14.98
C SER B 335 29.30 44.49 16.15
N LEU B 336 29.45 45.06 17.34
CA LEU B 336 28.69 44.58 18.49
C LEU B 336 27.18 44.72 18.27
N VAL B 337 26.75 45.85 17.72
CA VAL B 337 25.32 46.10 17.54
C VAL B 337 24.73 45.11 16.53
N LYS B 338 25.42 44.89 15.41
CA LYS B 338 24.96 43.93 14.42
C LYS B 338 24.92 42.52 15.01
N PHE B 339 25.93 42.16 15.79
CA PHE B 339 25.92 40.86 16.45
C PHE B 339 24.70 40.72 17.34
N HIS B 340 24.35 41.78 18.08
CA HIS B 340 23.14 41.74 18.89
C HIS B 340 21.90 41.59 18.02
N SER B 341 21.79 42.41 16.96
CA SER B 341 20.59 42.40 16.14
C SER B 341 20.38 41.06 15.46
N GLU B 342 21.46 40.34 15.18
CA GLU B 342 21.33 39.05 14.52
C GLU B 342 21.20 37.89 15.51
N TYR B 343 21.70 38.02 16.74
CA TYR B 343 21.60 36.96 17.72
C TYR B 343 20.72 37.28 18.92
N LYS B 344 20.49 38.55 19.22
CA LYS B 344 19.67 38.96 20.36
C LYS B 344 20.21 38.36 21.67
N CYS B 345 21.43 38.78 22.01
CA CYS B 345 22.08 38.30 23.22
C CYS B 345 22.83 39.37 23.99
N VAL B 346 22.73 40.63 23.60
CA VAL B 346 23.42 41.72 24.28
C VAL B 346 22.45 42.43 25.21
N ASN B 347 22.96 42.89 26.34
CA ASN B 347 22.13 43.55 27.34
C ASN B 347 21.45 44.79 26.77
N SER B 348 20.18 44.97 27.12
CA SER B 348 19.39 46.06 26.55
C SER B 348 19.87 47.42 27.05
N ASP B 349 20.12 47.54 28.36
CA ASP B 349 20.65 48.80 28.88
C ASP B 349 22.03 49.08 28.29
N PHE B 350 22.84 48.04 28.11
CA PHE B 350 24.12 48.23 27.43
C PHE B 350 23.91 48.65 25.98
N ILE B 351 22.84 48.18 25.34
CA ILE B 351 22.54 48.62 23.98
C ILE B 351 22.22 50.11 23.98
N ILE B 352 21.46 50.57 24.97
CA ILE B 352 21.13 52.00 25.07
C ILE B 352 22.40 52.81 25.28
N GLN B 353 23.27 52.35 26.17
CA GLN B 353 24.54 53.03 26.40
C GLN B 353 25.39 53.07 25.13
N ILE B 354 25.40 51.98 24.38
CA ILE B 354 26.12 51.93 23.10
C ILE B 354 25.56 52.96 22.15
N ASN B 355 24.22 53.06 22.08
CA ASN B 355 23.61 54.04 21.17
C ASN B 355 24.00 55.46 21.54
N GLY B 356 23.98 55.77 22.84
CA GLY B 356 24.42 57.10 23.27
C GLY B 356 25.87 57.37 22.93
N ILE B 357 26.74 56.38 23.17
CA ILE B 357 28.15 56.53 22.86
C ILE B 357 28.35 56.73 21.37
N LEU B 358 27.62 55.97 20.55
CA LEU B 358 27.73 56.09 19.10
C LEU B 358 27.30 57.47 18.63
N ASN B 359 26.21 57.99 19.19
CA ASN B 359 25.77 59.33 18.82
C ASN B 359 26.81 60.38 19.21
N ASP B 360 27.42 60.22 20.39
CA ASP B 360 28.48 61.14 20.79
C ASP B 360 29.68 61.05 19.85
N ILE B 361 30.06 59.84 19.46
CA ILE B 361 31.19 59.67 18.54
C ILE B 361 30.89 60.32 17.20
N GLN B 362 29.66 60.14 16.70
CA GLN B 362 29.31 60.73 15.42
C GLN B 362 29.26 62.25 15.51
N ASN B 363 28.78 62.80 16.63
CA ASN B 363 28.80 64.25 16.78
C ASN B 363 30.24 64.77 16.82
N HIS B 364 31.12 64.08 17.54
CA HIS B 364 32.52 64.50 17.59
C HIS B 364 33.19 64.39 16.22
N ILE B 365 32.87 63.34 15.48
CA ILE B 365 33.46 63.16 14.15
C ILE B 365 32.98 64.24 13.20
N GLN B 366 31.71 64.64 13.31
CA GLN B 366 31.20 65.73 12.49
C GLN B 366 31.87 67.04 12.88
N LYS B 367 32.05 67.28 14.17
CA LYS B 367 32.74 68.49 14.61
C LYS B 367 34.18 68.53 14.09
N ILE B 368 34.87 67.41 14.14
CA ILE B 368 36.24 67.35 13.65
C ILE B 368 36.30 67.63 12.16
N LYS B 369 35.40 66.99 11.39
CA LYS B 369 35.43 67.20 9.95
C LYS B 369 34.99 68.61 9.57
N LYS B 370 34.18 69.26 10.40
CA LYS B 370 33.80 70.64 10.14
C LYS B 370 34.95 71.58 10.47
N ASN B 371 35.64 71.36 11.59
CA ASN B 371 36.79 72.17 11.94
C ASN B 371 37.96 71.95 11.00
N ARG B 372 37.97 70.84 10.26
CA ARG B 372 39.00 70.62 9.25
C ARG B 372 39.00 71.71 8.20
N ARG B 373 37.81 72.17 7.79
CA ARG B 373 37.69 73.16 6.72
C ARG B 373 37.85 74.59 7.20
N LEU B 374 37.98 74.82 8.50
CA LEU B 374 38.11 76.17 9.03
C LEU B 374 39.58 76.58 9.17
N MET E 1 -2.58 14.21 -39.06
CA MET E 1 -3.10 14.06 -37.71
C MET E 1 -3.16 12.60 -37.29
N THR E 2 -3.65 12.36 -36.08
CA THR E 2 -3.82 11.01 -35.55
C THR E 2 -5.26 10.69 -35.22
N ILE E 3 -5.93 11.54 -34.45
CA ILE E 3 -7.32 11.35 -34.07
C ILE E 3 -8.12 12.55 -34.57
N GLU E 4 -9.15 12.29 -35.38
CA GLU E 4 -9.94 13.38 -35.91
C GLU E 4 -10.99 13.84 -34.93
N SER E 5 -11.69 12.90 -34.27
CA SER E 5 -12.76 13.29 -33.37
C SER E 5 -12.98 12.22 -32.31
N ILE E 6 -13.52 12.65 -31.19
CA ILE E 6 -13.99 11.78 -30.12
C ILE E 6 -15.37 12.26 -29.70
N ARG E 7 -16.35 11.36 -29.71
CA ARG E 7 -17.73 11.74 -29.42
C ARG E 7 -18.27 10.83 -28.33
N VAL E 8 -18.81 11.44 -27.27
CA VAL E 8 -19.40 10.70 -26.15
C VAL E 8 -20.84 11.14 -26.00
N LYS E 9 -21.76 10.17 -25.96
CA LYS E 9 -23.18 10.43 -25.80
C LYS E 9 -23.69 9.68 -24.59
N ASN E 10 -24.24 10.41 -23.62
CA ASN E 10 -24.94 9.82 -22.48
C ASN E 10 -24.05 8.86 -21.71
N LEU E 11 -22.92 9.37 -21.24
CA LEU E 11 -22.03 8.59 -20.38
C LEU E 11 -21.41 9.51 -19.34
N LEU E 12 -21.38 9.04 -18.10
CA LEU E 12 -20.85 9.80 -16.96
C LEU E 12 -21.50 11.18 -16.90
N SER E 13 -20.72 12.24 -17.03
CA SER E 13 -21.26 13.58 -17.00
C SER E 13 -21.41 14.19 -18.38
N PHE E 14 -21.29 13.39 -19.43
CA PHE E 14 -21.37 13.86 -20.80
C PHE E 14 -22.76 13.61 -21.35
N ASP E 15 -23.40 14.66 -21.87
CA ASP E 15 -24.69 14.53 -22.52
C ASP E 15 -24.47 14.21 -24.01
N ASP E 16 -23.80 15.12 -24.73
CA ASP E 16 -23.41 14.87 -26.10
C ASP E 16 -22.22 15.78 -26.39
N VAL E 17 -21.02 15.22 -26.31
CA VAL E 17 -19.78 15.99 -26.38
C VAL E 17 -18.98 15.51 -27.57
N ILE E 18 -18.55 16.43 -28.42
CA ILE E 18 -17.71 16.12 -29.57
C ILE E 18 -16.44 16.96 -29.49
N LEU E 19 -15.30 16.31 -29.54
CA LEU E 19 -13.99 16.96 -29.52
C LEU E 19 -13.31 16.68 -30.85
N ARG E 20 -12.83 17.73 -31.51
CA ARG E 20 -12.17 17.57 -32.80
C ARG E 20 -11.14 18.68 -32.95
N ASP E 21 -10.58 18.80 -34.16
CA ASP E 21 -9.55 19.80 -34.45
C ASP E 21 -8.36 19.67 -33.50
N PHE E 22 -7.92 18.44 -33.26
CA PHE E 22 -6.82 18.20 -32.34
C PHE E 22 -5.52 18.76 -32.92
N ARG E 23 -4.82 19.56 -32.13
CA ARG E 23 -3.53 20.11 -32.51
C ARG E 23 -2.42 19.27 -31.88
N ASP E 24 -1.18 19.71 -32.10
CA ASP E 24 -0.02 18.91 -31.62
C ASP E 24 0.07 18.97 -30.10
N ILE E 25 -0.30 20.08 -29.48
CA ILE E 25 -0.32 20.21 -28.01
C ILE E 25 -1.71 20.64 -27.60
N ASN E 26 -2.35 19.88 -26.71
CA ASN E 26 -3.71 20.16 -26.27
C ASN E 26 -3.70 20.40 -24.77
N CYS E 27 -4.00 21.63 -24.37
CA CYS E 27 -3.98 22.04 -22.98
C CYS E 27 -5.41 22.08 -22.45
N ILE E 28 -5.67 21.35 -21.37
CA ILE E 28 -7.01 21.21 -20.80
C ILE E 28 -7.05 21.97 -19.48
N ILE E 29 -7.93 22.98 -19.41
CA ILE E 29 -8.06 23.83 -18.23
C ILE E 29 -9.53 23.95 -17.88
N GLY E 30 -9.79 24.37 -16.65
CA GLY E 30 -11.13 24.58 -16.18
C GLY E 30 -11.25 24.21 -14.72
N ARG E 31 -12.49 24.24 -14.22
CA ARG E 31 -12.74 23.83 -12.85
C ARG E 31 -12.54 22.33 -12.69
N ASN E 32 -12.06 21.95 -11.50
CA ASN E 32 -11.49 20.63 -11.31
C ASN E 32 -12.53 19.52 -11.46
N ASN E 33 -12.20 18.53 -12.27
CA ASN E 33 -12.97 17.29 -12.39
C ASN E 33 -14.44 17.56 -12.73
N VAL E 34 -14.69 18.63 -13.50
CA VAL E 34 -16.03 18.93 -13.98
C VAL E 34 -16.26 18.15 -15.26
N GLY E 35 -15.36 17.22 -15.54
CA GLY E 35 -15.40 16.46 -16.77
C GLY E 35 -14.02 16.11 -17.29
N LYS E 36 -12.98 16.66 -16.68
CA LYS E 36 -11.62 16.28 -17.04
C LYS E 36 -11.37 14.82 -16.76
N SER E 37 -11.52 14.42 -15.50
CA SER E 37 -11.34 13.01 -15.14
C SER E 37 -12.37 12.13 -15.84
N ASN E 38 -13.56 12.67 -16.14
CA ASN E 38 -14.54 11.88 -16.87
C ASN E 38 -14.10 11.64 -18.30
N LEU E 39 -13.53 12.65 -18.96
CA LEU E 39 -13.00 12.45 -20.31
C LEU E 39 -11.85 11.45 -20.30
N LEU E 40 -10.98 11.56 -19.30
CA LEU E 40 -9.90 10.59 -19.18
C LEU E 40 -10.44 9.18 -18.99
N LYS E 41 -11.46 9.04 -18.15
CA LYS E 41 -12.07 7.73 -17.93
C LYS E 41 -12.68 7.19 -19.21
N VAL E 42 -13.33 8.05 -19.99
CA VAL E 42 -13.94 7.62 -21.25
C VAL E 42 -12.87 7.10 -22.20
N ILE E 43 -11.78 7.86 -22.35
CA ILE E 43 -10.73 7.46 -23.29
C ILE E 43 -10.07 6.17 -22.82
N ARG E 44 -9.78 6.06 -21.53
CA ARG E 44 -9.15 4.86 -21.00
C ARG E 44 -10.06 3.65 -21.17
N TYR E 45 -11.37 3.82 -20.93
CA TYR E 45 -12.29 2.71 -21.11
C TYR E 45 -12.37 2.29 -22.56
N PHE E 46 -12.42 3.24 -23.49
CA PHE E 46 -12.46 2.88 -24.90
C PHE E 46 -11.22 2.11 -25.31
N TYR E 47 -10.05 2.57 -24.86
CA TYR E 47 -8.83 1.87 -25.26
C TYR E 47 -8.63 0.57 -24.50
N ALA E 48 -9.27 0.39 -23.35
CA ALA E 48 -9.23 -0.91 -22.69
C ALA E 48 -10.16 -1.90 -23.36
N LYS E 49 -11.32 -1.42 -23.83
CA LYS E 49 -12.21 -2.30 -24.56
C LYS E 49 -11.72 -2.58 -25.97
N LEU E 50 -10.85 -1.73 -26.50
CA LEU E 50 -10.25 -1.98 -27.81
C LEU E 50 -9.38 -3.23 -27.76
N GLU E 51 -8.64 -3.43 -26.68
CA GLU E 51 -7.74 -4.57 -26.53
C GLU E 51 -8.41 -5.74 -25.83
N ASN E 52 -9.74 -5.78 -25.81
CA ASN E 52 -10.49 -6.91 -25.25
C ASN E 52 -10.14 -7.16 -23.78
N LYS E 53 -9.94 -6.10 -23.02
CA LYS E 53 -9.78 -6.21 -21.58
C LYS E 53 -11.15 -6.18 -20.91
N LYS E 54 -11.32 -7.00 -19.89
CA LYS E 54 -12.59 -7.06 -19.15
C LYS E 54 -12.59 -5.95 -18.12
N VAL E 55 -13.19 -4.81 -18.47
CA VAL E 55 -13.30 -3.68 -17.57
C VAL E 55 -14.77 -3.37 -17.36
N ILE E 56 -15.06 -2.72 -16.23
CA ILE E 56 -16.46 -2.43 -15.88
C ILE E 56 -17.02 -1.40 -16.84
N PRO E 57 -18.27 -1.49 -17.26
CA PRO E 57 -18.84 -0.47 -18.13
C PRO E 57 -19.11 0.81 -17.38
N LEU E 58 -19.16 1.90 -18.13
CA LEU E 58 -19.38 3.22 -17.56
C LEU E 58 -20.86 3.43 -17.24
N ASP E 59 -21.12 4.38 -16.34
CA ASP E 59 -22.49 4.69 -15.95
C ASP E 59 -23.13 5.65 -16.94
N PHE E 60 -24.46 5.66 -16.94
CA PHE E 60 -25.22 6.51 -17.83
C PHE E 60 -25.44 7.88 -17.20
N HIS E 61 -25.41 8.92 -18.04
CA HIS E 61 -25.71 10.25 -17.56
C HIS E 61 -27.16 10.36 -17.11
N THR E 62 -28.08 9.82 -17.91
CA THR E 62 -29.48 9.76 -17.54
C THR E 62 -30.02 8.41 -17.97
N ASN E 63 -30.84 7.81 -17.12
CA ASN E 63 -31.34 6.47 -17.38
C ASN E 63 -32.53 6.45 -18.33
N TYR E 64 -32.92 7.60 -18.86
CA TYR E 64 -33.99 7.68 -19.84
C TYR E 64 -33.51 7.41 -21.26
N ASN E 65 -32.26 6.98 -21.42
CA ASN E 65 -31.73 6.48 -22.67
C ASN E 65 -31.28 5.05 -22.47
N ALA E 66 -31.40 4.25 -23.53
CA ALA E 66 -31.03 2.85 -23.42
C ALA E 66 -29.53 2.61 -23.54
N VAL E 67 -28.79 3.48 -24.24
CA VAL E 67 -27.40 3.22 -24.58
C VAL E 67 -26.55 4.47 -24.46
N GLY E 68 -25.25 4.26 -24.37
CA GLY E 68 -24.29 5.35 -24.45
C GLY E 68 -23.19 5.01 -25.43
N GLU E 69 -22.82 5.98 -26.25
CA GLU E 69 -21.95 5.73 -27.39
C GLU E 69 -20.65 6.52 -27.27
N ILE E 70 -19.54 5.89 -27.64
CA ILE E 70 -18.24 6.54 -27.77
C ILE E 70 -17.74 6.28 -29.19
N THR E 71 -17.57 7.33 -29.97
CA THR E 71 -17.14 7.20 -31.36
C THR E 71 -15.76 7.79 -31.52
N PHE E 72 -14.83 7.00 -32.05
CA PHE E 72 -13.48 7.45 -32.33
C PHE E 72 -13.27 7.43 -33.84
N THR E 73 -12.82 8.56 -34.39
CA THR E 73 -12.50 8.66 -35.80
C THR E 73 -10.98 8.73 -35.91
N PHE E 74 -10.38 7.71 -36.52
CA PHE E 74 -8.95 7.68 -36.74
C PHE E 74 -8.64 8.24 -38.12
N ASP E 75 -7.56 8.99 -38.21
CA ASP E 75 -7.10 9.57 -39.47
C ASP E 75 -6.07 8.63 -40.07
N THR E 76 -6.48 7.82 -41.04
CA THR E 76 -5.61 6.81 -41.63
C THR E 76 -5.08 7.24 -43.00
N THR E 77 -5.04 8.54 -43.28
CA THR E 77 -4.54 9.00 -44.57
C THR E 77 -3.10 8.58 -44.78
N ARG E 78 -2.25 8.82 -43.78
CA ARG E 78 -0.84 8.50 -43.93
C ARG E 78 -0.62 7.01 -44.07
N ILE E 79 -1.38 6.19 -43.35
CA ILE E 79 -1.21 4.74 -43.46
C ILE E 79 -1.65 4.25 -44.84
N LYS E 80 -2.70 4.86 -45.40
CA LYS E 80 -3.08 4.52 -46.76
C LYS E 80 -1.97 4.87 -47.74
N LYS E 81 -1.38 6.06 -47.58
CA LYS E 81 -0.23 6.41 -48.40
C LYS E 81 0.91 5.44 -48.20
N ILE E 82 1.05 4.92 -46.97
CA ILE E 82 2.13 3.99 -46.65
C ILE E 82 1.95 2.71 -47.44
N VAL E 83 0.74 2.15 -47.41
CA VAL E 83 0.54 0.78 -47.86
C VAL E 83 0.18 0.71 -49.34
N THR E 84 -0.65 1.63 -49.84
CA THR E 84 -1.08 1.55 -51.23
C THR E 84 0.08 1.65 -52.22
N SER E 85 1.22 2.16 -51.79
CA SER E 85 2.38 2.25 -52.67
C SER E 85 2.88 0.85 -53.02
N ARG E 86 3.50 0.75 -54.20
CA ARG E 86 3.96 -0.54 -54.70
C ARG E 86 5.23 -1.02 -54.02
N LYS E 87 6.11 -0.10 -53.60
CA LYS E 87 7.43 -0.50 -53.13
C LYS E 87 7.36 -1.38 -51.89
N ASN E 88 6.50 -1.02 -50.93
CA ASN E 88 6.44 -1.72 -49.65
C ASN E 88 5.53 -2.93 -49.77
N ASN E 89 6.13 -4.05 -50.19
CA ASN E 89 5.45 -5.33 -50.30
C ASN E 89 5.63 -6.19 -49.05
N GLY E 90 5.96 -5.58 -47.92
CA GLY E 90 6.20 -6.35 -46.72
C GLY E 90 4.92 -6.98 -46.19
N ARG E 91 5.10 -7.89 -45.23
CA ARG E 91 3.96 -8.59 -44.66
C ARG E 91 3.07 -7.64 -43.87
N PHE E 92 3.66 -6.69 -43.14
CA PHE E 92 2.86 -5.82 -42.29
C PHE E 92 2.01 -4.87 -43.13
N HIS E 93 2.58 -4.29 -44.18
CA HIS E 93 1.79 -3.42 -45.05
C HIS E 93 0.65 -4.20 -45.69
N LYS E 94 0.92 -5.42 -46.13
CA LYS E 94 -0.10 -6.25 -46.74
C LYS E 94 -1.24 -6.54 -45.77
N HIS E 95 -0.89 -6.90 -44.53
CA HIS E 95 -1.91 -7.15 -43.52
C HIS E 95 -2.72 -5.90 -43.21
N ILE E 96 -2.06 -4.75 -43.12
CA ILE E 96 -2.76 -3.50 -42.84
C ILE E 96 -3.74 -3.18 -43.95
N TYR E 97 -3.33 -3.37 -45.21
CA TYR E 97 -4.27 -3.15 -46.31
C TYR E 97 -5.45 -4.11 -46.23
N ASN E 98 -5.17 -5.40 -46.02
CA ASN E 98 -6.24 -6.38 -46.00
C ASN E 98 -7.22 -6.14 -44.86
N THR E 99 -6.76 -5.53 -43.77
CA THR E 99 -7.61 -5.34 -42.61
C THR E 99 -8.35 -4.01 -42.61
N LEU E 100 -7.62 -2.89 -42.75
CA LEU E 100 -8.21 -1.58 -42.56
C LEU E 100 -8.80 -1.00 -43.82
N PHE E 101 -8.15 -1.16 -44.96
CA PHE E 101 -8.55 -0.45 -46.17
C PHE E 101 -9.35 -1.30 -47.15
N LYS E 102 -9.29 -2.62 -47.05
CA LYS E 102 -10.17 -3.44 -47.87
C LYS E 102 -11.59 -3.39 -47.30
N SER E 103 -12.54 -3.91 -48.09
CA SER E 103 -13.96 -3.90 -47.74
C SER E 103 -14.51 -2.47 -47.78
N SER E 104 -13.64 -1.50 -48.03
CA SER E 104 -14.06 -0.14 -48.30
C SER E 104 -13.63 0.34 -49.69
N SER E 105 -12.57 -0.25 -50.24
CA SER E 105 -12.17 0.01 -51.62
C SER E 105 -12.67 -1.04 -52.58
N VAL E 106 -13.10 -2.20 -52.09
CA VAL E 106 -13.65 -3.24 -52.96
C VAL E 106 -14.95 -2.75 -53.61
N LYS E 107 -15.80 -2.09 -52.82
CA LYS E 107 -17.08 -1.64 -53.33
C LYS E 107 -16.93 -0.58 -54.42
N LEU E 108 -15.83 0.15 -54.42
CA LEU E 108 -15.65 1.25 -55.35
C LEU E 108 -15.44 0.74 -56.77
N ASN E 109 -15.75 1.60 -57.74
CA ASN E 109 -15.47 1.32 -59.13
C ASN E 109 -14.14 1.94 -59.53
N PHE E 110 -13.79 1.82 -60.81
CA PHE E 110 -12.48 2.30 -61.26
C PHE E 110 -12.40 3.83 -61.23
N GLU E 111 -13.46 4.50 -61.66
CA GLU E 111 -13.44 5.96 -61.71
C GLU E 111 -13.29 6.55 -60.31
N GLU E 112 -14.04 6.04 -59.34
CA GLU E 112 -13.95 6.58 -57.99
C GLU E 112 -12.63 6.23 -57.33
N LEU E 113 -12.08 5.05 -57.63
CA LEU E 113 -10.75 4.71 -57.13
C LEU E 113 -9.70 5.68 -57.66
N ILE E 114 -9.76 5.98 -58.95
CA ILE E 114 -8.82 6.94 -59.54
C ILE E 114 -9.00 8.32 -58.93
N ALA E 115 -10.25 8.73 -58.72
CA ALA E 115 -10.52 10.04 -58.13
C ALA E 115 -9.96 10.12 -56.71
N ARG E 116 -10.15 9.06 -55.93
CA ARG E 116 -9.60 9.04 -54.57
C ARG E 116 -8.07 9.08 -54.58
N LYS E 117 -7.46 8.31 -55.48
CA LYS E 117 -6.00 8.30 -55.55
C LYS E 117 -5.45 9.67 -55.92
N ASN E 118 -5.95 10.26 -57.00
CA ASN E 118 -5.32 11.45 -57.55
C ASN E 118 -5.60 12.70 -56.72
N SER E 119 -6.77 12.80 -56.09
CA SER E 119 -7.13 14.00 -55.37
C SER E 119 -6.32 14.11 -54.08
N THR E 120 -6.30 15.31 -53.46
CA THR E 120 -5.58 15.49 -52.16
C THR E 120 -6.51 14.98 -51.06
N ASN E 121 -6.85 13.70 -51.08
CA ASN E 121 -7.91 13.20 -50.18
C ASN E 121 -7.46 12.97 -48.76
N LYS E 122 -8.43 12.94 -47.83
CA LYS E 122 -8.16 12.58 -46.43
C LYS E 122 -9.04 11.36 -46.13
N SER E 123 -8.49 10.30 -45.57
CA SER E 123 -9.14 9.04 -45.27
C SER E 123 -9.37 8.92 -43.78
N PHE E 124 -10.56 8.44 -43.40
CA PHE E 124 -10.96 8.31 -42.01
C PHE E 124 -11.54 6.93 -41.76
N PHE E 125 -11.41 6.49 -40.51
CA PHE E 125 -11.93 5.19 -40.07
C PHE E 125 -12.68 5.40 -38.77
N SER E 126 -13.99 5.18 -38.79
CA SER E 126 -14.84 5.48 -37.64
C SER E 126 -15.22 4.20 -36.92
N LEU E 127 -14.97 4.16 -35.61
CA LEU E 127 -15.27 3.00 -34.79
C LEU E 127 -16.11 3.44 -33.60
N THR E 128 -17.26 2.80 -33.41
CA THR E 128 -18.22 3.21 -32.39
C THR E 128 -18.43 2.09 -31.39
N LEU E 129 -18.34 2.41 -30.11
CA LEU E 129 -18.60 1.47 -29.02
C LEU E 129 -19.90 1.89 -28.34
N THR E 130 -20.86 0.97 -28.29
CA THR E 130 -22.17 1.24 -27.72
C THR E 130 -22.37 0.39 -26.48
N ILE E 131 -22.74 1.01 -25.37
CA ILE E 131 -23.04 0.33 -24.13
C ILE E 131 -24.54 0.32 -23.95
N CYS E 132 -25.12 -0.87 -23.87
CA CYS E 132 -26.56 -1.01 -23.71
C CYS E 132 -26.92 -0.94 -22.22
N LYS E 133 -28.22 -0.99 -21.93
CA LYS E 133 -28.66 -0.83 -20.55
C LYS E 133 -28.28 -2.02 -19.69
N ASP E 134 -28.10 -3.20 -20.30
CA ASP E 134 -27.75 -4.41 -19.56
C ASP E 134 -26.27 -4.75 -19.67
N ASP E 135 -25.41 -3.73 -19.69
CA ASP E 135 -23.96 -3.83 -19.63
C ASP E 135 -23.32 -4.45 -20.88
N SER E 136 -24.10 -4.82 -21.89
CA SER E 136 -23.52 -5.37 -23.10
C SER E 136 -22.84 -4.27 -23.91
N VAL E 137 -21.85 -4.67 -24.70
CA VAL E 137 -21.07 -3.75 -25.51
C VAL E 137 -21.12 -4.21 -26.96
N MET E 138 -21.40 -3.28 -27.88
CA MET E 138 -21.50 -3.59 -29.31
C MET E 138 -20.59 -2.65 -30.08
N TRP E 139 -19.82 -3.19 -31.01
CA TRP E 139 -18.95 -2.39 -31.86
C TRP E 139 -19.58 -2.22 -33.23
N SER E 140 -19.29 -1.07 -33.85
CA SER E 140 -19.74 -0.83 -35.22
C SER E 140 -18.94 -1.61 -36.23
N VAL E 141 -17.79 -2.16 -35.85
CA VAL E 141 -17.00 -3.04 -36.69
C VAL E 141 -16.78 -4.32 -35.94
N ASP E 142 -17.28 -5.43 -36.47
CA ASP E 142 -17.32 -6.70 -35.74
C ASP E 142 -16.03 -7.51 -35.86
N ASP E 143 -15.02 -7.01 -36.56
CA ASP E 143 -13.79 -7.75 -36.76
C ASP E 143 -12.80 -7.39 -35.65
N PRO E 144 -12.45 -8.31 -34.75
CA PRO E 144 -11.46 -7.99 -33.72
C PRO E 144 -10.09 -7.66 -34.28
N LYS E 145 -9.75 -8.15 -35.48
CA LYS E 145 -8.48 -7.80 -36.09
C LYS E 145 -8.38 -6.30 -36.33
N VAL E 146 -9.48 -5.69 -36.77
CA VAL E 146 -9.49 -4.25 -37.00
C VAL E 146 -9.22 -3.51 -35.70
N ARG E 147 -9.87 -3.94 -34.62
CA ARG E 147 -9.69 -3.27 -33.33
C ARG E 147 -8.25 -3.40 -32.83
N SER E 148 -7.69 -4.59 -32.92
CA SER E 148 -6.32 -4.78 -32.46
C SER E 148 -5.34 -3.98 -33.29
N LEU E 149 -5.53 -3.95 -34.61
CA LEU E 149 -4.63 -3.19 -35.46
C LEU E 149 -4.75 -1.70 -35.17
N LEU E 150 -5.96 -1.20 -34.95
CA LEU E 150 -6.14 0.21 -34.60
C LEU E 150 -5.48 0.53 -33.28
N ALA E 151 -5.58 -0.39 -32.31
CA ALA E 151 -4.88 -0.19 -31.04
C ALA E 151 -3.38 -0.11 -31.25
N THR E 152 -2.84 -0.95 -32.13
CA THR E 152 -1.41 -0.94 -32.38
C THR E 152 -0.97 0.35 -33.05
N LEU E 153 -1.69 0.78 -34.08
CA LEU E 153 -1.25 1.93 -34.86
C LEU E 153 -1.36 3.24 -34.08
N TYR E 154 -2.33 3.35 -33.17
CA TYR E 154 -2.57 4.57 -32.41
C TYR E 154 -2.59 4.24 -30.92
N PRO E 155 -1.44 3.90 -30.35
CA PRO E 155 -1.41 3.53 -28.93
C PRO E 155 -1.68 4.74 -28.04
N PHE E 156 -2.21 4.46 -26.86
CA PHE E 156 -2.55 5.49 -25.89
C PHE E 156 -1.66 5.31 -24.67
N LEU E 157 -0.91 6.35 -24.32
CA LEU E 157 -0.03 6.34 -23.15
C LEU E 157 -0.53 7.39 -22.17
N TYR E 158 -0.80 6.98 -20.94
CA TYR E 158 -1.27 7.87 -19.89
C TYR E 158 -0.20 7.99 -18.82
N ILE E 159 0.23 9.22 -18.54
CA ILE E 159 1.24 9.49 -17.54
C ILE E 159 0.61 10.34 -16.45
N GLU E 160 0.54 9.80 -15.24
CA GLU E 160 0.07 10.54 -14.08
C GLU E 160 1.28 10.94 -13.25
N THR E 161 1.37 12.23 -12.93
CA THR E 161 2.56 12.73 -12.25
C THR E 161 2.43 12.63 -10.73
N ARG E 162 1.21 12.77 -10.20
CA ARG E 162 1.03 12.69 -8.75
C ARG E 162 1.45 11.32 -8.23
N HIS E 163 0.92 10.25 -8.83
CA HIS E 163 1.23 8.89 -8.43
C HIS E 163 2.35 8.29 -9.26
N ILE E 164 3.21 9.13 -9.83
CA ILE E 164 4.31 8.61 -10.63
C ILE E 164 5.28 7.86 -9.72
N ASP E 165 5.96 6.88 -10.29
CA ASP E 165 6.91 6.05 -9.56
C ASP E 165 8.30 6.36 -10.07
N LEU E 166 9.11 7.02 -9.24
CA LEU E 166 10.45 7.43 -9.64
C LEU E 166 11.42 6.27 -9.73
N TYR E 167 11.04 5.08 -9.28
CA TYR E 167 11.90 3.91 -9.35
C TYR E 167 11.35 2.81 -10.24
N ASP E 168 10.08 2.88 -10.62
CA ASP E 168 9.47 1.93 -11.55
C ASP E 168 9.46 2.59 -12.93
N TRP E 169 10.36 2.14 -13.80
CA TRP E 169 10.47 2.67 -15.15
C TRP E 169 9.98 1.67 -16.20
N ASN E 170 9.15 0.72 -15.80
CA ASN E 170 8.64 -0.29 -16.73
C ASN E 170 7.93 0.32 -17.94
N PRO E 171 7.09 1.36 -17.81
CA PRO E 171 6.50 1.96 -19.02
C PRO E 171 7.53 2.45 -20.02
N ILE E 172 8.70 2.91 -19.57
CA ILE E 172 9.73 3.33 -20.51
C ILE E 172 10.12 2.18 -21.43
N TRP E 173 10.38 1.01 -20.85
CA TRP E 173 10.78 -0.15 -21.65
C TRP E 173 9.62 -0.66 -22.50
N LYS E 174 8.43 -0.74 -21.91
CA LYS E 174 7.25 -1.16 -22.67
C LYS E 174 6.97 -0.23 -23.84
N LEU E 175 7.43 1.02 -23.76
CA LEU E 175 7.25 2.01 -24.80
C LEU E 175 8.34 1.91 -25.88
N ILE E 176 9.60 1.85 -25.46
CA ILE E 176 10.69 1.87 -26.43
C ILE E 176 10.74 0.56 -27.20
N SER E 177 10.53 -0.58 -26.53
CA SER E 177 10.57 -1.86 -27.21
C SER E 177 9.48 -1.96 -28.27
N ASN E 178 8.38 -1.23 -28.09
CA ASN E 178 7.28 -1.27 -29.05
C ASN E 178 7.42 -0.24 -30.15
N LEU E 179 7.92 0.96 -29.84
CA LEU E 179 7.89 2.08 -30.78
C LEU E 179 8.71 1.81 -32.03
N ASN E 180 10.03 1.66 -31.88
CA ASN E 180 10.88 1.37 -33.03
C ASN E 180 10.74 -0.11 -33.38
N SER E 181 10.40 -0.39 -34.64
CA SER E 181 10.06 -1.75 -35.07
C SER E 181 11.34 -2.47 -35.50
N PHE E 182 11.97 -3.14 -34.54
CA PHE E 182 13.01 -4.10 -34.83
C PHE E 182 12.41 -5.51 -34.79
N ASN E 183 12.70 -6.31 -35.82
CA ASN E 183 12.15 -7.65 -35.92
C ASN E 183 13.20 -8.64 -35.40
N PHE E 184 13.15 -8.88 -34.08
CA PHE E 184 14.01 -9.88 -33.47
C PHE E 184 13.45 -11.29 -33.57
N ASP E 185 12.23 -11.46 -34.09
CA ASP E 185 11.68 -12.80 -34.27
C ASP E 185 12.50 -13.61 -35.26
N ASP E 186 12.96 -12.98 -36.34
CA ASP E 186 13.81 -13.66 -37.30
C ASP E 186 15.11 -14.12 -36.66
N VAL E 187 15.60 -13.40 -35.65
CA VAL E 187 16.81 -13.77 -34.93
C VAL E 187 16.37 -14.76 -33.85
N ASP E 188 16.68 -16.04 -34.07
CA ASP E 188 16.27 -17.09 -33.15
C ASP E 188 16.82 -16.83 -31.76
N HIS E 189 15.96 -17.00 -30.75
CA HIS E 189 16.44 -16.94 -29.37
C HIS E 189 17.35 -18.12 -29.07
N ASP E 190 17.17 -19.26 -29.74
CA ASP E 190 18.16 -20.32 -29.66
C ASP E 190 19.48 -19.87 -30.29
N GLU E 191 19.41 -19.35 -31.52
CA GLU E 191 20.61 -18.81 -32.16
C GLU E 191 21.19 -17.67 -31.35
N LEU E 192 20.34 -16.79 -30.82
CA LEU E 192 20.85 -15.69 -30.01
C LEU E 192 21.52 -16.17 -28.73
N VAL E 193 20.95 -17.17 -28.07
CA VAL E 193 21.55 -17.65 -26.83
C VAL E 193 22.90 -18.28 -27.13
N ASN E 194 22.96 -19.12 -28.16
CA ASN E 194 24.24 -19.71 -28.53
C ASN E 194 25.24 -18.63 -28.92
N PHE E 195 24.78 -17.62 -29.65
CA PHE E 195 25.61 -16.51 -30.13
C PHE E 195 26.19 -15.70 -28.97
N LEU E 196 25.32 -15.26 -28.07
CA LEU E 196 25.74 -14.46 -26.93
C LEU E 196 26.64 -15.25 -25.99
N ASP E 197 26.31 -16.52 -25.74
CA ASP E 197 27.15 -17.31 -24.83
C ASP E 197 28.46 -17.72 -25.51
N GLU E 198 28.47 -17.77 -26.85
CA GLU E 198 29.73 -17.91 -27.57
C GLU E 198 30.62 -16.71 -27.28
N LYS E 199 30.04 -15.51 -27.34
CA LYS E 199 30.87 -14.31 -27.22
C LYS E 199 31.23 -13.96 -25.78
N ILE E 200 30.26 -13.68 -24.92
CA ILE E 200 30.53 -13.16 -23.58
C ILE E 200 31.28 -14.16 -22.69
N SER E 201 31.43 -15.41 -23.12
CA SER E 201 32.14 -16.39 -22.32
C SER E 201 33.62 -16.03 -22.19
N SER E 202 34.12 -16.07 -20.95
CA SER E 202 35.56 -15.92 -20.74
C SER E 202 36.32 -17.07 -21.41
N ARG E 203 35.94 -18.30 -21.10
CA ARG E 203 36.27 -19.46 -21.91
C ARG E 203 34.99 -19.90 -22.62
N LYS E 204 35.10 -20.22 -23.91
CA LYS E 204 33.91 -20.61 -24.66
C LYS E 204 33.26 -21.80 -23.98
N GLY E 205 32.10 -21.58 -23.34
CA GLY E 205 31.42 -22.58 -22.55
C GLY E 205 31.37 -22.27 -21.06
N ASP E 206 32.42 -21.64 -20.52
CA ASP E 206 32.47 -21.40 -19.08
C ASP E 206 31.25 -20.60 -18.61
N TYR E 207 31.02 -19.45 -19.24
CA TYR E 207 29.78 -18.73 -19.01
C TYR E 207 28.58 -19.61 -19.33
N LYS E 208 28.69 -20.39 -20.40
CA LYS E 208 27.59 -21.29 -20.78
C LYS E 208 27.39 -22.39 -19.74
N LYS E 209 28.46 -22.95 -19.19
CA LYS E 209 28.28 -23.94 -18.14
C LYS E 209 27.62 -23.33 -16.91
N TYR E 210 28.05 -22.14 -16.52
CA TYR E 210 27.45 -21.48 -15.36
C TYR E 210 25.97 -21.22 -15.59
N ILE E 211 25.62 -20.70 -16.77
CA ILE E 211 24.24 -20.39 -17.08
C ILE E 211 23.40 -21.66 -17.20
N ASP E 212 23.99 -22.74 -17.73
CA ASP E 212 23.27 -24.00 -17.82
C ASP E 212 22.99 -24.58 -16.45
N ARG E 213 23.95 -24.48 -15.53
CA ARG E 213 23.72 -24.89 -14.16
C ARG E 213 22.58 -24.07 -13.54
N VAL E 214 22.61 -22.75 -13.75
CA VAL E 214 21.55 -21.90 -13.23
C VAL E 214 20.20 -22.34 -13.78
N VAL E 215 20.12 -22.53 -15.10
CA VAL E 215 18.86 -22.85 -15.76
C VAL E 215 18.33 -24.20 -15.27
N SER E 216 19.22 -25.18 -15.11
CA SER E 216 18.80 -26.45 -14.52
C SER E 216 18.30 -26.26 -13.10
N VAL E 217 18.82 -25.25 -12.39
CA VAL E 217 18.36 -24.97 -11.03
C VAL E 217 17.06 -24.18 -11.04
N ILE E 218 16.97 -23.14 -11.88
CA ILE E 218 15.85 -22.21 -11.85
C ILE E 218 14.81 -22.64 -12.88
N ASP E 219 13.55 -22.70 -12.48
CA ASP E 219 12.45 -23.05 -13.37
C ASP E 219 11.91 -21.74 -13.92
N THR E 220 12.14 -21.50 -15.21
CA THR E 220 11.82 -20.23 -15.83
C THR E 220 10.76 -20.40 -16.90
N LYS E 221 9.90 -19.40 -17.02
CA LYS E 221 8.97 -19.34 -18.13
C LYS E 221 9.73 -19.07 -19.43
N PRO E 222 9.20 -19.51 -20.57
CA PRO E 222 9.80 -19.10 -21.84
C PRO E 222 9.79 -17.59 -21.99
N TYR E 223 10.86 -17.07 -22.60
CA TYR E 223 10.97 -15.62 -22.76
C TYR E 223 9.92 -15.10 -23.73
N THR E 224 9.19 -14.07 -23.30
CA THR E 224 8.32 -13.35 -24.20
C THR E 224 9.14 -12.40 -25.07
N TYR E 225 8.59 -12.06 -26.24
CA TYR E 225 9.33 -11.23 -27.17
C TYR E 225 9.62 -9.85 -26.59
N LYS E 226 8.64 -9.25 -25.91
CA LYS E 226 8.83 -7.93 -25.32
C LYS E 226 9.93 -7.96 -24.26
N GLU E 227 9.94 -9.02 -23.44
CA GLU E 227 11.02 -9.18 -22.47
C GLU E 227 12.37 -9.30 -23.17
N LYS E 228 12.42 -10.05 -24.28
CA LYS E 228 13.64 -10.18 -25.05
C LYS E 228 14.14 -8.82 -25.51
N VAL E 229 13.24 -8.00 -26.07
CA VAL E 229 13.65 -6.71 -26.62
C VAL E 229 14.09 -5.76 -25.50
N ILE E 230 13.38 -5.80 -24.37
CA ILE E 230 13.76 -4.94 -23.24
C ILE E 230 15.14 -5.32 -22.73
N ASN E 231 15.39 -6.63 -22.56
CA ASN E 231 16.72 -7.09 -22.19
C ASN E 231 17.77 -6.58 -23.16
N TYR E 232 17.52 -6.79 -24.46
CA TYR E 232 18.41 -6.29 -25.51
C TYR E 232 18.77 -4.84 -25.27
N ILE E 233 17.73 -3.99 -25.25
CA ILE E 233 17.96 -2.54 -25.27
C ILE E 233 18.70 -2.11 -24.03
N LYS E 234 18.21 -2.50 -22.84
CA LYS E 234 18.80 -1.91 -21.64
C LYS E 234 20.13 -2.57 -21.29
N VAL E 235 20.44 -3.73 -21.86
CA VAL E 235 21.81 -4.23 -21.76
C VAL E 235 22.73 -3.43 -22.67
N ALA E 236 22.29 -3.13 -23.89
CA ALA E 236 23.14 -2.37 -24.80
C ALA E 236 23.31 -0.92 -24.35
N ILE E 237 22.30 -0.37 -23.68
CA ILE E 237 22.43 0.98 -23.13
C ILE E 237 23.54 0.99 -22.09
N LYS E 238 24.24 2.13 -22.00
CA LYS E 238 25.29 2.30 -21.00
C LYS E 238 24.76 2.59 -19.60
N GLY E 239 23.45 2.46 -19.39
CA GLY E 239 22.90 2.64 -18.05
C GLY E 239 21.45 2.21 -17.93
N ASP E 240 21.15 1.40 -16.92
CA ASP E 240 19.77 1.01 -16.64
C ASP E 240 19.10 1.99 -15.69
N SER E 241 19.78 2.35 -14.62
CA SER E 241 19.25 3.30 -13.66
C SER E 241 19.23 4.71 -14.27
N PHE E 242 18.63 5.63 -13.52
CA PHE E 242 18.45 6.99 -14.02
C PHE E 242 19.03 8.01 -13.05
N GLY E 255 10.22 15.98 -6.74
CA GLY E 255 9.82 17.05 -7.63
C GLY E 255 10.58 17.06 -8.94
N THR E 256 11.87 17.39 -8.86
CA THR E 256 12.70 17.40 -10.06
C THR E 256 12.86 16.01 -10.65
N ASN E 257 12.79 14.96 -9.83
CA ASN E 257 12.87 13.60 -10.34
C ASN E 257 11.68 13.29 -11.24
N SER E 258 10.48 13.71 -10.85
CA SER E 258 9.31 13.52 -11.68
C SER E 258 9.43 14.32 -12.98
N ASN E 259 9.97 15.53 -12.89
CA ASN E 259 10.20 16.34 -14.08
C ASN E 259 11.13 15.62 -15.05
N LYS E 260 12.22 15.05 -14.53
CA LYS E 260 13.15 14.33 -15.39
C LYS E 260 12.50 13.10 -15.99
N PHE E 261 11.71 12.36 -15.20
CA PHE E 261 10.97 11.23 -15.73
C PHE E 261 10.11 11.64 -16.91
N LEU E 262 9.30 12.68 -16.73
CA LEU E 262 8.38 13.11 -17.78
C LEU E 262 9.14 13.64 -18.99
N GLU E 263 10.20 14.41 -18.77
CA GLU E 263 10.95 14.98 -19.87
C GLU E 263 11.61 13.91 -20.70
N THR E 264 12.21 12.89 -20.05
CA THR E 264 12.80 11.80 -20.82
C THR E 264 11.73 10.98 -21.53
N LEU E 265 10.55 10.82 -20.91
CA LEU E 265 9.45 10.15 -21.60
C LEU E 265 9.13 10.85 -22.92
N LEU E 266 8.92 12.17 -22.85
CA LEU E 266 8.56 12.92 -24.05
C LEU E 266 9.70 12.93 -25.07
N HIS E 267 10.94 13.03 -24.60
CA HIS E 267 12.08 12.99 -25.51
C HIS E 267 12.14 11.66 -26.24
N LEU E 268 11.96 10.56 -25.50
CA LEU E 268 11.99 9.23 -26.12
C LEU E 268 10.89 9.09 -27.16
N LEU E 269 9.67 9.51 -26.82
CA LEU E 269 8.57 9.42 -27.77
C LEU E 269 8.86 10.22 -29.03
N ILE E 270 9.21 11.50 -28.88
CA ILE E 270 9.37 12.36 -30.04
C ILE E 270 10.54 11.88 -30.90
N THR E 271 11.65 11.48 -30.28
CA THR E 271 12.79 11.02 -31.05
C THR E 271 12.49 9.70 -31.76
N LEU E 272 11.86 8.75 -31.07
CA LEU E 272 11.69 7.42 -31.64
C LEU E 272 10.58 7.36 -32.67
N THR E 273 9.56 8.22 -32.58
CA THR E 273 8.46 8.12 -33.52
C THR E 273 8.78 8.64 -34.91
N ARG E 274 9.96 9.24 -35.11
CA ARG E 274 10.27 9.87 -36.38
C ARG E 274 10.41 8.86 -37.51
N THR E 275 10.91 7.66 -37.21
CA THR E 275 11.12 6.65 -38.24
C THR E 275 9.95 5.69 -38.41
N GLU E 276 8.96 5.73 -37.51
CA GLU E 276 7.85 4.80 -37.54
C GLU E 276 6.58 5.49 -38.04
N PHE E 277 5.61 4.67 -38.46
CA PHE E 277 4.29 5.17 -38.81
C PHE E 277 3.30 5.03 -37.66
N ILE E 278 3.76 4.59 -36.50
CA ILE E 278 2.91 4.54 -35.31
C ILE E 278 2.92 5.91 -34.65
N SER E 279 1.73 6.46 -34.41
CA SER E 279 1.57 7.82 -33.91
C SER E 279 0.81 7.78 -32.59
N PRO E 280 1.49 7.62 -31.47
CA PRO E 280 0.80 7.48 -30.18
C PRO E 280 0.15 8.78 -29.73
N ILE E 281 -0.79 8.63 -28.80
CA ILE E 281 -1.46 9.73 -28.15
C ILE E 281 -1.12 9.68 -26.67
N VAL E 282 -0.55 10.76 -26.14
CA VAL E 282 -0.05 10.78 -24.77
C VAL E 282 -0.84 11.79 -23.97
N TYR E 283 -1.40 11.33 -22.84
CA TYR E 283 -2.21 12.16 -21.94
C TYR E 283 -1.50 12.26 -20.61
N ILE E 284 -1.19 13.48 -20.19
CA ILE E 284 -0.46 13.77 -18.96
C ILE E 284 -1.42 14.42 -17.97
N ASP E 285 -1.42 13.93 -16.74
CA ASP E 285 -2.30 14.44 -15.69
C ASP E 285 -1.48 15.30 -14.73
N GLU E 286 -1.73 16.61 -14.76
CA GLU E 286 -1.05 17.58 -13.92
C GLU E 286 0.47 17.46 -14.05
N PRO E 287 1.05 17.88 -15.17
CA PRO E 287 2.51 17.80 -15.31
C PRO E 287 3.26 18.69 -14.34
N GLU E 288 2.64 19.76 -13.85
CA GLU E 288 3.31 20.74 -13.02
C GLU E 288 3.24 20.44 -11.54
N VAL E 289 2.64 19.33 -11.14
CA VAL E 289 2.46 19.05 -9.72
C VAL E 289 3.81 18.87 -9.06
N GLY E 290 4.01 19.58 -7.95
CA GLY E 290 5.27 19.51 -7.24
C GLY E 290 6.45 20.14 -7.96
N LEU E 291 6.19 21.13 -8.81
CA LEU E 291 7.25 21.78 -9.60
C LEU E 291 7.30 23.27 -9.27
N HIS E 292 8.52 23.77 -9.12
CA HIS E 292 8.73 25.21 -9.08
C HIS E 292 8.28 25.81 -10.40
N PRO E 293 7.73 27.03 -10.40
CA PRO E 293 7.23 27.60 -11.66
C PRO E 293 8.28 27.65 -12.76
N LYS E 294 9.52 28.01 -12.42
CA LYS E 294 10.59 27.99 -13.40
C LYS E 294 10.85 26.58 -13.91
N LEU E 295 10.67 25.57 -13.05
CA LEU E 295 10.86 24.19 -13.49
C LEU E 295 9.81 23.79 -14.51
N ALA E 296 8.55 24.17 -14.30
CA ALA E 296 7.51 23.88 -15.28
C ALA E 296 7.75 24.61 -16.59
N GLU E 297 8.14 25.88 -16.52
CA GLU E 297 8.45 26.61 -17.74
C GLU E 297 9.61 25.96 -18.48
N SER E 298 10.63 25.50 -17.75
CA SER E 298 11.75 24.82 -18.39
C SER E 298 11.34 23.48 -18.98
N PHE E 299 10.39 22.79 -18.34
CA PHE E 299 9.89 21.53 -18.90
C PHE E 299 9.23 21.77 -20.25
N VAL E 300 8.36 22.80 -20.32
CA VAL E 300 7.73 23.11 -21.60
C VAL E 300 8.76 23.56 -22.61
N SER E 301 9.77 24.32 -22.17
CA SER E 301 10.81 24.76 -23.09
C SER E 301 11.60 23.58 -23.65
N ASN E 302 11.93 22.60 -22.81
CA ASN E 302 12.64 21.42 -23.28
C ASN E 302 11.79 20.61 -24.25
N LEU E 303 10.49 20.47 -23.94
CA LEU E 303 9.61 19.78 -24.88
C LEU E 303 9.57 20.48 -26.22
N ASN E 304 9.47 21.81 -26.23
CA ASN E 304 9.44 22.55 -27.48
C ASN E 304 10.76 22.45 -28.23
N LYS E 305 11.88 22.45 -27.50
CA LYS E 305 13.18 22.30 -28.16
C LYS E 305 13.28 20.95 -28.84
N ILE E 306 12.85 19.89 -28.17
CA ILE E 306 12.86 18.56 -28.79
C ILE E 306 11.93 18.54 -29.99
N TYR E 307 10.78 19.21 -29.87
CA TYR E 307 9.81 19.24 -30.96
C TYR E 307 10.37 19.94 -32.20
N SER E 308 11.04 21.06 -32.01
CA SER E 308 11.47 21.87 -33.15
C SER E 308 12.81 21.42 -33.73
N LYS E 309 13.67 20.82 -32.90
CA LYS E 309 14.96 20.35 -33.42
C LYS E 309 14.78 19.23 -34.44
N PHE E 310 13.73 18.42 -34.30
CA PHE E 310 13.44 17.33 -35.22
C PHE E 310 12.45 17.73 -36.31
N LYS E 311 12.15 19.02 -36.43
CA LYS E 311 11.11 19.51 -37.34
C LYS E 311 11.74 19.92 -38.66
N LYS E 312 11.21 19.39 -39.76
CA LYS E 312 11.65 19.72 -41.11
C LYS E 312 10.55 20.50 -41.81
N THR E 313 10.91 21.65 -42.38
CA THR E 313 9.97 22.47 -43.14
C THR E 313 10.60 22.85 -44.47
N SER E 314 9.98 23.81 -45.17
CA SER E 314 10.55 24.31 -46.43
C SER E 314 11.90 24.98 -46.21
N GLU E 315 12.19 25.43 -44.99
CA GLU E 315 13.47 26.07 -44.67
C GLU E 315 14.46 25.09 -44.03
N LEU E 316 14.06 24.46 -42.93
CA LEU E 316 14.94 23.54 -42.20
C LEU E 316 14.91 22.19 -42.89
N SER E 317 16.04 21.80 -43.49
CA SER E 317 16.20 20.51 -44.12
C SER E 317 17.61 19.99 -43.86
N GLY E 318 17.77 18.67 -44.00
CA GLY E 318 19.04 18.03 -43.83
C GLY E 318 18.91 16.64 -43.24
N PRO E 319 20.03 15.89 -43.06
CA PRO E 319 19.96 14.61 -42.37
C PRO E 319 19.67 14.92 -40.90
N GLY E 320 18.60 14.36 -40.37
CA GLY E 320 18.32 14.55 -38.94
C GLY E 320 17.05 15.34 -38.79
N ARG E 321 16.40 15.59 -39.91
CA ARG E 321 15.12 16.30 -39.84
C ARG E 321 14.08 15.52 -40.63
N TYR E 322 12.94 15.25 -40.00
CA TYR E 322 11.91 14.40 -40.56
C TYR E 322 10.60 15.17 -40.70
N LYS E 323 9.77 14.69 -41.63
CA LYS E 323 8.42 15.21 -41.82
C LYS E 323 7.37 14.27 -41.24
N THR E 324 7.78 13.32 -40.42
CA THR E 324 6.82 12.40 -39.81
C THR E 324 5.90 13.16 -38.86
N PRO E 325 4.59 12.88 -38.87
CA PRO E 325 3.69 13.55 -37.93
C PRO E 325 4.04 13.22 -36.49
N TYR E 326 3.89 14.22 -35.62
CA TYR E 326 4.23 14.08 -34.21
C TYR E 326 3.08 13.48 -33.43
N PRO E 327 3.36 12.84 -32.30
CA PRO E 327 2.29 12.33 -31.43
C PRO E 327 1.45 13.47 -30.87
N ASN E 328 0.18 13.17 -30.62
CA ASN E 328 -0.75 14.14 -30.06
C ASN E 328 -0.64 14.14 -28.54
N ILE E 329 -0.39 15.31 -27.96
CA ILE E 329 -0.11 15.44 -26.53
C ILE E 329 -1.23 16.22 -25.88
N PHE E 330 -1.98 15.56 -25.01
CA PHE E 330 -2.90 16.22 -24.09
C PHE E 330 -2.23 16.31 -22.73
N TYR E 331 -2.41 17.44 -22.04
CA TYR E 331 -2.05 17.47 -20.63
C TYR E 331 -2.99 18.42 -19.91
N SER E 332 -3.47 17.98 -18.75
CA SER E 332 -4.42 18.75 -17.96
C SER E 332 -3.69 19.47 -16.84
N THR E 333 -3.76 20.80 -16.83
CA THR E 333 -2.96 21.61 -15.93
C THR E 333 -3.85 22.53 -15.11
N HIS E 334 -3.32 22.98 -13.98
CA HIS E 334 -3.95 23.97 -13.12
C HIS E 334 -3.06 25.18 -12.89
N SER E 335 -1.94 25.29 -13.59
CA SER E 335 -0.97 26.34 -13.33
C SER E 335 -0.85 27.27 -14.51
N PRO E 336 -0.91 28.58 -14.31
CA PRO E 336 -0.74 29.51 -15.44
C PRO E 336 0.64 29.47 -16.07
N SER E 337 1.66 28.96 -15.39
CA SER E 337 3.00 28.94 -15.97
C SER E 337 3.06 27.97 -17.15
N ILE E 338 2.53 26.76 -16.97
CA ILE E 338 2.52 25.78 -18.05
C ILE E 338 1.79 26.33 -19.26
N LEU E 339 0.61 26.91 -19.04
CA LEU E 339 -0.19 27.43 -20.14
C LEU E 339 0.51 28.59 -20.83
N LYS E 340 1.11 29.50 -20.06
CA LYS E 340 1.81 30.64 -20.65
C LYS E 340 2.95 30.17 -21.52
N GLN E 341 3.76 29.25 -21.01
CA GLN E 341 4.89 28.76 -21.79
C GLN E 341 4.43 28.03 -23.04
N THR E 342 3.36 27.24 -22.94
CA THR E 342 2.85 26.53 -24.13
C THR E 342 2.45 27.56 -25.15
N ILE E 343 1.60 28.49 -24.78
CA ILE E 343 1.11 29.45 -25.76
C ILE E 343 2.26 30.21 -26.40
N LYS E 344 3.23 30.64 -25.59
CA LYS E 344 4.34 31.42 -26.12
C LYS E 344 5.18 30.60 -27.09
N LEU E 345 5.43 29.33 -26.77
CA LEU E 345 6.41 28.57 -27.54
C LEU E 345 5.80 27.88 -28.75
N PHE E 346 4.54 27.43 -28.67
CA PHE E 346 3.98 26.59 -29.72
C PHE E 346 3.19 27.36 -30.77
N GLY E 347 2.83 28.60 -30.50
CA GLY E 347 2.26 29.45 -31.55
C GLY E 347 0.92 29.01 -32.07
N LYS E 348 0.90 28.44 -33.27
CA LYS E 348 -0.33 27.99 -33.91
C LYS E 348 -0.56 26.49 -33.78
N ASP E 349 0.28 25.77 -33.03
CA ASP E 349 0.22 24.32 -32.99
C ASP E 349 -0.39 23.79 -31.71
N GLN E 350 -1.04 24.63 -30.91
CA GLN E 350 -1.59 24.18 -29.64
C GLN E 350 -3.07 24.54 -29.59
N GLN E 351 -3.79 23.88 -28.70
CA GLN E 351 -5.21 24.13 -28.49
C GLN E 351 -5.49 24.15 -27.00
N VAL E 352 -6.35 25.06 -26.56
CA VAL E 352 -6.71 25.19 -25.15
C VAL E 352 -8.18 24.79 -25.00
N LEU E 353 -8.44 23.80 -24.16
CA LEU E 353 -9.77 23.27 -23.93
C LEU E 353 -10.27 23.71 -22.56
N HIS E 354 -11.50 24.21 -22.51
CA HIS E 354 -12.11 24.70 -21.29
C HIS E 354 -13.28 23.80 -20.93
N PHE E 355 -13.26 23.29 -19.70
CA PHE E 355 -14.29 22.38 -19.20
C PHE E 355 -15.17 23.11 -18.21
N SER E 356 -16.49 23.08 -18.44
CA SER E 356 -17.44 23.76 -17.57
C SER E 356 -18.67 22.87 -17.43
N LYS E 357 -19.72 23.40 -16.83
CA LYS E 357 -20.92 22.64 -16.52
C LYS E 357 -22.12 23.30 -17.17
N LYS E 358 -23.03 22.50 -17.71
CA LYS E 358 -24.21 23.01 -18.38
C LYS E 358 -25.30 23.33 -17.35
N LYS E 359 -26.47 23.73 -17.83
CA LYS E 359 -27.62 23.93 -16.94
C LYS E 359 -27.98 22.66 -16.20
N ASP E 360 -28.16 21.56 -16.93
CA ASP E 360 -28.58 20.31 -16.31
C ASP E 360 -27.44 19.58 -15.63
N GLY E 361 -26.28 20.22 -15.45
CA GLY E 361 -25.16 19.60 -14.78
C GLY E 361 -24.20 18.86 -15.68
N SER E 362 -24.52 18.69 -16.95
CA SER E 362 -23.64 17.96 -17.86
C SER E 362 -22.42 18.79 -18.22
N THR E 363 -21.38 18.10 -18.68
CA THR E 363 -20.10 18.72 -18.98
C THR E 363 -20.15 19.42 -20.34
N ARG E 364 -19.51 20.58 -20.41
CA ARG E 364 -19.46 21.38 -21.63
C ARG E 364 -18.01 21.69 -21.94
N VAL E 365 -17.60 21.46 -23.19
CA VAL E 365 -16.22 21.62 -23.60
C VAL E 365 -16.16 22.71 -24.66
N ASN E 366 -15.23 23.66 -24.49
CA ASN E 366 -15.05 24.74 -25.44
C ASN E 366 -13.59 24.90 -25.81
N LYS E 367 -13.34 25.55 -26.93
CA LYS E 367 -11.99 25.81 -27.40
C LYS E 367 -11.71 27.30 -27.25
N ILE E 368 -10.73 27.64 -26.43
CA ILE E 368 -10.36 29.04 -26.20
C ILE E 368 -9.28 29.43 -27.18
N ASN E 369 -9.45 30.57 -27.83
CA ASN E 369 -8.46 31.05 -28.79
C ASN E 369 -7.18 31.41 -28.07
N SER E 370 -6.12 30.67 -28.35
CA SER E 370 -4.80 30.94 -27.80
C SER E 370 -3.79 31.32 -28.88
N THR E 371 -4.22 31.42 -30.14
CA THR E 371 -3.34 31.78 -31.24
C THR E 371 -3.50 33.27 -31.53
N TYR E 372 -2.39 33.99 -31.54
CA TYR E 372 -2.40 35.44 -31.75
C TYR E 372 -1.59 35.77 -32.98
N SER E 373 -2.15 36.63 -33.84
CA SER E 373 -1.45 37.10 -35.02
C SER E 373 -0.50 38.24 -34.71
N ASP E 374 -0.63 38.87 -33.54
CA ASP E 374 0.24 39.97 -33.13
C ASP E 374 1.44 39.38 -32.39
N GLU E 375 2.61 39.38 -33.04
CA GLU E 375 3.80 38.82 -32.43
C GLU E 375 4.19 39.57 -31.17
N ARG E 376 3.90 40.87 -31.10
CA ARG E 376 4.20 41.62 -29.89
C ARG E 376 3.41 41.07 -28.71
N PHE E 377 2.14 40.72 -28.92
CA PHE E 377 1.35 40.16 -27.82
C PHE E 377 1.90 38.81 -27.39
N LEU E 378 2.38 38.01 -28.34
CA LEU E 378 3.01 36.75 -27.98
C LEU E 378 4.25 36.97 -27.12
N ASN E 379 5.07 37.96 -27.49
CA ASN E 379 6.29 38.20 -26.72
C ASN E 379 5.97 38.75 -25.34
N ILE E 380 5.07 39.73 -25.25
CA ILE E 380 4.73 40.33 -23.97
C ILE E 380 3.87 39.40 -23.11
N PHE E 381 3.43 38.28 -23.67
CA PHE E 381 2.63 37.33 -22.90
C PHE E 381 3.34 36.96 -21.62
N SER E 382 2.64 37.15 -20.49
CA SER E 382 3.24 36.95 -19.18
C SER E 382 2.26 36.17 -18.30
N ASP E 383 2.59 36.08 -17.02
CA ASP E 383 1.78 35.28 -16.10
C ASP E 383 0.39 35.88 -15.93
N ASN E 384 0.30 37.21 -15.87
CA ASN E 384 -0.99 37.85 -15.67
C ASN E 384 -1.94 37.56 -16.82
N GLU E 385 -1.45 37.63 -18.06
CA GLU E 385 -2.30 37.35 -19.21
C GLU E 385 -2.77 35.90 -19.22
N ALA E 386 -1.86 34.98 -18.91
CA ALA E 386 -2.23 33.57 -18.89
C ALA E 386 -3.11 33.22 -17.71
N ARG E 387 -3.17 34.08 -16.70
CA ARG E 387 -4.07 33.82 -15.57
C ARG E 387 -5.53 33.96 -15.98
N LEU E 388 -5.83 34.85 -16.92
CA LEU E 388 -7.22 35.09 -17.31
C LEU E 388 -7.88 33.85 -17.88
N PHE E 389 -7.11 32.88 -18.36
CA PHE E 389 -7.69 31.65 -18.88
C PHE E 389 -8.40 30.84 -17.81
N PHE E 390 -8.06 31.04 -16.55
CA PHE E 390 -8.71 30.35 -15.43
C PHE E 390 -9.78 31.18 -14.76
N SER E 391 -10.08 32.37 -15.31
CA SER E 391 -10.99 33.29 -14.67
C SER E 391 -12.43 32.82 -14.78
N GLU E 392 -13.19 33.00 -13.70
CA GLU E 392 -14.63 32.73 -13.72
C GLU E 392 -15.39 33.85 -14.42
N TYR E 393 -14.94 35.09 -14.29
CA TYR E 393 -15.61 36.24 -14.87
C TYR E 393 -14.59 37.37 -15.00
N ILE E 394 -14.58 38.04 -16.13
CA ILE E 394 -13.58 39.05 -16.44
C ILE E 394 -14.25 40.41 -16.53
N VAL E 395 -13.61 41.42 -15.98
CA VAL E 395 -14.06 42.81 -16.12
C VAL E 395 -12.93 43.56 -16.81
N PHE E 396 -12.98 43.60 -18.14
CA PHE E 396 -11.96 44.31 -18.90
C PHE E 396 -12.12 45.82 -18.70
N VAL E 397 -11.01 46.51 -18.49
CA VAL E 397 -11.05 47.94 -18.23
C VAL E 397 -10.03 48.65 -19.12
N GLU E 398 -9.86 49.95 -18.93
CA GLU E 398 -9.04 50.75 -19.82
C GLU E 398 -7.86 51.45 -19.15
N GLY E 399 -7.92 51.72 -17.85
CA GLY E 399 -6.86 52.47 -17.19
C GLY E 399 -6.51 51.86 -15.86
N ALA E 400 -5.43 52.38 -15.27
CA ALA E 400 -4.96 51.90 -13.98
C ALA E 400 -5.89 52.30 -12.85
N THR E 401 -6.61 53.42 -13.01
CA THR E 401 -7.53 53.86 -11.97
C THR E 401 -8.65 52.84 -11.76
N GLU E 402 -9.14 52.24 -12.84
CA GLU E 402 -10.15 51.20 -12.72
C GLU E 402 -9.63 50.02 -11.93
N LEU E 403 -8.38 49.61 -12.18
CA LEU E 403 -7.79 48.53 -11.41
C LEU E 403 -7.64 48.92 -9.94
N GLU E 404 -7.28 50.17 -9.68
CA GLU E 404 -7.17 50.61 -8.29
C GLU E 404 -8.52 50.54 -7.58
N LEU E 405 -9.58 50.94 -8.27
CA LEU E 405 -10.90 50.94 -7.64
C LEU E 405 -11.42 49.52 -7.44
N PHE E 406 -11.56 48.77 -8.53
CA PHE E 406 -12.24 47.48 -8.47
C PHE E 406 -11.46 46.42 -7.72
N ARG E 407 -10.20 46.67 -7.40
CA ARG E 407 -9.40 45.74 -6.60
C ARG E 407 -9.30 46.16 -5.14
N ASN E 408 -9.97 47.23 -4.73
CA ASN E 408 -9.85 47.73 -3.37
C ASN E 408 -10.34 46.68 -2.37
N LEU E 409 -9.46 46.32 -1.43
CA LEU E 409 -9.78 45.24 -0.50
C LEU E 409 -10.98 45.57 0.37
N SER E 410 -11.04 46.80 0.88
CA SER E 410 -12.15 47.20 1.73
C SER E 410 -13.47 47.15 0.97
N LEU E 411 -13.47 47.60 -0.27
CA LEU E 411 -14.69 47.58 -1.08
C LEU E 411 -15.13 46.15 -1.37
N LEU E 412 -14.19 45.28 -1.75
CA LEU E 412 -14.55 43.89 -2.03
C LEU E 412 -14.89 43.11 -0.78
N ASN E 413 -14.54 43.62 0.40
CA ASN E 413 -14.97 42.95 1.62
C ASN E 413 -16.49 42.95 1.75
N LEU E 414 -17.13 44.06 1.40
CA LEU E 414 -18.58 44.19 1.53
C LEU E 414 -19.34 43.49 0.41
N TYR E 415 -18.67 43.11 -0.67
CA TYR E 415 -19.31 42.47 -1.82
C TYR E 415 -18.54 41.20 -2.15
N PRO E 416 -18.77 40.11 -1.42
CA PRO E 416 -18.04 38.87 -1.70
C PRO E 416 -18.32 38.29 -3.08
N ALA E 417 -19.45 38.63 -3.69
CA ALA E 417 -19.75 38.10 -5.03
C ALA E 417 -18.76 38.60 -6.06
N PHE E 418 -18.44 39.90 -6.01
CA PHE E 418 -17.51 40.47 -6.98
C PHE E 418 -16.08 40.03 -6.75
N SER E 419 -15.78 39.37 -5.63
CA SER E 419 -14.42 38.93 -5.36
C SER E 419 -13.97 37.84 -6.31
N LEU E 420 -14.89 37.20 -7.03
CA LEU E 420 -14.56 36.13 -7.95
C LEU E 420 -14.32 36.62 -9.36
N ALA E 421 -14.37 37.93 -9.60
CA ALA E 421 -14.17 38.50 -10.92
C ALA E 421 -12.78 39.10 -11.01
N ASP E 422 -12.06 38.78 -12.08
CA ASP E 422 -10.72 39.30 -12.29
C ASP E 422 -10.80 40.56 -13.14
N ILE E 423 -10.17 41.63 -12.68
CA ILE E 423 -10.14 42.90 -13.39
C ILE E 423 -8.82 43.01 -14.13
N TYR E 424 -8.89 43.19 -15.44
CA TYR E 424 -7.70 43.24 -16.28
C TYR E 424 -7.80 44.43 -17.21
N ASP E 425 -6.72 45.20 -17.32
CA ASP E 425 -6.69 46.32 -18.25
C ASP E 425 -6.28 45.82 -19.64
N ALA E 426 -7.07 46.18 -20.64
CA ALA E 426 -6.84 45.72 -22.01
C ALA E 426 -6.83 46.91 -22.96
N ASN E 427 -5.78 47.02 -23.76
CA ASN E 427 -5.75 47.98 -24.84
C ASN E 427 -6.68 47.54 -25.96
N GLU E 428 -6.89 48.41 -26.93
CA GLU E 428 -7.80 48.09 -28.02
C GLU E 428 -7.30 46.89 -28.82
N VAL E 429 -6.01 46.86 -29.13
CA VAL E 429 -5.45 45.72 -29.86
C VAL E 429 -5.45 44.47 -28.98
N ILE E 430 -5.08 44.62 -27.72
CA ILE E 430 -5.10 43.49 -26.80
C ILE E 430 -6.51 42.94 -26.67
N LEU E 431 -7.48 43.83 -26.48
CA LEU E 431 -8.88 43.39 -26.41
C LEU E 431 -9.31 42.75 -27.71
N ALA E 432 -8.81 43.25 -28.84
CA ALA E 432 -9.17 42.68 -30.13
C ALA E 432 -8.70 41.24 -30.26
N ASN E 433 -7.50 40.95 -29.79
CA ASN E 433 -6.95 39.61 -29.97
C ASN E 433 -6.95 38.77 -28.69
N ILE E 434 -7.72 39.14 -27.68
CA ILE E 434 -7.80 38.29 -26.48
C ILE E 434 -9.24 37.94 -26.14
N ASN E 435 -10.19 38.79 -26.56
CA ASN E 435 -11.52 38.77 -25.96
C ASN E 435 -12.24 37.45 -26.22
N PRO E 436 -13.07 36.99 -25.27
CA PRO E 436 -13.75 35.70 -25.45
C PRO E 436 -14.74 35.67 -26.60
N GLY E 437 -15.34 36.80 -26.96
CA GLY E 437 -16.30 36.79 -28.06
C GLY E 437 -15.66 36.33 -29.35
N TYR E 438 -14.50 36.91 -29.70
CA TYR E 438 -13.74 36.46 -30.84
C TYR E 438 -13.16 35.07 -30.64
N SER E 439 -13.01 34.65 -29.38
CA SER E 439 -12.55 33.31 -29.05
C SER E 439 -13.69 32.34 -28.84
N LYS E 440 -14.94 32.79 -29.00
CA LYS E 440 -16.15 32.00 -28.79
C LYS E 440 -16.06 31.13 -27.54
N ALA E 441 -15.55 31.70 -26.45
CA ALA E 441 -15.37 30.98 -25.20
C ALA E 441 -16.49 31.33 -24.23
N SER E 442 -16.83 30.36 -23.38
CA SER E 442 -17.81 30.57 -22.31
C SER E 442 -17.11 30.91 -21.00
N ILE E 443 -16.35 31.99 -21.05
CA ILE E 443 -15.86 32.69 -19.86
C ILE E 443 -16.52 34.06 -19.91
N PRO E 444 -17.63 34.27 -19.20
CA PRO E 444 -18.36 35.53 -19.34
C PRO E 444 -17.50 36.71 -18.93
N PHE E 445 -17.71 37.83 -19.61
CA PHE E 445 -16.88 39.01 -19.41
C PHE E 445 -17.72 40.25 -19.70
N VAL E 446 -17.25 41.37 -19.17
CA VAL E 446 -17.84 42.68 -19.49
C VAL E 446 -16.73 43.66 -19.77
N ILE E 447 -16.87 44.42 -20.85
CA ILE E 447 -15.89 45.43 -21.23
C ILE E 447 -16.42 46.78 -20.75
N ILE E 448 -15.78 47.35 -19.74
CA ILE E 448 -16.20 48.63 -19.17
C ILE E 448 -15.44 49.72 -19.90
N LYS E 449 -16.17 50.61 -20.56
CA LYS E 449 -15.54 51.72 -21.27
C LYS E 449 -16.36 52.99 -21.07
N ASP E 450 -15.70 54.13 -21.23
CA ASP E 450 -16.37 55.41 -21.12
C ASP E 450 -17.15 55.73 -22.39
N ILE E 451 -18.15 56.59 -22.26
CA ILE E 451 -18.95 56.99 -23.41
C ILE E 451 -18.16 57.85 -24.39
N ASP E 452 -17.01 58.37 -23.96
CA ASP E 452 -16.23 59.25 -24.81
C ASP E 452 -15.61 58.53 -25.99
N THR E 453 -15.49 57.20 -25.93
CA THR E 453 -14.89 56.44 -27.01
C THR E 453 -15.78 56.35 -28.24
N LEU E 454 -17.03 56.79 -28.15
CA LEU E 454 -17.95 56.79 -29.29
C LEU E 454 -18.20 58.18 -29.86
N ILE E 455 -18.41 59.17 -29.00
CA ILE E 455 -18.82 60.51 -29.40
C ILE E 455 -17.84 61.51 -28.83
N ASP E 456 -17.38 62.44 -29.67
CA ASP E 456 -16.53 63.53 -29.21
C ASP E 456 -17.23 64.85 -29.52
N TYR E 457 -17.28 65.73 -28.51
CA TYR E 457 -18.01 66.99 -28.60
C TYR E 457 -17.05 68.13 -28.90
N SER E 458 -17.47 69.02 -29.80
CA SER E 458 -16.73 70.21 -30.15
C SER E 458 -17.50 71.42 -29.62
N ILE E 459 -16.84 72.17 -28.72
CA ILE E 459 -17.45 73.36 -28.14
C ILE E 459 -17.53 74.49 -29.16
N LYS E 460 -16.49 74.65 -29.97
CA LYS E 460 -16.46 75.75 -30.94
C LYS E 460 -17.60 75.64 -31.93
N THR E 461 -17.81 74.44 -32.48
CA THR E 461 -18.93 74.21 -33.38
C THR E 461 -20.18 73.71 -32.68
N GLU E 462 -20.10 73.40 -31.39
CA GLU E 462 -21.22 72.88 -30.61
C GLU E 462 -21.81 71.62 -31.26
N LYS E 463 -20.93 70.70 -31.66
CA LYS E 463 -21.35 69.57 -32.46
C LYS E 463 -20.72 68.27 -31.97
N PHE E 464 -21.51 67.19 -31.95
CA PHE E 464 -20.96 65.87 -31.72
C PHE E 464 -20.47 65.26 -33.03
N SER E 465 -19.33 64.57 -32.97
CA SER E 465 -18.83 63.80 -34.08
C SER E 465 -18.60 62.36 -33.62
N LEU E 466 -18.70 61.44 -34.58
CA LEU E 466 -18.78 60.01 -34.31
C LEU E 466 -17.40 59.38 -34.39
N ARG E 467 -17.04 58.58 -33.39
CA ARG E 467 -15.76 57.89 -33.42
C ARG E 467 -15.88 56.60 -34.24
N PRO E 468 -14.76 56.16 -34.83
CA PRO E 468 -14.82 54.96 -35.68
C PRO E 468 -15.31 53.71 -34.97
N LEU E 469 -15.02 53.57 -33.67
CA LEU E 469 -15.49 52.41 -32.94
C LEU E 469 -17.01 52.39 -32.85
N PHE E 470 -17.64 53.56 -32.77
CA PHE E 470 -19.10 53.60 -32.81
C PHE E 470 -19.63 53.11 -34.16
N GLU E 471 -18.97 53.51 -35.26
CA GLU E 471 -19.38 53.01 -36.57
C GLU E 471 -19.20 51.49 -36.66
N LYS E 472 -18.11 50.98 -36.08
CA LYS E 472 -17.90 49.54 -36.06
C LYS E 472 -18.99 48.83 -35.26
N MET E 473 -19.39 49.41 -34.12
CA MET E 473 -20.47 48.82 -33.33
C MET E 473 -21.78 48.84 -34.09
N ILE E 474 -22.05 49.94 -34.80
CA ILE E 474 -23.26 50.01 -35.62
C ILE E 474 -23.23 48.94 -36.71
N LYS E 475 -22.09 48.79 -37.37
CA LYS E 475 -21.96 47.79 -38.43
C LYS E 475 -22.14 46.38 -37.89
N GLU E 476 -21.63 46.12 -36.69
CA GLU E 476 -21.82 44.80 -36.08
C GLU E 476 -23.28 44.59 -35.69
N LEU E 477 -23.97 45.64 -35.26
CA LEU E 477 -25.35 45.50 -34.80
C LEU E 477 -26.37 45.56 -35.93
N THR E 478 -25.97 45.99 -37.13
CA THR E 478 -26.91 46.13 -38.23
C THR E 478 -27.02 44.86 -39.07
N LYS E 479 -26.76 43.70 -38.47
CA LYS E 479 -26.86 42.43 -39.19
C LYS E 479 -28.26 42.17 -39.73
N GLU E 480 -29.24 42.99 -39.36
CA GLU E 480 -30.59 42.84 -39.89
C GLU E 480 -30.77 43.50 -41.26
N PHE E 481 -29.73 44.16 -41.78
CA PHE E 481 -29.78 44.72 -43.13
C PHE E 481 -29.73 43.64 -44.20
N ASP E 482 -29.48 42.39 -43.83
CA ASP E 482 -29.39 41.28 -44.79
C ASP E 482 -30.32 40.13 -44.43
N TYR E 483 -31.42 40.40 -43.73
CA TYR E 483 -32.27 39.32 -43.23
C TYR E 483 -33.72 39.78 -43.17
N TYR E 484 -34.58 38.89 -42.70
CA TYR E 484 -36.03 39.07 -42.72
C TYR E 484 -36.50 39.83 -41.49
N ASP E 485 -37.82 39.83 -41.26
CA ASP E 485 -38.44 40.62 -40.21
C ASP E 485 -38.77 39.78 -38.99
N THR E 486 -38.53 40.35 -37.82
CA THR E 486 -38.95 39.78 -36.53
C THR E 486 -39.02 40.94 -35.54
N GLY E 487 -39.06 40.64 -34.25
CA GLY E 487 -39.28 41.65 -33.24
C GLY E 487 -38.11 42.57 -32.94
N PHE E 488 -37.21 42.74 -33.90
CA PHE E 488 -36.01 43.56 -33.74
C PHE E 488 -36.21 45.02 -34.11
N GLY E 489 -37.45 45.45 -34.39
CA GLY E 489 -37.68 46.80 -34.90
C GLY E 489 -37.20 47.90 -33.97
N ARG E 490 -37.35 47.69 -32.66
CA ARG E 490 -36.92 48.70 -31.69
C ARG E 490 -35.42 48.93 -31.76
N VAL E 491 -34.65 47.86 -32.00
CA VAL E 491 -33.22 48.02 -32.18
C VAL E 491 -32.94 48.90 -33.40
N ARG E 492 -33.72 48.72 -34.47
CA ARG E 492 -33.49 49.54 -35.66
C ARG E 492 -33.80 50.98 -35.36
N LYS E 493 -34.87 51.21 -34.57
CA LYS E 493 -35.22 52.57 -34.18
C LYS E 493 -34.09 53.21 -33.37
N GLU E 494 -33.52 52.46 -32.43
CA GLU E 494 -32.42 52.98 -31.62
C GLU E 494 -31.21 53.30 -32.51
N ILE E 495 -30.94 52.45 -33.50
CA ILE E 495 -29.83 52.72 -34.40
C ILE E 495 -30.10 53.96 -35.24
N ASP E 496 -31.36 54.17 -35.64
CA ASP E 496 -31.71 55.40 -36.34
C ASP E 496 -31.48 56.62 -35.46
N LEU E 497 -31.82 56.53 -34.18
CA LEU E 497 -31.55 57.63 -33.27
C LEU E 497 -30.05 57.87 -33.13
N PHE E 498 -29.26 56.79 -33.09
CA PHE E 498 -27.81 56.92 -33.07
C PHE E 498 -27.31 57.65 -34.32
N SER E 499 -27.90 57.35 -35.47
CA SER E 499 -27.54 58.05 -36.70
C SER E 499 -27.88 59.53 -36.60
N ASP E 500 -29.06 59.85 -36.06
CA ASP E 500 -29.45 61.25 -35.91
C ASP E 500 -28.62 61.99 -34.87
N ILE E 501 -27.92 61.27 -33.99
CA ILE E 501 -27.02 61.94 -33.06
C ILE E 501 -26.00 62.80 -33.79
N GLN E 502 -25.56 62.36 -34.98
CA GLN E 502 -24.53 63.08 -35.72
C GLN E 502 -25.03 64.49 -36.08
N SER E 503 -26.18 64.58 -36.75
CA SER E 503 -26.62 65.86 -37.30
C SER E 503 -27.01 66.86 -36.22
N SER E 504 -27.42 66.39 -35.04
CA SER E 504 -27.90 67.30 -34.01
C SER E 504 -26.75 68.13 -33.44
N THR E 505 -27.04 69.40 -33.21
CA THR E 505 -26.15 70.34 -32.54
C THR E 505 -26.78 70.74 -31.21
N LYS E 506 -25.94 70.96 -30.21
CA LYS E 506 -26.44 71.26 -28.87
C LYS E 506 -25.64 72.41 -28.29
N LYS E 507 -26.33 73.32 -27.60
CA LYS E 507 -25.73 74.54 -27.08
C LYS E 507 -25.17 74.32 -25.68
N HIS E 508 -24.05 74.98 -25.39
CA HIS E 508 -23.37 74.85 -24.11
C HIS E 508 -23.51 76.13 -23.29
N MET E 509 -23.23 76.01 -21.99
CA MET E 509 -23.26 77.13 -21.07
C MET E 509 -21.92 77.28 -20.37
N ASP E 510 -21.69 78.47 -19.81
CA ASP E 510 -20.44 78.80 -19.11
C ASP E 510 -19.22 78.50 -19.97
N SER E 511 -19.28 78.90 -21.24
CA SER E 511 -18.17 78.72 -22.19
C SER E 511 -17.84 77.26 -22.42
N GLY E 512 -18.84 76.38 -22.32
CA GLY E 512 -18.65 74.98 -22.64
C GLY E 512 -18.29 74.09 -21.48
N LEU E 513 -19.01 74.22 -20.37
CA LEU E 513 -18.80 73.38 -19.21
C LEU E 513 -20.01 72.55 -18.82
N PHE E 514 -21.22 72.99 -19.17
CA PHE E 514 -22.43 72.27 -18.82
C PHE E 514 -23.39 72.28 -20.01
N PHE E 515 -24.29 71.30 -20.01
CA PHE E 515 -25.29 71.18 -21.07
C PHE E 515 -26.60 71.84 -20.64
N LYS E 516 -27.19 72.60 -21.56
CA LYS E 516 -28.36 73.41 -21.22
C LYS E 516 -29.56 72.53 -20.88
N ARG E 517 -29.88 71.56 -21.75
CA ARG E 517 -31.05 70.73 -21.54
C ARG E 517 -30.70 69.26 -21.61
N PHE E 518 -29.65 68.93 -22.35
CA PHE E 518 -29.32 67.55 -22.65
C PHE E 518 -28.82 66.82 -21.41
N SER E 519 -29.22 65.57 -21.28
CA SER E 519 -28.73 64.68 -20.23
C SER E 519 -27.94 63.55 -20.90
N LEU E 520 -26.62 63.57 -20.74
CA LEU E 520 -25.80 62.49 -21.25
C LEU E 520 -26.11 61.17 -20.57
N HIS E 521 -26.76 61.21 -19.40
CA HIS E 521 -27.15 59.98 -18.73
C HIS E 521 -28.18 59.21 -19.54
N ASN E 522 -29.12 59.91 -20.17
CA ASN E 522 -30.12 59.23 -21.00
C ASN E 522 -29.46 58.56 -22.20
N LEU E 523 -28.55 59.26 -22.87
CA LEU E 523 -27.86 58.67 -24.02
C LEU E 523 -27.00 57.49 -23.58
N SER E 524 -26.36 57.60 -22.42
CA SER E 524 -25.57 56.48 -21.90
C SER E 524 -26.46 55.28 -21.60
N SER E 525 -27.65 55.53 -21.03
CA SER E 525 -28.58 54.44 -20.77
C SER E 525 -29.02 53.77 -22.06
N ARG E 526 -29.31 54.57 -23.09
CA ARG E 526 -29.69 54.00 -24.37
C ARG E 526 -28.56 53.18 -24.98
N ILE E 527 -27.33 53.68 -24.91
CA ILE E 527 -26.18 52.96 -25.44
C ILE E 527 -25.98 51.64 -24.70
N ASN E 528 -26.07 51.68 -23.37
CA ASN E 528 -25.91 50.46 -22.60
C ASN E 528 -27.01 49.45 -22.92
N LYS E 529 -28.25 49.92 -23.04
CA LYS E 529 -29.35 49.03 -23.38
C LYS E 529 -29.13 48.38 -24.73
N VAL E 530 -28.64 49.15 -25.70
CA VAL E 530 -28.44 48.59 -27.04
C VAL E 530 -27.27 47.61 -27.05
N SER E 531 -26.17 47.96 -26.38
CA SER E 531 -24.92 47.23 -26.50
C SER E 531 -24.72 46.15 -25.44
N ARG E 532 -25.66 45.96 -24.52
CA ARG E 532 -25.52 44.88 -23.55
C ARG E 532 -25.42 43.52 -24.23
N LYS E 533 -25.93 43.40 -25.46
CA LYS E 533 -25.89 42.15 -26.18
C LYS E 533 -24.50 41.90 -26.76
N LEU E 534 -23.69 42.95 -26.83
CA LEU E 534 -22.32 42.85 -27.27
C LEU E 534 -21.37 42.82 -26.07
N ASN E 535 -21.90 42.70 -24.86
CA ASN E 535 -21.12 42.51 -23.64
C ASN E 535 -20.29 43.74 -23.25
N ARG E 536 -20.58 44.91 -23.83
CA ARG E 536 -19.87 46.14 -23.48
C ARG E 536 -20.78 47.04 -22.67
N TYR E 537 -20.29 47.48 -21.51
CA TYR E 537 -20.97 48.46 -20.69
C TYR E 537 -20.24 49.79 -20.80
N PHE E 538 -21.01 50.85 -21.01
CA PHE E 538 -20.45 52.19 -21.16
C PHE E 538 -20.84 53.01 -19.94
N MET E 539 -19.86 53.30 -19.10
CA MET E 539 -20.08 54.13 -17.93
C MET E 539 -20.25 55.59 -18.35
N THR E 540 -21.18 56.28 -17.68
CA THR E 540 -21.51 57.64 -18.06
C THR E 540 -20.32 58.58 -17.89
N THR E 541 -19.60 58.45 -16.79
CA THR E 541 -18.47 59.31 -16.49
C THR E 541 -17.27 58.47 -16.10
N THR E 542 -16.09 59.10 -16.10
CA THR E 542 -14.86 58.41 -15.77
C THR E 542 -14.89 57.93 -14.31
N ILE E 543 -13.99 57.00 -14.00
CA ILE E 543 -13.90 56.46 -12.64
C ILE E 543 -13.64 57.57 -11.64
N GLU E 544 -12.65 58.42 -11.95
CA GLU E 544 -12.40 59.61 -11.15
C GLU E 544 -13.58 60.58 -11.19
N GLY E 545 -14.38 60.54 -12.26
CA GLY E 545 -15.61 61.30 -12.26
C GLY E 545 -16.72 60.62 -11.48
N ALA E 546 -16.67 59.29 -11.39
CA ALA E 546 -17.69 58.56 -10.65
C ALA E 546 -17.47 58.65 -9.15
N LEU E 547 -16.22 58.73 -8.69
CA LEU E 547 -15.95 58.86 -7.27
C LEU E 547 -16.29 60.25 -6.77
N ILE E 548 -15.95 61.28 -7.55
CA ILE E 548 -16.23 62.67 -7.18
C ILE E 548 -17.61 62.99 -7.71
N ASN E 549 -18.63 62.68 -6.91
CA ASN E 549 -20.01 63.03 -7.23
C ASN E 549 -20.57 63.90 -6.12
N GLU E 550 -21.71 64.53 -6.42
CA GLU E 550 -22.30 65.49 -5.49
C GLU E 550 -22.66 64.85 -4.16
N GLN E 551 -23.00 63.56 -4.17
CA GLN E 551 -23.41 62.90 -2.93
C GLN E 551 -22.23 62.61 -2.00
N SER E 552 -21.04 62.40 -2.56
CA SER E 552 -19.88 62.03 -1.76
C SER E 552 -18.98 63.22 -1.43
N LEU E 553 -19.37 64.44 -1.79
CA LEU E 553 -18.54 65.60 -1.50
C LEU E 553 -18.26 65.80 -0.02
N PRO E 554 -19.23 65.65 0.91
CA PRO E 554 -18.87 65.77 2.33
C PRO E 554 -17.73 64.85 2.74
N TYR E 555 -17.84 63.55 2.47
CA TYR E 555 -16.79 62.62 2.81
C TYR E 555 -15.47 63.00 2.15
N PHE E 556 -15.50 63.40 0.87
CA PHE E 556 -14.32 63.93 0.22
C PHE E 556 -13.69 65.05 1.05
N PHE E 557 -14.50 66.03 1.44
CA PHE E 557 -13.98 67.08 2.30
C PHE E 557 -13.44 66.51 3.60
N ASN E 558 -14.17 65.57 4.20
CA ASN E 558 -13.65 64.89 5.39
C ASN E 558 -12.28 64.29 5.11
N TRP E 559 -12.14 63.62 3.95
CA TRP E 559 -10.84 63.05 3.60
C TRP E 559 -9.76 64.13 3.60
N ILE E 560 -10.06 65.27 3.00
CA ILE E 560 -9.08 66.36 2.99
C ILE E 560 -8.73 66.75 4.42
N GLY E 561 -9.75 66.88 5.27
CA GLY E 561 -9.46 67.17 6.67
C GLY E 561 -8.52 66.16 7.26
N ASP E 562 -8.75 64.87 6.98
CA ASP E 562 -7.85 63.84 7.48
C ASP E 562 -6.43 64.09 6.99
N VAL E 563 -6.26 64.34 5.69
CA VAL E 563 -4.90 64.48 5.17
C VAL E 563 -4.28 65.77 5.70
N ILE E 564 -5.10 66.67 6.23
CA ILE E 564 -4.55 67.85 6.89
C ILE E 564 -4.24 67.54 8.35
N LEU E 565 -5.11 66.78 9.01
CA LEU E 565 -5.02 66.65 10.46
C LEU E 565 -4.06 65.55 10.89
N THR E 566 -4.01 64.44 10.16
CA THR E 566 -3.22 63.29 10.57
C THR E 566 -2.01 63.03 9.70
N GLN E 567 -2.11 63.24 8.39
CA GLN E 567 -1.03 62.93 7.46
C GLN E 567 -0.02 64.06 7.33
N MET E 568 -0.22 65.18 8.02
CA MET E 568 0.68 66.32 7.94
C MET E 568 1.58 66.39 9.17
N THR E 569 2.79 66.90 8.97
CA THR E 569 3.80 67.03 10.01
C THR E 569 4.46 68.39 9.90
N ILE E 570 5.43 68.64 10.78
CA ILE E 570 6.12 69.92 10.88
C ILE E 570 7.51 69.78 10.28
N ASN E 571 7.86 70.71 9.39
CA ASN E 571 9.12 70.65 8.65
C ASN E 571 10.23 71.41 9.39
N ASN E 572 10.60 70.88 10.55
CA ASN E 572 11.71 71.44 11.32
C ASN E 572 12.15 70.48 12.42
N PRO E 573 13.46 70.32 12.64
CA PRO E 573 13.93 69.47 13.75
C PRO E 573 13.66 70.04 15.13
N ASN E 574 13.26 71.32 15.24
CA ASN E 574 12.98 71.96 16.51
C ASN E 574 11.58 72.56 16.44
N PRO E 575 10.55 71.76 16.73
CA PRO E 575 9.17 72.27 16.56
C PRO E 575 8.86 73.52 17.38
N ASP E 576 9.42 73.66 18.58
CA ASP E 576 9.03 74.75 19.46
C ASP E 576 9.42 76.10 18.89
N LYS E 577 10.74 76.32 18.71
CA LYS E 577 11.22 77.59 18.19
C LYS E 577 10.69 77.86 16.78
N PHE E 578 10.59 76.81 15.97
CA PHE E 578 10.06 76.95 14.62
C PHE E 578 8.63 77.48 14.63
N ILE E 579 7.75 76.82 15.39
CA ILE E 579 6.35 77.21 15.39
C ILE E 579 6.18 78.59 16.02
N GLU E 580 6.98 78.91 17.05
CA GLU E 580 6.91 80.25 17.63
C GLU E 580 7.36 81.31 16.63
N ALA E 581 8.45 81.04 15.90
CA ALA E 581 8.99 82.02 14.96
C ALA E 581 8.02 82.28 13.82
N MET E 582 7.42 81.23 13.26
CA MET E 582 6.45 81.47 12.18
C MET E 582 5.09 81.92 12.67
N ARG E 583 4.76 81.70 13.94
CA ARG E 583 3.60 82.38 14.50
C ARG E 583 3.86 83.88 14.60
N ARG E 584 5.07 84.26 15.00
CA ARG E 584 5.42 85.68 15.08
C ARG E 584 5.44 86.33 13.71
N ARG E 585 6.14 85.71 12.75
CA ARG E 585 6.41 86.37 11.48
C ARG E 585 5.15 86.51 10.64
N TYR E 586 4.38 85.44 10.51
CA TYR E 586 3.20 85.42 9.66
C TYR E 586 1.95 85.45 10.51
N ASN E 587 1.01 86.35 10.16
CA ASN E 587 -0.23 86.46 10.90
C ASN E 587 -1.10 85.23 10.67
N ILE E 588 -1.86 84.87 11.71
CA ILE E 588 -2.72 83.70 11.63
C ILE E 588 -3.86 83.95 10.65
N LYS E 589 -4.40 85.17 10.64
CA LYS E 589 -5.59 85.48 9.84
C LYS E 589 -5.22 85.93 8.42
N SER E 590 -4.46 87.02 8.30
CA SER E 590 -4.20 87.61 7.00
C SER E 590 -3.16 86.86 6.19
N GLN E 591 -2.37 85.99 6.83
CA GLN E 591 -1.32 85.25 6.16
C GLN E 591 -1.38 83.77 6.53
N VAL E 592 -2.59 83.21 6.50
CA VAL E 592 -2.76 81.81 6.88
C VAL E 592 -2.11 80.88 5.85
N VAL E 593 -2.20 81.22 4.58
CA VAL E 593 -1.69 80.35 3.51
C VAL E 593 -0.17 80.21 3.60
N PRO E 594 0.62 81.29 3.66
CA PRO E 594 2.07 81.10 3.78
C PRO E 594 2.48 80.48 5.11
N LEU E 595 1.74 80.78 6.19
CA LEU E 595 2.03 80.16 7.47
C LEU E 595 1.85 78.65 7.40
N PHE E 596 0.76 78.19 6.78
CA PHE E 596 0.54 76.76 6.62
C PHE E 596 1.57 76.15 5.69
N LYS E 597 1.96 76.87 4.63
CA LYS E 597 2.96 76.35 3.71
C LYS E 597 4.30 76.15 4.41
N SER E 598 4.71 77.10 5.24
CA SER E 598 5.99 76.98 5.93
C SER E 598 5.92 75.96 7.06
N VAL E 599 4.82 75.94 7.80
CA VAL E 599 4.76 75.11 9.01
C VAL E 599 4.53 73.64 8.65
N PHE E 600 3.47 73.37 7.88
CA PHE E 600 3.00 72.01 7.67
C PHE E 600 3.46 71.47 6.32
N CYS E 601 3.71 70.15 6.28
CA CYS E 601 4.05 69.47 5.05
C CYS E 601 3.65 68.02 5.18
N ILE E 602 3.34 67.40 4.05
CA ILE E 602 2.94 66.00 4.03
C ILE E 602 4.17 65.13 4.24
N GLY E 603 4.10 64.22 5.22
CA GLY E 603 5.19 63.32 5.51
C GLY E 603 4.73 62.00 6.09
N LEU E 604 5.34 60.90 5.65
CA LEU E 604 4.95 59.58 6.17
C LEU E 604 5.26 59.46 7.65
N ASN E 605 6.41 59.95 8.09
CA ASN E 605 6.82 59.86 9.49
C ASN E 605 6.26 61.05 10.25
N HIS E 606 5.69 60.78 11.43
CA HIS E 606 5.08 61.80 12.27
C HIS E 606 5.86 61.91 13.57
N PRO E 607 6.88 62.76 13.64
CA PRO E 607 7.62 62.92 14.90
C PRO E 607 6.75 63.55 15.98
N VAL E 608 7.04 63.17 17.22
CA VAL E 608 6.26 63.64 18.36
C VAL E 608 6.61 65.09 18.66
N TYR E 609 5.60 65.93 18.82
CA TYR E 609 5.76 67.34 19.11
C TYR E 609 5.27 67.65 20.52
N SER E 610 5.68 68.81 21.02
CA SER E 610 5.34 69.20 22.38
C SER E 610 3.86 69.57 22.49
N SER E 611 3.38 69.66 23.72
CA SER E 611 1.96 69.97 23.96
C SER E 611 1.61 71.35 23.43
N ALA E 612 2.45 72.35 23.71
CA ALA E 612 2.21 73.69 23.18
C ALA E 612 2.27 73.71 21.66
N VAL E 613 3.27 73.02 21.09
CA VAL E 613 3.39 72.94 19.63
C VAL E 613 2.21 72.20 19.04
N ASP E 614 1.79 71.10 19.67
CA ASP E 614 0.65 70.35 19.16
C ASP E 614 -0.62 71.20 19.20
N LYS E 615 -0.83 71.95 20.29
CA LYS E 615 -2.00 72.80 20.39
C LYS E 615 -1.97 73.91 19.35
N GLN E 616 -0.80 74.54 19.14
CA GLN E 616 -0.69 75.58 18.12
C GLN E 616 -0.96 75.02 16.74
N ALA E 617 -0.40 73.85 16.43
CA ALA E 617 -0.63 73.23 15.14
C ALA E 617 -2.09 72.88 14.94
N LEU E 618 -2.74 72.37 15.99
CA LEU E 618 -4.17 72.05 15.90
C LEU E 618 -5.00 73.30 15.64
N ARG E 619 -4.67 74.39 16.33
CA ARG E 619 -5.41 75.63 16.12
C ARG E 619 -5.22 76.17 14.72
N ILE E 620 -3.99 76.14 14.21
CA ILE E 620 -3.73 76.59 12.84
C ILE E 620 -4.46 75.70 11.84
N LYS E 621 -4.48 74.39 12.10
CA LYS E 621 -5.19 73.47 11.22
C LYS E 621 -6.68 73.76 11.19
N LEU E 622 -7.28 74.00 12.35
CA LEU E 622 -8.71 74.29 12.40
C LEU E 622 -9.02 75.61 11.69
N SER E 623 -8.17 76.62 11.90
CA SER E 623 -8.37 77.89 11.21
C SER E 623 -8.26 77.73 9.70
N PHE E 624 -7.27 76.95 9.24
CA PHE E 624 -7.11 76.73 7.81
C PHE E 624 -8.28 75.93 7.24
N LEU E 625 -8.80 74.96 8.00
CA LEU E 625 -9.96 74.20 7.55
C LEU E 625 -11.17 75.10 7.38
N ASN E 626 -11.43 75.96 8.36
CA ASN E 626 -12.54 76.90 8.25
C ASN E 626 -12.35 77.85 7.08
N TYR E 627 -11.12 78.37 6.91
CA TYR E 627 -10.84 79.25 5.79
C TYR E 627 -11.08 78.53 4.46
N LEU E 628 -10.61 77.30 4.35
CA LEU E 628 -10.76 76.57 3.09
C LEU E 628 -12.22 76.30 2.80
N LYS E 629 -13.01 75.94 3.82
CA LYS E 629 -14.43 75.74 3.62
C LYS E 629 -15.10 77.03 3.14
N ARG E 630 -14.78 78.15 3.79
CA ARG E 630 -15.35 79.43 3.39
C ARG E 630 -15.00 79.76 1.95
N LYS E 631 -13.72 79.65 1.60
CA LYS E 631 -13.29 80.04 0.26
C LYS E 631 -13.83 79.11 -0.81
N VAL E 632 -13.94 77.80 -0.50
CA VAL E 632 -14.53 76.87 -1.46
C VAL E 632 -15.99 77.21 -1.69
N TYR E 633 -16.74 77.50 -0.63
CA TYR E 633 -18.14 77.86 -0.81
C TYR E 633 -18.32 79.23 -1.42
N SER E 634 -17.30 80.09 -1.37
CA SER E 634 -17.42 81.45 -1.89
C SER E 634 -17.00 81.56 -3.36
N ASP E 635 -15.83 81.04 -3.70
CA ASP E 635 -15.31 81.24 -5.06
C ASP E 635 -16.15 80.53 -6.11
N PHE E 636 -16.79 79.43 -5.76
CA PHE E 636 -17.60 78.66 -6.70
C PHE E 636 -19.08 78.91 -6.42
N ASN E 637 -19.84 79.15 -7.48
CA ASN E 637 -21.24 79.55 -7.33
C ASN E 637 -22.08 78.42 -6.76
N ASN E 638 -21.88 77.19 -7.22
CA ASN E 638 -22.75 76.09 -6.86
C ASN E 638 -21.92 74.82 -6.69
N GLU E 639 -22.56 73.80 -6.11
CA GLU E 639 -21.88 72.54 -5.84
C GLU E 639 -21.44 71.85 -7.12
N LYS E 640 -22.17 72.05 -8.22
CA LYS E 640 -21.79 71.45 -9.49
C LYS E 640 -20.45 71.98 -9.97
N GLU E 641 -20.21 73.28 -9.81
CA GLU E 641 -18.92 73.84 -10.17
C GLU E 641 -17.81 73.27 -9.30
N ILE E 642 -18.09 73.04 -8.02
CA ILE E 642 -17.10 72.44 -7.13
C ILE E 642 -16.75 71.02 -7.59
N VAL E 643 -17.77 70.22 -7.90
CA VAL E 643 -17.53 68.87 -8.36
C VAL E 643 -16.74 68.88 -9.66
N LEU E 644 -17.11 69.76 -10.59
CA LEU E 644 -16.40 69.83 -11.86
C LEU E 644 -14.94 70.23 -11.65
N ALA E 645 -14.69 71.21 -10.79
CA ALA E 645 -13.32 71.64 -10.53
C ALA E 645 -12.49 70.52 -9.92
N LEU E 646 -13.05 69.80 -8.95
CA LEU E 646 -12.32 68.69 -8.35
C LEU E 646 -12.05 67.60 -9.38
N ARG E 647 -13.04 67.30 -10.22
CA ARG E 647 -12.84 66.27 -11.23
C ARG E 647 -11.73 66.65 -12.19
N LEU E 648 -11.75 67.90 -12.70
CA LEU E 648 -10.70 68.32 -13.62
C LEU E 648 -9.34 68.33 -12.94
N ALA E 649 -9.28 68.79 -11.69
CA ALA E 649 -7.99 68.92 -11.01
C ALA E 649 -7.28 67.58 -10.84
N PHE E 650 -8.03 66.49 -10.79
CA PHE E 650 -7.49 65.14 -10.74
C PHE E 650 -7.36 64.50 -12.11
N GLY E 651 -7.59 65.25 -13.19
CA GLY E 651 -7.50 64.71 -14.52
C GLY E 651 -8.81 64.30 -15.15
N GLY E 652 -9.94 64.72 -14.60
CA GLY E 652 -11.24 64.30 -15.07
C GLY E 652 -11.68 65.03 -16.32
N LYS E 653 -12.96 64.86 -16.65
CA LYS E 653 -13.58 65.51 -17.79
C LYS E 653 -14.90 66.12 -17.36
N THR E 654 -15.34 67.11 -18.14
CA THR E 654 -16.58 67.84 -17.83
C THR E 654 -17.77 67.02 -18.31
N GLU E 655 -18.97 67.61 -18.20
CA GLU E 655 -20.13 67.02 -18.85
C GLU E 655 -19.94 66.99 -20.36
N THR E 656 -19.14 67.89 -20.89
CA THR E 656 -18.81 67.92 -22.31
C THR E 656 -17.61 67.05 -22.64
N GLN E 657 -17.08 66.32 -21.66
CA GLN E 657 -15.97 65.38 -21.86
C GLN E 657 -14.72 66.09 -22.35
N TYR E 658 -14.21 66.99 -21.51
CA TYR E 658 -13.00 67.75 -21.81
C TYR E 658 -12.04 67.68 -20.62
N THR E 659 -10.79 67.37 -20.90
CA THR E 659 -9.76 67.34 -19.87
C THR E 659 -9.13 68.72 -19.70
N LEU E 660 -8.37 68.88 -18.61
CA LEU E 660 -7.68 70.15 -18.37
C LEU E 660 -6.66 70.43 -19.47
N ASP E 661 -5.91 69.42 -19.88
CA ASP E 661 -4.95 69.61 -20.98
C ASP E 661 -5.67 69.92 -22.28
N LYS E 662 -6.82 69.28 -22.52
CA LYS E 662 -7.59 69.57 -23.72
C LYS E 662 -8.06 71.02 -23.73
N LEU E 663 -8.56 71.50 -22.59
CA LEU E 663 -8.99 72.89 -22.51
C LEU E 663 -7.81 73.84 -22.70
N ARG E 664 -6.66 73.50 -22.11
CA ARG E 664 -5.48 74.36 -22.23
C ARG E 664 -5.01 74.44 -23.68
N LYS E 665 -4.99 73.31 -24.39
CA LYS E 665 -4.60 73.34 -25.79
C LYS E 665 -5.62 74.09 -26.63
N ASP E 666 -6.91 73.84 -26.40
CA ASP E 666 -7.94 74.51 -27.18
C ASP E 666 -8.10 75.98 -26.78
N GLY E 667 -8.09 76.27 -25.49
CA GLY E 667 -8.15 77.63 -25.02
C GLY E 667 -9.46 78.08 -24.39
N GLU E 668 -10.39 77.17 -24.12
CA GLU E 668 -11.66 77.51 -23.50
C GLU E 668 -11.55 77.41 -21.98
N ALA E 669 -12.58 77.95 -21.31
CA ALA E 669 -12.68 77.92 -19.85
C ALA E 669 -11.45 78.52 -19.19
N GLU E 670 -11.07 79.71 -19.68
CA GLU E 670 -9.89 80.38 -19.13
C GLU E 670 -10.08 80.73 -17.66
N LEU E 671 -11.25 81.26 -17.31
CA LEU E 671 -11.49 81.68 -15.93
C LEU E 671 -11.46 80.48 -14.98
N PHE E 672 -12.12 79.39 -15.36
CA PHE E 672 -12.13 78.19 -14.53
C PHE E 672 -10.73 77.61 -14.38
N ARG E 673 -9.97 77.59 -15.48
CA ARG E 673 -8.61 77.09 -15.43
C ARG E 673 -7.75 77.93 -14.51
N GLU E 674 -7.87 79.26 -14.58
CA GLU E 674 -7.09 80.12 -13.70
C GLU E 674 -7.51 79.97 -12.24
N LYS E 675 -8.80 79.77 -11.98
CA LYS E 675 -9.25 79.54 -10.61
C LYS E 675 -8.64 78.24 -10.07
N ILE E 676 -8.66 77.18 -10.87
CA ILE E 676 -8.10 75.90 -10.43
C ILE E 676 -6.59 76.04 -10.22
N LYS E 677 -5.91 76.77 -11.10
CA LYS E 677 -4.48 77.00 -10.92
C LYS E 677 -4.18 77.77 -9.64
N ASN E 678 -4.99 78.78 -9.34
CA ASN E 678 -4.83 79.52 -8.09
C ASN E 678 -5.03 78.61 -6.89
N TYR E 679 -6.04 77.74 -6.95
CA TYR E 679 -6.29 76.83 -5.83
C TYR E 679 -5.16 75.83 -5.66
N LYS E 680 -4.59 75.34 -6.76
CA LYS E 680 -3.53 74.34 -6.64
C LYS E 680 -2.21 74.98 -6.20
N ASN E 681 -1.97 76.24 -6.59
CA ASN E 681 -0.73 76.89 -6.20
C ASN E 681 -0.79 77.58 -4.86
N ASN E 682 -1.98 77.83 -4.31
CA ASN E 682 -2.10 78.53 -3.04
C ASN E 682 -2.69 77.65 -1.95
N GLU E 683 -3.88 77.10 -2.14
CA GLU E 683 -4.58 76.42 -1.07
C GLU E 683 -4.34 74.91 -1.07
N LEU E 684 -4.33 74.29 -2.24
CA LEU E 684 -4.16 72.84 -2.37
C LEU E 684 -2.73 72.46 -2.77
N PHE E 685 -1.74 73.24 -2.31
CA PHE E 685 -0.36 72.92 -2.62
C PHE E 685 0.06 71.57 -2.02
N PHE E 686 -0.49 71.22 -0.87
CA PHE E 686 -0.16 69.94 -0.25
C PHE E 686 -0.77 68.77 -0.98
N LEU E 687 -1.96 68.94 -1.54
CA LEU E 687 -2.62 67.89 -2.31
C LEU E 687 -2.17 67.84 -3.76
N GLU E 688 -1.28 68.74 -4.19
CA GLU E 688 -0.82 68.69 -5.57
C GLU E 688 -0.16 67.38 -5.95
N PRO E 689 0.75 66.79 -5.16
CA PRO E 689 1.34 65.50 -5.57
C PRO E 689 0.32 64.39 -5.70
N GLN E 690 -0.84 64.51 -5.05
CA GLN E 690 -1.89 63.51 -5.15
C GLN E 690 -2.90 63.83 -6.24
N MET E 691 -2.68 64.89 -7.03
CA MET E 691 -3.56 65.25 -8.13
C MET E 691 -3.37 64.35 -9.35
N THR E 692 -2.32 63.54 -9.39
CA THR E 692 -2.06 62.75 -10.58
C THR E 692 -2.95 61.51 -10.60
N LYS E 693 -3.12 60.97 -11.81
CA LYS E 693 -3.96 59.79 -11.97
C LYS E 693 -3.35 58.56 -11.32
N THR E 694 -2.01 58.48 -11.32
CA THR E 694 -1.31 57.34 -10.75
C THR E 694 -0.85 57.58 -9.31
N SER E 695 -1.29 58.68 -8.69
CA SER E 695 -0.87 58.97 -7.33
C SER E 695 -1.45 57.97 -6.33
N GLY E 696 -2.49 57.23 -6.70
CA GLY E 696 -3.13 56.35 -5.76
C GLY E 696 -4.06 57.04 -4.79
N TRP E 697 -4.55 58.23 -5.12
CA TRP E 697 -5.51 58.89 -4.24
C TRP E 697 -6.83 58.13 -4.17
N VAL E 698 -7.11 57.28 -5.16
CA VAL E 698 -8.34 56.48 -5.13
C VAL E 698 -8.35 55.53 -3.95
N THR E 699 -7.22 54.86 -3.71
CA THR E 699 -7.17 53.87 -2.64
C THR E 699 -7.36 54.52 -1.27
N THR E 700 -6.65 55.62 -1.02
CA THR E 700 -6.82 56.33 0.24
C THR E 700 -8.24 56.85 0.39
N PHE E 701 -8.79 57.42 -0.70
CA PHE E 701 -10.16 57.91 -0.67
C PHE E 701 -11.12 56.81 -0.25
N LEU E 702 -11.08 55.66 -0.93
CA LEU E 702 -12.04 54.61 -0.64
C LEU E 702 -11.81 54.01 0.74
N ASN E 703 -10.56 53.83 1.15
CA ASN E 703 -10.30 53.26 2.46
C ASN E 703 -10.84 54.15 3.56
N TYR E 704 -10.54 55.45 3.49
CA TYR E 704 -11.06 56.37 4.49
C TYR E 704 -12.58 56.41 4.46
N THR E 705 -13.16 56.43 3.27
CA THR E 705 -14.62 56.52 3.16
C THR E 705 -15.30 55.31 3.79
N ILE E 706 -14.84 54.11 3.42
CA ILE E 706 -15.47 52.90 3.94
C ILE E 706 -15.26 52.78 5.45
N GLU E 707 -14.06 53.10 5.93
CA GLU E 707 -13.84 53.06 7.38
C GLU E 707 -14.74 54.05 8.10
N LYS E 708 -14.90 55.25 7.55
CA LYS E 708 -15.75 56.26 8.19
C LYS E 708 -17.20 55.80 8.23
N ILE E 709 -17.71 55.28 7.11
CA ILE E 709 -19.11 54.85 7.10
C ILE E 709 -19.31 53.64 8.01
N THR E 710 -18.33 52.74 8.09
CA THR E 710 -18.43 51.63 9.02
C THR E 710 -18.46 52.14 10.46
N SER E 711 -17.71 53.20 10.75
CA SER E 711 -17.85 53.85 12.05
C SER E 711 -19.25 54.44 12.22
N GLU E 712 -19.86 54.89 11.12
CA GLU E 712 -21.19 55.49 11.22
C GLU E 712 -22.27 54.45 11.47
N GLU E 713 -22.24 53.34 10.75
CA GLU E 713 -23.28 52.32 10.84
C GLU E 713 -22.67 50.94 11.00
N SER E 714 -23.38 50.07 11.74
CA SER E 714 -22.85 48.77 12.15
C SER E 714 -23.51 47.59 11.45
N ASP E 715 -24.32 47.80 10.41
CA ASP E 715 -25.02 46.72 9.73
C ASP E 715 -24.46 46.55 8.31
N ASP E 716 -24.22 45.30 7.93
CA ASP E 716 -23.62 45.02 6.62
C ASP E 716 -24.55 45.40 5.48
N ASP E 717 -25.83 45.02 5.57
CA ASP E 717 -26.77 45.42 4.53
C ASP E 717 -26.92 46.94 4.50
N ARG E 718 -26.98 47.56 5.69
CA ARG E 718 -27.07 49.01 5.76
C ARG E 718 -25.81 49.67 5.21
N ILE E 719 -24.64 49.11 5.50
CA ILE E 719 -23.40 49.72 5.00
C ILE E 719 -23.35 49.60 3.48
N ARG E 720 -23.83 48.48 2.94
CA ARG E 720 -23.92 48.36 1.49
C ARG E 720 -24.89 49.38 0.92
N GLN E 721 -26.00 49.63 1.62
CA GLN E 721 -26.95 50.63 1.16
C GLN E 721 -26.31 52.03 1.15
N LYS E 722 -25.55 52.37 2.19
CA LYS E 722 -24.91 53.68 2.23
C LYS E 722 -23.87 53.80 1.13
N LEU E 723 -23.09 52.75 0.89
CA LEU E 723 -22.11 52.79 -0.19
C LEU E 723 -22.79 52.92 -1.54
N SER E 724 -23.93 52.25 -1.72
CA SER E 724 -24.69 52.39 -2.96
C SER E 724 -25.19 53.82 -3.14
N PHE E 725 -25.64 54.44 -2.06
CA PHE E 725 -26.08 55.84 -2.14
C PHE E 725 -24.92 56.76 -2.48
N ILE E 726 -23.75 56.53 -1.89
CA ILE E 726 -22.62 57.44 -2.08
C ILE E 726 -22.05 57.33 -3.49
N PHE E 727 -21.88 56.10 -3.98
CA PHE E 727 -21.37 55.84 -5.33
C PHE E 727 -22.44 55.09 -6.12
N PRO E 728 -23.47 55.79 -6.61
CA PRO E 728 -24.52 55.08 -7.35
C PRO E 728 -23.99 54.31 -8.55
N GLU E 729 -23.04 54.88 -9.30
CA GLU E 729 -22.66 54.30 -10.58
C GLU E 729 -21.65 53.16 -10.41
N ILE E 730 -20.62 53.36 -9.59
CA ILE E 730 -19.66 52.30 -9.35
C ILE E 730 -20.34 51.12 -8.68
N ILE E 731 -21.17 51.38 -7.68
CA ILE E 731 -21.88 50.30 -7.02
C ILE E 731 -22.88 49.66 -7.97
N SER E 732 -23.48 50.43 -8.87
CA SER E 732 -24.37 49.84 -9.86
C SER E 732 -23.62 48.87 -10.77
N ILE E 733 -22.41 49.26 -11.20
CA ILE E 733 -21.60 48.37 -12.02
C ILE E 733 -21.24 47.11 -11.24
N ILE E 734 -20.85 47.28 -9.98
CA ILE E 734 -20.46 46.14 -9.15
C ILE E 734 -21.65 45.21 -8.94
N GLU E 735 -22.83 45.78 -8.71
CA GLU E 735 -24.02 44.97 -8.45
C GLU E 735 -24.47 44.23 -9.71
N GLN E 736 -24.41 44.89 -10.87
CA GLN E 736 -24.73 44.21 -12.12
C GLN E 736 -23.75 43.08 -12.38
N ALA E 737 -22.46 43.33 -12.15
CA ALA E 737 -21.46 42.29 -12.34
C ALA E 737 -21.70 41.14 -11.37
N SER E 738 -22.06 41.44 -10.12
CA SER E 738 -22.31 40.39 -9.15
C SER E 738 -23.54 39.57 -9.50
N SER E 739 -24.59 40.22 -10.00
CA SER E 739 -25.77 39.50 -10.42
C SER E 739 -25.47 38.59 -11.60
N SER E 740 -24.71 39.10 -12.58
CA SER E 740 -24.31 38.25 -13.70
C SER E 740 -23.41 37.11 -13.24
N ILE E 741 -22.53 37.37 -12.26
CA ILE E 741 -21.65 36.34 -11.73
C ILE E 741 -22.47 35.25 -11.07
N GLU E 742 -23.48 35.62 -10.29
CA GLU E 742 -24.33 34.62 -9.64
C GLU E 742 -25.14 33.85 -10.67
N ALA E 743 -25.64 34.53 -11.70
CA ALA E 743 -26.38 33.85 -12.76
C ALA E 743 -25.50 32.82 -13.46
N GLU E 744 -24.27 33.21 -13.81
CA GLU E 744 -23.38 32.28 -14.49
C GLU E 744 -22.80 31.23 -13.56
N GLU E 745 -22.77 31.50 -12.25
CA GLU E 745 -22.38 30.49 -11.28
C GLU E 745 -23.46 29.43 -11.16
N SER E 746 -24.72 29.86 -11.18
CA SER E 746 -25.83 28.91 -11.32
C SER E 746 -25.82 28.24 -12.69
N SER E 747 -25.28 28.89 -13.70
CA SER E 747 -25.09 28.24 -15.00
C SER E 747 -24.02 27.16 -14.93
N LEU E 748 -23.01 27.36 -14.07
CA LEU E 748 -21.98 26.34 -13.87
C LEU E 748 -22.33 25.43 -12.70
N THR E 749 -22.44 26.00 -11.49
CA THR E 749 -22.60 25.19 -10.30
C THR E 749 -24.05 24.90 -9.94
N GLY E 750 -25.01 25.51 -10.63
CA GLY E 750 -26.41 25.30 -10.32
C GLY E 750 -27.17 24.57 -11.41
N MET F 1 31.40 -25.51 10.00
CA MET F 1 30.23 -24.70 10.35
C MET F 1 30.38 -23.27 9.84
N THR F 2 29.37 -22.44 10.14
CA THR F 2 29.38 -21.04 9.76
C THR F 2 29.31 -20.12 10.98
N ILE F 3 28.34 -20.33 11.86
CA ILE F 3 28.16 -19.53 13.07
C ILE F 3 28.26 -20.45 14.26
N GLU F 4 29.19 -20.15 15.17
CA GLU F 4 29.36 -20.99 16.34
C GLU F 4 28.35 -20.65 17.43
N SER F 5 28.14 -19.36 17.70
CA SER F 5 27.25 -18.98 18.78
C SER F 5 26.68 -17.59 18.52
N ILE F 6 25.51 -17.36 19.12
CA ILE F 6 24.87 -16.05 19.17
C ILE F 6 24.41 -15.82 20.60
N ARG F 7 24.83 -14.70 21.19
CA ARG F 7 24.53 -14.41 22.58
C ARG F 7 23.89 -13.05 22.70
N VAL F 8 22.74 -12.98 23.36
CA VAL F 8 22.01 -11.74 23.56
C VAL F 8 21.82 -11.53 25.05
N LYS F 9 22.21 -10.37 25.54
CA LYS F 9 22.08 -10.02 26.95
C LYS F 9 21.27 -8.74 27.08
N ASN F 10 20.15 -8.81 27.80
CA ASN F 10 19.35 -7.65 28.17
C ASN F 10 18.91 -6.86 26.94
N LEU F 11 18.19 -7.53 26.04
CA LEU F 11 17.61 -6.88 24.88
C LEU F 11 16.27 -7.51 24.58
N LEU F 12 15.28 -6.66 24.30
CA LEU F 12 13.91 -7.09 24.02
C LEU F 12 13.41 -8.01 25.12
N SER F 13 13.08 -9.26 24.79
CA SER F 13 12.61 -10.21 25.78
C SER F 13 13.69 -11.18 26.21
N PHE F 14 14.95 -10.91 25.88
CA PHE F 14 16.05 -11.79 26.21
C PHE F 14 16.77 -11.27 27.45
N ASP F 15 16.91 -12.14 28.45
CA ASP F 15 17.68 -11.80 29.64
C ASP F 15 19.14 -12.15 29.42
N ASP F 16 19.43 -13.43 29.18
CA ASP F 16 20.77 -13.85 28.80
C ASP F 16 20.61 -15.17 28.04
N VAL F 17 20.65 -15.09 26.72
CA VAL F 17 20.34 -16.22 25.86
C VAL F 17 21.56 -16.53 25.00
N ILE F 18 21.97 -17.79 24.99
CA ILE F 18 23.09 -18.24 24.17
C ILE F 18 22.62 -19.40 23.30
N LEU F 19 22.80 -19.26 22.00
CA LEU F 19 22.44 -20.29 21.02
C LEU F 19 23.72 -20.78 20.36
N ARG F 20 23.93 -22.09 20.35
CA ARG F 20 25.12 -22.65 19.75
C ARG F 20 24.78 -24.04 19.20
N ASP F 21 25.81 -24.78 18.81
CA ASP F 21 25.65 -26.12 18.23
C ASP F 21 24.72 -26.09 17.02
N PHE F 22 24.90 -25.10 16.15
CA PHE F 22 24.05 -24.97 14.98
C PHE F 22 24.28 -26.12 14.01
N ARG F 23 23.20 -26.77 13.60
CA ARG F 23 23.26 -27.84 12.63
C ARG F 23 22.88 -27.29 11.26
N ASP F 24 22.83 -28.19 10.27
CA ASP F 24 22.59 -27.75 8.88
C ASP F 24 21.14 -27.29 8.71
N ILE F 25 20.18 -27.87 9.42
CA ILE F 25 18.78 -27.45 9.40
C ILE F 25 18.36 -27.17 10.83
N ASN F 26 17.86 -25.96 11.08
CA ASN F 26 17.45 -25.55 12.43
C ASN F 26 15.97 -25.22 12.41
N CYS F 27 15.18 -26.02 13.12
CA CYS F 27 13.73 -25.86 13.16
C CYS F 27 13.34 -25.19 14.47
N ILE F 28 12.62 -24.08 14.37
CA ILE F 28 12.25 -23.27 15.53
C ILE F 28 10.76 -23.43 15.77
N ILE F 29 10.39 -23.95 16.95
CA ILE F 29 9.01 -24.20 17.30
C ILE F 29 8.75 -23.65 18.69
N GLY F 30 7.48 -23.47 19.00
CA GLY F 30 7.07 -22.99 20.31
C GLY F 30 5.85 -22.10 20.19
N ARG F 31 5.49 -21.50 21.32
CA ARG F 31 4.38 -20.56 21.33
C ARG F 31 4.75 -19.28 20.59
N ASN F 32 3.74 -18.69 19.93
CA ASN F 32 3.99 -17.70 18.90
C ASN F 32 4.61 -16.43 19.48
N ASN F 33 5.71 -15.99 18.86
CA ASN F 33 6.33 -14.69 19.14
C ASN F 33 6.68 -14.52 20.62
N VAL F 34 7.00 -15.63 21.29
CA VAL F 34 7.45 -15.58 22.67
C VAL F 34 8.94 -15.30 22.68
N GLY F 35 9.48 -14.92 21.52
CA GLY F 35 10.90 -14.70 21.36
C GLY F 35 11.40 -15.09 19.99
N LYS F 36 10.53 -15.71 19.18
CA LYS F 36 10.91 -16.01 17.80
C LYS F 36 11.16 -14.73 17.01
N SER F 37 10.14 -13.87 16.94
CA SER F 37 10.30 -12.61 16.24
C SER F 37 11.35 -11.73 16.91
N ASN F 38 11.52 -11.88 18.22
CA ASN F 38 12.57 -11.12 18.90
C ASN F 38 13.96 -11.59 18.49
N LEU F 39 14.16 -12.91 18.37
CA LEU F 39 15.44 -13.40 17.89
C LEU F 39 15.69 -12.96 16.46
N LEU F 40 14.66 -13.01 15.62
CA LEU F 40 14.81 -12.52 14.25
C LEU F 40 15.19 -11.04 14.24
N LYS F 41 14.54 -10.25 15.09
CA LYS F 41 14.85 -8.82 15.17
C LYS F 41 16.29 -8.61 15.61
N VAL F 42 16.75 -9.40 16.58
CA VAL F 42 18.12 -9.26 17.05
C VAL F 42 19.11 -9.56 15.93
N ILE F 43 18.90 -10.66 15.22
CA ILE F 43 19.83 -11.03 14.14
C ILE F 43 19.81 -9.98 13.04
N ARG F 44 18.62 -9.53 12.64
CA ARG F 44 18.52 -8.53 11.60
C ARG F 44 19.18 -7.23 12.02
N TYR F 45 19.01 -6.82 13.28
CA TYR F 45 19.64 -5.59 13.75
C TYR F 45 21.15 -5.73 13.75
N PHE F 46 21.67 -6.87 14.19
CA PHE F 46 23.12 -7.06 14.20
C PHE F 46 23.66 -7.00 12.79
N TYR F 47 23.01 -7.64 11.83
CA TYR F 47 23.52 -7.63 10.47
C TYR F 47 23.27 -6.31 9.76
N ALA F 48 22.32 -5.51 10.22
CA ALA F 48 22.16 -4.17 9.67
C ALA F 48 23.22 -3.22 10.22
N LYS F 49 23.58 -3.38 11.50
CA LYS F 49 24.65 -2.58 12.06
C LYS F 49 26.02 -3.04 11.59
N LEU F 50 26.13 -4.28 11.11
CA LEU F 50 27.39 -4.74 10.54
C LEU F 50 27.74 -3.96 9.28
N GLU F 51 26.74 -3.67 8.46
CA GLU F 51 26.94 -2.95 7.20
C GLU F 51 26.77 -1.45 7.35
N ASN F 52 26.87 -0.93 8.57
CA ASN F 52 26.81 0.51 8.84
C ASN F 52 25.51 1.14 8.32
N LYS F 53 24.40 0.42 8.47
CA LYS F 53 23.09 0.99 8.19
C LYS F 53 22.57 1.70 9.44
N LYS F 54 21.94 2.85 9.24
CA LYS F 54 21.37 3.62 10.35
C LYS F 54 20.01 3.04 10.68
N VAL F 55 19.97 2.15 11.67
CA VAL F 55 18.74 1.54 12.14
C VAL F 55 18.55 1.90 13.60
N ILE F 56 17.29 1.85 14.04
CA ILE F 56 16.96 2.23 15.43
C ILE F 56 17.54 1.19 16.38
N PRO F 57 18.06 1.57 17.54
CA PRO F 57 18.54 0.59 18.50
C PRO F 57 17.40 -0.15 19.15
N LEU F 58 17.71 -1.34 19.66
CA LEU F 58 16.71 -2.19 20.30
C LEU F 58 16.46 -1.72 21.73
N ASP F 59 15.31 -2.11 22.26
CA ASP F 59 14.94 -1.75 23.62
C ASP F 59 15.56 -2.69 24.63
N PHE F 60 15.67 -2.22 25.87
CA PHE F 60 16.25 -3.01 26.95
C PHE F 60 15.19 -3.87 27.60
N HIS F 61 15.59 -5.08 27.99
CA HIS F 61 14.69 -5.95 28.73
C HIS F 61 14.35 -5.36 30.09
N THR F 62 15.35 -4.85 30.81
CA THR F 62 15.15 -4.16 32.06
C THR F 62 16.07 -2.96 32.10
N ASN F 63 15.57 -1.84 32.60
CA ASN F 63 16.33 -0.61 32.58
C ASN F 63 17.31 -0.51 33.74
N TYR F 64 17.42 -1.55 34.57
CA TYR F 64 18.39 -1.58 35.64
C TYR F 64 19.77 -2.04 35.18
N ASN F 65 19.97 -2.18 33.87
CA ASN F 65 21.27 -2.41 33.28
C ASN F 65 21.58 -1.26 32.32
N ALA F 66 22.86 -0.93 32.21
CA ALA F 66 23.23 0.19 31.35
C ALA F 66 23.31 -0.19 29.89
N VAL F 67 23.59 -1.45 29.56
CA VAL F 67 23.88 -1.86 28.18
C VAL F 67 23.25 -3.20 27.84
N GLY F 68 23.13 -3.44 26.55
CA GLY F 68 22.74 -4.76 26.06
C GLY F 68 23.69 -5.21 24.97
N GLU F 69 24.07 -6.49 25.03
CA GLU F 69 25.15 -7.00 24.20
C GLU F 69 24.65 -8.11 23.28
N ILE F 70 25.14 -8.09 22.03
CA ILE F 70 24.92 -9.17 21.08
C ILE F 70 26.28 -9.63 20.59
N THR F 71 26.63 -10.88 20.87
CA THR F 71 27.93 -11.43 20.51
C THR F 71 27.76 -12.50 19.45
N PHE F 72 28.46 -12.35 18.34
CA PHE F 72 28.45 -13.33 17.26
C PHE F 72 29.84 -13.93 17.15
N THR F 73 29.91 -15.25 17.18
CA THR F 73 31.15 -15.98 17.00
C THR F 73 31.11 -16.63 15.62
N PHE F 74 32.00 -16.19 14.74
CA PHE F 74 32.11 -16.77 13.40
C PHE F 74 33.16 -17.85 13.41
N ASP F 75 32.89 -18.92 12.68
CA ASP F 75 33.81 -20.05 12.54
C ASP F 75 34.63 -19.83 11.28
N THR F 76 35.85 -19.34 11.42
CA THR F 76 36.70 -19.00 10.29
C THR F 76 37.77 -20.05 10.04
N THR F 77 37.56 -21.29 10.49
CA THR F 77 38.55 -22.34 10.27
C THR F 77 38.78 -22.58 8.78
N ARG F 78 37.70 -22.72 8.03
CA ARG F 78 37.85 -23.02 6.61
C ARG F 78 38.49 -21.85 5.86
N ILE F 79 38.19 -20.62 6.23
CA ILE F 79 38.79 -19.47 5.55
C ILE F 79 40.29 -19.40 5.87
N LYS F 80 40.67 -19.74 7.10
CA LYS F 80 42.09 -19.81 7.42
C LYS F 80 42.78 -20.88 6.58
N LYS F 81 42.16 -22.04 6.44
CA LYS F 81 42.70 -23.07 5.55
C LYS F 81 42.77 -22.56 4.12
N ILE F 82 41.80 -21.72 3.73
CA ILE F 82 41.76 -21.19 2.38
C ILE F 82 42.98 -20.31 2.12
N VAL F 83 43.25 -19.40 3.04
CA VAL F 83 44.17 -18.31 2.76
C VAL F 83 45.60 -18.65 3.17
N THR F 84 45.81 -19.32 4.30
CA THR F 84 47.16 -19.61 4.76
C THR F 84 47.94 -20.48 3.78
N SER F 85 47.27 -21.17 2.87
CA SER F 85 47.96 -21.98 1.89
C SER F 85 48.75 -21.10 0.93
N ARG F 86 49.83 -21.65 0.38
CA ARG F 86 50.73 -20.89 -0.48
C ARG F 86 50.18 -20.69 -1.88
N LYS F 87 49.38 -21.65 -2.38
CA LYS F 87 48.98 -21.62 -3.79
C LYS F 87 48.15 -20.37 -4.11
N ASN F 88 47.19 -20.03 -3.25
CA ASN F 88 46.27 -18.93 -3.53
C ASN F 88 46.89 -17.61 -3.12
N ASN F 89 47.63 -17.03 -4.05
CA ASN F 89 48.24 -15.72 -3.87
C ASN F 89 47.39 -14.59 -4.44
N GLY F 90 46.10 -14.81 -4.59
CA GLY F 90 45.23 -13.81 -5.16
C GLY F 90 45.07 -12.61 -4.24
N ARG F 91 44.50 -11.54 -4.80
CA ARG F 91 44.31 -10.33 -4.02
C ARG F 91 43.29 -10.52 -2.90
N PHE F 92 42.23 -11.29 -3.16
CA PHE F 92 41.20 -11.44 -2.14
C PHE F 92 41.70 -12.25 -0.95
N HIS F 93 42.42 -13.35 -1.21
CA HIS F 93 42.98 -14.12 -0.10
C HIS F 93 43.94 -13.28 0.72
N LYS F 94 44.77 -12.48 0.04
CA LYS F 94 45.73 -11.63 0.73
C LYS F 94 45.01 -10.61 1.62
N HIS F 95 43.96 -9.99 1.10
CA HIS F 95 43.20 -9.03 1.89
C HIS F 95 42.52 -9.70 3.08
N ILE F 96 41.97 -10.89 2.87
CA ILE F 96 41.31 -11.62 3.96
C ILE F 96 42.31 -11.95 5.06
N TYR F 97 43.51 -12.39 4.69
CA TYR F 97 44.53 -12.63 5.71
C TYR F 97 44.89 -11.35 6.45
N ASN F 98 45.14 -10.28 5.71
CA ASN F 98 45.57 -9.04 6.35
C ASN F 98 44.50 -8.48 7.27
N THR F 99 43.23 -8.77 7.00
CA THR F 99 42.15 -8.20 7.79
C THR F 99 41.72 -9.09 8.95
N LEU F 100 41.40 -10.35 8.69
CA LEU F 100 40.78 -11.19 9.70
C LEU F 100 41.80 -11.95 10.55
N PHE F 101 42.88 -12.46 9.95
CA PHE F 101 43.77 -13.36 10.66
C PHE F 101 45.05 -12.70 11.16
N LYS F 102 45.43 -11.54 10.61
CA LYS F 102 46.55 -10.83 11.19
C LYS F 102 46.12 -10.16 12.48
N SER F 103 47.11 -9.65 13.23
CA SER F 103 46.91 -9.03 14.53
C SER F 103 46.47 -10.05 15.56
N SER F 104 46.28 -11.30 15.13
CA SER F 104 46.08 -12.42 16.02
C SER F 104 47.14 -13.49 15.89
N SER F 105 47.80 -13.56 14.73
CA SER F 105 48.95 -14.44 14.52
C SER F 105 50.28 -13.71 14.67
N VAL F 106 50.26 -12.38 14.61
CA VAL F 106 51.50 -11.61 14.81
C VAL F 106 52.01 -11.79 16.22
N LYS F 107 51.12 -11.77 17.21
CA LYS F 107 51.53 -11.88 18.61
C LYS F 107 52.14 -13.23 18.91
N LEU F 108 51.79 -14.27 18.15
CA LEU F 108 52.25 -15.61 18.43
C LEU F 108 53.74 -15.77 18.14
N ASN F 109 54.35 -16.75 18.81
CA ASN F 109 55.73 -17.11 18.54
C ASN F 109 55.76 -18.28 17.54
N PHE F 110 56.97 -18.76 17.25
CA PHE F 110 57.11 -19.81 16.25
C PHE F 110 56.52 -21.13 16.73
N GLU F 111 56.77 -21.49 17.99
CA GLU F 111 56.28 -22.77 18.50
C GLU F 111 54.76 -22.83 18.48
N GLU F 112 54.10 -21.76 18.93
CA GLU F 112 52.65 -21.77 18.97
C GLU F 112 52.05 -21.70 17.57
N LEU F 113 52.71 -20.99 16.64
CA LEU F 113 52.26 -20.99 15.26
C LEU F 113 52.32 -22.40 14.67
N ILE F 114 53.42 -23.11 14.91
CA ILE F 114 53.55 -24.48 14.42
C ILE F 114 52.49 -25.37 15.06
N ALA F 115 52.25 -25.21 16.36
CA ALA F 115 51.25 -26.03 17.03
C ALA F 115 49.86 -25.77 16.46
N ARG F 116 49.53 -24.51 16.20
CA ARG F 116 48.24 -24.20 15.60
C ARG F 116 48.11 -24.78 14.20
N LYS F 117 49.17 -24.68 13.40
CA LYS F 117 49.13 -25.21 12.05
C LYS F 117 48.91 -26.72 12.05
N ASN F 118 49.75 -27.45 12.80
CA ASN F 118 49.78 -28.89 12.69
C ASN F 118 48.59 -29.56 13.34
N SER F 119 48.07 -28.99 14.43
CA SER F 119 46.99 -29.64 15.16
C SER F 119 45.68 -29.56 14.37
N THR F 120 44.68 -30.36 14.74
CA THR F 120 43.33 -30.30 14.06
C THR F 120 42.58 -29.13 14.69
N ASN F 121 43.09 -27.91 14.53
CA ASN F 121 42.52 -26.78 15.28
C ASN F 121 41.24 -26.22 14.68
N LYS F 122 40.47 -25.50 15.51
CA LYS F 122 39.27 -24.78 15.04
C LYS F 122 39.50 -23.32 15.40
N SER F 123 39.32 -22.40 14.47
CA SER F 123 39.55 -20.97 14.60
C SER F 123 38.22 -20.23 14.69
N PHE F 124 38.14 -19.26 15.59
CA PHE F 124 36.94 -18.50 15.82
C PHE F 124 37.24 -17.01 15.85
N PHE F 125 36.23 -16.22 15.49
CA PHE F 125 36.34 -14.76 15.47
C PHE F 125 35.12 -14.20 16.16
N SER F 126 35.31 -13.55 17.31
CA SER F 126 34.21 -13.08 18.13
C SER F 126 34.02 -11.58 17.98
N LEU F 127 32.80 -11.16 17.66
CA LEU F 127 32.48 -9.75 17.45
C LEU F 127 31.28 -9.40 18.32
N THR F 128 31.42 -8.37 19.15
CA THR F 128 30.41 -8.00 20.13
C THR F 128 29.90 -6.60 19.85
N LEU F 129 28.59 -6.44 19.81
CA LEU F 129 27.93 -5.15 19.64
C LEU F 129 27.26 -4.79 20.95
N THR F 130 27.61 -3.64 21.51
CA THR F 130 27.10 -3.19 22.80
C THR F 130 26.27 -1.93 22.58
N ILE F 131 25.05 -1.93 23.10
CA ILE F 131 24.16 -0.78 23.05
C ILE F 131 24.11 -0.16 24.43
N CYS F 132 24.52 1.10 24.53
CA CYS F 132 24.53 1.80 25.80
C CYS F 132 23.16 2.40 26.08
N LYS F 133 23.01 3.02 27.25
CA LYS F 133 21.70 3.54 27.64
C LYS F 133 21.31 4.75 26.79
N ASP F 134 22.27 5.47 26.23
CA ASP F 134 22.00 6.66 25.42
C ASP F 134 22.10 6.37 23.94
N ASP F 135 21.70 5.18 23.50
CA ASP F 135 21.56 4.76 22.12
C ASP F 135 22.89 4.61 21.39
N SER F 136 24.03 4.84 22.03
CA SER F 136 25.30 4.67 21.36
C SER F 136 25.61 3.18 21.17
N VAL F 137 26.41 2.88 20.16
CA VAL F 137 26.77 1.50 19.82
C VAL F 137 28.28 1.39 19.79
N MET F 138 28.81 0.37 20.45
CA MET F 138 30.25 0.14 20.51
C MET F 138 30.57 -1.28 20.07
N TRP F 139 31.57 -1.42 19.20
CA TRP F 139 32.00 -2.73 18.74
C TRP F 139 33.26 -3.16 19.46
N SER F 140 33.41 -4.47 19.66
CA SER F 140 34.62 -5.01 20.25
C SER F 140 35.78 -5.00 19.28
N VAL F 141 35.53 -4.81 18.00
CA VAL F 141 36.58 -4.65 16.99
C VAL F 141 36.30 -3.34 16.27
N ASP F 142 37.25 -2.40 16.37
CA ASP F 142 37.02 -1.04 15.90
C ASP F 142 37.33 -0.84 14.41
N ASP F 143 37.72 -1.90 13.70
CA ASP F 143 38.07 -1.77 12.29
C ASP F 143 36.84 -2.03 11.43
N PRO F 144 36.30 -1.05 10.72
CA PRO F 144 35.15 -1.30 9.85
C PRO F 144 35.44 -2.29 8.73
N LYS F 145 36.70 -2.42 8.32
CA LYS F 145 37.05 -3.40 7.29
C LYS F 145 36.72 -4.81 7.77
N VAL F 146 37.00 -5.10 9.03
CA VAL F 146 36.69 -6.42 9.59
C VAL F 146 35.19 -6.67 9.52
N ARG F 147 34.39 -5.68 9.91
CA ARG F 147 32.95 -5.85 9.90
C ARG F 147 32.41 -6.07 8.49
N SER F 148 32.88 -5.27 7.53
CA SER F 148 32.41 -5.44 6.17
C SER F 148 32.82 -6.80 5.60
N LEU F 149 34.05 -7.23 5.86
CA LEU F 149 34.49 -8.52 5.36
C LEU F 149 33.69 -9.66 5.98
N LEU F 150 33.41 -9.56 7.29
CA LEU F 150 32.59 -10.58 7.94
C LEU F 150 31.19 -10.60 7.37
N ALA F 151 30.63 -9.44 7.06
CA ALA F 151 29.32 -9.39 6.42
C ALA F 151 29.37 -10.07 5.06
N THR F 152 30.45 -9.86 4.30
CA THR F 152 30.56 -10.48 2.98
C THR F 152 30.69 -12.00 3.10
N LEU F 153 31.54 -12.48 3.99
CA LEU F 153 31.81 -13.92 4.04
C LEU F 153 30.63 -14.71 4.57
N TYR F 154 29.82 -14.12 5.45
CA TYR F 154 28.69 -14.81 6.07
C TYR F 154 27.44 -13.97 5.88
N PRO F 155 26.94 -13.88 4.66
CA PRO F 155 25.75 -13.07 4.42
C PRO F 155 24.50 -13.69 5.04
N PHE F 156 23.55 -12.82 5.36
CA PHE F 156 22.30 -13.23 5.98
C PHE F 156 21.16 -12.95 5.02
N LEU F 157 20.40 -13.99 4.68
CA LEU F 157 19.24 -13.86 3.79
C LEU F 157 17.99 -14.24 4.57
N TYR F 158 17.02 -13.34 4.60
CA TYR F 158 15.77 -13.54 5.29
C TYR F 158 14.64 -13.64 4.28
N ILE F 159 13.91 -14.75 4.31
CA ILE F 159 12.80 -14.99 3.40
C ILE F 159 11.53 -15.09 4.23
N GLU F 160 10.61 -14.16 4.02
CA GLU F 160 9.30 -14.19 4.66
C GLU F 160 8.28 -14.68 3.63
N THR F 161 7.51 -15.70 4.00
CA THR F 161 6.61 -16.31 3.03
C THR F 161 5.24 -15.64 3.03
N ARG F 162 4.79 -15.12 4.18
CA ARG F 162 3.50 -14.46 4.22
C ARG F 162 3.47 -13.24 3.30
N HIS F 163 4.45 -12.36 3.45
CA HIS F 163 4.55 -11.15 2.64
C HIS F 163 5.45 -11.34 1.43
N ILE F 164 5.62 -12.58 0.97
CA ILE F 164 6.45 -12.82 -0.20
C ILE F 164 5.80 -12.19 -1.42
N ASP F 165 6.63 -11.79 -2.37
CA ASP F 165 6.17 -11.15 -3.60
C ASP F 165 6.43 -12.11 -4.76
N LEU F 166 5.36 -12.67 -5.31
CA LEU F 166 5.47 -13.65 -6.38
C LEU F 166 5.90 -13.04 -7.71
N TYR F 167 5.93 -11.71 -7.82
CA TYR F 167 6.36 -11.05 -9.04
C TYR F 167 7.62 -10.23 -8.86
N ASP F 168 8.05 -9.96 -7.64
CA ASP F 168 9.31 -9.28 -7.37
C ASP F 168 10.35 -10.33 -7.03
N TRP F 169 11.25 -10.59 -7.97
CA TRP F 169 12.31 -11.57 -7.80
C TRP F 169 13.68 -10.93 -7.64
N ASN F 170 13.72 -9.67 -7.24
CA ASN F 170 14.98 -8.96 -7.07
C ASN F 170 15.95 -9.66 -6.12
N PRO F 171 15.52 -10.21 -4.98
CA PRO F 171 16.46 -10.95 -4.13
C PRO F 171 17.15 -12.10 -4.85
N ILE F 172 16.47 -12.76 -5.79
CA ILE F 172 17.11 -13.84 -6.54
C ILE F 172 18.35 -13.33 -7.26
N TRP F 173 18.21 -12.20 -7.98
CA TRP F 173 19.34 -11.65 -8.71
C TRP F 173 20.40 -11.10 -7.77
N LYS F 174 19.98 -10.38 -6.72
CA LYS F 174 20.93 -9.88 -5.73
C LYS F 174 21.70 -10.99 -5.06
N LEU F 175 21.15 -12.20 -5.05
CA LEU F 175 21.76 -13.38 -4.45
C LEU F 175 22.72 -14.08 -5.43
N ILE F 176 22.25 -14.33 -6.65
CA ILE F 176 23.06 -15.08 -7.61
C ILE F 176 24.24 -14.26 -8.08
N SER F 177 24.04 -12.95 -8.33
CA SER F 177 25.14 -12.12 -8.80
C SER F 177 26.24 -12.03 -7.75
N ASN F 178 25.91 -12.20 -6.48
CA ASN F 178 26.90 -12.12 -5.41
C ASN F 178 27.54 -13.46 -5.10
N LEU F 179 26.77 -14.55 -5.14
CA LEU F 179 27.24 -15.84 -4.66
C LEU F 179 28.43 -16.36 -5.44
N ASN F 180 28.26 -16.65 -6.73
CA ASN F 180 29.36 -17.13 -7.55
C ASN F 180 30.23 -15.94 -7.94
N SER F 181 31.52 -16.03 -7.65
CA SER F 181 32.44 -14.91 -7.80
C SER F 181 32.99 -14.90 -9.22
N PHE F 182 32.30 -14.20 -10.11
CA PHE F 182 32.83 -13.85 -11.41
C PHE F 182 33.35 -12.42 -11.37
N ASN F 183 34.57 -12.21 -11.86
CA ASN F 183 35.21 -10.89 -11.84
C ASN F 183 34.99 -10.23 -13.20
N PHE F 184 33.85 -9.52 -13.32
CA PHE F 184 33.57 -8.76 -14.53
C PHE F 184 34.22 -7.37 -14.51
N ASP F 185 34.87 -6.99 -13.41
CA ASP F 185 35.56 -5.70 -13.36
C ASP F 185 36.70 -5.66 -14.36
N ASP F 186 37.44 -6.77 -14.50
CA ASP F 186 38.51 -6.82 -15.49
C ASP F 186 37.98 -6.66 -16.90
N VAL F 187 36.75 -7.11 -17.14
CA VAL F 187 36.11 -6.95 -18.44
C VAL F 187 35.50 -5.56 -18.46
N ASP F 188 36.14 -4.65 -19.20
CA ASP F 188 35.71 -3.27 -19.27
C ASP F 188 34.27 -3.17 -19.77
N HIS F 189 33.46 -2.35 -19.08
CA HIS F 189 32.14 -2.07 -19.60
C HIS F 189 32.20 -1.28 -20.90
N ASP F 190 33.25 -0.49 -21.10
CA ASP F 190 33.47 0.10 -22.42
C ASP F 190 33.79 -0.98 -23.43
N GLU F 191 34.74 -1.86 -23.10
CA GLU F 191 35.07 -2.99 -23.98
C GLU F 191 33.86 -3.88 -24.16
N LEU F 192 33.10 -4.14 -23.09
CA LEU F 192 31.91 -4.97 -23.21
C LEU F 192 30.85 -4.33 -24.07
N VAL F 193 30.64 -3.02 -23.95
CA VAL F 193 29.61 -2.38 -24.77
C VAL F 193 30.01 -2.43 -26.23
N ASN F 194 31.27 -2.10 -26.53
CA ASN F 194 31.73 -2.20 -27.91
C ASN F 194 31.61 -3.62 -28.44
N PHE F 195 31.97 -4.60 -27.59
CA PHE F 195 31.95 -6.01 -27.92
C PHE F 195 30.54 -6.50 -28.24
N LEU F 196 29.60 -6.23 -27.33
CA LEU F 196 28.22 -6.67 -27.50
C LEU F 196 27.56 -5.96 -28.68
N ASP F 197 27.81 -4.66 -28.85
CA ASP F 197 27.19 -3.97 -29.97
C ASP F 197 27.87 -4.31 -31.29
N GLU F 198 29.12 -4.77 -31.25
CA GLU F 198 29.74 -5.38 -32.42
C GLU F 198 28.97 -6.61 -32.82
N LYS F 199 28.63 -7.45 -31.86
CA LYS F 199 28.03 -8.73 -32.20
C LYS F 199 26.53 -8.65 -32.49
N ILE F 200 25.71 -8.22 -31.53
CA ILE F 200 24.25 -8.27 -31.68
C ILE F 200 23.74 -7.37 -32.80
N SER F 201 24.57 -6.51 -33.35
CA SER F 201 24.13 -5.62 -34.43
C SER F 201 23.76 -6.42 -35.68
N SER F 202 22.59 -6.12 -36.24
CA SER F 202 22.21 -6.68 -37.53
C SER F 202 23.18 -6.22 -38.62
N ARG F 203 23.38 -4.91 -38.73
CA ARG F 203 24.53 -4.33 -39.41
C ARG F 203 25.44 -3.75 -38.33
N LYS F 204 26.75 -3.98 -38.47
CA LYS F 204 27.68 -3.49 -37.46
C LYS F 204 27.53 -1.98 -37.33
N GLY F 205 26.95 -1.53 -36.22
CA GLY F 205 26.63 -0.14 -36.00
C GLY F 205 25.14 0.15 -35.93
N ASP F 206 24.32 -0.56 -36.71
CA ASP F 206 22.89 -0.26 -36.75
C ASP F 206 22.26 -0.34 -35.37
N TYR F 207 22.45 -1.47 -34.69
CA TYR F 207 22.08 -1.56 -33.29
C TYR F 207 22.79 -0.49 -32.47
N LYS F 208 24.06 -0.25 -32.80
CA LYS F 208 24.82 0.77 -32.08
C LYS F 208 24.27 2.17 -32.35
N LYS F 209 23.88 2.47 -33.59
CA LYS F 209 23.27 3.77 -33.85
C LYS F 209 21.96 3.94 -33.08
N TYR F 210 21.14 2.89 -33.07
CA TYR F 210 19.86 2.97 -32.35
C TYR F 210 20.10 3.19 -30.86
N ILE F 211 21.04 2.45 -30.28
CA ILE F 211 21.33 2.56 -28.86
C ILE F 211 21.96 3.91 -28.54
N ASP F 212 22.80 4.42 -29.44
CA ASP F 212 23.39 5.74 -29.23
C ASP F 212 22.35 6.84 -29.26
N ARG F 213 21.39 6.73 -30.18
CA ARG F 213 20.28 7.68 -30.19
C ARG F 213 19.51 7.61 -28.88
N VAL F 214 19.22 6.39 -28.41
CA VAL F 214 18.51 6.23 -27.14
C VAL F 214 19.29 6.89 -26.01
N VAL F 215 20.60 6.60 -25.94
CA VAL F 215 21.43 7.10 -24.84
C VAL F 215 21.49 8.62 -24.87
N SER F 216 21.63 9.20 -26.06
CA SER F 216 21.57 10.65 -26.17
C SER F 216 20.22 11.18 -25.72
N VAL F 217 19.16 10.38 -25.88
CA VAL F 217 17.84 10.82 -25.44
C VAL F 217 17.65 10.60 -23.94
N ILE F 218 18.06 9.44 -23.43
CA ILE F 218 17.79 9.05 -22.05
C ILE F 218 18.99 9.42 -21.17
N ASP F 219 18.73 10.07 -20.05
CA ASP F 219 19.77 10.44 -19.10
C ASP F 219 19.86 9.32 -18.08
N THR F 220 20.95 8.56 -18.14
CA THR F 220 21.10 7.35 -17.34
C THR F 220 22.24 7.48 -16.35
N LYS F 221 22.05 6.89 -15.18
CA LYS F 221 23.14 6.78 -14.22
C LYS F 221 24.18 5.80 -14.75
N PRO F 222 25.44 5.94 -14.35
CA PRO F 222 26.43 4.93 -14.68
C PRO F 222 26.03 3.57 -14.11
N TYR F 223 26.31 2.52 -14.87
CA TYR F 223 25.94 1.17 -14.44
C TYR F 223 26.74 0.74 -13.22
N THR F 224 26.03 0.28 -12.20
CA THR F 224 26.67 -0.35 -11.07
C THR F 224 27.07 -1.77 -11.43
N TYR F 225 28.07 -2.30 -10.72
CA TYR F 225 28.58 -3.62 -11.05
C TYR F 225 27.52 -4.69 -10.85
N LYS F 226 26.75 -4.61 -9.76
CA LYS F 226 25.71 -5.60 -9.51
C LYS F 226 24.65 -5.57 -10.59
N GLU F 227 24.26 -4.38 -11.05
CA GLU F 227 23.34 -4.27 -12.18
C GLU F 227 23.94 -4.91 -13.42
N LYS F 228 25.23 -4.68 -13.67
CA LYS F 228 25.89 -5.30 -14.81
C LYS F 228 25.79 -6.81 -14.75
N VAL F 229 26.08 -7.40 -13.58
CA VAL F 229 26.09 -8.85 -13.45
C VAL F 229 24.68 -9.41 -13.58
N ILE F 230 23.69 -8.72 -13.01
CA ILE F 230 22.31 -9.17 -13.12
C ILE F 230 21.86 -9.16 -14.58
N ASN F 231 22.17 -8.07 -15.29
CA ASN F 231 21.86 -8.01 -16.73
C ASN F 231 22.52 -9.19 -17.45
N TYR F 232 23.82 -9.39 -17.22
CA TYR F 232 24.53 -10.52 -17.81
C TYR F 232 23.76 -11.81 -17.61
N ILE F 233 23.52 -12.16 -16.35
CA ILE F 233 23.00 -13.48 -16.04
C ILE F 233 21.62 -13.67 -16.64
N LYS F 234 20.71 -12.73 -16.40
CA LYS F 234 19.33 -13.01 -16.82
C LYS F 234 19.14 -12.81 -18.31
N VAL F 235 20.06 -12.13 -18.99
CA VAL F 235 20.04 -12.15 -20.45
C VAL F 235 20.51 -13.50 -20.96
N ALA F 236 21.57 -14.04 -20.35
CA ALA F 236 22.09 -15.33 -20.82
C ALA F 236 21.13 -16.47 -20.48
N ILE F 237 20.38 -16.34 -19.37
CA ILE F 237 19.38 -17.34 -19.04
C ILE F 237 18.31 -17.37 -20.13
N LYS F 238 17.77 -18.56 -20.38
CA LYS F 238 16.70 -18.74 -21.36
C LYS F 238 15.34 -18.27 -20.84
N GLY F 239 15.28 -17.62 -19.68
CA GLY F 239 14.03 -17.10 -19.18
C GLY F 239 14.18 -16.16 -18.01
N ASP F 240 13.55 -14.98 -18.08
CA ASP F 240 13.56 -14.05 -16.96
C ASP F 240 12.37 -14.29 -16.04
N SER F 241 11.18 -14.46 -16.60
CA SER F 241 10.00 -14.74 -15.82
C SER F 241 10.05 -16.16 -15.25
N PHE F 242 9.08 -16.48 -14.41
CA PHE F 242 9.06 -17.76 -13.73
C PHE F 242 7.74 -18.48 -13.94
N GLY F 255 -0.30 -19.85 -3.25
CA GLY F 255 0.17 -20.95 -2.44
C GLY F 255 1.32 -21.72 -3.06
N THR F 256 1.04 -22.43 -4.14
CA THR F 256 2.08 -23.18 -4.83
C THR F 256 3.12 -22.26 -5.44
N ASN F 257 2.73 -21.03 -5.82
CA ASN F 257 3.70 -20.09 -6.35
C ASN F 257 4.74 -19.72 -5.30
N SER F 258 4.32 -19.49 -4.06
CA SER F 258 5.26 -19.22 -2.99
C SER F 258 6.17 -20.42 -2.73
N ASN F 259 5.60 -21.62 -2.80
CA ASN F 259 6.40 -22.83 -2.64
C ASN F 259 7.47 -22.91 -3.71
N LYS F 260 7.12 -22.61 -4.96
CA LYS F 260 8.10 -22.65 -6.04
C LYS F 260 9.16 -21.58 -5.84
N PHE F 261 8.76 -20.37 -5.42
CA PHE F 261 9.72 -19.32 -5.13
C PHE F 261 10.74 -19.80 -4.10
N LEU F 262 10.25 -20.33 -2.98
CA LEU F 262 11.15 -20.75 -1.90
C LEU F 262 12.02 -21.92 -2.33
N GLU F 263 11.44 -22.89 -3.06
CA GLU F 263 12.21 -24.05 -3.48
C GLU F 263 13.32 -23.66 -4.44
N THR F 264 13.03 -22.78 -5.40
CA THR F 264 14.09 -22.33 -6.30
C THR F 264 15.13 -21.50 -5.56
N LEU F 265 14.72 -20.71 -4.56
CA LEU F 265 15.68 -19.99 -3.74
C LEU F 265 16.68 -20.95 -3.11
N LEU F 266 16.16 -21.98 -2.43
CA LEU F 266 17.02 -22.94 -1.75
C LEU F 266 17.88 -23.72 -2.74
N HIS F 267 17.30 -24.09 -3.89
CA HIS F 267 18.08 -24.80 -4.90
C HIS F 267 19.23 -23.94 -5.41
N LEU F 268 18.96 -22.66 -5.68
CA LEU F 268 20.01 -21.77 -6.15
C LEU F 268 21.11 -21.63 -5.11
N LEU F 269 20.73 -21.42 -3.85
CA LEU F 269 21.75 -21.29 -2.80
C LEU F 269 22.61 -22.55 -2.71
N ILE F 270 21.97 -23.71 -2.57
CA ILE F 270 22.73 -24.93 -2.34
C ILE F 270 23.61 -25.26 -3.54
N THR F 271 23.08 -25.09 -4.75
CA THR F 271 23.88 -25.38 -5.94
C THR F 271 25.04 -24.41 -6.10
N LEU F 272 24.79 -23.11 -5.90
CA LEU F 272 25.82 -22.11 -6.19
C LEU F 272 26.89 -22.04 -5.12
N THR F 273 26.57 -22.37 -3.87
CA THR F 273 27.56 -22.24 -2.81
C THR F 273 28.64 -23.31 -2.84
N ARG F 274 28.51 -24.32 -3.71
CA ARG F 274 29.45 -25.44 -3.67
C ARG F 274 30.85 -25.02 -4.11
N THR F 275 30.97 -24.06 -5.03
CA THR F 275 32.27 -23.65 -5.53
C THR F 275 32.86 -22.47 -4.79
N GLU F 276 32.10 -21.82 -3.91
CA GLU F 276 32.54 -20.63 -3.21
C GLU F 276 32.86 -20.94 -1.74
N PHE F 277 33.63 -20.05 -1.13
CA PHE F 277 33.88 -20.13 0.30
C PHE F 277 32.95 -19.23 1.11
N ILE F 278 31.98 -18.59 0.46
CA ILE F 278 30.96 -17.81 1.15
C ILE F 278 29.85 -18.75 1.59
N SER F 279 29.53 -18.72 2.89
CA SER F 279 28.58 -19.63 3.50
C SER F 279 27.43 -18.84 4.12
N PRO F 280 26.39 -18.55 3.35
CA PRO F 280 25.31 -17.71 3.86
C PRO F 280 24.47 -18.43 4.91
N ILE F 281 23.73 -17.62 5.67
CA ILE F 281 22.78 -18.09 6.67
C ILE F 281 21.40 -17.63 6.23
N VAL F 282 20.48 -18.56 6.06
CA VAL F 282 19.16 -18.26 5.51
C VAL F 282 18.10 -18.55 6.57
N TYR F 283 17.27 -17.56 6.86
CA TYR F 283 16.20 -17.65 7.85
C TYR F 283 14.87 -17.50 7.15
N ILE F 284 14.01 -18.50 7.29
CA ILE F 284 12.71 -18.56 6.63
C ILE F 284 11.63 -18.42 7.70
N ASP F 285 10.66 -17.56 7.44
CA ASP F 285 9.58 -17.29 8.38
C ASP F 285 8.31 -17.97 7.87
N GLU F 286 7.88 -19.01 8.58
CA GLU F 286 6.69 -19.80 8.25
C GLU F 286 6.74 -20.28 6.80
N PRO F 287 7.59 -21.26 6.49
CA PRO F 287 7.62 -21.77 5.11
C PRO F 287 6.34 -22.44 4.67
N GLU F 288 5.55 -22.96 5.61
CA GLU F 288 4.37 -23.75 5.29
C GLU F 288 3.11 -22.92 5.15
N VAL F 289 3.19 -21.60 5.29
CA VAL F 289 1.99 -20.78 5.27
C VAL F 289 1.32 -20.88 3.90
N GLY F 290 0.02 -21.15 3.91
CA GLY F 290 -0.71 -21.29 2.66
C GLY F 290 -0.36 -22.52 1.85
N LEU F 291 0.09 -23.59 2.49
CA LEU F 291 0.49 -24.80 1.80
C LEU F 291 -0.34 -25.99 2.27
N HIS F 292 -0.76 -26.80 1.31
CA HIS F 292 -1.33 -28.10 1.64
C HIS F 292 -0.29 -28.94 2.36
N PRO F 293 -0.68 -29.78 3.31
CA PRO F 293 0.32 -30.56 4.05
C PRO F 293 1.25 -31.37 3.17
N LYS F 294 0.69 -32.00 2.13
CA LYS F 294 1.53 -32.73 1.19
C LYS F 294 2.48 -31.80 0.47
N LEU F 295 2.07 -30.55 0.21
CA LEU F 295 2.97 -29.61 -0.44
C LEU F 295 4.14 -29.25 0.45
N ALA F 296 3.90 -29.04 1.76
CA ALA F 296 5.00 -28.77 2.67
C ALA F 296 5.94 -29.96 2.79
N GLU F 297 5.38 -31.17 2.89
CA GLU F 297 6.23 -32.35 2.94
C GLU F 297 7.07 -32.48 1.67
N SER F 298 6.47 -32.20 0.51
CA SER F 298 7.22 -32.25 -0.74
C SER F 298 8.27 -31.16 -0.81
N PHE F 299 8.01 -29.99 -0.22
CA PHE F 299 9.03 -28.94 -0.17
C PHE F 299 10.24 -29.39 0.62
N VAL F 300 10.01 -29.99 1.79
CA VAL F 300 11.13 -30.49 2.58
C VAL F 300 11.84 -31.63 1.84
N SER F 301 11.07 -32.48 1.15
CA SER F 301 11.68 -33.57 0.40
C SER F 301 12.57 -33.05 -0.72
N ASN F 302 12.11 -32.02 -1.43
CA ASN F 302 12.92 -31.42 -2.49
C ASN F 302 14.18 -30.78 -1.94
N LEU F 303 14.06 -30.08 -0.81
CA LEU F 303 15.23 -29.51 -0.18
C LEU F 303 16.24 -30.59 0.19
N ASN F 304 15.76 -31.70 0.77
CA ASN F 304 16.67 -32.77 1.15
C ASN F 304 17.29 -33.44 -0.07
N LYS F 305 16.53 -33.58 -1.16
CA LYS F 305 17.08 -34.15 -2.38
C LYS F 305 18.21 -33.28 -2.93
N ILE F 306 17.99 -31.97 -2.96
CA ILE F 306 19.06 -31.06 -3.40
C ILE F 306 20.25 -31.15 -2.47
N TYR F 307 19.99 -31.27 -1.17
CA TYR F 307 21.07 -31.34 -0.18
C TYR F 307 21.92 -32.58 -0.38
N SER F 308 21.28 -33.73 -0.60
CA SER F 308 22.02 -35.00 -0.64
C SER F 308 22.61 -35.29 -2.01
N LYS F 309 21.99 -34.79 -3.08
CA LYS F 309 22.53 -35.04 -4.42
C LYS F 309 23.91 -34.39 -4.59
N PHE F 310 24.16 -33.27 -3.92
CA PHE F 310 25.43 -32.56 -3.99
C PHE F 310 26.37 -32.94 -2.85
N LYS F 311 26.04 -33.98 -2.10
CA LYS F 311 26.79 -34.36 -0.91
C LYS F 311 27.82 -35.42 -1.27
N LYS F 312 29.07 -35.18 -0.88
CA LYS F 312 30.17 -36.12 -1.10
C LYS F 312 30.64 -36.64 0.25
N THR F 313 30.72 -37.96 0.37
CA THR F 313 31.21 -38.61 1.58
C THR F 313 32.25 -39.66 1.23
N SER F 314 32.61 -40.51 2.19
CA SER F 314 33.55 -41.59 1.92
C SER F 314 33.00 -42.57 0.89
N GLU F 315 31.68 -42.62 0.71
CA GLU F 315 31.05 -43.51 -0.26
C GLU F 315 30.73 -42.81 -1.57
N LEU F 316 29.97 -41.71 -1.51
CA LEU F 316 29.55 -40.99 -2.70
C LEU F 316 30.69 -40.06 -3.12
N SER F 317 31.29 -40.35 -4.28
CA SER F 317 32.32 -39.52 -4.86
C SER F 317 32.17 -39.49 -6.37
N GLY F 318 32.76 -38.47 -6.98
CA GLY F 318 32.72 -38.31 -8.42
C GLY F 318 32.69 -36.86 -8.83
N PRO F 319 32.70 -36.55 -10.16
CA PRO F 319 32.53 -35.17 -10.60
C PRO F 319 31.08 -34.80 -10.31
N GLY F 320 30.86 -33.74 -9.55
CA GLY F 320 29.49 -33.28 -9.30
C GLY F 320 29.18 -33.44 -7.85
N ARG F 321 30.18 -33.85 -7.08
CA ARG F 321 29.95 -33.96 -5.65
C ARG F 321 31.05 -33.21 -4.91
N TYR F 322 30.66 -32.34 -3.99
CA TYR F 322 31.57 -31.44 -3.32
C TYR F 322 31.53 -31.67 -1.81
N LYS F 323 32.63 -31.31 -1.14
CA LYS F 323 32.73 -31.33 0.31
C LYS F 323 32.60 -29.94 0.92
N THR F 324 32.15 -28.96 0.14
CA THR F 324 31.99 -27.61 0.65
C THR F 324 30.91 -27.58 1.73
N PRO F 325 31.12 -26.89 2.84
CA PRO F 325 30.09 -26.78 3.86
C PRO F 325 28.83 -26.10 3.33
N TYR F 326 27.68 -26.59 3.78
CA TYR F 326 26.39 -26.08 3.33
C TYR F 326 25.97 -24.86 4.14
N PRO F 327 25.12 -24.01 3.56
CA PRO F 327 24.60 -22.87 4.32
C PRO F 327 23.73 -23.34 5.48
N ASN F 328 23.70 -22.53 6.54
CA ASN F 328 22.91 -22.82 7.73
C ASN F 328 21.48 -22.31 7.52
N ILE F 329 20.50 -23.20 7.68
CA ILE F 329 19.11 -22.90 7.37
C ILE F 329 18.32 -22.93 8.66
N PHE F 330 17.80 -21.76 9.08
CA PHE F 330 16.78 -21.66 10.10
C PHE F 330 15.43 -21.49 9.43
N TYR F 331 14.40 -22.14 9.97
CA TYR F 331 13.05 -21.78 9.56
C TYR F 331 12.11 -22.00 10.73
N SER F 332 11.23 -21.02 10.94
CA SER F 332 10.29 -21.05 12.06
C SER F 332 8.94 -21.53 11.56
N THR F 333 8.46 -22.63 12.12
CA THR F 333 7.26 -23.30 11.63
C THR F 333 6.24 -23.46 12.73
N HIS F 334 4.99 -23.63 12.32
CA HIS F 334 3.88 -23.95 13.22
C HIS F 334 3.15 -25.21 12.82
N SER F 335 3.68 -25.98 11.86
CA SER F 335 2.97 -27.12 11.33
C SER F 335 3.74 -28.40 11.62
N PRO F 336 3.07 -29.43 12.14
CA PRO F 336 3.77 -30.70 12.39
C PRO F 336 4.27 -31.38 11.14
N SER F 337 3.73 -31.08 9.96
CA SER F 337 4.17 -31.74 8.75
C SER F 337 5.61 -31.37 8.41
N ILE F 338 5.93 -30.07 8.45
CA ILE F 338 7.29 -29.62 8.16
C ILE F 338 8.27 -30.28 9.13
N LEU F 339 7.96 -30.26 10.41
CA LEU F 339 8.85 -30.82 11.42
C LEU F 339 9.01 -32.32 11.22
N LYS F 340 7.92 -33.04 10.96
CA LYS F 340 8.01 -34.48 10.76
C LYS F 340 8.89 -34.81 9.57
N GLN F 341 8.69 -34.13 8.45
CA GLN F 341 9.50 -34.41 7.28
C GLN F 341 10.97 -34.06 7.53
N THR F 342 11.24 -32.96 8.22
CA THR F 342 12.64 -32.60 8.51
C THR F 342 13.25 -33.71 9.32
N ILE F 343 12.64 -34.07 10.43
CA ILE F 343 13.24 -35.09 11.30
C ILE F 343 13.47 -36.38 10.54
N LYS F 344 12.49 -36.80 9.74
CA LYS F 344 12.61 -38.06 9.03
C LYS F 344 13.74 -38.01 8.01
N LEU F 345 13.88 -36.90 7.30
CA LEU F 345 14.79 -36.88 6.16
C LEU F 345 16.21 -36.51 6.54
N PHE F 346 16.40 -35.64 7.54
CA PHE F 346 17.72 -35.10 7.83
C PHE F 346 18.48 -35.85 8.90
N GLY F 347 17.82 -36.70 9.68
CA GLY F 347 18.53 -37.60 10.57
C GLY F 347 19.28 -36.92 11.70
N LYS F 348 20.60 -36.87 11.59
CA LYS F 348 21.46 -36.28 12.60
C LYS F 348 21.89 -34.86 12.26
N ASP F 349 21.39 -34.27 11.18
CA ASP F 349 21.88 -32.99 10.70
C ASP F 349 20.93 -31.84 11.00
N GLN F 350 19.93 -32.05 11.85
CA GLN F 350 18.96 -31.00 12.12
C GLN F 350 18.91 -30.76 13.62
N GLN F 351 18.37 -29.61 14.01
CA GLN F 351 18.20 -29.22 15.40
C GLN F 351 16.83 -28.59 15.58
N VAL F 352 16.16 -28.92 16.69
CA VAL F 352 14.83 -28.38 16.98
C VAL F 352 14.95 -27.45 18.18
N LEU F 353 14.55 -26.19 18.01
CA LEU F 353 14.64 -25.19 19.05
C LEU F 353 13.25 -24.88 19.58
N HIS F 354 13.12 -24.86 20.91
CA HIS F 354 11.85 -24.62 21.59
C HIS F 354 11.93 -23.28 22.32
N PHE F 355 10.98 -22.40 22.04
CA PHE F 355 10.93 -21.07 22.63
C PHE F 355 9.81 -21.01 23.66
N SER F 356 10.14 -20.60 24.88
CA SER F 356 9.17 -20.52 25.95
C SER F 356 9.45 -19.27 26.77
N LYS F 357 8.78 -19.13 27.90
CA LYS F 357 8.86 -17.93 28.72
C LYS F 357 9.32 -18.30 30.12
N LYS F 358 10.19 -17.48 30.71
CA LYS F 358 10.72 -17.74 32.04
C LYS F 358 9.73 -17.25 33.10
N LYS F 359 10.13 -17.34 34.36
CA LYS F 359 9.32 -16.79 35.45
C LYS F 359 9.12 -15.28 35.26
N ASP F 360 10.22 -14.55 35.08
CA ASP F 360 10.13 -13.10 34.98
C ASP F 360 9.66 -12.63 33.61
N GLY F 361 9.17 -13.52 32.76
CA GLY F 361 8.69 -13.17 31.46
C GLY F 361 9.71 -13.19 30.35
N SER F 362 10.98 -13.41 30.66
CA SER F 362 12.01 -13.42 29.64
C SER F 362 11.95 -14.71 28.82
N THR F 363 12.55 -14.64 27.63
CA THR F 363 12.50 -15.76 26.69
C THR F 363 13.51 -16.83 27.07
N ARG F 364 13.11 -18.08 26.90
CA ARG F 364 13.95 -19.23 27.22
C ARG F 364 14.01 -20.14 26.00
N VAL F 365 15.22 -20.55 25.62
CA VAL F 365 15.43 -21.33 24.41
C VAL F 365 16.02 -22.68 24.82
N ASN F 366 15.45 -23.75 24.29
CA ASN F 366 15.93 -25.09 24.58
C ASN F 366 16.09 -25.88 23.30
N LYS F 367 16.88 -26.95 23.37
CA LYS F 367 17.12 -27.84 22.24
C LYS F 367 16.43 -29.15 22.52
N ILE F 368 15.46 -29.51 21.68
CA ILE F 368 14.70 -30.74 21.84
C ILE F 368 15.39 -31.83 21.02
N ASN F 369 15.59 -33.00 21.65
CA ASN F 369 16.25 -34.10 20.96
C ASN F 369 15.34 -34.61 19.85
N SER F 370 15.78 -34.46 18.61
CA SER F 370 15.08 -34.98 17.46
C SER F 370 15.85 -36.06 16.72
N THR F 371 17.02 -36.45 17.22
CA THR F 371 17.84 -37.47 16.60
C THR F 371 17.60 -38.79 17.31
N TYR F 372 17.24 -39.83 16.56
CA TYR F 372 16.92 -41.13 17.10
C TYR F 372 17.89 -42.17 16.54
N SER F 373 18.42 -43.01 17.43
CA SER F 373 19.28 -44.11 17.01
C SER F 373 18.51 -45.31 16.54
N ASP F 374 17.21 -45.38 16.81
CA ASP F 374 16.37 -46.48 16.37
C ASP F 374 15.79 -46.14 15.00
N GLU F 375 16.30 -46.80 13.96
CA GLU F 375 15.84 -46.52 12.61
C GLU F 375 14.37 -46.85 12.44
N ARG F 376 13.86 -47.83 13.18
CA ARG F 376 12.44 -48.14 13.10
C ARG F 376 11.59 -46.96 13.56
N PHE F 377 12.02 -46.28 14.63
CA PHE F 377 11.27 -45.11 15.09
C PHE F 377 11.32 -44.00 14.06
N LEU F 378 12.45 -43.83 13.38
CA LEU F 378 12.51 -42.83 12.31
C LEU F 378 11.54 -43.17 11.19
N ASN F 379 11.45 -44.44 10.81
CA ASN F 379 10.56 -44.81 9.71
C ASN F 379 9.09 -44.67 10.12
N ILE F 380 8.74 -45.15 11.31
CA ILE F 380 7.36 -45.08 11.77
C ILE F 380 6.97 -43.65 12.18
N PHE F 381 7.93 -42.73 12.21
CA PHE F 381 7.62 -41.34 12.57
C PHE F 381 6.50 -40.82 11.69
N SER F 382 5.45 -40.31 12.34
CA SER F 382 4.25 -39.89 11.63
C SER F 382 3.79 -38.55 12.21
N ASP F 383 2.61 -38.11 11.79
CA ASP F 383 2.11 -36.80 12.20
C ASP F 383 1.84 -36.76 13.69
N ASN F 384 1.31 -37.84 14.25
CA ASN F 384 0.99 -37.86 15.68
C ASN F 384 2.24 -37.68 16.52
N GLU F 385 3.33 -38.37 16.16
CA GLU F 385 4.57 -38.25 16.93
C GLU F 385 5.14 -36.84 16.83
N ALA F 386 5.12 -36.25 15.64
CA ALA F 386 5.64 -34.90 15.46
C ALA F 386 4.73 -33.85 16.09
N ARG F 387 3.49 -34.21 16.40
CA ARG F 387 2.60 -33.26 17.07
C ARG F 387 3.05 -33.00 18.50
N LEU F 388 3.63 -34.00 19.16
CA LEU F 388 4.02 -33.85 20.56
C LEU F 388 5.05 -32.74 20.77
N PHE F 389 5.78 -32.36 19.71
CA PHE F 389 6.76 -31.29 19.85
C PHE F 389 6.11 -29.94 20.14
N PHE F 390 4.83 -29.78 19.82
CA PHE F 390 4.10 -28.55 20.10
C PHE F 390 3.26 -28.64 21.37
N SER F 391 3.36 -29.74 22.10
CA SER F 391 2.51 -29.98 23.25
C SER F 391 2.90 -29.09 24.43
N GLU F 392 1.90 -28.59 25.14
CA GLU F 392 2.12 -27.85 26.37
C GLU F 392 2.42 -28.78 27.54
N TYR F 393 1.82 -29.96 27.55
CA TYR F 393 1.99 -30.92 28.62
C TYR F 393 1.63 -32.30 28.09
N ILE F 394 2.44 -33.30 28.41
CA ILE F 394 2.28 -34.64 27.86
C ILE F 394 1.93 -35.60 28.99
N VAL F 395 1.00 -36.50 28.72
CA VAL F 395 0.66 -37.58 29.65
C VAL F 395 0.95 -38.89 28.92
N PHE F 396 2.17 -39.39 29.06
CA PHE F 396 2.54 -40.64 28.43
C PHE F 396 1.83 -41.79 29.11
N VAL F 397 1.29 -42.70 28.31
CA VAL F 397 0.54 -43.84 28.85
C VAL F 397 1.03 -45.13 28.21
N GLU F 398 0.36 -46.24 28.52
CA GLU F 398 0.84 -47.55 28.10
C GLU F 398 -0.13 -48.33 27.21
N GLY F 399 -1.43 -48.06 27.29
CA GLY F 399 -2.40 -48.84 26.55
C GLY F 399 -3.46 -47.97 25.90
N ALA F 400 -4.27 -48.61 25.06
CA ALA F 400 -5.33 -47.87 24.37
C ALA F 400 -6.44 -47.47 25.31
N THR F 401 -6.64 -48.23 26.40
CA THR F 401 -7.69 -47.89 27.34
C THR F 401 -7.44 -46.55 28.01
N GLU F 402 -6.17 -46.25 28.30
CA GLU F 402 -5.83 -44.95 28.86
C GLU F 402 -6.19 -43.83 27.90
N LEU F 403 -5.90 -44.02 26.61
CA LEU F 403 -6.27 -43.03 25.61
C LEU F 403 -7.79 -42.87 25.52
N GLU F 404 -8.52 -43.99 25.63
CA GLU F 404 -9.97 -43.91 25.60
C GLU F 404 -10.50 -43.09 26.78
N LEU F 405 -9.92 -43.31 27.97
CA LEU F 405 -10.40 -42.61 29.15
C LEU F 405 -10.03 -41.13 29.11
N PHE F 406 -8.74 -40.82 29.04
CA PHE F 406 -8.27 -39.45 29.19
C PHE F 406 -8.65 -38.54 28.03
N ARG F 407 -9.14 -39.10 26.93
CA ARG F 407 -9.61 -38.30 25.80
C ARG F 407 -11.13 -38.16 25.76
N ASN F 408 -11.83 -38.69 26.76
CA ASN F 408 -13.29 -38.66 26.75
C ASN F 408 -13.80 -37.22 26.76
N LEU F 409 -14.61 -36.89 25.74
CA LEU F 409 -15.06 -35.51 25.59
C LEU F 409 -15.90 -35.05 26.78
N SER F 410 -16.81 -35.90 27.25
CA SER F 410 -17.66 -35.52 28.37
C SER F 410 -16.83 -35.28 29.63
N LEU F 411 -15.83 -36.12 29.88
CA LEU F 411 -14.98 -35.95 31.04
C LEU F 411 -14.16 -34.68 30.95
N LEU F 412 -13.57 -34.40 29.78
CA LEU F 412 -12.78 -33.20 29.63
C LEU F 412 -13.63 -31.94 29.59
N ASN F 413 -14.94 -32.07 29.38
CA ASN F 413 -15.80 -30.90 29.46
C ASN F 413 -15.80 -30.31 30.86
N LEU F 414 -15.83 -31.16 31.88
CA LEU F 414 -15.87 -30.70 33.26
C LEU F 414 -14.52 -30.23 33.78
N TYR F 415 -13.42 -30.55 33.10
CA TYR F 415 -12.08 -30.18 33.53
C TYR F 415 -11.36 -29.49 32.37
N PRO F 416 -11.64 -28.20 32.15
CA PRO F 416 -10.99 -27.51 31.03
C PRO F 416 -9.48 -27.41 31.17
N ALA F 417 -8.94 -27.51 32.38
CA ALA F 417 -7.49 -27.43 32.55
C ALA F 417 -6.78 -28.61 31.88
N PHE F 418 -7.32 -29.81 32.04
CA PHE F 418 -6.71 -30.99 31.45
C PHE F 418 -6.87 -31.05 29.94
N SER F 419 -7.70 -30.18 29.35
CA SER F 419 -7.91 -30.19 27.92
C SER F 419 -6.66 -29.77 27.15
N LEU F 420 -5.70 -29.14 27.82
CA LEU F 420 -4.47 -28.68 27.18
C LEU F 420 -3.36 -29.71 27.23
N ALA F 421 -3.60 -30.89 27.77
CA ALA F 421 -2.59 -31.93 27.87
C ALA F 421 -2.85 -32.99 26.80
N ASP F 422 -1.80 -33.37 26.09
CA ASP F 422 -1.89 -34.38 25.03
C ASP F 422 -1.55 -35.74 25.62
N ILE F 423 -2.41 -36.71 25.39
CA ILE F 423 -2.22 -38.07 25.87
C ILE F 423 -1.67 -38.90 24.73
N TYR F 424 -0.52 -39.52 24.94
CA TYR F 424 0.16 -40.29 23.92
C TYR F 424 0.59 -41.63 24.49
N ASP F 425 0.34 -42.70 23.77
CA ASP F 425 0.80 -44.01 24.21
C ASP F 425 2.22 -44.25 23.74
N ALA F 426 3.09 -44.64 24.66
CA ALA F 426 4.51 -44.82 24.37
C ALA F 426 4.97 -46.19 24.86
N ASN F 427 5.59 -46.95 23.95
CA ASN F 427 6.24 -48.19 24.35
C ASN F 427 7.51 -47.88 25.12
N GLU F 428 8.11 -48.92 25.70
CA GLU F 428 9.32 -48.70 26.49
C GLU F 428 10.46 -48.15 25.64
N VAL F 429 10.65 -48.69 24.43
CA VAL F 429 11.69 -48.18 23.56
C VAL F 429 11.34 -46.79 23.05
N ILE F 430 10.07 -46.59 22.68
CA ILE F 430 9.63 -45.28 22.23
C ILE F 430 9.83 -44.25 23.34
N LEU F 431 9.40 -44.59 24.56
CA LEU F 431 9.61 -43.70 25.68
C LEU F 431 11.09 -43.45 25.93
N ALA F 432 11.91 -44.48 25.71
CA ALA F 432 13.35 -44.34 25.93
C ALA F 432 13.95 -43.32 24.97
N ASN F 433 13.51 -43.33 23.71
CA ASN F 433 14.12 -42.44 22.72
C ASN F 433 13.24 -41.24 22.34
N ILE F 434 12.22 -40.92 23.14
CA ILE F 434 11.43 -39.73 22.83
C ILE F 434 11.36 -38.79 24.03
N ASN F 435 11.51 -39.32 25.24
CA ASN F 435 11.06 -38.60 26.43
C ASN F 435 11.85 -37.31 26.64
N PRO F 436 11.19 -36.27 27.18
CA PRO F 436 11.87 -34.98 27.36
C PRO F 436 13.04 -35.02 28.33
N GLY F 437 13.01 -35.91 29.33
CA GLY F 437 14.11 -35.95 30.28
C GLY F 437 15.43 -36.26 29.60
N TYR F 438 15.45 -37.29 28.76
CA TYR F 438 16.62 -37.60 27.96
C TYR F 438 16.87 -36.54 26.90
N SER F 439 15.85 -35.78 26.53
CA SER F 439 15.99 -34.68 25.59
C SER F 439 16.23 -33.36 26.29
N LYS F 440 16.32 -33.35 27.62
CA LYS F 440 16.51 -32.16 28.44
C LYS F 440 15.65 -30.99 27.98
N ALA F 441 14.40 -31.27 27.63
CA ALA F 441 13.48 -30.26 27.14
C ALA F 441 12.54 -29.79 28.23
N SER F 442 12.12 -28.54 28.15
CA SER F 442 11.14 -27.97 29.08
C SER F 442 9.74 -28.03 28.47
N ILE F 443 9.34 -29.26 28.15
CA ILE F 443 7.95 -29.60 27.89
C ILE F 443 7.54 -30.56 28.99
N PRO F 444 6.90 -30.08 30.06
CA PRO F 444 6.63 -30.94 31.20
C PRO F 444 5.76 -32.12 30.81
N PHE F 445 6.00 -33.25 31.45
CA PHE F 445 5.32 -34.49 31.11
C PHE F 445 5.21 -35.37 32.34
N VAL F 446 4.27 -36.31 32.29
CA VAL F 446 4.14 -37.33 33.33
C VAL F 446 3.97 -38.68 32.66
N ILE F 447 4.70 -39.68 33.14
CA ILE F 447 4.61 -41.03 32.62
C ILE F 447 3.72 -41.82 33.58
N ILE F 448 2.52 -42.17 33.12
CA ILE F 448 1.57 -42.91 33.94
C ILE F 448 1.79 -44.39 33.68
N LYS F 449 2.15 -45.14 34.72
CA LYS F 449 2.35 -46.58 34.59
C LYS F 449 1.78 -47.28 35.80
N ASP F 450 1.46 -48.56 35.62
CA ASP F 450 0.94 -49.39 36.69
C ASP F 450 2.08 -49.84 37.60
N ILE F 451 1.72 -50.16 38.84
CA ILE F 451 2.71 -50.65 39.80
C ILE F 451 3.24 -52.03 39.44
N ASP F 452 2.57 -52.72 38.53
CA ASP F 452 2.98 -54.09 38.18
C ASP F 452 4.29 -54.11 37.41
N THR F 453 4.70 -53.00 36.82
CA THR F 453 5.93 -52.96 36.05
C THR F 453 7.18 -53.00 36.93
N LEU F 454 7.04 -52.90 38.25
CA LEU F 454 8.16 -52.98 39.16
C LEU F 454 8.21 -54.28 39.94
N ILE F 455 7.07 -54.75 40.43
CA ILE F 455 7.00 -55.90 41.33
C ILE F 455 6.03 -56.91 40.75
N ASP F 456 6.44 -58.18 40.71
CA ASP F 456 5.55 -59.25 40.29
C ASP F 456 5.41 -60.25 41.43
N TYR F 457 4.17 -60.62 41.74
CA TYR F 457 3.85 -61.47 42.88
C TYR F 457 3.63 -62.90 42.43
N SER F 458 4.18 -63.84 43.20
CA SER F 458 4.02 -65.26 42.96
C SER F 458 3.16 -65.84 44.08
N ILE F 459 1.99 -66.38 43.69
CA ILE F 459 1.07 -66.97 44.66
C ILE F 459 1.62 -68.28 45.20
N LYS F 460 2.24 -69.09 44.34
CA LYS F 460 2.73 -70.41 44.77
C LYS F 460 3.78 -70.26 45.86
N THR F 461 4.74 -69.35 45.65
CA THR F 461 5.76 -69.09 46.66
C THR F 461 5.39 -67.94 47.60
N GLU F 462 4.29 -67.24 47.32
CA GLU F 462 3.85 -66.10 48.13
C GLU F 462 4.95 -65.05 48.26
N LYS F 463 5.58 -64.72 47.14
CA LYS F 463 6.77 -63.88 47.16
C LYS F 463 6.73 -62.82 46.07
N PHE F 464 7.17 -61.61 46.41
CA PHE F 464 7.39 -60.58 45.40
C PHE F 464 8.79 -60.72 44.81
N SER F 465 8.88 -60.51 43.51
CA SER F 465 10.17 -60.43 42.82
C SER F 465 10.24 -59.11 42.06
N LEU F 466 11.47 -58.63 41.88
CA LEU F 466 11.73 -57.28 41.42
C LEU F 466 11.92 -57.27 39.91
N ARG F 467 11.25 -56.34 39.23
CA ARG F 467 11.43 -56.21 37.79
C ARG F 467 12.67 -55.38 37.47
N PRO F 468 13.29 -55.60 36.31
CA PRO F 468 14.52 -54.86 35.99
C PRO F 468 14.34 -53.36 35.94
N LEU F 469 13.17 -52.88 35.54
CA LEU F 469 12.94 -51.43 35.51
C LEU F 469 12.99 -50.83 36.91
N PHE F 470 12.54 -51.58 37.92
CA PHE F 470 12.69 -51.11 39.30
C PHE F 470 14.15 -51.00 39.69
N GLU F 471 14.97 -51.96 39.29
CA GLU F 471 16.40 -51.87 39.56
C GLU F 471 17.02 -50.67 38.85
N LYS F 472 16.58 -50.41 37.61
CA LYS F 472 17.07 -49.24 36.90
C LYS F 472 16.67 -47.95 37.60
N MET F 473 15.44 -47.89 38.11
CA MET F 473 14.99 -46.70 38.85
C MET F 473 15.81 -46.52 40.13
N ILE F 474 16.09 -47.62 40.82
CA ILE F 474 16.93 -47.55 42.03
C ILE F 474 18.31 -47.04 41.67
N LYS F 475 18.89 -47.57 40.59
CA LYS F 475 20.23 -47.14 40.18
C LYS F 475 20.24 -45.67 39.79
N GLU F 476 19.18 -45.19 39.15
CA GLU F 476 19.11 -43.77 38.82
C GLU F 476 18.94 -42.91 40.08
N LEU F 477 18.22 -43.42 41.07
CA LEU F 477 17.95 -42.63 42.27
C LEU F 477 19.05 -42.73 43.31
N THR F 478 19.98 -43.67 43.17
CA THR F 478 21.04 -43.86 44.17
C THR F 478 22.28 -43.04 43.87
N LYS F 479 22.12 -41.91 43.16
CA LYS F 479 23.26 -41.04 42.84
C LYS F 479 23.96 -40.52 44.08
N GLU F 480 23.41 -40.74 45.26
CA GLU F 480 24.06 -40.32 46.50
C GLU F 480 25.11 -41.31 46.98
N PHE F 481 25.26 -42.45 46.30
CA PHE F 481 26.33 -43.40 46.62
C PHE F 481 27.71 -42.89 46.25
N ASP F 482 27.80 -41.76 45.54
CA ASP F 482 29.08 -41.20 45.11
C ASP F 482 29.24 -39.74 45.54
N TYR F 483 28.57 -39.32 46.62
CA TYR F 483 28.57 -37.91 46.98
C TYR F 483 28.46 -37.76 48.49
N TYR F 484 28.40 -36.51 48.95
CA TYR F 484 28.48 -36.15 50.35
C TYR F 484 27.09 -36.19 51.00
N ASP F 485 26.99 -35.63 52.20
CA ASP F 485 25.78 -35.70 53.00
C ASP F 485 24.98 -34.41 52.93
N THR F 486 23.67 -34.56 52.84
CA THR F 486 22.71 -33.46 52.94
C THR F 486 21.37 -34.07 53.37
N GLY F 487 20.29 -33.32 53.22
CA GLY F 487 19.00 -33.74 53.73
C GLY F 487 18.29 -34.84 52.96
N PHE F 488 19.06 -35.67 52.24
CA PHE F 488 18.51 -36.73 51.42
C PHE F 488 18.35 -38.06 52.16
N GLY F 489 18.54 -38.09 53.49
CA GLY F 489 18.56 -39.35 54.21
C GLY F 489 17.25 -40.12 54.11
N ARG F 490 16.12 -39.40 54.10
CA ARG F 490 14.84 -40.08 54.01
C ARG F 490 14.69 -40.84 52.69
N VAL F 491 15.24 -40.29 51.61
CA VAL F 491 15.24 -41.01 50.35
C VAL F 491 16.02 -42.30 50.48
N ARG F 492 17.15 -42.26 51.20
CA ARG F 492 17.93 -43.47 51.37
C ARG F 492 17.16 -44.49 52.17
N LYS F 493 16.44 -44.03 53.19
CA LYS F 493 15.61 -44.93 53.98
C LYS F 493 14.54 -45.58 53.12
N GLU F 494 13.89 -44.80 52.26
CA GLU F 494 12.87 -45.35 51.37
C GLU F 494 13.47 -46.38 50.43
N ILE F 495 14.68 -46.11 49.92
CA ILE F 495 15.34 -47.07 49.04
C ILE F 495 15.68 -48.34 49.80
N ASP F 496 16.08 -48.21 51.06
CA ASP F 496 16.31 -49.40 51.88
C ASP F 496 15.04 -50.21 52.05
N LEU F 497 13.90 -49.54 52.27
CA LEU F 497 12.64 -50.26 52.36
C LEU F 497 12.31 -50.95 51.04
N PHE F 498 12.60 -50.29 49.91
CA PHE F 498 12.41 -50.92 48.61
C PHE F 498 13.27 -52.18 48.48
N SER F 499 14.50 -52.13 49.00
CA SER F 499 15.35 -53.31 48.99
C SER F 499 14.75 -54.43 49.84
N ASP F 500 14.24 -54.08 51.02
CA ASP F 500 13.62 -55.08 51.89
C ASP F 500 12.32 -55.64 51.33
N ILE F 501 11.71 -54.96 50.35
CA ILE F 501 10.52 -55.51 49.70
C ILE F 501 10.83 -56.89 49.11
N GLN F 502 12.05 -57.09 48.61
CA GLN F 502 12.39 -58.36 47.98
C GLN F 502 12.27 -59.52 48.96
N SER F 503 12.94 -59.43 50.11
CA SER F 503 13.02 -60.56 51.01
C SER F 503 11.69 -60.89 51.67
N SER F 504 10.80 -59.91 51.82
CA SER F 504 9.55 -60.14 52.52
C SER F 504 8.63 -61.05 51.73
N THR F 505 7.98 -61.97 52.45
CA THR F 505 6.95 -62.84 51.91
C THR F 505 5.62 -62.48 52.56
N LYS F 506 4.53 -62.60 51.79
CA LYS F 506 3.23 -62.20 52.29
C LYS F 506 2.20 -63.26 51.93
N LYS F 507 1.29 -63.54 52.86
CA LYS F 507 0.33 -64.62 52.71
C LYS F 507 -0.93 -64.12 52.02
N HIS F 508 -1.54 -64.98 51.21
CA HIS F 508 -2.74 -64.65 50.45
C HIS F 508 -3.95 -65.41 50.99
N MET F 509 -5.13 -64.93 50.60
CA MET F 509 -6.39 -65.54 50.99
C MET F 509 -7.20 -65.90 49.75
N ASP F 510 -8.16 -66.79 49.94
CA ASP F 510 -9.04 -67.27 48.86
C ASP F 510 -8.24 -67.77 47.66
N SER F 511 -7.19 -68.56 47.94
CA SER F 511 -6.33 -69.15 46.92
C SER F 511 -5.61 -68.09 46.08
N GLY F 512 -5.31 -66.94 46.69
CA GLY F 512 -4.52 -65.93 46.01
C GLY F 512 -5.31 -64.87 45.29
N LEU F 513 -6.33 -64.32 45.95
CA LEU F 513 -7.12 -63.25 45.36
C LEU F 513 -7.08 -61.96 46.16
N PHE F 514 -6.83 -62.02 47.47
CA PHE F 514 -6.79 -60.84 48.31
C PHE F 514 -5.62 -60.94 49.28
N PHE F 515 -5.19 -59.78 49.77
CA PHE F 515 -4.09 -59.70 50.72
C PHE F 515 -4.61 -59.64 52.14
N LYS F 516 -3.99 -60.42 53.03
CA LYS F 516 -4.50 -60.56 54.39
C LYS F 516 -4.41 -59.25 55.16
N ARG F 517 -3.24 -58.63 55.15
CA ARG F 517 -3.02 -57.41 55.93
C ARG F 517 -2.46 -56.30 55.07
N PHE F 518 -1.73 -56.67 54.02
CA PHE F 518 -0.99 -55.71 53.24
C PHE F 518 -1.91 -54.81 52.42
N SER F 519 -1.54 -53.54 52.33
CA SER F 519 -2.24 -52.58 51.49
C SER F 519 -1.28 -52.13 50.40
N LEU F 520 -1.55 -52.57 49.17
CA LEU F 520 -0.74 -52.11 48.04
C LEU F 520 -0.88 -50.62 47.81
N HIS F 521 -1.91 -50.00 48.35
CA HIS F 521 -2.07 -48.56 48.22
C HIS F 521 -0.96 -47.82 48.95
N ASN F 522 -0.55 -48.31 50.12
CA ASN F 522 0.55 -47.67 50.85
C ASN F 522 1.86 -47.78 50.07
N LEU F 523 2.16 -48.95 49.52
CA LEU F 523 3.37 -49.11 48.73
C LEU F 523 3.33 -48.24 47.47
N SER F 524 2.16 -48.15 46.85
CA SER F 524 2.02 -47.28 45.68
C SER F 524 2.24 -45.83 46.06
N SER F 525 1.72 -45.40 47.21
CA SER F 525 1.94 -44.03 47.66
C SER F 525 3.41 -43.78 47.91
N ARG F 526 4.11 -44.73 48.53
CA ARG F 526 5.54 -44.56 48.76
C ARG F 526 6.31 -44.48 47.44
N ILE F 527 5.96 -45.34 46.48
CA ILE F 527 6.64 -45.32 45.19
C ILE F 527 6.41 -44.00 44.48
N ASN F 528 5.16 -43.51 44.49
CA ASN F 528 4.88 -42.24 43.84
C ASN F 528 5.62 -41.09 44.52
N LYS F 529 5.65 -41.10 45.85
CA LYS F 529 6.38 -40.06 46.58
C LYS F 529 7.86 -40.07 46.22
N VAL F 530 8.45 -41.26 46.11
CA VAL F 530 9.87 -41.35 45.80
C VAL F 530 10.14 -40.93 44.36
N SER F 531 9.30 -41.38 43.41
CA SER F 531 9.58 -41.25 41.99
C SER F 531 8.98 -40.01 41.35
N ARG F 532 8.24 -39.17 42.09
CA ARG F 532 7.74 -37.94 41.51
C ARG F 532 8.85 -37.06 40.97
N LYS F 533 10.07 -37.22 41.48
CA LYS F 533 11.20 -36.41 41.02
C LYS F 533 11.71 -36.92 39.69
N LEU F 534 11.33 -38.13 39.32
CA LEU F 534 11.67 -38.70 38.04
C LEU F 534 10.49 -38.59 37.06
N ASN F 535 9.45 -37.84 37.43
CA ASN F 535 8.32 -37.53 36.57
C ASN F 535 7.46 -38.72 36.23
N ARG F 536 7.59 -39.84 36.95
CA ARG F 536 6.77 -41.02 36.71
C ARG F 536 5.75 -41.18 37.84
N TYR F 537 4.49 -41.31 37.47
CA TYR F 537 3.42 -41.60 38.42
C TYR F 537 2.99 -43.04 38.23
N PHE F 538 2.85 -43.76 39.33
CA PHE F 538 2.47 -45.17 39.31
C PHE F 538 1.07 -45.28 39.90
N MET F 539 0.10 -45.58 39.04
CA MET F 539 -1.27 -45.80 39.48
C MET F 539 -1.39 -47.13 40.19
N THR F 540 -2.19 -47.15 41.26
CA THR F 540 -2.29 -48.34 42.09
C THR F 540 -2.88 -49.52 41.32
N THR F 541 -3.92 -49.26 40.53
CA THR F 541 -4.60 -50.30 39.78
C THR F 541 -4.75 -49.87 38.32
N THR F 542 -5.08 -50.83 37.47
CA THR F 542 -5.24 -50.56 36.05
C THR F 542 -6.40 -49.60 35.81
N ILE F 543 -6.43 -49.02 34.61
CA ILE F 543 -7.50 -48.09 34.26
C ILE F 543 -8.86 -48.78 34.35
N GLU F 544 -8.96 -49.97 33.76
CA GLU F 544 -10.14 -50.79 33.91
C GLU F 544 -10.36 -51.21 35.36
N GLY F 545 -9.30 -51.28 36.16
CA GLY F 545 -9.48 -51.49 37.58
C GLY F 545 -9.86 -50.23 38.32
N ALA F 546 -9.48 -49.07 37.78
CA ALA F 546 -9.82 -47.80 38.41
C ALA F 546 -11.26 -47.41 38.16
N LEU F 547 -11.80 -47.77 36.99
CA LEU F 547 -13.20 -47.45 36.70
C LEU F 547 -14.14 -48.35 37.49
N ILE F 548 -13.82 -49.63 37.60
CA ILE F 548 -14.64 -50.58 38.34
C ILE F 548 -14.15 -50.56 39.78
N ASN F 549 -14.70 -49.64 40.56
CA ASN F 549 -14.43 -49.56 41.98
C ASN F 549 -15.72 -49.70 42.76
N GLU F 550 -15.58 -49.95 44.06
CA GLU F 550 -16.74 -50.22 44.90
C GLU F 550 -17.71 -49.05 44.92
N GLN F 551 -17.22 -47.82 44.77
CA GLN F 551 -18.10 -46.66 44.84
C GLN F 551 -18.95 -46.50 43.58
N SER F 552 -18.45 -46.94 42.43
CA SER F 552 -19.16 -46.76 41.15
C SER F 552 -19.96 -47.97 40.74
N LEU F 553 -20.02 -49.01 41.57
CA LEU F 553 -20.78 -50.20 41.20
C LEU F 553 -22.26 -49.93 40.93
N PRO F 554 -22.99 -49.12 41.71
CA PRO F 554 -24.39 -48.83 41.34
C PRO F 554 -24.52 -48.31 39.91
N TYR F 555 -23.80 -47.25 39.57
CA TYR F 555 -23.85 -46.71 38.23
C TYR F 555 -23.49 -47.75 37.18
N PHE F 556 -22.44 -48.53 37.43
CA PHE F 556 -22.12 -49.66 36.56
C PHE F 556 -23.35 -50.54 36.34
N PHE F 557 -24.00 -50.95 37.43
CA PHE F 557 -25.22 -51.74 37.26
C PHE F 557 -26.26 -50.96 36.47
N ASN F 558 -26.43 -49.68 36.77
CA ASN F 558 -27.32 -48.85 35.97
C ASN F 558 -26.95 -48.93 34.50
N TRP F 559 -25.65 -48.82 34.20
CA TRP F 559 -25.23 -48.93 32.80
C TRP F 559 -25.70 -50.23 32.19
N ILE F 560 -25.53 -51.35 32.92
CA ILE F 560 -25.99 -52.63 32.41
C ILE F 560 -27.48 -52.56 32.13
N GLY F 561 -28.24 -52.00 33.07
CA GLY F 561 -29.67 -51.84 32.84
C GLY F 561 -29.93 -51.10 31.55
N ASP F 562 -29.18 -50.01 31.31
CA ASP F 562 -29.35 -49.27 30.07
C ASP F 562 -29.10 -50.18 28.87
N VAL F 563 -27.99 -50.92 28.89
CA VAL F 563 -27.67 -51.72 27.70
C VAL F 563 -28.67 -52.86 27.56
N ILE F 564 -29.43 -53.15 28.62
CA ILE F 564 -30.51 -54.11 28.49
C ILE F 564 -31.78 -53.43 28.01
N LEU F 565 -32.05 -52.22 28.50
CA LEU F 565 -33.36 -51.62 28.28
C LEU F 565 -33.44 -50.87 26.96
N THR F 566 -32.36 -50.20 26.56
CA THR F 566 -32.39 -49.34 25.38
C THR F 566 -31.58 -49.87 24.21
N GLN F 567 -30.43 -50.49 24.47
CA GLN F 567 -29.55 -50.95 23.40
C GLN F 567 -29.91 -52.34 22.88
N MET F 568 -30.94 -52.97 23.44
CA MET F 568 -31.35 -54.31 23.02
C MET F 568 -32.59 -54.24 22.13
N THR F 569 -32.68 -55.18 21.20
CA THR F 569 -33.78 -55.28 20.25
C THR F 569 -34.22 -56.73 20.14
N ILE F 570 -35.20 -56.96 19.27
CA ILE F 570 -35.81 -58.28 19.09
C ILE F 570 -35.31 -58.87 17.78
N ASN F 571 -34.85 -60.13 17.85
CA ASN F 571 -34.25 -60.80 16.70
C ASN F 571 -35.29 -61.58 15.91
N ASN F 572 -36.22 -60.85 15.29
CA ASN F 572 -37.22 -61.44 14.41
C ASN F 572 -37.93 -60.37 13.59
N PRO F 573 -38.18 -60.63 12.30
CA PRO F 573 -38.94 -59.66 11.49
C PRO F 573 -40.41 -59.55 11.86
N ASN F 574 -40.93 -60.47 12.68
CA ASN F 574 -42.33 -60.45 13.11
C ASN F 574 -42.37 -60.49 14.63
N PRO F 575 -42.26 -59.33 15.28
CA PRO F 575 -42.19 -59.33 16.76
C PRO F 575 -43.37 -59.99 17.45
N ASP F 576 -44.58 -59.87 16.90
CA ASP F 576 -45.77 -60.35 17.61
C ASP F 576 -45.75 -61.87 17.76
N LYS F 577 -45.76 -62.58 16.64
CA LYS F 577 -45.78 -64.04 16.69
C LYS F 577 -44.53 -64.59 17.36
N PHE F 578 -43.39 -63.96 17.12
CA PHE F 578 -42.14 -64.38 17.74
C PHE F 578 -42.22 -64.31 19.27
N ILE F 579 -42.62 -63.15 19.80
CA ILE F 579 -42.65 -62.98 21.25
C ILE F 579 -43.73 -63.87 21.86
N GLU F 580 -44.86 -64.06 21.18
CA GLU F 580 -45.87 -64.98 21.70
C GLU F 580 -45.36 -66.41 21.72
N ALA F 581 -44.67 -66.83 20.65
CA ALA F 581 -44.20 -68.22 20.56
C ALA F 581 -43.16 -68.51 21.64
N MET F 582 -42.21 -67.60 21.84
CA MET F 582 -41.22 -67.85 22.89
C MET F 582 -41.72 -67.56 24.30
N ARG F 583 -42.80 -66.80 24.45
CA ARG F 583 -43.47 -66.76 25.74
C ARG F 583 -44.13 -68.10 26.04
N ARG F 584 -44.73 -68.72 25.02
CA ARG F 584 -45.36 -70.02 25.21
C ARG F 584 -44.32 -71.10 25.51
N ARG F 585 -43.26 -71.17 24.70
CA ARG F 585 -42.34 -72.29 24.76
C ARG F 585 -41.50 -72.27 26.03
N TYR F 586 -40.94 -71.11 26.37
CA TYR F 586 -40.03 -70.98 27.51
C TYR F 586 -40.75 -70.25 28.64
N ASN F 587 -40.67 -70.81 29.84
CA ASN F 587 -41.31 -70.20 31.00
C ASN F 587 -40.58 -68.91 31.37
N ILE F 588 -41.35 -67.95 31.88
CA ILE F 588 -40.78 -66.66 32.27
C ILE F 588 -39.88 -66.82 33.49
N LYS F 589 -40.26 -67.68 34.43
CA LYS F 589 -39.53 -67.81 35.69
C LYS F 589 -38.40 -68.84 35.59
N SER F 590 -38.75 -70.10 35.30
CA SER F 590 -37.77 -71.18 35.35
C SER F 590 -36.83 -71.19 34.15
N GLN F 591 -37.17 -70.51 33.07
CA GLN F 591 -36.37 -70.49 31.85
C GLN F 591 -36.17 -69.06 31.36
N VAL F 592 -35.84 -68.15 32.28
CA VAL F 592 -35.68 -66.75 31.90
C VAL F 592 -34.45 -66.56 31.04
N VAL F 593 -33.37 -67.29 31.32
CA VAL F 593 -32.11 -67.12 30.59
C VAL F 593 -32.27 -67.50 29.12
N PRO F 594 -32.77 -68.70 28.77
CA PRO F 594 -32.93 -69.01 27.35
C PRO F 594 -33.98 -68.14 26.67
N LEU F 595 -35.03 -67.74 27.39
CA LEU F 595 -36.02 -66.84 26.82
C LEU F 595 -35.39 -65.50 26.44
N PHE F 596 -34.57 -64.96 27.33
CA PHE F 596 -33.88 -63.70 27.03
C PHE F 596 -32.87 -63.89 25.90
N LYS F 597 -32.18 -65.03 25.87
CA LYS F 597 -31.22 -65.28 24.80
C LYS F 597 -31.90 -65.33 23.44
N SER F 598 -33.06 -66.00 23.36
CA SER F 598 -33.75 -66.10 22.08
C SER F 598 -34.43 -64.78 21.70
N VAL F 599 -35.03 -64.10 22.66
CA VAL F 599 -35.84 -62.92 22.36
C VAL F 599 -34.95 -61.72 22.06
N PHE F 600 -34.06 -61.39 22.98
CA PHE F 600 -33.34 -60.12 22.94
C PHE F 600 -31.92 -60.31 22.40
N CYS F 601 -31.45 -59.29 21.70
CA CYS F 601 -30.07 -59.28 21.21
C CYS F 601 -29.63 -57.83 21.03
N ILE F 602 -28.33 -57.61 21.17
CA ILE F 602 -27.78 -56.26 21.04
C ILE F 602 -27.76 -55.88 19.57
N GLY F 603 -28.33 -54.72 19.25
CA GLY F 603 -28.36 -54.24 17.88
C GLY F 603 -28.39 -52.72 17.80
N LEU F 604 -27.64 -52.16 16.85
CA LEU F 604 -27.61 -50.70 16.70
C LEU F 604 -28.97 -50.16 16.28
N ASN F 605 -29.64 -50.84 15.36
CA ASN F 605 -30.94 -50.41 14.87
C ASN F 605 -32.04 -50.94 15.78
N HIS F 606 -32.99 -50.08 16.14
CA HIS F 606 -34.09 -50.43 17.02
C HIS F 606 -35.40 -50.32 16.25
N PRO F 607 -35.85 -51.39 15.61
CA PRO F 607 -37.13 -51.34 14.90
C PRO F 607 -38.30 -51.17 15.87
N VAL F 608 -39.35 -50.50 15.39
CA VAL F 608 -40.51 -50.21 16.22
C VAL F 608 -41.33 -51.48 16.39
N TYR F 609 -41.70 -51.77 17.64
CA TYR F 609 -42.50 -52.94 17.97
C TYR F 609 -43.89 -52.51 18.45
N SER F 610 -44.80 -53.47 18.47
CA SER F 610 -46.18 -53.18 18.84
C SER F 610 -46.29 -52.94 20.35
N SER F 611 -47.44 -52.38 20.75
CA SER F 611 -47.65 -52.06 22.16
C SER F 611 -47.63 -53.32 23.03
N ALA F 612 -48.31 -54.38 22.59
CA ALA F 612 -48.29 -55.62 23.34
C ALA F 612 -46.88 -56.22 23.37
N VAL F 613 -46.20 -56.19 22.23
CA VAL F 613 -44.83 -56.70 22.18
C VAL F 613 -43.90 -55.85 23.04
N ASP F 614 -44.06 -54.53 22.99
CA ASP F 614 -43.23 -53.66 23.82
C ASP F 614 -43.47 -53.92 25.30
N LYS F 615 -44.73 -54.10 25.70
CA LYS F 615 -45.05 -54.37 27.10
C LYS F 615 -44.47 -55.71 27.53
N GLN F 616 -44.60 -56.74 26.69
CA GLN F 616 -44.04 -58.05 27.02
C GLN F 616 -42.52 -57.98 27.16
N ALA F 617 -41.87 -57.28 26.23
CA ALA F 617 -40.42 -57.14 26.30
C ALA F 617 -40.00 -56.39 27.55
N LEU F 618 -40.74 -55.33 27.90
CA LEU F 618 -40.43 -54.58 29.11
C LEU F 618 -40.58 -55.44 30.35
N ARG F 619 -41.63 -56.26 30.41
CA ARG F 619 -41.83 -57.13 31.56
C ARG F 619 -40.73 -58.16 31.67
N ILE F 620 -40.35 -58.77 30.54
CA ILE F 620 -39.26 -59.75 30.55
C ILE F 620 -37.95 -59.09 30.96
N LYS F 621 -37.71 -57.86 30.49
CA LYS F 621 -36.51 -57.14 30.86
C LYS F 621 -36.47 -56.86 32.36
N LEU F 622 -37.59 -56.42 32.93
CA LEU F 622 -37.62 -56.15 34.37
C LEU F 622 -37.41 -57.41 35.17
N SER F 623 -38.03 -58.51 34.74
CA SER F 623 -37.85 -59.79 35.44
C SER F 623 -36.39 -60.23 35.36
N PHE F 624 -35.76 -60.10 34.19
CA PHE F 624 -34.36 -60.48 34.05
C PHE F 624 -33.45 -59.58 34.88
N LEU F 625 -33.78 -58.29 34.97
CA LEU F 625 -32.98 -57.38 35.79
C LEU F 625 -33.05 -57.78 37.26
N ASN F 626 -34.26 -58.07 37.75
CA ASN F 626 -34.41 -58.51 39.14
C ASN F 626 -33.68 -59.83 39.37
N TYR F 627 -33.80 -60.78 38.43
CA TYR F 627 -33.10 -62.04 38.56
C TYR F 627 -31.59 -61.83 38.61
N LEU F 628 -31.07 -60.97 37.71
CA LEU F 628 -29.64 -60.75 37.68
C LEU F 628 -29.14 -60.10 38.96
N LYS F 629 -29.90 -59.14 39.49
CA LYS F 629 -29.53 -58.53 40.76
C LYS F 629 -29.49 -59.56 41.87
N ARG F 630 -30.53 -60.41 41.94
CA ARG F 630 -30.58 -61.45 42.97
C ARG F 630 -29.39 -62.38 42.85
N LYS F 631 -29.12 -62.87 41.64
CA LYS F 631 -28.05 -63.85 41.47
C LYS F 631 -26.68 -63.24 41.69
N VAL F 632 -26.49 -61.98 41.30
CA VAL F 632 -25.22 -61.31 41.57
C VAL F 632 -25.00 -61.16 43.06
N TYR F 633 -26.04 -60.76 43.80
CA TYR F 633 -25.88 -60.63 45.24
C TYR F 633 -25.79 -61.97 45.95
N SER F 634 -26.24 -63.05 45.31
CA SER F 634 -26.23 -64.36 45.95
C SER F 634 -24.94 -65.15 45.69
N ASP F 635 -24.53 -65.24 44.44
CA ASP F 635 -23.39 -66.10 44.10
C ASP F 635 -22.09 -65.57 44.69
N PHE F 636 -21.96 -64.27 44.86
CA PHE F 636 -20.75 -63.65 45.40
C PHE F 636 -20.99 -63.24 46.84
N ASN F 637 -20.02 -63.56 47.71
CA ASN F 637 -20.19 -63.34 49.14
C ASN F 637 -20.26 -61.85 49.48
N ASN F 638 -19.39 -61.05 48.87
CA ASN F 638 -19.27 -59.65 49.25
C ASN F 638 -19.02 -58.80 48.02
N GLU F 639 -19.15 -57.48 48.20
CA GLU F 639 -19.00 -56.54 47.09
C GLU F 639 -17.59 -56.58 46.51
N LYS F 640 -16.58 -56.88 47.34
CA LYS F 640 -15.22 -56.97 46.84
C LYS F 640 -15.07 -58.08 45.81
N GLU F 641 -15.71 -59.23 46.06
CA GLU F 641 -15.68 -60.31 45.08
C GLU F 641 -16.37 -59.90 43.79
N ILE F 642 -17.46 -59.14 43.89
CA ILE F 642 -18.15 -58.65 42.69
C ILE F 642 -17.23 -57.73 41.89
N VAL F 643 -16.58 -56.79 42.56
CA VAL F 643 -15.67 -55.87 41.88
C VAL F 643 -14.53 -56.63 41.23
N LEU F 644 -13.96 -57.60 41.94
CA LEU F 644 -12.86 -58.39 41.39
C LEU F 644 -13.31 -59.18 40.16
N ALA F 645 -14.49 -59.78 40.23
CA ALA F 645 -14.99 -60.57 39.10
C ALA F 645 -15.22 -59.68 37.89
N LEU F 646 -15.82 -58.51 38.10
CA LEU F 646 -16.04 -57.59 36.97
C LEU F 646 -14.71 -57.13 36.39
N ARG F 647 -13.74 -56.83 37.25
CA ARG F 647 -12.44 -56.39 36.75
C ARG F 647 -11.77 -57.47 35.90
N LEU F 648 -11.74 -58.70 36.41
CA LEU F 648 -11.13 -59.78 35.65
C LEU F 648 -11.87 -60.03 34.35
N ALA F 649 -13.21 -59.99 34.38
CA ALA F 649 -13.99 -60.32 33.20
C ALA F 649 -13.72 -59.37 32.03
N PHE F 650 -13.31 -58.13 32.33
CA PHE F 650 -12.92 -57.15 31.34
C PHE F 650 -11.42 -57.15 31.06
N GLY F 651 -10.68 -58.10 31.62
CA GLY F 651 -9.24 -58.17 31.42
C GLY F 651 -8.40 -57.57 32.53
N GLY F 652 -8.98 -57.33 33.70
CA GLY F 652 -8.28 -56.66 34.77
C GLY F 652 -7.36 -57.59 35.54
N LYS F 653 -6.90 -57.10 36.68
CA LYS F 653 -6.02 -57.85 37.56
C LYS F 653 -6.52 -57.76 38.99
N THR F 654 -6.13 -58.73 39.80
CA THR F 654 -6.58 -58.79 41.19
C THR F 654 -5.75 -57.83 42.04
N GLU F 655 -5.97 -57.86 43.35
CA GLU F 655 -5.06 -57.17 44.26
C GLU F 655 -3.65 -57.76 44.17
N THR F 656 -3.55 -59.03 43.79
CA THR F 656 -2.27 -59.69 43.58
C THR F 656 -1.74 -59.48 42.17
N GLN F 657 -2.43 -58.69 41.35
CA GLN F 657 -1.99 -58.35 39.99
C GLN F 657 -1.89 -59.60 39.11
N TYR F 658 -3.04 -60.25 38.92
CA TYR F 658 -3.13 -61.45 38.08
C TYR F 658 -4.29 -61.30 37.11
N THR F 659 -4.03 -61.59 35.83
CA THR F 659 -5.05 -61.55 34.80
C THR F 659 -5.76 -62.91 34.71
N LEU F 660 -6.89 -62.92 34.00
CA LEU F 660 -7.62 -64.17 33.80
C LEU F 660 -6.78 -65.18 33.03
N ASP F 661 -6.09 -64.74 31.97
CA ASP F 661 -5.22 -65.64 31.23
C ASP F 661 -4.06 -66.13 32.10
N LYS F 662 -3.52 -65.25 32.94
CA LYS F 662 -2.44 -65.66 33.84
C LYS F 662 -2.92 -66.73 34.80
N LEU F 663 -4.11 -66.56 35.37
CA LEU F 663 -4.66 -67.57 36.27
C LEU F 663 -4.92 -68.87 35.52
N ARG F 664 -5.44 -68.78 34.30
CA ARG F 664 -5.73 -69.99 33.52
C ARG F 664 -4.44 -70.76 33.21
N LYS F 665 -3.38 -70.05 32.81
CA LYS F 665 -2.11 -70.72 32.55
C LYS F 665 -1.53 -71.32 33.83
N ASP F 666 -1.56 -70.54 34.92
CA ASP F 666 -0.98 -71.03 36.17
C ASP F 666 -1.87 -72.09 36.82
N GLY F 667 -3.18 -71.87 36.85
CA GLY F 667 -4.11 -72.85 37.37
C GLY F 667 -4.75 -72.55 38.71
N GLU F 668 -4.59 -71.32 39.22
CA GLU F 668 -5.20 -70.94 40.49
C GLU F 668 -6.59 -70.34 40.27
N ALA F 669 -7.31 -70.18 41.37
CA ALA F 669 -8.65 -69.58 41.37
C ALA F 669 -9.58 -70.30 40.41
N GLU F 670 -9.58 -71.63 40.50
CA GLU F 670 -10.42 -72.43 39.61
C GLU F 670 -11.90 -72.14 39.83
N LEU F 671 -12.32 -72.03 41.09
CA LEU F 671 -13.74 -71.81 41.39
C LEU F 671 -14.19 -70.45 40.86
N PHE F 672 -13.39 -69.40 41.10
CA PHE F 672 -13.75 -68.08 40.63
C PHE F 672 -13.77 -68.04 39.10
N ARG F 673 -12.80 -68.69 38.46
CA ARG F 673 -12.78 -68.73 37.01
C ARG F 673 -14.01 -69.42 36.45
N GLU F 674 -14.42 -70.54 37.06
CA GLU F 674 -15.61 -71.24 36.59
C GLU F 674 -16.87 -70.43 36.83
N LYS F 675 -16.94 -69.71 37.95
CA LYS F 675 -18.09 -68.84 38.19
C LYS F 675 -18.18 -67.75 37.13
N ILE F 676 -17.04 -67.12 36.81
CA ILE F 676 -17.04 -66.07 35.80
C ILE F 676 -17.41 -66.65 34.42
N LYS F 677 -16.91 -67.85 34.12
CA LYS F 677 -17.26 -68.49 32.85
C LYS F 677 -18.76 -68.79 32.78
N ASN F 678 -19.34 -69.26 33.89
CA ASN F 678 -20.77 -69.50 33.92
C ASN F 678 -21.55 -68.20 33.70
N TYR F 679 -21.10 -67.12 34.33
CA TYR F 679 -21.79 -65.84 34.16
C TYR F 679 -21.69 -65.33 32.74
N LYS F 680 -20.53 -65.50 32.11
CA LYS F 680 -20.36 -64.99 30.74
C LYS F 680 -21.10 -65.85 29.73
N ASN F 681 -21.23 -67.16 29.98
CA ASN F 681 -21.91 -68.03 29.03
C ASN F 681 -23.41 -68.12 29.27
N ASN F 682 -23.90 -67.69 30.43
CA ASN F 682 -25.33 -67.79 30.71
C ASN F 682 -25.99 -66.42 30.88
N GLU F 683 -25.51 -65.59 31.80
CA GLU F 683 -26.21 -64.36 32.13
C GLU F 683 -25.68 -63.16 31.36
N LEU F 684 -24.36 -63.05 31.20
CA LEU F 684 -23.75 -61.92 30.52
C LEU F 684 -23.35 -62.26 29.08
N PHE F 685 -24.13 -63.10 28.41
CA PHE F 685 -23.84 -63.44 27.02
C PHE F 685 -23.94 -62.23 26.12
N PHE F 686 -24.84 -61.29 26.43
CA PHE F 686 -24.99 -60.10 25.61
C PHE F 686 -23.82 -59.13 25.80
N LEU F 687 -23.27 -59.06 27.01
CA LEU F 687 -22.13 -58.19 27.28
C LEU F 687 -20.80 -58.85 26.95
N GLU F 688 -20.79 -60.08 26.47
CA GLU F 688 -19.52 -60.73 26.11
C GLU F 688 -18.76 -59.96 25.04
N PRO F 689 -19.35 -59.51 23.93
CA PRO F 689 -18.56 -58.76 22.95
C PRO F 689 -17.96 -57.49 23.50
N GLN F 690 -18.50 -56.94 24.57
CA GLN F 690 -17.97 -55.73 25.19
C GLN F 690 -16.98 -56.04 26.31
N MET F 691 -16.66 -57.32 26.54
CA MET F 691 -15.70 -57.72 27.55
C MET F 691 -14.25 -57.45 27.13
N THR F 692 -14.01 -57.16 25.87
CA THR F 692 -12.63 -57.00 25.40
C THR F 692 -12.10 -55.62 25.79
N LYS F 693 -10.76 -55.54 25.83
CA LYS F 693 -10.11 -54.28 26.19
C LYS F 693 -10.34 -53.21 25.12
N THR F 694 -10.42 -53.61 23.86
CA THR F 694 -10.59 -52.69 22.75
C THR F 694 -12.05 -52.54 22.33
N SER F 695 -12.98 -53.10 23.10
CA SER F 695 -14.39 -52.99 22.73
C SER F 695 -14.91 -51.57 22.85
N GLY F 696 -14.21 -50.70 23.56
CA GLY F 696 -14.72 -49.36 23.78
C GLY F 696 -15.80 -49.27 24.83
N TRP F 697 -15.89 -50.23 25.74
CA TRP F 697 -16.85 -50.13 26.83
C TRP F 697 -16.54 -48.98 27.76
N VAL F 698 -15.29 -48.50 27.78
CA VAL F 698 -14.93 -47.38 28.64
C VAL F 698 -15.69 -46.12 28.21
N THR F 699 -15.76 -45.86 26.91
CA THR F 699 -16.40 -44.64 26.44
C THR F 699 -17.88 -44.64 26.76
N THR F 700 -18.58 -45.75 26.49
CA THR F 700 -20.00 -45.83 26.83
C THR F 700 -20.20 -45.71 28.33
N PHE F 701 -19.36 -46.39 29.12
CA PHE F 701 -19.45 -46.31 30.56
C PHE F 701 -19.37 -44.87 31.03
N LEU F 702 -18.33 -44.15 30.62
CA LEU F 702 -18.14 -42.79 31.11
C LEU F 702 -19.22 -41.86 30.59
N ASN F 703 -19.63 -42.01 29.34
CA ASN F 703 -20.67 -41.13 28.81
C ASN F 703 -21.97 -41.30 29.57
N TYR F 704 -22.39 -42.55 29.77
CA TYR F 704 -23.62 -42.78 30.52
C TYR F 704 -23.49 -42.28 31.95
N THR F 705 -22.33 -42.53 32.58
CA THR F 705 -22.15 -42.12 33.97
C THR F 705 -22.25 -40.61 34.12
N ILE F 706 -21.52 -39.88 33.28
CA ILE F 706 -21.50 -38.42 33.40
C ILE F 706 -22.87 -37.85 33.07
N GLU F 707 -23.54 -38.38 32.04
CA GLU F 707 -24.88 -37.89 31.73
C GLU F 707 -25.84 -38.15 32.88
N LYS F 708 -25.75 -39.33 33.50
CA LYS F 708 -26.63 -39.66 34.61
C LYS F 708 -26.39 -38.73 35.80
N ILE F 709 -25.13 -38.49 36.14
CA ILE F 709 -24.86 -37.64 37.29
C ILE F 709 -25.25 -36.19 36.98
N THR F 710 -25.07 -35.75 35.74
CA THR F 710 -25.53 -34.41 35.37
C THR F 710 -27.05 -34.31 35.50
N SER F 711 -27.76 -35.38 35.16
CA SER F 711 -29.18 -35.43 35.45
C SER F 711 -29.44 -35.37 36.95
N GLU F 712 -28.54 -35.94 37.75
CA GLU F 712 -28.74 -35.94 39.21
C GLU F 712 -28.51 -34.56 39.82
N GLU F 713 -27.45 -33.87 39.43
CA GLU F 713 -27.08 -32.60 40.02
C GLU F 713 -26.78 -31.56 38.94
N SER F 714 -27.09 -30.31 39.24
CA SER F 714 -27.05 -29.23 38.25
C SER F 714 -25.93 -28.23 38.48
N ASP F 715 -24.97 -28.50 39.36
CA ASP F 715 -23.89 -27.57 39.66
C ASP F 715 -22.56 -28.14 39.18
N ASP F 716 -21.77 -27.29 38.53
CA ASP F 716 -20.50 -27.74 37.94
C ASP F 716 -19.50 -28.14 39.01
N ASP F 717 -19.34 -27.33 40.05
CA ASP F 717 -18.45 -27.72 41.14
C ASP F 717 -18.97 -28.97 41.84
N ARG F 718 -20.29 -29.05 42.05
CA ARG F 718 -20.86 -30.24 42.66
C ARG F 718 -20.70 -31.46 41.76
N ILE F 719 -20.86 -31.30 40.44
CA ILE F 719 -20.70 -32.44 39.55
C ILE F 719 -19.26 -32.92 39.55
N ARG F 720 -18.31 -31.98 39.63
CA ARG F 720 -16.91 -32.37 39.75
C ARG F 720 -16.67 -33.11 41.06
N GLN F 721 -17.32 -32.66 42.13
CA GLN F 721 -17.19 -33.36 43.41
C GLN F 721 -17.73 -34.78 43.33
N LYS F 722 -18.88 -34.97 42.68
CA LYS F 722 -19.45 -36.31 42.55
C LYS F 722 -18.55 -37.20 41.70
N LEU F 723 -18.01 -36.66 40.61
CA LEU F 723 -17.10 -37.44 39.79
C LEU F 723 -15.84 -37.81 40.55
N SER F 724 -15.33 -36.88 41.38
CA SER F 724 -14.18 -37.18 42.21
C SER F 724 -14.49 -38.28 43.20
N PHE F 725 -15.68 -38.27 43.79
CA PHE F 725 -16.06 -39.34 44.70
C PHE F 725 -16.17 -40.68 43.98
N ILE F 726 -16.74 -40.68 42.77
CA ILE F 726 -16.99 -41.93 42.06
C ILE F 726 -15.68 -42.56 41.59
N PHE F 727 -14.79 -41.75 41.01
CA PHE F 727 -13.49 -42.21 40.52
C PHE F 727 -12.39 -41.46 41.29
N PRO F 728 -12.11 -41.87 42.53
CA PRO F 728 -11.07 -41.15 43.29
C PRO F 728 -9.72 -41.11 42.60
N GLU F 729 -9.32 -42.22 41.97
CA GLU F 729 -7.95 -42.33 41.48
C GLU F 729 -7.77 -41.64 40.13
N ILE F 730 -8.68 -41.90 39.19
CA ILE F 730 -8.61 -41.24 37.89
C ILE F 730 -8.74 -39.73 38.04
N ILE F 731 -9.71 -39.30 38.86
CA ILE F 731 -9.88 -37.87 39.09
C ILE F 731 -8.68 -37.31 39.84
N SER F 732 -8.07 -38.09 40.73
CA SER F 732 -6.86 -37.61 41.41
C SER F 732 -5.74 -37.39 40.40
N ILE F 733 -5.56 -38.31 39.46
CA ILE F 733 -4.55 -38.14 38.43
C ILE F 733 -4.85 -36.90 37.59
N ILE F 734 -6.11 -36.73 37.21
CA ILE F 734 -6.51 -35.60 36.39
C ILE F 734 -6.27 -34.29 37.14
N GLU F 735 -6.59 -34.26 38.43
CA GLU F 735 -6.44 -33.05 39.22
C GLU F 735 -4.97 -32.71 39.45
N GLN F 736 -4.14 -33.72 39.71
CA GLN F 736 -2.71 -33.47 39.84
C GLN F 736 -2.14 -32.95 38.53
N ALA F 737 -2.54 -33.55 37.41
CA ALA F 737 -2.08 -33.08 36.11
C ALA F 737 -2.54 -31.65 35.84
N SER F 738 -3.78 -31.34 36.22
CA SER F 738 -4.29 -29.99 36.01
C SER F 738 -3.55 -28.97 36.88
N SER F 739 -3.25 -29.34 38.12
CA SER F 739 -2.50 -28.43 39.00
C SER F 739 -1.11 -28.20 38.45
N SER F 740 -0.44 -29.26 37.97
CA SER F 740 0.87 -29.09 37.37
C SER F 740 0.79 -28.27 36.10
N ILE F 741 -0.28 -28.45 35.32
CA ILE F 741 -0.47 -27.69 34.09
C ILE F 741 -0.63 -26.21 34.41
N GLU F 742 -1.41 -25.89 35.44
CA GLU F 742 -1.58 -24.49 35.82
C GLU F 742 -0.29 -23.90 36.35
N ALA F 743 0.47 -24.69 37.13
CA ALA F 743 1.75 -24.22 37.63
C ALA F 743 2.71 -23.91 36.49
N GLU F 744 2.80 -24.81 35.52
CA GLU F 744 3.70 -24.58 34.39
C GLU F 744 3.16 -23.55 33.41
N GLU F 745 1.85 -23.32 33.40
CA GLU F 745 1.28 -22.24 32.61
C GLU F 745 1.63 -20.89 33.22
N SER F 746 1.61 -20.80 34.55
CA SER F 746 2.16 -19.65 35.24
C SER F 746 3.67 -19.57 35.08
N SER F 747 4.33 -20.71 34.87
CA SER F 747 5.76 -20.68 34.54
C SER F 747 6.00 -20.12 33.14
N LEU F 748 5.05 -20.33 32.23
CA LEU F 748 5.15 -19.76 30.90
C LEU F 748 4.41 -18.43 30.81
N THR F 749 3.10 -18.44 31.05
CA THR F 749 2.30 -17.25 30.82
C THR F 749 2.19 -16.34 32.05
N GLY F 750 2.68 -16.77 33.20
CA GLY F 750 2.57 -15.98 34.41
C GLY F 750 3.92 -15.48 34.91
N MET G 1 -32.60 -24.62 8.23
CA MET G 1 -31.41 -24.26 7.47
C MET G 1 -31.49 -22.84 6.93
N THR G 2 -30.46 -22.44 6.19
CA THR G 2 -30.40 -21.13 5.57
C THR G 2 -30.30 -21.21 4.06
N ILE G 3 -29.36 -21.97 3.52
CA ILE G 3 -29.18 -22.13 2.09
C ILE G 3 -29.32 -23.61 1.76
N GLU G 4 -30.25 -23.93 0.86
CA GLU G 4 -30.47 -25.32 0.50
C GLU G 4 -29.47 -25.79 -0.53
N SER G 5 -29.21 -24.99 -1.56
CA SER G 5 -28.32 -25.44 -2.63
C SER G 5 -27.69 -24.23 -3.32
N ILE G 6 -26.52 -24.48 -3.90
CA ILE G 6 -25.82 -23.54 -4.77
C ILE G 6 -25.38 -24.30 -6.01
N ARG G 7 -25.77 -23.81 -7.18
CA ARG G 7 -25.47 -24.50 -8.44
C ARG G 7 -24.78 -23.55 -9.39
N VAL G 8 -23.62 -23.97 -9.92
CA VAL G 8 -22.85 -23.19 -10.86
C VAL G 8 -22.67 -23.99 -12.13
N LYS G 9 -23.02 -23.40 -13.27
CA LYS G 9 -22.91 -24.04 -14.57
C LYS G 9 -22.04 -23.18 -15.47
N ASN G 10 -20.94 -23.76 -15.96
CA ASN G 10 -20.10 -23.13 -16.97
C ASN G 10 -19.60 -21.76 -16.54
N LEU G 11 -18.90 -21.73 -15.41
CA LEU G 11 -18.28 -20.50 -14.93
C LEU G 11 -16.95 -20.84 -14.26
N LEU G 12 -15.92 -20.06 -14.58
CA LEU G 12 -14.58 -20.27 -14.08
C LEU G 12 -14.13 -21.71 -14.32
N SER G 13 -13.84 -22.46 -13.26
CA SER G 13 -13.43 -23.83 -13.39
C SER G 13 -14.56 -24.82 -13.13
N PHE G 14 -15.79 -24.35 -13.06
CA PHE G 14 -16.95 -25.19 -12.76
C PHE G 14 -17.65 -25.56 -14.06
N ASP G 15 -17.86 -26.86 -14.27
CA ASP G 15 -18.62 -27.32 -15.42
C ASP G 15 -20.10 -27.38 -15.05
N ASP G 16 -20.43 -28.19 -14.04
CA ASP G 16 -21.80 -28.23 -13.49
C ASP G 16 -21.67 -28.75 -12.08
N VAL G 17 -21.69 -27.84 -11.10
CA VAL G 17 -21.41 -28.17 -9.71
C VAL G 17 -22.63 -27.79 -8.88
N ILE G 18 -23.10 -28.73 -8.06
CA ILE G 18 -24.22 -28.51 -7.17
C ILE G 18 -23.78 -28.85 -5.75
N LEU G 19 -23.93 -27.90 -4.84
CA LEU G 19 -23.62 -28.08 -3.43
C LEU G 19 -24.91 -27.98 -2.63
N ARG G 20 -25.16 -28.96 -1.78
CA ARG G 20 -26.37 -28.96 -0.98
C ARG G 20 -26.08 -29.68 0.34
N ASP G 21 -27.14 -29.95 1.11
CA ASP G 21 -27.01 -30.61 2.41
C ASP G 21 -26.08 -29.85 3.33
N PHE G 22 -26.20 -28.53 3.35
CA PHE G 22 -25.32 -27.70 4.18
C PHE G 22 -25.59 -27.96 5.65
N ARG G 23 -24.53 -28.24 6.40
CA ARG G 23 -24.62 -28.42 7.84
C ARG G 23 -24.19 -27.14 8.54
N ASP G 24 -24.17 -27.20 9.87
CA ASP G 24 -23.88 -25.97 10.66
C ASP G 24 -22.41 -25.57 10.52
N ILE G 25 -21.50 -26.53 10.36
CA ILE G 25 -20.09 -26.25 10.13
C ILE G 25 -19.66 -26.98 8.86
N ASN G 26 -19.12 -26.23 7.90
CA ASN G 26 -18.72 -26.79 6.62
C ASN G 26 -17.22 -26.60 6.43
N CYS G 27 -16.47 -27.70 6.42
CA CYS G 27 -15.02 -27.66 6.32
C CYS G 27 -14.63 -28.00 4.88
N ILE G 28 -13.86 -27.12 4.25
CA ILE G 28 -13.48 -27.27 2.85
C ILE G 28 -11.99 -27.60 2.79
N ILE G 29 -11.67 -28.77 2.23
CA ILE G 29 -10.30 -29.25 2.14
C ILE G 29 -10.03 -29.73 0.72
N GLY G 30 -8.76 -29.85 0.39
CA GLY G 30 -8.35 -30.35 -0.91
C GLY G 30 -7.11 -29.64 -1.37
N ARG G 31 -6.72 -29.92 -2.62
CA ARG G 31 -5.58 -29.25 -3.22
C ARG G 31 -5.88 -27.78 -3.46
N ASN G 32 -4.85 -26.95 -3.33
CA ASN G 32 -5.04 -25.52 -3.19
C ASN G 32 -5.61 -24.89 -4.46
N ASN G 33 -6.68 -24.11 -4.28
CA ASN G 33 -7.25 -23.28 -5.34
C ASN G 33 -7.60 -24.07 -6.58
N VAL G 34 -8.00 -25.33 -6.39
CA VAL G 34 -8.46 -26.17 -7.49
C VAL G 34 -9.93 -25.90 -7.70
N GLY G 35 -10.44 -24.84 -7.07
CA GLY G 35 -11.85 -24.51 -7.10
C GLY G 35 -12.34 -23.90 -5.81
N LYS G 36 -11.49 -23.90 -4.78
CA LYS G 36 -11.86 -23.23 -3.53
C LYS G 36 -12.04 -21.73 -3.75
N SER G 37 -10.98 -21.07 -4.23
CA SER G 37 -11.09 -19.65 -4.51
C SER G 37 -12.10 -19.36 -5.61
N ASN G 38 -12.30 -20.31 -6.52
CA ASN G 38 -13.32 -20.12 -7.55
C ASN G 38 -14.72 -20.16 -6.95
N LEU G 39 -14.98 -21.08 -6.01
CA LEU G 39 -16.27 -21.10 -5.34
C LEU G 39 -16.49 -19.82 -4.53
N LEU G 40 -15.44 -19.37 -3.85
CA LEU G 40 -15.55 -18.11 -3.12
C LEU G 40 -15.86 -16.95 -4.07
N LYS G 41 -15.20 -16.92 -5.21
CA LYS G 41 -15.44 -15.86 -6.19
C LYS G 41 -16.88 -15.93 -6.70
N VAL G 42 -17.39 -17.13 -6.94
CA VAL G 42 -18.76 -17.28 -7.41
C VAL G 42 -19.75 -16.74 -6.37
N ILE G 43 -19.57 -17.13 -5.11
CA ILE G 43 -20.49 -16.68 -4.07
C ILE G 43 -20.41 -15.17 -3.89
N ARG G 44 -19.20 -14.63 -3.86
CA ARG G 44 -19.04 -13.19 -3.70
C ARG G 44 -19.65 -12.44 -4.87
N TYR G 45 -19.48 -12.94 -6.09
CA TYR G 45 -20.07 -12.27 -7.24
C TYR G 45 -21.59 -12.33 -7.20
N PHE G 46 -22.16 -13.46 -6.81
CA PHE G 46 -23.61 -13.55 -6.71
C PHE G 46 -24.15 -12.57 -5.67
N TYR G 47 -23.49 -12.48 -4.52
CA TYR G 47 -23.98 -11.57 -3.49
C TYR G 47 -23.67 -10.11 -3.79
N ALA G 48 -22.69 -9.84 -4.65
CA ALA G 48 -22.47 -8.46 -5.08
C ALA G 48 -23.50 -8.05 -6.13
N LYS G 49 -23.88 -8.98 -7.01
CA LYS G 49 -24.93 -8.68 -7.97
C LYS G 49 -26.31 -8.67 -7.34
N LEU G 50 -26.46 -9.31 -6.18
CA LEU G 50 -27.73 -9.24 -5.47
C LEU G 50 -28.03 -7.82 -5.01
N GLU G 51 -27.00 -7.10 -4.54
CA GLU G 51 -27.15 -5.74 -4.04
C GLU G 51 -26.92 -4.70 -5.13
N ASN G 52 -27.01 -5.08 -6.39
CA ASN G 52 -26.90 -4.15 -7.52
C ASN G 52 -25.57 -3.39 -7.51
N LYS G 53 -24.50 -4.09 -7.15
CA LYS G 53 -23.15 -3.53 -7.29
C LYS G 53 -22.62 -3.81 -8.69
N LYS G 54 -21.94 -2.83 -9.25
CA LYS G 54 -21.36 -2.98 -10.59
C LYS G 54 -20.02 -3.69 -10.45
N VAL G 55 -20.05 -5.01 -10.65
CA VAL G 55 -18.85 -5.82 -10.59
C VAL G 55 -18.67 -6.51 -11.94
N ILE G 56 -17.42 -6.87 -12.23
CA ILE G 56 -17.10 -7.49 -13.52
C ILE G 56 -17.72 -8.87 -13.59
N PRO G 57 -18.25 -9.30 -14.74
CA PRO G 57 -18.79 -10.65 -14.85
C PRO G 57 -17.69 -11.68 -14.86
N LEU G 58 -18.05 -12.90 -14.49
CA LEU G 58 -17.12 -14.01 -14.42
C LEU G 58 -16.86 -14.57 -15.81
N ASP G 59 -15.73 -15.27 -15.95
CA ASP G 59 -15.36 -15.87 -17.21
C ASP G 59 -16.04 -17.23 -17.39
N PHE G 60 -16.15 -17.65 -18.65
CA PHE G 60 -16.78 -18.92 -18.98
C PHE G 60 -15.77 -20.05 -18.90
N HIS G 61 -16.23 -21.22 -18.43
CA HIS G 61 -15.38 -22.40 -18.43
C HIS G 61 -15.03 -22.82 -19.85
N THR G 62 -16.03 -22.85 -20.72
CA THR G 62 -15.82 -23.14 -22.14
C THR G 62 -16.69 -22.21 -22.95
N ASN G 63 -16.14 -21.69 -24.05
CA ASN G 63 -16.85 -20.70 -24.84
C ASN G 63 -17.84 -21.33 -25.80
N TYR G 64 -18.01 -22.65 -25.77
CA TYR G 64 -19.00 -23.34 -26.59
C TYR G 64 -20.39 -23.33 -25.95
N ASN G 65 -20.56 -22.59 -24.87
CA ASN G 65 -21.88 -22.32 -24.30
C ASN G 65 -22.11 -20.81 -24.30
N ALA G 66 -23.38 -20.43 -24.45
CA ALA G 66 -23.68 -19.01 -24.51
C ALA G 66 -23.76 -18.35 -23.14
N VAL G 67 -24.09 -19.10 -22.08
CA VAL G 67 -24.38 -18.51 -20.78
C VAL G 67 -23.80 -19.35 -19.65
N GLY G 68 -23.67 -18.72 -18.49
CA GLY G 68 -23.33 -19.42 -17.27
C GLY G 68 -24.28 -19.03 -16.16
N GLU G 69 -24.72 -20.02 -15.39
CA GLU G 69 -25.80 -19.83 -14.45
C GLU G 69 -25.34 -20.11 -13.02
N ILE G 70 -25.80 -19.28 -12.08
CA ILE G 70 -25.61 -19.50 -10.66
C ILE G 70 -26.99 -19.49 -10.01
N THR G 71 -27.38 -20.60 -9.41
CA THR G 71 -28.71 -20.75 -8.82
C THR G 71 -28.56 -20.88 -7.31
N PHE G 72 -29.23 -20.02 -6.57
CA PHE G 72 -29.26 -20.08 -5.11
C PHE G 72 -30.67 -20.41 -4.66
N THR G 73 -30.79 -21.44 -3.84
CA THR G 73 -32.07 -21.82 -3.25
C THR G 73 -32.04 -21.44 -1.78
N PHE G 74 -32.89 -20.50 -1.39
CA PHE G 74 -33.00 -20.08 -0.01
C PHE G 74 -34.09 -20.87 0.68
N ASP G 75 -33.86 -21.23 1.93
CA ASP G 75 -34.82 -21.96 2.74
C ASP G 75 -35.61 -20.94 3.56
N THR G 76 -36.82 -20.62 3.10
CA THR G 76 -37.63 -19.59 3.75
C THR G 76 -38.74 -20.19 4.61
N THR G 77 -38.59 -21.44 5.05
CA THR G 77 -39.62 -22.05 5.88
C THR G 77 -39.84 -21.27 7.16
N ARG G 78 -38.75 -20.93 7.86
CA ARG G 78 -38.89 -20.24 9.14
C ARG G 78 -39.49 -18.86 8.95
N ILE G 79 -39.12 -18.16 7.87
CA ILE G 79 -39.67 -16.83 7.64
C ILE G 79 -41.16 -16.90 7.34
N LYS G 80 -41.58 -17.94 6.62
CA LYS G 80 -43.01 -18.14 6.39
C LYS G 80 -43.73 -18.39 7.70
N LYS G 81 -43.15 -19.22 8.57
CA LYS G 81 -43.72 -19.40 9.89
C LYS G 81 -43.75 -18.10 10.67
N ILE G 82 -42.75 -17.25 10.44
CA ILE G 82 -42.66 -15.97 11.13
C ILE G 82 -43.83 -15.08 10.76
N VAL G 83 -44.08 -14.96 9.45
CA VAL G 83 -44.95 -13.90 8.95
C VAL G 83 -46.40 -14.36 8.85
N THR G 84 -46.64 -15.61 8.41
CA THR G 84 -48.02 -16.07 8.22
C THR G 84 -48.82 -16.06 9.51
N SER G 85 -48.16 -16.05 10.66
CA SER G 85 -48.88 -15.99 11.93
C SER G 85 -49.62 -14.67 12.08
N ARG G 86 -50.71 -14.70 12.84
CA ARG G 86 -51.56 -13.53 13.00
C ARG G 86 -50.97 -12.49 13.95
N LYS G 87 -50.21 -12.93 14.96
CA LYS G 87 -49.79 -12.03 16.02
C LYS G 87 -48.91 -10.90 15.49
N ASN G 88 -47.96 -11.24 14.62
CA ASN G 88 -46.97 -10.26 14.14
C ASN G 88 -47.55 -9.49 12.96
N ASN G 89 -48.24 -8.40 13.30
CA ASN G 89 -48.81 -7.49 12.31
C ASN G 89 -47.89 -6.30 12.03
N GLY G 90 -46.60 -6.43 12.32
CA GLY G 90 -45.69 -5.33 12.11
C GLY G 90 -45.49 -5.01 10.65
N ARG G 91 -44.87 -3.86 10.40
CA ARG G 91 -44.64 -3.43 9.02
C ARG G 91 -43.66 -4.35 8.30
N PHE G 92 -42.63 -4.82 9.01
CA PHE G 92 -41.61 -5.64 8.34
C PHE G 92 -42.17 -6.99 7.95
N HIS G 93 -42.93 -7.63 8.83
CA HIS G 93 -43.53 -8.92 8.48
C HIS G 93 -44.48 -8.75 7.29
N LYS G 94 -45.25 -7.68 7.29
CA LYS G 94 -46.18 -7.42 6.20
C LYS G 94 -45.44 -7.25 4.87
N HIS G 95 -44.36 -6.48 4.88
CA HIS G 95 -43.57 -6.29 3.68
C HIS G 95 -42.94 -7.60 3.21
N ILE G 96 -42.43 -8.40 4.15
CA ILE G 96 -41.83 -9.68 3.78
C ILE G 96 -42.86 -10.59 3.13
N TYR G 97 -44.08 -10.64 3.68
CA TYR G 97 -45.11 -11.44 3.04
C TYR G 97 -45.43 -10.92 1.65
N ASN G 98 -45.63 -9.61 1.53
CA ASN G 98 -46.01 -9.06 0.23
C ASN G 98 -44.93 -9.26 -0.82
N THR G 99 -43.67 -9.37 -0.39
CA THR G 99 -42.58 -9.48 -1.36
C THR G 99 -42.21 -10.94 -1.68
N LEU G 100 -41.93 -11.74 -0.65
CA LEU G 100 -41.37 -13.07 -0.89
C LEU G 100 -42.43 -14.15 -1.06
N PHE G 101 -43.51 -14.10 -0.29
CA PHE G 101 -44.47 -15.21 -0.26
C PHE G 101 -45.72 -14.97 -1.08
N LYS G 102 -46.03 -13.73 -1.43
CA LYS G 102 -47.14 -13.50 -2.34
C LYS G 102 -46.70 -13.84 -3.77
N SER G 103 -47.68 -13.89 -4.67
CA SER G 103 -47.46 -14.25 -6.07
C SER G 103 -47.09 -15.72 -6.19
N SER G 104 -46.95 -16.39 -5.05
CA SER G 104 -46.81 -17.85 -5.02
C SER G 104 -47.93 -18.53 -4.24
N SER G 105 -48.56 -17.81 -3.31
CA SER G 105 -49.74 -18.31 -2.62
C SER G 105 -51.03 -17.78 -3.21
N VAL G 106 -50.97 -16.73 -4.03
CA VAL G 106 -52.16 -16.21 -4.69
C VAL G 106 -52.72 -17.24 -5.67
N LYS G 107 -51.83 -17.89 -6.42
CA LYS G 107 -52.27 -18.86 -7.42
C LYS G 107 -52.95 -20.06 -6.80
N LEU G 108 -52.62 -20.38 -5.55
CA LEU G 108 -53.15 -21.57 -4.92
C LEU G 108 -54.63 -21.45 -4.61
N ASN G 109 -55.30 -22.59 -4.50
CA ASN G 109 -56.69 -22.64 -4.08
C ASN G 109 -56.76 -22.89 -2.56
N PHE G 110 -57.98 -23.02 -2.04
CA PHE G 110 -58.15 -23.17 -0.61
C PHE G 110 -57.62 -24.52 -0.11
N GLU G 111 -57.90 -25.59 -0.86
CA GLU G 111 -57.48 -26.91 -0.42
C GLU G 111 -55.96 -27.02 -0.35
N GLU G 112 -55.26 -26.52 -1.37
CA GLU G 112 -53.81 -26.61 -1.37
C GLU G 112 -53.19 -25.67 -0.33
N LEU G 113 -53.80 -24.52 -0.09
CA LEU G 113 -53.34 -23.65 0.98
C LEU G 113 -53.45 -24.33 2.34
N ILE G 114 -54.58 -24.99 2.59
CA ILE G 114 -54.75 -25.72 3.85
C ILE G 114 -53.75 -26.86 3.95
N ALA G 115 -53.52 -27.57 2.85
CA ALA G 115 -52.56 -28.68 2.87
C ALA G 115 -51.16 -28.19 3.16
N ARG G 116 -50.77 -27.05 2.56
CA ARG G 116 -49.45 -26.49 2.84
C ARG G 116 -49.33 -26.03 4.29
N LYS G 117 -50.38 -25.40 4.82
CA LYS G 117 -50.34 -24.94 6.20
C LYS G 117 -50.20 -26.11 7.17
N ASN G 118 -51.06 -27.11 7.04
CA ASN G 118 -51.16 -28.15 8.07
C ASN G 118 -50.00 -29.13 8.01
N SER G 119 -49.48 -29.42 6.82
CA SER G 119 -48.43 -30.42 6.70
C SER G 119 -47.12 -29.91 7.26
N THR G 120 -46.14 -30.80 7.51
CA THR G 120 -44.80 -30.38 8.01
C THR G 120 -44.00 -29.92 6.80
N ASN G 121 -44.46 -28.86 6.13
CA ASN G 121 -43.85 -28.50 4.83
C ASN G 121 -42.55 -27.74 4.95
N LYS G 122 -41.76 -27.76 3.87
CA LYS G 122 -40.52 -26.96 3.78
C LYS G 122 -40.70 -26.06 2.55
N SER G 123 -40.46 -24.77 2.68
CA SER G 123 -40.64 -23.75 1.66
C SER G 123 -39.28 -23.30 1.15
N PHE G 124 -39.17 -23.13 -0.17
CA PHE G 124 -37.93 -22.76 -0.82
C PHE G 124 -38.17 -21.62 -1.79
N PHE G 125 -37.13 -20.83 -2.02
CA PHE G 125 -37.18 -19.69 -2.94
C PHE G 125 -35.94 -19.77 -3.82
N SER G 126 -36.13 -19.99 -5.11
CA SER G 126 -35.01 -20.21 -6.02
C SER G 126 -34.77 -18.97 -6.87
N LEU G 127 -33.53 -18.49 -6.87
CA LEU G 127 -33.14 -17.30 -7.62
C LEU G 127 -31.94 -17.64 -8.49
N THR G 128 -32.05 -17.37 -9.79
CA THR G 128 -31.04 -17.76 -10.77
C THR G 128 -30.47 -16.53 -11.45
N LEU G 129 -29.14 -16.44 -11.50
CA LEU G 129 -28.43 -15.37 -12.19
C LEU G 129 -27.77 -15.97 -13.41
N THR G 130 -28.08 -15.43 -14.59
CA THR G 130 -27.56 -15.94 -15.85
C THR G 130 -26.68 -14.87 -16.49
N ILE G 131 -25.46 -15.26 -16.86
CA ILE G 131 -24.53 -14.38 -17.54
C ILE G 131 -24.47 -14.79 -19.00
N CYS G 132 -24.83 -13.88 -19.89
CA CYS G 132 -24.84 -14.17 -21.31
C CYS G 132 -23.44 -13.93 -21.89
N LYS G 133 -23.29 -14.22 -23.19
CA LYS G 133 -21.96 -14.12 -23.80
C LYS G 133 -21.51 -12.68 -23.92
N ASP G 134 -22.43 -11.72 -23.96
CA ASP G 134 -22.10 -10.30 -24.11
C ASP G 134 -22.18 -9.56 -22.79
N ASP G 135 -21.82 -10.22 -21.68
CA ASP G 135 -21.68 -9.66 -20.34
C ASP G 135 -23.00 -9.24 -19.71
N SER G 136 -24.14 -9.43 -20.37
CA SER G 136 -25.41 -9.08 -19.77
C SER G 136 -25.78 -10.08 -18.68
N VAL G 137 -26.57 -9.62 -17.71
CA VAL G 137 -26.99 -10.45 -16.58
C VAL G 137 -28.51 -10.45 -16.51
N MET G 138 -29.10 -11.63 -16.35
CA MET G 138 -30.54 -11.79 -16.29
C MET G 138 -30.91 -12.57 -15.04
N TRP G 139 -31.90 -12.09 -14.30
CA TRP G 139 -32.38 -12.77 -13.11
C TRP G 139 -33.67 -13.52 -13.41
N SER G 140 -33.86 -14.63 -12.71
CA SER G 140 -35.11 -15.38 -12.84
C SER G 140 -36.27 -14.70 -12.12
N VAL G 141 -35.98 -13.73 -11.25
CA VAL G 141 -37.00 -12.92 -10.60
C VAL G 141 -36.67 -11.47 -10.89
N ASP G 142 -37.57 -10.77 -11.59
CA ASP G 142 -37.27 -9.44 -12.09
C ASP G 142 -37.56 -8.32 -11.08
N ASP G 143 -37.98 -8.66 -9.87
CA ASP G 143 -38.30 -7.64 -8.87
C ASP G 143 -37.07 -7.34 -8.03
N PRO G 144 -36.48 -6.15 -8.12
CA PRO G 144 -35.33 -5.83 -7.26
C PRO G 144 -35.65 -5.85 -5.78
N LYS G 145 -36.91 -5.64 -5.39
CA LYS G 145 -37.27 -5.71 -3.99
C LYS G 145 -37.01 -7.11 -3.44
N VAL G 146 -37.33 -8.14 -4.23
CA VAL G 146 -37.07 -9.52 -3.81
C VAL G 146 -35.59 -9.73 -3.56
N ARG G 147 -34.76 -9.24 -4.48
CA ARG G 147 -33.31 -9.44 -4.35
C ARG G 147 -32.77 -8.73 -3.12
N SER G 148 -33.20 -7.48 -2.90
CA SER G 148 -32.70 -6.75 -1.73
C SER G 148 -33.16 -7.41 -0.44
N LEU G 149 -34.42 -7.86 -0.39
CA LEU G 149 -34.90 -8.50 0.83
C LEU G 149 -34.16 -9.81 1.09
N LEU G 150 -33.89 -10.58 0.04
CA LEU G 150 -33.14 -11.82 0.20
C LEU G 150 -31.72 -11.53 0.68
N ALA G 151 -31.11 -10.46 0.17
CA ALA G 151 -29.80 -10.06 0.66
C ALA G 151 -29.85 -9.71 2.14
N THR G 152 -30.91 -9.02 2.56
CA THR G 152 -31.02 -8.65 3.96
C THR G 152 -31.21 -9.87 4.85
N LEU G 153 -32.11 -10.78 4.47
CA LEU G 153 -32.44 -11.90 5.34
C LEU G 153 -31.29 -12.89 5.46
N TYR G 154 -30.48 -13.05 4.42
CA TYR G 154 -29.39 -14.02 4.41
C TYR G 154 -28.10 -13.31 4.04
N PRO G 155 -27.57 -12.48 4.93
CA PRO G 155 -26.34 -11.74 4.60
C PRO G 155 -25.14 -12.67 4.54
N PHE G 156 -24.15 -12.26 3.76
CA PHE G 156 -22.93 -13.02 3.55
C PHE G 156 -21.77 -12.24 4.14
N LEU G 157 -21.05 -12.85 5.07
CA LEU G 157 -19.88 -12.23 5.70
C LEU G 157 -18.66 -13.07 5.35
N TYR G 158 -17.65 -12.43 4.76
CA TYR G 158 -16.41 -13.10 4.39
C TYR G 158 -15.28 -12.57 5.25
N ILE G 159 -14.59 -13.46 5.94
CA ILE G 159 -13.47 -13.12 6.82
C ILE G 159 -12.23 -13.79 6.26
N GLU G 160 -11.26 -12.97 5.84
CA GLU G 160 -9.97 -13.46 5.39
C GLU G 160 -8.96 -13.22 6.51
N THR G 161 -8.24 -14.27 6.89
CA THR G 161 -7.35 -14.15 8.04
C THR G 161 -5.95 -13.69 7.64
N ARG G 162 -5.49 -14.04 6.43
CA ARG G 162 -4.17 -13.63 6.00
C ARG G 162 -4.08 -12.11 5.91
N HIS G 163 -5.02 -11.48 5.22
CA HIS G 163 -5.06 -10.03 5.06
C HIS G 163 -5.95 -9.37 6.09
N ILE G 164 -6.16 -10.01 7.25
CA ILE G 164 -6.99 -9.41 8.28
C ILE G 164 -6.29 -8.17 8.82
N ASP G 165 -7.09 -7.22 9.29
CA ASP G 165 -6.59 -5.96 9.82
C ASP G 165 -6.86 -5.94 11.32
N LEU G 166 -5.81 -6.06 12.12
CA LEU G 166 -5.95 -6.12 13.56
C LEU G 166 -6.32 -4.78 14.18
N TYR G 167 -6.31 -3.70 13.41
CA TYR G 167 -6.67 -2.38 13.91
C TYR G 167 -7.91 -1.80 13.23
N ASP G 168 -8.34 -2.38 12.12
CA ASP G 168 -9.57 -1.97 11.44
C ASP G 168 -10.67 -2.95 11.85
N TRP G 169 -11.57 -2.51 12.73
CA TRP G 169 -12.66 -3.32 13.22
C TRP G 169 -14.01 -2.88 12.66
N ASN G 170 -14.00 -2.16 11.53
CA ASN G 170 -15.24 -1.68 10.93
C ASN G 170 -16.25 -2.79 10.65
N PRO G 171 -15.86 -3.96 10.11
CA PRO G 171 -16.85 -5.03 9.93
C PRO G 171 -17.57 -5.43 11.22
N ILE G 172 -16.91 -5.35 12.37
CA ILE G 172 -17.57 -5.66 13.63
C ILE G 172 -18.78 -4.75 13.83
N TRP G 173 -18.59 -3.45 13.66
CA TRP G 173 -19.68 -2.49 13.85
C TRP G 173 -20.74 -2.64 12.75
N LYS G 174 -20.30 -2.78 11.50
CA LYS G 174 -21.24 -2.98 10.40
C LYS G 174 -22.07 -4.24 10.59
N LEU G 175 -21.57 -5.20 11.37
CA LEU G 175 -22.25 -6.45 11.66
C LEU G 175 -23.20 -6.31 12.85
N ILE G 176 -22.73 -5.74 13.95
CA ILE G 176 -23.56 -5.68 15.15
C ILE G 176 -24.70 -4.69 14.97
N SER G 177 -24.44 -3.54 14.33
CA SER G 177 -25.49 -2.56 14.13
C SER G 177 -26.61 -3.12 13.25
N ASN G 178 -26.30 -4.08 12.39
CA ASN G 178 -27.30 -4.66 11.51
C ASN G 178 -28.01 -5.86 12.11
N LEU G 179 -27.29 -6.69 12.86
CA LEU G 179 -27.82 -7.97 13.31
C LEU G 179 -29.02 -7.81 14.22
N ASN G 180 -28.83 -7.23 15.41
CA ASN G 180 -29.94 -7.01 16.32
C ASN G 180 -30.75 -5.82 15.85
N SER G 181 -32.05 -6.02 15.67
CA SER G 181 -32.92 -5.02 15.04
C SER G 181 -33.45 -4.08 16.11
N PHE G 182 -32.72 -3.00 16.36
CA PHE G 182 -33.22 -1.87 17.12
C PHE G 182 -33.67 -0.78 16.16
N ASN G 183 -34.87 -0.25 16.39
CA ASN G 183 -35.45 0.77 15.52
C ASN G 183 -35.18 2.13 16.14
N PHE G 184 -34.02 2.70 15.80
CA PHE G 184 -33.69 4.05 16.23
C PHE G 184 -34.27 5.13 15.32
N ASP G 185 -34.92 4.75 14.21
CA ASP G 185 -35.55 5.73 13.35
C ASP G 185 -36.69 6.46 14.06
N ASP G 186 -37.46 5.72 14.86
CA ASP G 186 -38.53 6.36 15.65
C ASP G 186 -37.96 7.36 16.64
N VAL G 187 -36.74 7.14 17.13
CA VAL G 187 -36.08 8.06 18.04
C VAL G 187 -35.41 9.12 17.16
N ASP G 188 -36.01 10.32 17.13
CA ASP G 188 -35.50 11.39 16.30
C ASP G 188 -34.07 11.72 16.64
N HIS G 189 -33.23 11.89 15.61
CA HIS G 189 -31.88 12.38 15.84
C HIS G 189 -31.89 13.82 16.32
N ASP G 190 -32.91 14.59 15.96
CA ASP G 190 -33.09 15.90 16.58
C ASP G 190 -33.44 15.74 18.06
N GLU G 191 -34.44 14.89 18.35
CA GLU G 191 -34.78 14.61 19.74
C GLU G 191 -33.61 13.99 20.48
N LEU G 192 -32.89 13.07 19.82
CA LEU G 192 -31.74 12.46 20.47
C LEU G 192 -30.63 13.47 20.74
N VAL G 193 -30.36 14.38 19.81
CA VAL G 193 -29.30 15.35 20.03
C VAL G 193 -29.67 16.27 21.19
N ASN G 194 -30.92 16.76 21.20
CA ASN G 194 -31.36 17.60 22.30
C ASN G 194 -31.30 16.83 23.62
N PHE G 195 -31.69 15.56 23.59
CA PHE G 195 -31.74 14.69 24.76
C PHE G 195 -30.34 14.46 25.33
N LEU G 196 -29.41 14.03 24.48
CA LEU G 196 -28.04 13.76 24.90
C LEU G 196 -27.34 15.03 25.37
N ASP G 197 -27.52 16.15 24.66
CA ASP G 197 -26.87 17.38 25.08
C ASP G 197 -27.54 17.98 26.30
N GLU G 198 -28.81 17.65 26.54
CA GLU G 198 -29.43 17.97 27.81
C GLU G 198 -28.72 17.26 28.95
N LYS G 199 -28.43 15.97 28.74
CA LYS G 199 -27.86 15.19 29.83
C LYS G 199 -26.37 15.38 30.02
N ILE G 200 -25.54 15.05 29.03
CA ILE G 200 -24.09 15.05 29.21
C ILE G 200 -23.51 16.44 29.48
N SER G 201 -24.30 17.49 29.35
CA SER G 201 -23.81 18.83 29.62
C SER G 201 -23.45 19.02 31.08
N SER G 202 -22.26 19.56 31.34
CA SER G 202 -21.89 19.94 32.70
C SER G 202 -22.82 21.03 33.21
N ARG G 203 -22.96 22.11 32.46
CA ARG G 203 -24.07 23.05 32.58
C ARG G 203 -24.97 22.83 31.38
N LYS G 204 -26.29 22.80 31.61
CA LYS G 204 -27.21 22.57 30.51
C LYS G 204 -27.01 23.63 29.44
N GLY G 205 -26.42 23.24 28.31
CA GLY G 205 -26.05 24.15 27.25
C GLY G 205 -24.55 24.26 27.03
N ASP G 206 -23.75 24.19 28.10
CA ASP G 206 -22.30 24.38 27.97
C ASP G 206 -21.71 23.41 26.96
N TYR G 207 -21.96 22.11 27.17
CA TYR G 207 -21.61 21.13 26.15
C TYR G 207 -22.29 21.44 24.84
N LYS G 208 -23.54 21.90 24.90
CA LYS G 208 -24.27 22.26 23.69
C LYS G 208 -23.66 23.47 23.01
N LYS G 209 -23.23 24.48 23.77
CA LYS G 209 -22.56 25.62 23.14
C LYS G 209 -21.26 25.20 22.47
N TYR G 210 -20.47 24.36 23.15
CA TYR G 210 -19.22 23.89 22.55
C TYR G 210 -19.47 23.12 21.27
N ILE G 211 -20.45 22.22 21.29
CA ILE G 211 -20.75 21.40 20.12
C ILE G 211 -21.33 22.26 19.00
N ASP G 212 -22.13 23.26 19.35
CA ASP G 212 -22.68 24.15 18.34
C ASP G 212 -21.58 24.98 17.67
N ARG G 213 -20.61 25.45 18.46
CA ARG G 213 -19.46 26.13 17.87
C ARG G 213 -18.72 25.21 16.92
N VAL G 214 -18.49 23.96 17.35
CA VAL G 214 -17.81 22.99 16.49
C VAL G 214 -18.58 22.81 15.20
N VAL G 215 -19.89 22.58 15.31
CA VAL G 215 -20.71 22.30 14.13
C VAL G 215 -20.73 23.49 13.18
N SER G 216 -20.82 24.70 13.71
CA SER G 216 -20.69 25.88 12.87
C SER G 216 -19.33 25.94 12.20
N VAL G 217 -18.30 25.38 12.84
CA VAL G 217 -16.97 25.37 12.26
C VAL G 217 -16.82 24.24 11.24
N ILE G 218 -17.28 23.04 11.59
CA ILE G 218 -17.05 21.84 10.79
C ILE G 218 -18.25 21.61 9.87
N ASP G 219 -17.98 21.39 8.59
CA ASP G 219 -19.01 21.10 7.61
C ASP G 219 -19.18 19.58 7.55
N THR G 220 -20.29 19.09 8.08
CA THR G 220 -20.50 17.66 8.23
C THR G 220 -21.65 17.18 7.36
N LYS G 221 -21.50 15.96 6.84
CA LYS G 221 -22.61 15.30 6.18
C LYS G 221 -23.69 14.94 7.19
N PRO G 222 -24.94 14.84 6.77
CA PRO G 222 -25.97 14.32 7.67
C PRO G 222 -25.63 12.90 8.11
N TYR G 223 -25.96 12.59 9.36
CA TYR G 223 -25.65 11.28 9.90
C TYR G 223 -26.47 10.20 9.22
N THR G 224 -25.80 9.16 8.75
CA THR G 224 -26.49 7.97 8.27
C THR G 224 -26.94 7.13 9.47
N TYR G 225 -27.97 6.33 9.25
CA TYR G 225 -28.54 5.54 10.34
C TYR G 225 -27.53 4.54 10.89
N LYS G 226 -26.77 3.89 10.02
CA LYS G 226 -25.78 2.91 10.47
C LYS G 226 -24.70 3.59 11.31
N GLU G 227 -24.26 4.78 10.89
CA GLU G 227 -23.31 5.54 11.70
C GLU G 227 -23.91 5.88 13.06
N LYS G 228 -25.19 6.26 13.08
CA LYS G 228 -25.87 6.56 14.34
C LYS G 228 -25.82 5.36 15.26
N VAL G 229 -26.16 4.18 14.74
CA VAL G 229 -26.23 2.98 15.58
C VAL G 229 -24.85 2.57 16.07
N ILE G 230 -23.84 2.70 15.19
CA ILE G 230 -22.47 2.35 15.59
C ILE G 230 -22.01 3.28 16.71
N ASN G 231 -22.24 4.59 16.55
CA ASN G 231 -21.93 5.53 17.62
C ASN G 231 -22.61 5.14 18.92
N TYR G 232 -23.92 4.89 18.85
CA TYR G 232 -24.68 4.43 20.02
C TYR G 232 -23.96 3.29 20.71
N ILE G 233 -23.76 2.20 19.97
CA ILE G 233 -23.30 0.96 20.58
C ILE G 233 -21.92 1.15 21.19
N LYS G 234 -20.97 1.68 20.41
CA LYS G 234 -19.61 1.66 20.93
C LYS G 234 -19.38 2.77 21.95
N VAL G 235 -20.26 3.77 22.01
CA VAL G 235 -20.22 4.69 23.15
C VAL G 235 -20.75 3.99 24.40
N ALA G 236 -21.84 3.25 24.27
CA ALA G 236 -22.39 2.58 25.44
C ALA G 236 -21.49 1.45 25.92
N ILE G 237 -20.76 0.80 25.02
CA ILE G 237 -19.81 -0.21 25.42
C ILE G 237 -18.72 0.42 26.29
N LYS G 238 -18.22 -0.36 27.26
CA LYS G 238 -17.14 0.09 28.13
C LYS G 238 -15.78 0.06 27.45
N GLY G 239 -15.71 -0.19 26.15
CA GLY G 239 -14.44 -0.16 25.46
C GLY G 239 -14.57 -0.20 23.94
N ASP G 240 -13.90 0.72 23.25
CA ASP G 240 -13.88 0.72 21.80
C ASP G 240 -12.72 -0.12 21.27
N SER G 241 -11.52 0.07 21.83
CA SER G 241 -10.36 -0.69 21.43
C SER G 241 -10.50 -2.14 21.90
N PHE G 242 -9.55 -2.96 21.48
CA PHE G 242 -9.59 -4.39 21.76
C PHE G 242 -8.30 -4.85 22.42
N GLY G 255 -0.50 -13.11 15.23
CA GLY G 255 -1.03 -14.47 15.31
C GLY G 255 -2.20 -14.59 16.26
N THR G 256 -1.92 -14.46 17.56
CA THR G 256 -2.99 -14.55 18.55
C THR G 256 -3.98 -13.41 18.41
N ASN G 257 -3.53 -12.24 17.92
CA ASN G 257 -4.46 -11.13 17.70
C ASN G 257 -5.50 -11.48 16.64
N SER G 258 -5.08 -12.13 15.56
CA SER G 258 -6.03 -12.56 14.54
C SER G 258 -6.98 -13.61 15.11
N ASN G 259 -6.47 -14.51 15.94
CA ASN G 259 -7.33 -15.50 16.58
C ASN G 259 -8.39 -14.83 17.43
N LYS G 260 -8.00 -13.82 18.21
CA LYS G 260 -8.97 -13.11 19.04
C LYS G 260 -9.99 -12.37 18.18
N PHE G 261 -9.53 -11.74 17.10
CA PHE G 261 -10.45 -11.08 16.18
C PHE G 261 -11.51 -12.07 15.68
N LEU G 262 -11.06 -13.21 15.17
CA LEU G 262 -11.99 -14.19 14.61
C LEU G 262 -12.91 -14.77 15.67
N GLU G 263 -12.36 -15.06 16.85
CA GLU G 263 -13.16 -15.65 17.92
C GLU G 263 -14.24 -14.69 18.38
N THR G 264 -13.90 -13.41 18.56
CA THR G 264 -14.92 -12.44 18.94
C THR G 264 -15.94 -12.23 17.83
N LEU G 265 -15.51 -12.30 16.57
CA LEU G 265 -16.46 -12.23 15.45
C LEU G 265 -17.51 -13.34 15.57
N LEU G 266 -17.04 -14.58 15.73
CA LEU G 266 -17.95 -15.71 15.81
C LEU G 266 -18.83 -15.63 17.05
N HIS G 267 -18.25 -15.21 18.18
CA HIS G 267 -19.03 -15.06 19.40
C HIS G 267 -20.14 -14.02 19.22
N LEU G 268 -19.81 -12.89 18.61
CA LEU G 268 -20.82 -11.85 18.37
C LEU G 268 -21.93 -12.37 17.48
N LEU G 269 -21.57 -13.04 16.38
CA LEU G 269 -22.59 -13.57 15.48
C LEU G 269 -23.51 -14.55 16.19
N ILE G 270 -22.92 -15.56 16.84
CA ILE G 270 -23.74 -16.61 17.45
C ILE G 270 -24.61 -16.05 18.56
N THR G 271 -24.05 -15.16 19.40
CA THR G 271 -24.84 -14.60 20.49
C THR G 271 -25.96 -13.70 19.95
N LEU G 272 -25.66 -12.84 18.97
CA LEU G 272 -26.63 -11.85 18.55
C LEU G 272 -27.72 -12.44 17.65
N THR G 273 -27.44 -13.51 16.92
CA THR G 273 -28.44 -14.04 16.00
C THR G 273 -29.56 -14.80 16.70
N ARG G 274 -29.46 -15.01 18.01
CA ARG G 274 -30.45 -15.85 18.70
C ARG G 274 -31.82 -15.20 18.74
N THR G 275 -31.88 -13.87 18.82
CA THR G 275 -33.15 -13.18 18.92
C THR G 275 -33.71 -12.73 17.58
N GLU G 276 -32.94 -12.83 16.51
CA GLU G 276 -33.34 -12.35 15.19
C GLU G 276 -33.70 -13.51 14.28
N PHE G 277 -34.43 -13.19 13.22
CA PHE G 277 -34.71 -14.16 12.16
C PHE G 277 -33.75 -14.03 10.99
N ILE G 278 -32.75 -13.16 11.10
CA ILE G 278 -31.70 -13.06 10.08
C ILE G 278 -30.65 -14.11 10.35
N SER G 279 -30.34 -14.92 9.34
CA SER G 279 -29.43 -16.06 9.48
C SER G 279 -28.27 -15.90 8.52
N PRO G 280 -27.21 -15.23 8.94
CA PRO G 280 -26.10 -14.96 8.02
C PRO G 280 -25.31 -16.21 7.68
N ILE G 281 -24.55 -16.11 6.60
CA ILE G 281 -23.62 -17.16 6.15
C ILE G 281 -22.22 -16.59 6.21
N VAL G 282 -21.34 -17.23 6.96
CA VAL G 282 -20.00 -16.71 7.20
C VAL G 282 -18.98 -17.65 6.59
N TYR G 283 -18.11 -17.11 5.74
CA TYR G 283 -17.06 -17.86 5.05
C TYR G 283 -15.71 -17.35 5.53
N ILE G 284 -14.89 -18.25 6.08
CA ILE G 284 -13.59 -17.93 6.63
C ILE G 284 -12.52 -18.55 5.75
N ASP G 285 -11.51 -17.77 5.40
CA ASP G 285 -10.43 -18.21 4.53
C ASP G 285 -9.19 -18.46 5.37
N GLU G 286 -8.81 -19.73 5.51
CA GLU G 286 -7.66 -20.17 6.28
C GLU G 286 -7.70 -19.60 7.70
N PRO G 287 -8.58 -20.11 8.56
CA PRO G 287 -8.63 -19.61 9.94
C PRO G 287 -7.36 -19.91 10.72
N GLU G 288 -6.61 -20.95 10.35
CA GLU G 288 -5.46 -21.40 11.12
C GLU G 288 -4.16 -20.72 10.72
N VAL G 289 -4.19 -19.79 9.76
CA VAL G 289 -2.95 -19.20 9.27
C VAL G 289 -2.27 -18.43 10.39
N GLY G 290 -0.98 -18.70 10.59
CA GLY G 290 -0.24 -18.04 11.63
C GLY G 290 -0.62 -18.44 13.05
N LEU G 291 -1.13 -19.65 13.23
CA LEU G 291 -1.59 -20.12 14.54
C LEU G 291 -0.80 -21.35 14.95
N HIS G 292 -0.41 -21.39 16.21
CA HIS G 292 0.12 -22.60 16.81
C HIS G 292 -0.98 -23.67 16.78
N PRO G 293 -0.64 -24.95 16.59
CA PRO G 293 -1.69 -25.98 16.50
C PRO G 293 -2.62 -25.99 17.70
N LYS G 294 -2.09 -25.83 18.91
CA LYS G 294 -2.94 -25.75 20.08
C LYS G 294 -3.85 -24.52 20.02
N LEU G 295 -3.37 -23.43 19.43
CA LEU G 295 -4.22 -22.24 19.30
C LEU G 295 -5.39 -22.50 18.36
N ALA G 296 -5.16 -23.19 17.24
CA ALA G 296 -6.27 -23.52 16.35
C ALA G 296 -7.26 -24.47 17.00
N GLU G 297 -6.75 -25.48 17.72
CA GLU G 297 -7.64 -26.38 18.43
C GLU G 297 -8.46 -25.63 19.47
N SER G 298 -7.83 -24.70 20.18
CA SER G 298 -8.56 -23.90 21.16
C SER G 298 -9.58 -22.97 20.50
N PHE G 299 -9.27 -22.47 19.30
CA PHE G 299 -10.24 -21.66 18.58
C PHE G 299 -11.49 -22.46 18.24
N VAL G 300 -11.30 -23.67 17.73
CA VAL G 300 -12.46 -24.52 17.43
C VAL G 300 -13.20 -24.89 18.71
N SER G 301 -12.46 -25.13 19.80
CA SER G 301 -13.10 -25.45 21.07
C SER G 301 -13.95 -24.29 21.57
N ASN G 302 -13.44 -23.06 21.47
CA ASN G 302 -14.21 -21.90 21.90
C ASN G 302 -15.44 -21.70 21.03
N LEU G 303 -15.30 -21.91 19.72
CA LEU G 303 -16.47 -21.82 18.85
C LEU G 303 -17.52 -22.85 19.24
N ASN G 304 -17.11 -24.08 19.51
CA ASN G 304 -18.06 -25.11 19.91
C ASN G 304 -18.70 -24.81 21.26
N LYS G 305 -17.92 -24.25 22.19
CA LYS G 305 -18.49 -23.88 23.49
C LYS G 305 -19.56 -22.82 23.33
N ILE G 306 -19.29 -21.80 22.51
CA ILE G 306 -20.30 -20.78 22.26
C ILE G 306 -21.51 -21.39 21.58
N TYR G 307 -21.28 -22.33 20.67
CA TYR G 307 -22.37 -22.97 19.94
C TYR G 307 -23.27 -23.76 20.87
N SER G 308 -22.68 -24.52 21.79
CA SER G 308 -23.47 -25.43 22.63
C SER G 308 -24.05 -24.76 23.86
N LYS G 309 -23.40 -23.70 24.36
CA LYS G 309 -23.93 -23.02 25.53
C LYS G 309 -25.27 -22.34 25.23
N PHE G 310 -25.48 -21.91 23.99
CA PHE G 310 -26.73 -21.27 23.58
C PHE G 310 -27.70 -22.25 22.93
N LYS G 311 -27.42 -23.55 23.03
CA LYS G 311 -28.21 -24.58 22.35
C LYS G 311 -29.28 -25.10 23.29
N LYS G 312 -30.52 -25.12 22.82
CA LYS G 312 -31.65 -25.65 23.57
C LYS G 312 -32.16 -26.90 22.86
N THR G 313 -32.30 -27.99 23.62
CA THR G 313 -32.84 -29.23 23.09
C THR G 313 -33.92 -29.76 24.03
N SER G 314 -34.33 -31.01 23.83
CA SER G 314 -35.31 -31.63 24.72
C SER G 314 -34.79 -31.75 26.16
N GLU G 315 -33.47 -31.73 26.34
CA GLU G 315 -32.86 -31.81 27.66
C GLU G 315 -32.49 -30.44 28.22
N LEU G 316 -31.68 -29.69 27.48
CA LEU G 316 -31.22 -28.37 27.94
C LEU G 316 -32.31 -27.34 27.64
N SER G 317 -32.90 -26.79 28.70
CA SER G 317 -33.90 -25.74 28.60
C SER G 317 -33.72 -24.76 29.74
N GLY G 318 -34.25 -23.56 29.55
CA GLY G 318 -34.19 -22.52 30.56
C GLY G 318 -34.09 -21.13 29.94
N PRO G 319 -34.06 -20.05 30.75
CA PRO G 319 -33.83 -18.72 30.21
C PRO G 319 -32.36 -18.69 29.77
N GLY G 320 -32.11 -18.37 28.50
CA GLY G 320 -30.73 -18.23 28.04
C GLY G 320 -30.44 -19.32 27.04
N ARG G 321 -31.47 -20.07 26.69
CA ARG G 321 -31.28 -21.08 25.67
C ARG G 321 -32.35 -20.94 24.61
N TYR G 322 -31.94 -20.88 23.35
CA TYR G 322 -32.82 -20.59 22.24
C TYR G 322 -32.82 -21.73 21.23
N LYS G 323 -33.90 -21.84 20.47
CA LYS G 323 -34.02 -22.78 19.37
C LYS G 323 -33.85 -22.11 18.02
N THR G 324 -33.36 -20.89 17.99
CA THR G 324 -33.14 -20.19 16.73
C THR G 324 -32.08 -20.91 15.92
N PRO G 325 -32.29 -21.07 14.61
CA PRO G 325 -31.25 -21.70 13.77
C PRO G 325 -29.96 -20.89 13.76
N TYR G 326 -28.83 -21.59 13.75
CA TYR G 326 -27.53 -20.98 13.79
C TYR G 326 -27.06 -20.57 12.39
N PRO G 327 -26.17 -19.59 12.29
CA PRO G 327 -25.61 -19.24 10.99
C PRO G 327 -24.79 -20.38 10.41
N ASN G 328 -24.74 -20.44 9.09
CA ASN G 328 -23.97 -21.46 8.38
C ASN G 328 -22.54 -20.99 8.24
N ILE G 329 -21.59 -21.81 8.69
CA ILE G 329 -20.19 -21.45 8.75
C ILE G 329 -19.41 -22.34 7.79
N PHE G 330 -18.85 -21.73 6.75
CA PHE G 330 -17.85 -22.36 5.91
C PHE G 330 -16.48 -21.85 6.33
N TYR G 331 -15.49 -22.73 6.36
CA TYR G 331 -14.11 -22.26 6.46
C TYR G 331 -13.20 -23.21 5.72
N SER G 332 -12.29 -22.64 4.94
CA SER G 332 -11.36 -23.42 4.11
C SER G 332 -10.03 -23.53 4.82
N THR G 333 -9.60 -24.75 5.11
CA THR G 333 -8.43 -24.99 5.94
C THR G 333 -7.43 -25.88 5.21
N HIS G 334 -6.17 -25.79 5.65
CA HIS G 334 -5.11 -26.65 5.18
C HIS G 334 -4.42 -27.40 6.31
N SER G 335 -4.97 -27.35 7.53
CA SER G 335 -4.30 -27.91 8.69
C SER G 335 -5.12 -29.04 9.27
N PRO G 336 -4.51 -30.19 9.54
CA PRO G 336 -5.26 -31.30 10.15
C PRO G 336 -5.78 -30.99 11.55
N SER G 337 -5.20 -30.03 12.26
CA SER G 337 -5.66 -29.73 13.62
C SER G 337 -7.07 -29.17 13.62
N ILE G 338 -7.34 -28.19 12.74
CA ILE G 338 -8.67 -27.61 12.65
C ILE G 338 -9.70 -28.68 12.32
N LEU G 339 -9.39 -29.51 11.33
CA LEU G 339 -10.32 -30.54 10.91
C LEU G 339 -10.56 -31.56 12.02
N LYS G 340 -9.49 -31.99 12.70
CA LYS G 340 -9.63 -32.96 13.77
C LYS G 340 -10.51 -32.42 14.88
N GLN G 341 -10.27 -31.17 15.30
CA GLN G 341 -11.07 -30.61 16.37
C GLN G 341 -12.52 -30.43 15.93
N THR G 342 -12.76 -30.03 14.69
CA THR G 342 -14.15 -29.88 14.21
C THR G 342 -14.81 -31.22 14.30
N ILE G 343 -14.24 -32.23 13.70
CA ILE G 343 -14.89 -33.55 13.67
C ILE G 343 -15.17 -34.04 15.08
N LYS G 344 -14.18 -33.89 15.97
CA LYS G 344 -14.36 -34.39 17.33
C LYS G 344 -15.47 -33.65 18.06
N LEU G 345 -15.54 -32.34 17.89
CA LEU G 345 -16.43 -31.55 18.73
C LEU G 345 -17.85 -31.46 18.17
N PHE G 346 -18.01 -31.42 16.85
CA PHE G 346 -19.32 -31.13 16.27
C PHE G 346 -20.12 -32.37 15.91
N GLY G 347 -19.50 -33.55 15.87
CA GLY G 347 -20.27 -34.78 15.76
C GLY G 347 -21.00 -34.95 14.45
N LYS G 348 -22.33 -34.78 14.48
CA LYS G 348 -23.17 -34.94 13.31
C LYS G 348 -23.54 -33.61 12.65
N ASP G 349 -23.00 -32.50 13.12
CA ASP G 349 -23.42 -31.19 12.64
C ASP G 349 -22.43 -30.54 11.70
N GLN G 350 -21.45 -31.29 11.18
CA GLN G 350 -20.44 -30.70 10.32
C GLN G 350 -20.41 -31.49 9.02
N GLN G 351 -19.83 -30.87 8.00
CA GLN G 351 -19.66 -31.48 6.69
C GLN G 351 -18.27 -31.17 6.17
N VAL G 352 -17.63 -32.16 5.54
CA VAL G 352 -16.29 -31.99 4.98
C VAL G 352 -16.39 -32.05 3.46
N LEU G 353 -15.93 -31.00 2.80
CA LEU G 353 -15.99 -30.90 1.34
C LEU G 353 -14.59 -31.06 0.76
N HIS G 354 -14.48 -31.90 -0.26
CA HIS G 354 -13.22 -32.20 -0.91
C HIS G 354 -13.26 -31.65 -2.33
N PHE G 355 -12.27 -30.83 -2.68
CA PHE G 355 -12.17 -30.20 -3.98
C PHE G 355 -11.06 -30.86 -4.79
N SER G 356 -11.39 -31.31 -5.99
CA SER G 356 -10.43 -31.99 -6.86
C SER G 356 -10.69 -31.54 -8.29
N LYS G 357 -10.02 -32.20 -9.24
CA LYS G 357 -10.07 -31.80 -10.63
C LYS G 357 -10.56 -32.96 -11.48
N LYS G 358 -11.41 -32.67 -12.46
CA LYS G 358 -11.97 -33.70 -13.33
C LYS G 358 -10.98 -34.04 -14.44
N LYS G 359 -11.40 -34.92 -15.36
CA LYS G 359 -10.58 -35.22 -16.53
C LYS G 359 -10.32 -33.97 -17.35
N ASP G 360 -11.36 -33.24 -17.70
CA ASP G 360 -11.22 -32.07 -18.56
C ASP G 360 -10.72 -30.85 -17.80
N GLY G 361 -10.25 -31.02 -16.57
CA GLY G 361 -9.73 -29.92 -15.79
C GLY G 361 -10.73 -29.18 -14.94
N SER G 362 -12.02 -29.49 -15.06
CA SER G 362 -13.03 -28.80 -14.29
C SER G 362 -13.01 -29.26 -12.83
N THR G 363 -13.58 -28.43 -11.97
CA THR G 363 -13.58 -28.68 -10.53
C THR G 363 -14.63 -29.69 -10.15
N ARG G 364 -14.30 -30.57 -9.20
CA ARG G 364 -15.18 -31.62 -8.72
C ARG G 364 -15.26 -31.53 -7.21
N VAL G 365 -16.47 -31.54 -6.68
CA VAL G 365 -16.71 -31.35 -5.25
C VAL G 365 -17.36 -32.62 -4.70
N ASN G 366 -16.82 -33.13 -3.61
CA ASN G 366 -17.36 -34.33 -2.98
C ASN G 366 -17.55 -34.09 -1.48
N LYS G 367 -18.37 -34.92 -0.87
CA LYS G 367 -18.63 -34.86 0.56
C LYS G 367 -18.00 -36.08 1.22
N ILE G 368 -17.03 -35.86 2.10
CA ILE G 368 -16.34 -36.93 2.79
C ILE G 368 -17.06 -37.21 4.10
N ASN G 369 -17.32 -38.49 4.36
CA ASN G 369 -18.01 -38.87 5.59
C ASN G 369 -17.10 -38.59 6.78
N SER G 370 -17.53 -37.65 7.62
CA SER G 370 -16.82 -37.34 8.86
C SER G 370 -17.64 -37.66 10.10
N THR G 371 -18.82 -38.24 9.95
CA THR G 371 -19.67 -38.58 11.07
C THR G 371 -19.50 -40.07 11.37
N TYR G 372 -19.17 -40.38 12.63
CA TYR G 372 -18.92 -41.74 13.06
C TYR G 372 -19.93 -42.14 14.13
N SER G 373 -20.50 -43.33 13.97
CA SER G 373 -21.41 -43.86 14.99
C SER G 373 -20.67 -44.51 16.15
N ASP G 374 -19.38 -44.80 16.00
CA ASP G 374 -18.57 -45.40 17.05
C ASP G 374 -17.97 -44.27 17.90
N GLU G 375 -18.49 -44.10 19.11
CA GLU G 375 -18.00 -43.03 19.97
C GLU G 375 -16.54 -43.23 20.34
N ARG G 376 -16.09 -44.48 20.41
CA ARG G 376 -14.67 -44.73 20.69
C ARG G 376 -13.80 -44.15 19.59
N PHE G 377 -14.20 -44.30 18.33
CA PHE G 377 -13.41 -43.74 17.24
C PHE G 377 -13.39 -42.21 17.30
N LEU G 378 -14.50 -41.61 17.70
CA LEU G 378 -14.51 -40.16 17.88
C LEU G 378 -13.54 -39.73 18.97
N ASN G 379 -13.50 -40.47 20.08
CA ASN G 379 -12.61 -40.08 21.17
C ASN G 379 -11.15 -40.29 20.79
N ILE G 380 -10.83 -41.44 20.19
CA ILE G 380 -9.44 -41.74 19.81
C ILE G 380 -9.01 -40.93 18.60
N PHE G 381 -9.92 -40.21 17.96
CA PHE G 381 -9.57 -39.39 16.80
C PHE G 381 -8.40 -38.47 17.15
N SER G 382 -7.35 -38.55 16.35
CA SER G 382 -6.12 -37.82 16.64
C SER G 382 -5.62 -37.18 15.35
N ASP G 383 -4.41 -36.63 15.40
CA ASP G 383 -3.86 -35.91 14.26
C ASP G 383 -3.61 -36.85 13.08
N ASN G 384 -3.14 -38.06 13.36
CA ASN G 384 -2.85 -39.01 12.28
C ASN G 384 -4.11 -39.36 11.50
N GLU G 385 -5.21 -39.61 12.19
CA GLU G 385 -6.45 -39.95 11.51
C GLU G 385 -6.96 -38.79 10.68
N ALA G 386 -6.90 -37.57 11.22
CA ALA G 386 -7.35 -36.40 10.48
C ALA G 386 -6.42 -36.04 9.34
N ARG G 387 -5.19 -36.56 9.34
CA ARG G 387 -4.28 -36.30 8.24
C ARG G 387 -4.73 -37.01 6.96
N LEU G 388 -5.36 -38.17 7.10
CA LEU G 388 -5.77 -38.94 5.92
C LEU G 388 -6.76 -38.18 5.04
N PHE G 389 -7.45 -37.18 5.58
CA PHE G 389 -8.39 -36.41 4.78
C PHE G 389 -7.69 -35.60 3.69
N PHE G 390 -6.40 -35.32 3.85
CA PHE G 390 -5.63 -34.58 2.86
C PHE G 390 -4.82 -35.51 1.96
N SER G 391 -4.98 -36.82 2.11
CA SER G 391 -4.15 -37.77 1.39
C SER G 391 -4.52 -37.83 -0.08
N GLU G 392 -3.49 -37.94 -0.93
CA GLU G 392 -3.72 -38.16 -2.36
C GLU G 392 -4.08 -39.61 -2.66
N TYR G 393 -3.53 -40.55 -1.90
CA TYR G 393 -3.75 -41.96 -2.11
C TYR G 393 -3.44 -42.69 -0.82
N ILE G 394 -4.31 -43.63 -0.43
CA ILE G 394 -4.18 -44.31 0.86
C ILE G 394 -3.90 -45.78 0.61
N VAL G 395 -2.99 -46.34 1.41
CA VAL G 395 -2.72 -47.78 1.40
C VAL G 395 -3.06 -48.29 2.80
N PHE G 396 -4.30 -48.72 2.99
CA PHE G 396 -4.70 -49.25 4.28
C PHE G 396 -4.06 -50.61 4.51
N VAL G 397 -3.54 -50.82 5.72
CA VAL G 397 -2.84 -52.06 6.04
C VAL G 397 -3.38 -52.62 7.36
N GLU G 398 -2.77 -53.69 7.84
CA GLU G 398 -3.30 -54.40 9.00
C GLU G 398 -2.35 -54.47 10.18
N GLY G 399 -1.04 -54.38 9.99
CA GLY G 399 -0.10 -54.53 11.06
C GLY G 399 1.01 -53.49 11.01
N ALA G 400 1.80 -53.47 12.08
CA ALA G 400 2.91 -52.51 12.16
C ALA G 400 4.03 -52.87 11.20
N THR G 401 4.18 -54.15 10.86
CA THR G 401 5.23 -54.55 9.93
C THR G 401 5.02 -53.93 8.55
N GLU G 402 3.76 -53.84 8.10
CA GLU G 402 3.46 -53.19 6.84
C GLU G 402 3.89 -51.73 6.87
N LEU G 403 3.61 -51.03 7.97
CA LEU G 403 4.04 -49.64 8.10
C LEU G 403 5.56 -49.55 8.09
N GLU G 404 6.24 -50.48 8.75
CA GLU G 404 7.70 -50.47 8.73
C GLU G 404 8.23 -50.63 7.31
N LEU G 405 7.64 -51.53 6.54
CA LEU G 405 8.13 -51.77 5.19
C LEU G 405 7.83 -50.60 4.26
N PHE G 406 6.55 -50.26 4.11
CA PHE G 406 6.14 -49.30 3.10
C PHE G 406 6.56 -47.88 3.41
N ARG G 407 7.05 -47.61 4.63
CA ARG G 407 7.58 -46.29 4.97
C ARG G 407 9.09 -46.23 4.93
N ASN G 408 9.76 -47.30 4.52
CA ASN G 408 11.22 -47.34 4.53
C ASN G 408 11.78 -46.26 3.62
N LEU G 409 12.63 -45.39 4.18
CA LEU G 409 13.14 -44.25 3.42
C LEU G 409 13.97 -44.70 2.23
N SER G 410 14.85 -45.69 2.44
CA SER G 410 15.69 -46.17 1.34
C SER G 410 14.85 -46.75 0.21
N LEU G 411 13.82 -47.51 0.56
CA LEU G 411 12.96 -48.10 -0.47
C LEU G 411 12.19 -47.03 -1.23
N LEU G 412 11.63 -46.04 -0.52
CA LEU G 412 10.89 -44.98 -1.19
C LEU G 412 11.79 -44.03 -1.95
N ASN G 413 13.10 -44.05 -1.68
CA ASN G 413 14.02 -43.24 -2.49
C ASN G 413 14.01 -43.68 -3.94
N LEU G 414 13.98 -44.99 -4.18
CA LEU G 414 14.03 -45.53 -5.53
C LEU G 414 12.69 -45.46 -6.25
N TYR G 415 11.60 -45.21 -5.54
CA TYR G 415 10.26 -45.15 -6.13
C TYR G 415 9.60 -43.84 -5.70
N PRO G 416 9.93 -42.73 -6.34
CA PRO G 416 9.32 -41.45 -5.95
C PRO G 416 7.82 -41.40 -6.14
N ALA G 417 7.26 -42.23 -7.01
CA ALA G 417 5.81 -42.22 -7.21
C ALA G 417 5.06 -42.66 -5.96
N PHE G 418 5.54 -43.71 -5.30
CA PHE G 418 4.90 -44.20 -4.10
C PHE G 418 5.08 -43.28 -2.90
N SER G 419 5.96 -42.29 -3.00
CA SER G 419 6.18 -41.37 -1.88
C SER G 419 4.96 -40.51 -1.60
N LEU G 420 4.02 -40.42 -2.52
CA LEU G 420 2.82 -39.60 -2.35
C LEU G 420 1.66 -40.37 -1.74
N ALA G 421 1.86 -41.63 -1.39
CA ALA G 421 0.80 -42.46 -0.80
C ALA G 421 1.02 -42.58 0.69
N ASP G 422 -0.03 -42.37 1.47
CA ASP G 422 0.04 -42.47 2.92
C ASP G 422 -0.38 -43.87 3.34
N ILE G 423 0.45 -44.50 4.15
CA ILE G 423 0.19 -45.84 4.65
C ILE G 423 -0.38 -45.73 6.06
N TYR G 424 -1.56 -46.29 6.27
CA TYR G 424 -2.25 -46.19 7.55
C TYR G 424 -2.75 -47.56 7.95
N ASP G 425 -2.53 -47.93 9.21
CA ASP G 425 -3.05 -49.20 9.71
C ASP G 425 -4.47 -49.02 10.20
N ALA G 426 -5.37 -49.87 9.73
CA ALA G 426 -6.79 -49.76 10.05
C ALA G 426 -7.31 -51.10 10.54
N ASN G 427 -7.95 -51.07 11.71
CA ASN G 427 -8.66 -52.25 12.20
C ASN G 427 -9.93 -52.46 11.38
N GLU G 428 -10.59 -53.60 11.60
CA GLU G 428 -11.80 -53.89 10.83
C GLU G 428 -12.90 -52.88 11.12
N VAL G 429 -13.10 -52.51 12.38
CA VAL G 429 -14.09 -51.51 12.72
C VAL G 429 -13.67 -50.13 12.21
N ILE G 430 -12.39 -49.79 12.39
CA ILE G 430 -11.89 -48.52 11.90
C ILE G 430 -12.06 -48.44 10.39
N LEU G 431 -11.67 -49.50 9.68
CA LEU G 431 -11.85 -49.53 8.23
C LEU G 431 -13.33 -49.45 7.87
N ALA G 432 -14.19 -50.05 8.68
CA ALA G 432 -15.62 -50.02 8.41
C ALA G 432 -16.16 -48.60 8.47
N ASN G 433 -15.72 -47.82 9.44
CA ASN G 433 -16.27 -46.47 9.62
C ASN G 433 -15.34 -45.35 9.16
N ILE G 434 -14.31 -45.66 8.35
CA ILE G 434 -13.47 -44.58 7.84
C ILE G 434 -13.36 -44.63 6.32
N ASN G 435 -13.56 -45.81 5.74
CA ASN G 435 -13.10 -46.04 4.37
C ASN G 435 -13.84 -45.16 3.36
N PRO G 436 -13.15 -44.74 2.30
CA PRO G 436 -13.77 -43.84 1.32
C PRO G 436 -14.95 -44.45 0.58
N GLY G 437 -14.98 -45.77 0.39
CA GLY G 437 -16.10 -46.36 -0.33
C GLY G 437 -17.42 -46.11 0.37
N TYR G 438 -17.46 -46.36 1.68
CA TYR G 438 -18.64 -46.03 2.47
C TYR G 438 -18.83 -44.53 2.59
N SER G 439 -17.77 -43.75 2.41
CA SER G 439 -17.85 -42.30 2.42
C SER G 439 -18.04 -41.72 1.03
N LYS G 440 -18.15 -42.57 0.01
CA LYS G 440 -18.31 -42.18 -1.40
C LYS G 440 -17.39 -41.03 -1.78
N ALA G 441 -16.15 -41.07 -1.32
CA ALA G 441 -15.18 -40.01 -1.57
C ALA G 441 -14.23 -40.41 -2.69
N SER G 442 -13.77 -39.40 -3.43
CA SER G 442 -12.77 -39.61 -4.48
C SER G 442 -11.36 -39.34 -3.96
N ILE G 443 -11.02 -40.08 -2.93
CA ILE G 443 -9.63 -40.22 -2.49
C ILE G 443 -9.29 -41.69 -2.71
N PRO G 444 -8.65 -42.03 -3.82
CA PRO G 444 -8.43 -43.44 -4.14
C PRO G 444 -7.59 -44.12 -3.06
N PHE G 445 -7.89 -45.40 -2.84
CA PHE G 445 -7.27 -46.15 -1.77
C PHE G 445 -7.21 -47.62 -2.15
N VAL G 446 -6.31 -48.35 -1.49
CA VAL G 446 -6.25 -49.80 -1.63
C VAL G 446 -6.11 -50.42 -0.25
N ILE G 447 -6.90 -51.45 0.01
CA ILE G 447 -6.87 -52.16 1.28
C ILE G 447 -6.02 -53.42 1.08
N ILE G 448 -4.83 -53.44 1.66
CA ILE G 448 -3.92 -54.57 1.53
C ILE G 448 -4.20 -55.53 2.67
N LYS G 449 -4.61 -56.75 2.35
CA LYS G 449 -4.87 -57.76 3.37
C LYS G 449 -4.34 -59.11 2.91
N ASP G 450 -4.07 -59.98 3.88
CA ASP G 450 -3.61 -61.32 3.59
C ASP G 450 -4.78 -62.21 3.17
N ILE G 451 -4.46 -63.28 2.43
CA ILE G 451 -5.48 -64.22 1.99
C ILE G 451 -6.06 -65.01 3.15
N ASP G 452 -5.40 -65.00 4.30
CA ASP G 452 -5.87 -65.79 5.43
C ASP G 452 -7.17 -65.26 6.03
N THR G 453 -7.51 -64.00 5.76
CA THR G 453 -8.74 -63.44 6.29
C THR G 453 -10.00 -63.98 5.63
N LEU G 454 -9.87 -64.75 4.56
CA LEU G 454 -11.01 -65.35 3.89
C LEU G 454 -11.13 -66.85 4.14
N ILE G 455 -10.02 -67.58 4.08
CA ILE G 455 -10.01 -69.03 4.12
C ILE G 455 -9.07 -69.48 5.24
N ASP G 456 -9.54 -70.39 6.08
CA ASP G 456 -8.69 -70.99 7.10
C ASP G 456 -8.61 -72.50 6.87
N TYR G 457 -7.38 -73.03 6.89
CA TYR G 457 -7.12 -74.41 6.57
C TYR G 457 -6.97 -75.24 7.84
N SER G 458 -7.57 -76.42 7.83
CA SER G 458 -7.45 -77.37 8.94
C SER G 458 -6.63 -78.56 8.46
N ILE G 459 -5.49 -78.78 9.12
CA ILE G 459 -4.62 -79.88 8.78
C ILE G 459 -5.22 -81.22 9.20
N LYS G 460 -5.86 -81.27 10.38
CA LYS G 460 -6.41 -82.52 10.87
C LYS G 460 -7.48 -83.06 9.94
N THR G 461 -8.39 -82.20 9.49
CA THR G 461 -9.41 -82.60 8.53
C THR G 461 -9.01 -82.34 7.09
N GLU G 462 -7.88 -81.67 6.86
CA GLU G 462 -7.40 -81.35 5.51
C GLU G 462 -8.46 -80.56 4.73
N LYS G 463 -9.06 -79.56 5.37
CA LYS G 463 -10.22 -78.89 4.79
C LYS G 463 -10.11 -77.38 4.94
N PHE G 464 -10.49 -76.66 3.90
CA PHE G 464 -10.66 -75.22 4.01
C PHE G 464 -12.06 -74.88 4.53
N SER G 465 -12.12 -73.87 5.39
CA SER G 465 -13.39 -73.32 5.85
C SER G 465 -13.39 -71.82 5.58
N LEU G 466 -14.60 -71.29 5.39
CA LEU G 466 -14.79 -69.94 4.87
C LEU G 466 -14.97 -68.96 6.02
N ARG G 467 -14.25 -67.84 5.95
CA ARG G 467 -14.39 -66.81 6.97
C ARG G 467 -15.59 -65.91 6.66
N PRO G 468 -16.21 -65.32 7.68
CA PRO G 468 -17.40 -64.48 7.44
C PRO G 468 -17.15 -63.31 6.52
N LEU G 469 -15.96 -62.73 6.53
CA LEU G 469 -15.67 -61.62 5.63
C LEU G 469 -15.71 -62.06 4.17
N PHE G 470 -15.31 -63.30 3.88
CA PHE G 470 -15.45 -63.82 2.52
C PHE G 470 -16.92 -63.92 2.12
N GLU G 471 -17.78 -64.37 3.03
CA GLU G 471 -19.21 -64.41 2.75
C GLU G 471 -19.76 -63.01 2.52
N LYS G 472 -19.30 -62.04 3.30
CA LYS G 472 -19.72 -60.66 3.09
C LYS G 472 -19.28 -60.14 1.72
N MET G 473 -18.05 -60.47 1.31
CA MET G 473 -17.58 -60.05 0.00
C MET G 473 -18.39 -60.70 -1.11
N ILE G 474 -18.73 -61.99 -0.94
CA ILE G 474 -19.58 -62.66 -1.92
C ILE G 474 -20.95 -61.99 -2.00
N LYS G 475 -21.53 -61.67 -0.85
CA LYS G 475 -22.84 -61.02 -0.82
C LYS G 475 -22.79 -59.66 -1.48
N GLU G 476 -21.70 -58.92 -1.28
CA GLU G 476 -21.56 -57.63 -1.93
C GLU G 476 -21.37 -57.79 -3.44
N LEU G 477 -20.68 -58.84 -3.86
CA LEU G 477 -20.40 -59.02 -5.28
C LEU G 477 -21.52 -59.72 -6.04
N THR G 478 -22.49 -60.31 -5.34
CA THR G 478 -23.57 -61.05 -6.00
C THR G 478 -24.77 -60.16 -6.31
N LYS G 479 -24.55 -58.85 -6.50
CA LYS G 479 -25.64 -57.94 -6.82
C LYS G 479 -26.35 -58.31 -8.12
N GLU G 480 -25.83 -59.26 -8.89
CA GLU G 480 -26.47 -59.70 -10.11
C GLU G 480 -27.57 -60.73 -9.85
N PHE G 481 -27.77 -61.15 -8.61
CA PHE G 481 -28.87 -62.04 -8.25
C PHE G 481 -30.22 -61.35 -8.32
N ASP G 482 -30.26 -60.03 -8.51
CA ASP G 482 -31.51 -59.28 -8.56
C ASP G 482 -31.60 -58.42 -9.82
N TYR G 483 -30.94 -58.82 -10.91
CA TYR G 483 -30.88 -57.98 -12.09
C TYR G 483 -30.79 -58.84 -13.34
N TYR G 484 -30.69 -58.17 -14.49
CA TYR G 484 -30.77 -58.79 -15.80
C TYR G 484 -29.40 -59.30 -16.26
N ASP G 485 -29.29 -59.66 -17.53
CA ASP G 485 -28.09 -60.28 -18.08
C ASP G 485 -27.24 -59.27 -18.85
N THR G 486 -25.93 -59.38 -18.66
CA THR G 486 -24.93 -58.65 -19.43
C THR G 486 -23.63 -59.46 -19.35
N GLY G 487 -22.51 -58.82 -19.70
CA GLY G 487 -21.25 -59.54 -19.80
C GLY G 487 -20.58 -59.92 -18.48
N PHE G 488 -21.37 -60.04 -17.42
CA PHE G 488 -20.85 -60.36 -16.10
C PHE G 488 -20.76 -61.85 -15.81
N GLY G 489 -20.99 -62.71 -16.81
CA GLY G 489 -21.06 -64.15 -16.56
C GLY G 489 -19.78 -64.73 -15.96
N ARG G 490 -18.63 -64.23 -16.39
CA ARG G 490 -17.36 -64.74 -15.87
C ARG G 490 -17.23 -64.47 -14.38
N VAL G 491 -17.74 -63.34 -13.91
CA VAL G 491 -17.75 -63.08 -12.47
C VAL G 491 -18.59 -64.13 -11.76
N ARG G 492 -19.73 -64.51 -12.36
CA ARG G 492 -20.57 -65.50 -11.71
C ARG G 492 -19.84 -66.84 -11.66
N LYS G 493 -19.12 -67.16 -12.73
CA LYS G 493 -18.34 -68.39 -12.75
C LYS G 493 -17.29 -68.39 -11.65
N GLU G 494 -16.59 -67.26 -11.48
CA GLU G 494 -15.58 -67.16 -10.43
C GLU G 494 -16.22 -67.32 -9.05
N ILE G 495 -17.39 -66.74 -8.86
CA ILE G 495 -18.08 -66.88 -7.58
C ILE G 495 -18.50 -68.32 -7.34
N ASP G 496 -18.90 -69.02 -8.41
CA ASP G 496 -19.21 -70.44 -8.28
C ASP G 496 -17.97 -71.23 -7.86
N LEU G 497 -16.82 -70.89 -8.45
CA LEU G 497 -15.57 -71.55 -8.03
C LEU G 497 -15.25 -71.25 -6.57
N PHE G 498 -15.50 -70.01 -6.14
CA PHE G 498 -15.33 -69.67 -4.73
C PHE G 498 -16.23 -70.51 -3.84
N SER G 499 -17.45 -70.75 -4.29
CA SER G 499 -18.36 -71.61 -3.54
C SER G 499 -17.83 -73.04 -3.46
N ASP G 500 -17.31 -73.55 -4.58
CA ASP G 500 -16.75 -74.91 -4.59
C ASP G 500 -15.46 -75.02 -3.78
N ILE G 501 -14.82 -73.90 -3.47
CA ILE G 501 -13.65 -73.96 -2.59
C ILE G 501 -14.00 -74.62 -1.26
N GLN G 502 -15.21 -74.41 -0.77
CA GLN G 502 -15.60 -74.96 0.53
C GLN G 502 -15.54 -76.47 0.53
N SER G 503 -16.23 -77.11 -0.42
CA SER G 503 -16.38 -78.57 -0.40
C SER G 503 -15.07 -79.29 -0.66
N SER G 504 -14.15 -78.67 -1.39
CA SER G 504 -12.92 -79.36 -1.77
C SER G 504 -12.02 -79.59 -0.55
N THR G 505 -11.42 -80.77 -0.50
CA THR G 505 -10.43 -81.15 0.48
C THR G 505 -9.09 -81.34 -0.22
N LYS G 506 -8.00 -80.98 0.46
CA LYS G 506 -6.68 -81.05 -0.16
C LYS G 506 -5.69 -81.68 0.81
N LYS G 507 -4.81 -82.53 0.29
CA LYS G 507 -3.89 -83.30 1.12
C LYS G 507 -2.60 -82.52 1.34
N HIS G 508 -2.02 -82.69 2.53
CA HIS G 508 -0.80 -81.99 2.91
C HIS G 508 0.37 -82.97 3.00
N MET G 509 1.58 -82.41 3.01
CA MET G 509 2.81 -83.18 3.12
C MET G 509 3.62 -82.70 4.32
N ASP G 510 4.55 -83.55 4.76
CA ASP G 510 5.41 -83.25 5.92
C ASP G 510 4.60 -82.83 7.14
N SER G 511 3.53 -83.56 7.41
CA SER G 511 2.66 -83.32 8.57
C SER G 511 2.00 -81.94 8.51
N GLY G 512 1.74 -81.45 7.31
CA GLY G 512 0.99 -80.21 7.15
C GLY G 512 1.84 -78.96 7.05
N LEU G 513 2.88 -79.00 6.21
CA LEU G 513 3.73 -77.84 5.97
C LEU G 513 3.72 -77.36 4.53
N PHE G 514 3.45 -78.25 3.58
CA PHE G 514 3.45 -77.89 2.17
C PHE G 514 2.26 -78.53 1.47
N PHE G 515 1.87 -77.94 0.34
CA PHE G 515 0.75 -78.44 -0.44
C PHE G 515 1.26 -79.33 -1.58
N LYS G 516 0.59 -80.47 -1.76
CA LYS G 516 1.08 -81.47 -2.70
C LYS G 516 1.03 -80.96 -4.14
N ARG G 517 -0.12 -80.43 -4.56
CA ARG G 517 -0.29 -79.99 -5.94
C ARG G 517 -0.80 -78.56 -6.00
N PHE G 518 -1.51 -78.15 -4.96
CA PHE G 518 -2.21 -76.87 -5.00
C PHE G 518 -1.24 -75.71 -4.93
N SER G 519 -1.54 -74.65 -5.69
CA SER G 519 -0.80 -73.40 -5.65
C SER G 519 -1.72 -72.32 -5.12
N LEU G 520 -1.46 -71.87 -3.89
CA LEU G 520 -2.23 -70.77 -3.32
C LEU G 520 -2.03 -69.49 -4.10
N HIS G 521 -0.96 -69.40 -4.90
CA HIS G 521 -0.75 -68.23 -5.73
C HIS G 521 -1.84 -68.08 -6.78
N ASN G 522 -2.29 -69.19 -7.37
CA ASN G 522 -3.37 -69.13 -8.35
C ASN G 522 -4.67 -68.65 -7.71
N LEU G 523 -5.00 -69.18 -6.53
CA LEU G 523 -6.22 -68.74 -5.85
C LEU G 523 -6.12 -67.28 -5.44
N SER G 524 -4.93 -66.85 -5.00
CA SER G 524 -4.74 -65.45 -4.67
C SER G 524 -4.91 -64.56 -5.90
N SER G 525 -4.37 -65.00 -7.04
CA SER G 525 -4.55 -64.23 -8.27
C SER G 525 -6.01 -64.13 -8.65
N ARG G 526 -6.76 -65.24 -8.52
CA ARG G 526 -8.19 -65.19 -8.82
C ARG G 526 -8.93 -64.26 -7.88
N ILE G 527 -8.61 -64.31 -6.59
CA ILE G 527 -9.25 -63.44 -5.62
C ILE G 527 -8.96 -61.97 -5.92
N ASN G 528 -7.70 -61.65 -6.22
CA ASN G 528 -7.34 -60.28 -6.55
C ASN G 528 -8.05 -59.81 -7.80
N LYS G 529 -8.11 -60.67 -8.83
CA LYS G 529 -8.80 -60.31 -10.06
C LYS G 529 -10.27 -60.03 -9.80
N VAL G 530 -10.91 -60.84 -8.97
CA VAL G 530 -12.33 -60.64 -8.69
C VAL G 530 -12.56 -59.38 -7.86
N SER G 531 -11.73 -59.16 -6.84
CA SER G 531 -11.99 -58.13 -5.84
C SER G 531 -11.31 -56.80 -6.14
N ARG G 532 -10.56 -56.67 -7.23
CA ARG G 532 -9.99 -55.37 -7.56
C ARG G 532 -11.05 -54.30 -7.74
N LYS G 533 -12.28 -54.70 -8.03
CA LYS G 533 -13.38 -53.75 -8.23
C LYS G 533 -13.89 -53.25 -6.89
N LEU G 534 -13.56 -53.96 -5.81
CA LEU G 534 -13.89 -53.55 -4.47
C LEU G 534 -12.70 -52.89 -3.78
N ASN G 535 -11.63 -52.60 -4.52
CA ASN G 535 -10.48 -51.86 -4.06
C ASN G 535 -9.66 -52.60 -3.00
N ARG G 536 -9.85 -53.90 -2.84
CA ARG G 536 -9.08 -54.69 -1.90
C ARG G 536 -8.09 -55.58 -2.64
N TYR G 537 -6.82 -55.50 -2.25
CA TYR G 537 -5.78 -56.37 -2.77
C TYR G 537 -5.41 -57.38 -1.69
N PHE G 538 -5.32 -58.64 -2.08
CA PHE G 538 -5.00 -59.71 -1.15
C PHE G 538 -3.62 -60.25 -1.51
N MET G 539 -2.65 -59.96 -0.65
CA MET G 539 -1.30 -60.46 -0.82
C MET G 539 -1.24 -61.95 -0.51
N THR G 540 -0.46 -62.69 -1.31
CA THR G 540 -0.43 -64.13 -1.17
C THR G 540 0.13 -64.55 0.18
N THR G 541 1.19 -63.90 0.65
CA THR G 541 1.84 -64.24 1.90
C THR G 541 2.04 -62.98 2.73
N THR G 542 2.32 -63.18 4.01
CA THR G 542 2.52 -62.07 4.92
C THR G 542 3.73 -61.23 4.52
N ILE G 543 3.81 -60.03 5.06
CA ILE G 543 4.92 -59.12 4.75
C ILE G 543 6.23 -59.78 5.15
N GLU G 544 6.29 -60.30 6.36
CA GLU G 544 7.45 -61.08 6.79
C GLU G 544 7.63 -62.34 5.96
N GLY G 545 6.55 -62.86 5.37
CA GLY G 545 6.70 -63.95 4.42
C GLY G 545 7.13 -63.46 3.05
N ALA G 546 6.79 -62.22 2.71
CA ALA G 546 7.18 -61.68 1.42
C ALA G 546 8.64 -61.27 1.38
N LEU G 547 9.19 -60.82 2.51
CA LEU G 547 10.59 -60.45 2.56
C LEU G 547 11.50 -61.68 2.54
N ILE G 548 11.11 -62.72 3.28
CA ILE G 548 11.88 -63.96 3.34
C ILE G 548 11.36 -64.84 2.21
N ASN G 549 11.95 -64.67 1.03
CA ASN G 549 11.65 -65.51 -0.11
C ASN G 549 12.93 -66.17 -0.61
N GLU G 550 12.76 -67.18 -1.44
CA GLU G 550 13.89 -67.98 -1.90
C GLU G 550 14.92 -67.14 -2.65
N GLN G 551 14.48 -66.09 -3.32
CA GLN G 551 15.39 -65.28 -4.11
C GLN G 551 16.27 -64.38 -3.24
N SER G 552 15.78 -63.96 -2.08
CA SER G 552 16.51 -63.04 -1.22
C SER G 552 17.27 -63.74 -0.09
N LEU G 553 17.28 -65.07 -0.07
CA LEU G 553 18.00 -65.77 0.99
C LEU G 553 19.48 -65.45 1.05
N PRO G 554 20.23 -65.36 -0.06
CA PRO G 554 21.65 -64.96 0.07
C PRO G 554 21.83 -63.66 0.82
N TYR G 555 21.14 -62.60 0.39
CA TYR G 555 21.24 -61.31 1.07
C TYR G 555 20.86 -61.43 2.55
N PHE G 556 19.77 -62.15 2.83
CA PHE G 556 19.42 -62.43 4.23
C PHE G 556 20.61 -63.02 4.97
N PHE G 557 21.23 -64.05 4.42
CA PHE G 557 22.41 -64.60 5.06
C PHE G 557 23.50 -63.55 5.19
N ASN G 558 23.71 -62.76 4.13
CA ASN G 558 24.65 -61.65 4.23
C ASN G 558 24.30 -60.75 5.40
N TRP G 559 23.02 -60.42 5.55
CA TRP G 559 22.61 -59.58 6.67
C TRP G 559 23.04 -60.22 7.99
N ILE G 560 22.81 -61.52 8.14
CA ILE G 560 23.22 -62.19 9.37
C ILE G 560 24.72 -62.04 9.55
N GLY G 561 25.49 -62.24 8.49
CA GLY G 561 26.92 -62.03 8.59
C GLY G 561 27.24 -60.64 9.11
N ASP G 562 26.54 -59.63 8.59
CA ASP G 562 26.75 -58.27 9.06
C ASP G 562 26.49 -58.18 10.55
N VAL G 563 25.35 -58.71 11.01
CA VAL G 563 25.01 -58.55 12.42
C VAL G 563 25.97 -59.37 13.27
N ILE G 564 26.70 -60.30 12.66
CA ILE G 564 27.73 -61.02 13.40
C ILE G 564 29.03 -60.24 13.35
N LEU G 565 29.35 -59.63 12.19
CA LEU G 565 30.68 -59.09 11.99
C LEU G 565 30.82 -57.67 12.53
N THR G 566 29.77 -56.85 12.39
CA THR G 566 29.86 -55.43 12.74
C THR G 566 29.05 -55.05 13.96
N GLN G 567 27.87 -55.65 14.15
CA GLN G 567 26.99 -55.28 15.25
C GLN G 567 27.30 -56.02 16.55
N MET G 568 28.29 -56.90 16.54
CA MET G 568 28.65 -57.68 17.73
C MET G 568 29.90 -57.11 18.38
N THR G 569 29.98 -57.24 19.70
CA THR G 569 31.08 -56.75 20.50
C THR G 569 31.46 -57.81 21.53
N ILE G 570 32.45 -57.48 22.36
CA ILE G 570 33.01 -58.38 23.35
C ILE G 570 32.50 -57.98 24.74
N ASN G 571 31.99 -58.96 25.48
CA ASN G 571 31.37 -58.71 26.78
C ASN G 571 32.39 -58.84 27.91
N ASN G 572 33.35 -57.92 27.92
CA ASN G 572 34.35 -57.86 28.99
C ASN G 572 35.11 -56.54 28.95
N PRO G 573 35.38 -55.92 30.10
CA PRO G 573 36.18 -54.69 30.11
C PRO G 573 37.65 -54.91 29.78
N ASN G 574 38.13 -56.16 29.75
CA ASN G 574 39.52 -56.48 29.43
C ASN G 574 39.53 -57.49 28.29
N PRO G 575 39.47 -57.01 27.04
CA PRO G 575 39.37 -57.96 25.90
C PRO G 575 40.50 -58.96 25.83
N ASP G 576 41.72 -58.57 26.19
CA ASP G 576 42.88 -59.44 25.96
C ASP G 576 42.80 -60.70 26.82
N LYS G 577 42.80 -60.52 28.15
CA LYS G 577 42.76 -61.67 29.05
C LYS G 577 41.48 -62.47 28.87
N PHE G 578 40.36 -61.78 28.62
CA PHE G 578 39.09 -62.45 28.39
C PHE G 578 39.15 -63.38 27.19
N ILE G 579 39.59 -62.85 26.04
CA ILE G 579 39.61 -63.66 24.82
C ILE G 579 40.62 -64.79 24.95
N GLU G 580 41.76 -64.53 25.61
CA GLU G 580 42.72 -65.61 25.81
C GLU G 580 42.16 -66.69 26.71
N ALA G 581 41.47 -66.32 27.79
CA ALA G 581 40.94 -67.29 28.73
C ALA G 581 39.87 -68.16 28.09
N MET G 582 38.95 -67.56 27.32
CA MET G 582 37.94 -68.37 26.67
C MET G 582 38.43 -69.08 25.42
N ARG G 583 39.54 -68.64 24.83
CA ARG G 583 40.19 -69.46 23.83
C ARG G 583 40.78 -70.71 24.47
N ARG G 584 41.37 -70.56 25.65
CA ARG G 584 41.94 -71.72 26.35
C ARG G 584 40.85 -72.68 26.80
N ARG G 585 39.81 -72.16 27.45
CA ARG G 585 38.84 -73.03 28.11
C ARG G 585 37.98 -73.79 27.11
N TYR G 586 37.47 -73.10 26.10
CA TYR G 586 36.55 -73.69 25.13
C TYR G 586 37.27 -73.88 23.80
N ASN G 587 37.16 -75.08 23.25
CA ASN G 587 37.79 -75.38 21.97
C ASN G 587 37.12 -74.62 20.84
N ILE G 588 37.92 -74.23 19.85
CA ILE G 588 37.40 -73.48 18.72
C ILE G 588 36.47 -74.34 17.87
N LYS G 589 36.80 -75.62 17.70
CA LYS G 589 36.05 -76.50 16.82
C LYS G 589 34.88 -77.18 17.53
N SER G 590 35.18 -77.96 18.57
CA SER G 590 34.16 -78.78 19.22
C SER G 590 33.23 -77.99 20.12
N GLN G 591 33.63 -76.78 20.52
CA GLN G 591 32.84 -75.95 21.42
C GLN G 591 32.72 -74.54 20.89
N VAL G 592 32.40 -74.41 19.59
CA VAL G 592 32.31 -73.09 18.97
C VAL G 592 31.10 -72.33 19.50
N VAL G 593 29.99 -73.03 19.73
CA VAL G 593 28.75 -72.38 20.17
C VAL G 593 28.91 -71.74 21.54
N PRO G 594 29.36 -72.45 22.58
CA PRO G 594 29.54 -71.77 23.88
C PRO G 594 30.63 -70.72 23.85
N LEU G 595 31.69 -70.92 23.07
CA LEU G 595 32.73 -69.90 22.94
C LEU G 595 32.17 -68.62 22.36
N PHE G 596 31.35 -68.73 21.31
CA PHE G 596 30.73 -67.54 20.73
C PHE G 596 29.73 -66.92 21.69
N LYS G 597 28.99 -67.75 22.44
CA LYS G 597 28.03 -67.22 23.40
C LYS G 597 28.73 -66.41 24.49
N SER G 598 29.85 -66.92 25.00
CA SER G 598 30.57 -66.21 26.06
C SER G 598 31.30 -64.99 25.51
N VAL G 599 31.92 -65.11 24.34
CA VAL G 599 32.78 -64.03 23.84
C VAL G 599 31.96 -62.89 23.27
N PHE G 600 31.06 -63.19 22.33
CA PHE G 600 30.39 -62.16 21.55
C PHE G 600 28.99 -61.90 22.06
N CYS G 601 28.55 -60.64 21.93
CA CYS G 601 27.20 -60.26 22.28
C CYS G 601 26.82 -59.03 21.47
N ILE G 602 25.52 -58.89 21.21
CA ILE G 602 25.03 -57.75 20.44
C ILE G 602 25.05 -56.51 21.33
N GLY G 603 25.68 -55.44 20.83
CA GLY G 603 25.75 -54.20 21.56
C GLY G 603 25.85 -52.99 20.65
N LEU G 604 25.13 -51.92 21.00
CA LEU G 604 25.17 -50.70 20.18
C LEU G 604 26.55 -50.08 20.18
N ASN G 605 27.21 -50.04 21.34
CA ASN G 605 28.53 -49.44 21.45
C ASN G 605 29.60 -50.48 21.12
N HIS G 606 30.57 -50.09 20.30
CA HIS G 606 31.65 -50.98 19.87
C HIS G 606 32.98 -50.46 20.41
N PRO G 607 33.38 -50.88 21.60
CA PRO G 607 34.69 -50.44 22.12
C PRO G 607 35.84 -50.98 21.29
N VAL G 608 36.91 -50.22 21.25
CA VAL G 608 38.09 -50.56 20.44
C VAL G 608 38.85 -51.69 21.14
N TYR G 609 39.19 -52.71 20.38
CA TYR G 609 39.93 -53.86 20.87
C TYR G 609 41.32 -53.91 20.26
N SER G 610 42.21 -54.69 20.88
CA SER G 610 43.58 -54.77 20.44
C SER G 610 43.67 -55.55 19.12
N SER G 611 44.84 -55.44 18.48
CA SER G 611 45.05 -56.10 17.19
C SER G 611 44.96 -57.62 17.32
N ALA G 612 45.61 -58.17 18.36
CA ALA G 612 45.51 -59.61 18.57
C ALA G 612 44.08 -60.03 18.91
N VAL G 613 43.42 -59.25 19.76
CA VAL G 613 42.03 -59.55 20.11
C VAL G 613 41.13 -59.42 18.88
N ASP G 614 41.34 -58.37 18.08
CA ASP G 614 40.53 -58.21 16.87
C ASP G 614 40.74 -59.36 15.90
N LYS G 615 42.00 -59.81 15.74
CA LYS G 615 42.26 -60.93 14.85
C LYS G 615 41.63 -62.22 15.36
N GLN G 616 41.74 -62.47 16.68
CA GLN G 616 41.11 -63.66 17.25
C GLN G 616 39.60 -63.62 17.08
N ALA G 617 38.98 -62.47 17.34
CA ALA G 617 37.54 -62.34 17.17
C ALA G 617 37.14 -62.55 15.72
N LEU G 618 37.91 -61.99 14.78
CA LEU G 618 37.61 -62.18 13.37
C LEU G 618 37.70 -63.65 12.98
N ARG G 619 38.73 -64.35 13.47
CA ARG G 619 38.87 -65.77 13.15
C ARG G 619 37.72 -66.59 13.73
N ILE G 620 37.34 -66.30 14.97
CA ILE G 620 36.21 -67.02 15.56
C ILE G 620 34.92 -66.72 14.80
N LYS G 621 34.75 -65.47 14.38
CA LYS G 621 33.56 -65.10 13.60
C LYS G 621 33.51 -65.85 12.28
N LEU G 622 34.64 -65.93 11.58
CA LEU G 622 34.66 -66.64 10.31
C LEU G 622 34.38 -68.13 10.50
N SER G 623 34.97 -68.72 11.55
CA SER G 623 34.72 -70.12 11.83
C SER G 623 33.25 -70.36 12.15
N PHE G 624 32.64 -69.47 12.94
CA PHE G 624 31.23 -69.62 13.28
C PHE G 624 30.35 -69.42 12.05
N LEU G 625 30.73 -68.50 11.16
CA LEU G 625 29.95 -68.31 9.94
C LEU G 625 29.98 -69.55 9.07
N ASN G 626 31.17 -70.15 8.89
CA ASN G 626 31.27 -71.38 8.12
C ASN G 626 30.49 -72.51 8.77
N TYR G 627 30.58 -72.63 10.11
CA TYR G 627 29.84 -73.65 10.82
C TYR G 627 28.34 -73.45 10.61
N LEU G 628 27.86 -72.21 10.74
CA LEU G 628 26.44 -71.95 10.61
C LEU G 628 25.96 -72.26 9.20
N LYS G 629 26.74 -71.90 8.18
CA LYS G 629 26.38 -72.23 6.81
C LYS G 629 26.28 -73.74 6.63
N ARG G 630 27.28 -74.47 7.13
CA ARG G 630 27.27 -75.92 7.01
C ARG G 630 26.04 -76.52 7.69
N LYS G 631 25.77 -76.10 8.92
CA LYS G 631 24.67 -76.70 9.67
C LYS G 631 23.32 -76.32 9.09
N VAL G 632 23.18 -75.10 8.57
CA VAL G 632 21.94 -74.70 7.92
C VAL G 632 21.70 -75.53 6.67
N TYR G 633 22.74 -75.74 5.86
CA TYR G 633 22.58 -76.55 4.67
C TYR G 633 22.41 -78.04 4.99
N SER G 634 22.82 -78.47 6.18
CA SER G 634 22.76 -79.88 6.53
C SER G 634 21.44 -80.26 7.22
N ASP G 635 21.03 -79.51 8.23
CA ASP G 635 19.87 -79.90 9.02
C ASP G 635 18.58 -79.82 8.21
N PHE G 636 18.50 -78.93 7.23
CA PHE G 636 17.32 -78.76 6.42
C PHE G 636 17.55 -79.38 5.05
N ASN G 637 16.56 -80.14 4.58
CA ASN G 637 16.72 -80.90 3.34
C ASN G 637 16.83 -79.98 2.13
N ASN G 638 16.02 -78.93 2.06
CA ASN G 638 15.94 -78.11 0.86
C ASN G 638 15.76 -76.65 1.27
N GLU G 639 15.94 -75.76 0.28
CA GLU G 639 15.85 -74.33 0.53
C GLU G 639 14.44 -73.93 0.97
N LYS G 640 13.41 -74.65 0.52
CA LYS G 640 12.05 -74.34 0.93
C LYS G 640 11.88 -74.52 2.44
N GLU G 641 12.46 -75.58 2.99
CA GLU G 641 12.39 -75.78 4.43
C GLU G 641 13.12 -74.66 5.17
N ILE G 642 14.24 -74.19 4.62
CA ILE G 642 14.97 -73.08 5.23
C ILE G 642 14.11 -71.82 5.25
N VAL G 643 13.48 -71.50 4.11
CA VAL G 643 12.63 -70.33 4.04
C VAL G 643 11.47 -70.45 5.01
N LEU G 644 10.84 -71.62 5.07
CA LEU G 644 9.73 -71.82 5.99
C LEU G 644 10.16 -71.65 7.43
N ALA G 645 11.31 -72.22 7.80
CA ALA G 645 11.79 -72.10 9.17
C ALA G 645 12.08 -70.66 9.53
N LEU G 646 12.73 -69.91 8.63
CA LEU G 646 13.00 -68.51 8.91
C LEU G 646 11.70 -67.72 9.04
N ARG G 647 10.73 -68.00 8.17
CA ARG G 647 9.45 -67.29 8.24
C ARG G 647 8.76 -67.54 9.57
N LEU G 648 8.67 -68.80 9.98
CA LEU G 648 8.03 -69.13 11.25
C LEU G 648 8.78 -68.51 12.43
N ALA G 649 10.11 -68.55 12.39
CA ALA G 649 10.90 -68.08 13.53
C ALA G 649 10.69 -66.59 13.79
N PHE G 650 10.33 -65.83 12.77
CA PHE G 650 9.99 -64.41 12.90
C PHE G 650 8.50 -64.17 13.09
N GLY G 651 7.71 -65.23 13.26
CA GLY G 651 6.27 -65.09 13.43
C GLY G 651 5.44 -65.32 12.19
N GLY G 652 6.02 -65.90 11.13
CA GLY G 652 5.33 -66.06 9.87
C GLY G 652 4.35 -67.21 9.87
N LYS G 653 3.89 -67.56 8.67
CA LYS G 653 2.97 -68.65 8.47
C LYS G 653 3.46 -69.52 7.32
N THR G 654 3.01 -70.77 7.31
CA THR G 654 3.43 -71.72 6.30
C THR G 654 2.63 -71.51 5.02
N GLU G 655 2.82 -72.38 4.03
CA GLU G 655 1.93 -72.41 2.88
C GLU G 655 0.51 -72.74 3.31
N THR G 656 0.36 -73.45 4.41
CA THR G 656 -0.94 -73.77 4.99
C THR G 656 -1.44 -72.69 5.93
N GLN G 657 -0.71 -71.58 6.06
CA GLN G 657 -1.11 -70.43 6.87
C GLN G 657 -1.25 -70.82 8.34
N TYR G 658 -0.13 -71.24 8.94
CA TYR G 658 -0.08 -71.62 10.33
C TYR G 658 1.11 -70.93 11.01
N THR G 659 0.85 -70.31 12.16
CA THR G 659 1.89 -69.67 12.95
C THR G 659 2.54 -70.68 13.90
N LEU G 660 3.68 -70.28 14.47
CA LEU G 660 4.35 -71.14 15.44
C LEU G 660 3.49 -71.39 16.67
N ASP G 661 2.83 -70.34 17.17
CA ASP G 661 1.94 -70.51 18.31
C ASP G 661 0.75 -71.39 17.94
N LYS G 662 0.23 -71.24 16.73
CA LYS G 662 -0.87 -72.08 16.28
C LYS G 662 -0.46 -73.54 16.24
N LEU G 663 0.73 -73.83 15.71
CA LEU G 663 1.22 -75.20 15.68
C LEU G 663 1.44 -75.73 17.09
N ARG G 664 1.98 -74.90 17.98
CA ARG G 664 2.23 -75.34 19.36
C ARG G 664 0.92 -75.67 20.07
N LYS G 665 -0.10 -74.83 19.90
CA LYS G 665 -1.40 -75.12 20.51
C LYS G 665 -2.03 -76.37 19.91
N ASP G 666 -1.98 -76.49 18.58
CA ASP G 666 -2.60 -77.63 17.92
C ASP G 666 -1.76 -78.90 18.11
N GLY G 667 -0.45 -78.80 17.98
CA GLY G 667 0.43 -79.93 18.22
C GLY G 667 1.06 -80.58 17.01
N GLU G 668 0.95 -79.98 15.83
CA GLU G 668 1.55 -80.52 14.62
C GLU G 668 2.96 -79.97 14.43
N ALA G 669 3.68 -80.59 13.48
CA ALA G 669 5.04 -80.18 13.13
C ALA G 669 5.95 -80.16 14.35
N GLU G 670 5.90 -81.25 15.13
CA GLU G 670 6.72 -81.33 16.33
C GLU G 670 8.21 -81.29 16.00
N LEU G 671 8.62 -82.05 14.97
CA LEU G 671 10.03 -82.12 14.62
C LEU G 671 10.55 -80.76 14.15
N PHE G 672 9.80 -80.09 13.29
CA PHE G 672 10.20 -78.78 12.81
C PHE G 672 10.26 -77.77 13.94
N ARG G 673 9.28 -77.81 14.84
CA ARG G 673 9.28 -76.91 15.98
C ARG G 673 10.49 -77.13 16.87
N GLU G 674 10.82 -78.40 17.13
CA GLU G 674 11.99 -78.69 17.96
C GLU G 674 13.29 -78.27 17.27
N LYS G 675 13.37 -78.44 15.96
CA LYS G 675 14.56 -77.98 15.23
C LYS G 675 14.70 -76.46 15.34
N ILE G 676 13.61 -75.73 15.17
CA ILE G 676 13.65 -74.28 15.28
C ILE G 676 14.02 -73.86 16.69
N LYS G 677 13.48 -74.55 17.70
CA LYS G 677 13.82 -74.25 19.09
C LYS G 677 15.30 -74.50 19.35
N ASN G 678 15.85 -75.59 18.81
CA ASN G 678 17.27 -75.85 18.97
C ASN G 678 18.11 -74.76 18.32
N TYR G 679 17.70 -74.31 17.12
CA TYR G 679 18.44 -73.26 16.44
C TYR G 679 18.38 -71.95 17.20
N LYS G 680 17.22 -71.62 17.79
CA LYS G 680 17.10 -70.35 18.50
C LYS G 680 17.82 -70.39 19.84
N ASN G 681 17.89 -71.56 20.49
CA ASN G 681 18.54 -71.64 21.78
C ASN G 681 20.04 -71.92 21.68
N ASN G 682 20.53 -72.36 20.53
CA ASN G 682 21.94 -72.68 20.39
C ASN G 682 22.66 -71.77 19.40
N GLU G 683 22.20 -71.70 18.15
CA GLU G 683 22.95 -71.00 17.12
C GLU G 683 22.49 -69.57 16.93
N LEU G 684 21.17 -69.33 16.97
CA LEU G 684 20.61 -68.00 16.75
C LEU G 684 20.23 -67.32 18.06
N PHE G 685 20.98 -67.57 19.13
CA PHE G 685 20.70 -66.92 20.41
C PHE G 685 20.86 -65.41 20.33
N PHE G 686 21.80 -64.94 19.49
CA PHE G 686 22.01 -63.50 19.36
C PHE G 686 20.88 -62.84 18.57
N LEU G 687 20.32 -63.53 17.60
CA LEU G 687 19.21 -62.99 16.82
C LEU G 687 17.86 -63.22 17.47
N GLU G 688 17.81 -63.87 18.63
CA GLU G 688 16.53 -64.07 19.29
C GLU G 688 15.80 -62.78 19.62
N PRO G 689 16.43 -61.73 20.19
CA PRO G 689 15.69 -60.49 20.45
C PRO G 689 15.13 -59.85 19.19
N GLN G 690 15.69 -60.14 18.02
CA GLN G 690 15.18 -59.59 16.77
C GLN G 690 14.18 -60.51 16.09
N MET G 691 13.80 -61.62 16.73
CA MET G 691 12.80 -62.54 16.19
C MET G 691 11.38 -61.99 16.33
N THR G 692 11.16 -60.95 17.11
CA THR G 692 9.81 -60.47 17.34
C THR G 692 9.32 -59.65 16.15
N LYS G 693 7.99 -59.55 16.04
CA LYS G 693 7.39 -58.79 14.96
C LYS G 693 7.68 -57.30 15.09
N THR G 694 7.75 -56.79 16.31
CA THR G 694 7.98 -55.38 16.57
C THR G 694 9.45 -55.06 16.82
N SER G 695 10.35 -56.02 16.61
CA SER G 695 11.77 -55.76 16.83
C SER G 695 12.34 -54.78 15.84
N GLY G 696 11.68 -54.54 14.72
CA GLY G 696 12.23 -53.68 13.70
C GLY G 696 13.30 -54.32 12.86
N TRP G 697 13.33 -55.65 12.77
CA TRP G 697 14.28 -56.31 11.90
C TRP G 697 14.02 -56.02 10.43
N VAL G 698 12.79 -55.61 10.10
CA VAL G 698 12.46 -55.28 8.72
C VAL G 698 13.27 -54.09 8.25
N THR G 699 13.37 -53.05 9.08
CA THR G 699 14.07 -51.84 8.67
C THR G 699 15.55 -52.12 8.43
N THR G 700 16.21 -52.82 9.36
CA THR G 700 17.60 -53.15 9.18
C THR G 700 17.80 -54.04 7.95
N PHE G 701 16.92 -55.03 7.78
CA PHE G 701 16.98 -55.91 6.62
C PHE G 701 16.96 -55.10 5.33
N LEU G 702 15.96 -54.23 5.18
CA LEU G 702 15.82 -53.50 3.93
C LEU G 702 16.95 -52.50 3.73
N ASN G 703 17.37 -51.82 4.80
CA ASN G 703 18.45 -50.86 4.66
C ASN G 703 19.73 -51.53 4.21
N TYR G 704 20.10 -52.64 4.85
CA TYR G 704 21.30 -53.35 4.45
C TYR G 704 21.16 -53.89 3.03
N THR G 705 19.99 -54.42 2.68
CA THR G 705 19.81 -55.00 1.36
C THR G 705 19.96 -53.95 0.28
N ILE G 706 19.28 -52.81 0.43
CA ILE G 706 19.33 -51.77 -0.59
C ILE G 706 20.73 -51.17 -0.68
N GLU G 707 21.39 -50.95 0.45
CA GLU G 707 22.75 -50.43 0.40
C GLU G 707 23.68 -51.43 -0.30
N LYS G 708 23.54 -52.71 -0.01
CA LYS G 708 24.38 -53.72 -0.65
C LYS G 708 24.16 -53.76 -2.15
N ILE G 709 22.90 -53.75 -2.58
CA ILE G 709 22.66 -53.82 -4.02
C ILE G 709 23.11 -52.54 -4.71
N THR G 710 22.97 -51.38 -4.05
CA THR G 710 23.49 -50.14 -4.61
C THR G 710 25.01 -50.22 -4.75
N SER G 711 25.67 -50.85 -3.79
CA SER G 711 27.10 -51.13 -3.97
C SER G 711 27.33 -52.06 -5.16
N GLU G 712 26.40 -52.97 -5.42
CA GLU G 712 26.58 -53.92 -6.51
C GLU G 712 26.40 -53.25 -7.88
N GLU G 713 25.36 -52.42 -8.03
CA GLU G 713 25.05 -51.81 -9.33
C GLU G 713 24.81 -50.31 -9.16
N SER G 714 25.17 -49.55 -10.20
CA SER G 714 25.19 -48.10 -10.13
C SER G 714 24.10 -47.42 -10.97
N ASP G 715 23.12 -48.16 -11.48
CA ASP G 715 22.07 -47.60 -12.32
C ASP G 715 20.73 -47.66 -11.61
N ASP G 716 19.98 -46.55 -11.67
CA ASP G 716 18.71 -46.47 -10.95
C ASP G 716 17.68 -47.44 -11.53
N ASP G 717 17.54 -47.48 -12.85
CA ASP G 717 16.61 -48.43 -13.44
C ASP G 717 17.07 -49.86 -13.16
N ARG G 718 18.37 -50.10 -13.25
CA ARG G 718 18.89 -51.43 -12.94
C ARG G 718 18.68 -51.79 -11.48
N ILE G 719 18.88 -50.82 -10.57
CA ILE G 719 18.69 -51.11 -9.16
C ILE G 719 17.22 -51.41 -8.86
N ARG G 720 16.31 -50.71 -9.55
CA ARG G 720 14.90 -51.03 -9.41
C ARG G 720 14.60 -52.42 -9.94
N GLN G 721 15.26 -52.80 -11.04
CA GLN G 721 15.09 -54.15 -11.58
C GLN G 721 15.55 -55.21 -10.59
N LYS G 722 16.71 -54.99 -9.97
CA LYS G 722 17.22 -55.95 -8.99
C LYS G 722 16.30 -56.05 -7.79
N LEU G 723 15.80 -54.91 -7.30
CA LEU G 723 14.87 -54.93 -6.18
C LEU G 723 13.58 -55.66 -6.56
N SER G 724 13.11 -55.46 -7.78
CA SER G 724 11.93 -56.16 -8.25
C SER G 724 12.17 -57.67 -8.29
N PHE G 725 13.36 -58.08 -8.73
CA PHE G 725 13.68 -59.50 -8.73
C PHE G 725 13.74 -60.06 -7.32
N ILE G 726 14.32 -59.32 -6.39
CA ILE G 726 14.53 -59.84 -5.04
C ILE G 726 13.20 -59.95 -4.29
N PHE G 727 12.36 -58.92 -4.39
CA PHE G 727 11.05 -58.90 -3.74
C PHE G 727 9.97 -58.78 -4.82
N PRO G 728 9.65 -59.87 -5.52
CA PRO G 728 8.64 -59.78 -6.57
C PRO G 728 7.31 -59.25 -6.08
N GLU G 729 6.86 -59.67 -4.90
CA GLU G 729 5.50 -59.38 -4.48
C GLU G 729 5.37 -57.98 -3.88
N ILE G 730 6.28 -57.61 -2.99
CA ILE G 730 6.25 -56.27 -2.41
C ILE G 730 6.45 -55.22 -3.51
N ILE G 731 7.42 -55.45 -4.39
CA ILE G 731 7.65 -54.51 -5.48
C ILE G 731 6.47 -54.51 -6.44
N SER G 732 5.81 -55.66 -6.63
CA SER G 732 4.62 -55.68 -7.46
C SER G 732 3.52 -54.81 -6.87
N ILE G 733 3.32 -54.90 -5.55
CA ILE G 733 2.32 -54.07 -4.88
C ILE G 733 2.69 -52.60 -5.02
N ILE G 734 3.97 -52.28 -4.82
CA ILE G 734 4.42 -50.89 -4.93
C ILE G 734 4.22 -50.37 -6.34
N GLU G 735 4.53 -51.20 -7.34
CA GLU G 735 4.42 -50.76 -8.73
C GLU G 735 2.96 -50.59 -9.14
N GLN G 736 2.08 -51.50 -8.71
CA GLN G 736 0.67 -51.33 -8.98
C GLN G 736 0.13 -50.07 -8.33
N ALA G 737 0.53 -49.81 -7.08
CA ALA G 737 0.10 -48.60 -6.40
C ALA G 737 0.63 -47.36 -7.10
N SER G 738 1.88 -47.41 -7.58
CA SER G 738 2.45 -46.26 -8.28
C SER G 738 1.75 -46.01 -9.60
N SER G 739 1.41 -47.08 -10.33
CA SER G 739 0.69 -46.92 -11.58
C SER G 739 -0.70 -46.33 -11.33
N SER G 740 -1.40 -46.81 -10.31
CA SER G 740 -2.70 -46.23 -9.97
C SER G 740 -2.55 -44.78 -9.52
N ILE G 741 -1.48 -44.47 -8.79
CA ILE G 741 -1.24 -43.11 -8.35
C ILE G 741 -1.02 -42.20 -9.54
N GLU G 742 -0.24 -42.64 -10.52
CA GLU G 742 -0.03 -41.82 -11.70
C GLU G 742 -1.30 -41.67 -12.51
N ALA G 743 -2.10 -42.72 -12.60
CA ALA G 743 -3.36 -42.63 -13.32
C ALA G 743 -4.30 -41.63 -12.65
N GLU G 744 -4.41 -41.69 -11.32
CA GLU G 744 -5.28 -40.75 -10.62
C GLU G 744 -4.68 -39.35 -10.53
N GLU G 745 -3.36 -39.22 -10.64
CA GLU G 745 -2.74 -37.91 -10.73
C GLU G 745 -3.03 -37.26 -12.07
N SER G 746 -3.02 -38.05 -13.14
CA SER G 746 -3.55 -37.59 -14.42
C SER G 746 -5.05 -37.36 -14.37
N SER G 747 -5.76 -38.06 -13.49
CA SER G 747 -7.17 -37.77 -13.28
C SER G 747 -7.37 -36.44 -12.58
N LEU G 748 -6.42 -36.05 -11.72
CA LEU G 748 -6.48 -34.75 -11.07
C LEU G 748 -5.68 -33.71 -11.85
N THR G 749 -4.37 -33.92 -12.00
CA THR G 749 -3.51 -32.90 -12.59
C THR G 749 -3.39 -33.01 -14.10
N GLY G 750 -3.91 -34.06 -14.72
CA GLY G 750 -3.79 -34.22 -16.15
C GLY G 750 -5.11 -34.12 -16.88
N LYS K 5 -33.63 17.35 -9.55
CA LYS K 5 -34.90 17.20 -8.86
C LYS K 5 -36.06 17.13 -9.84
N MET K 6 -36.90 16.12 -9.69
CA MET K 6 -38.06 15.97 -10.55
C MET K 6 -39.07 17.08 -10.27
N ILE K 7 -39.64 17.65 -11.34
CA ILE K 7 -40.64 18.69 -11.17
C ILE K 7 -41.89 18.12 -10.53
N LEU K 8 -42.49 18.88 -9.63
CA LEU K 8 -43.73 18.48 -8.98
C LEU K 8 -44.63 19.70 -8.85
N VAL K 9 -45.75 19.69 -9.57
CA VAL K 9 -46.72 20.77 -9.51
C VAL K 9 -47.80 20.37 -8.51
N ASP K 10 -48.04 21.23 -7.53
CA ASP K 10 -49.07 20.99 -6.52
C ASP K 10 -50.10 22.12 -6.59
N LYS K 11 -51.01 22.13 -5.61
CA LYS K 11 -52.11 23.10 -5.65
C LYS K 11 -51.61 24.53 -5.62
N VAL K 12 -50.62 24.82 -4.77
CA VAL K 12 -50.07 26.17 -4.70
C VAL K 12 -49.39 26.54 -6.01
N PHE K 13 -48.71 25.57 -6.64
CA PHE K 13 -48.06 25.83 -7.91
C PHE K 13 -49.07 26.19 -8.99
N TYR K 14 -50.19 25.48 -9.04
CA TYR K 14 -51.23 25.80 -10.01
C TYR K 14 -51.85 27.16 -9.71
N GLU K 15 -52.14 27.43 -8.43
CA GLU K 15 -52.82 28.67 -8.07
C GLU K 15 -51.96 29.89 -8.39
N LYS K 16 -50.69 29.84 -8.00
CA LYS K 16 -49.83 31.01 -8.13
C LYS K 16 -49.25 31.14 -9.54
N ILE K 17 -48.46 30.16 -9.95
CA ILE K 17 -47.63 30.31 -11.15
C ILE K 17 -48.41 30.03 -12.42
N LEU K 18 -49.27 29.00 -12.43
CA LEU K 18 -49.93 28.60 -13.67
C LEU K 18 -51.22 29.37 -13.90
N SER K 19 -52.17 29.29 -12.96
CA SER K 19 -53.48 29.93 -13.16
C SER K 19 -53.34 31.44 -13.24
N VAL K 20 -52.54 32.03 -12.34
CA VAL K 20 -52.33 33.47 -12.26
C VAL K 20 -53.67 34.18 -12.16
N GLU K 21 -54.18 34.67 -13.29
CA GLU K 21 -55.47 35.35 -13.33
C GLU K 21 -56.46 34.69 -14.28
N SER K 22 -56.03 33.72 -15.09
CA SER K 22 -56.93 33.14 -16.09
C SER K 22 -58.10 32.42 -15.44
N PHE K 23 -57.85 31.72 -14.34
CA PHE K 23 -58.89 30.99 -13.63
C PHE K 23 -58.95 31.40 -12.17
N LYS K 24 -58.86 32.72 -11.92
CA LYS K 24 -58.99 33.23 -10.56
C LYS K 24 -60.41 33.03 -10.03
N GLU K 25 -61.42 33.34 -10.86
CA GLU K 25 -62.79 33.19 -10.41
C GLU K 25 -63.13 31.75 -10.10
N ASN K 26 -62.70 30.82 -10.96
CA ASN K 26 -63.01 29.41 -10.74
C ASN K 26 -62.30 28.86 -9.53
N ILE K 27 -61.18 29.46 -9.12
CA ILE K 27 -60.44 28.94 -7.98
C ILE K 27 -60.87 29.60 -6.66
N ILE K 28 -61.44 30.81 -6.72
CA ILE K 28 -61.91 31.44 -5.49
C ILE K 28 -63.33 31.02 -5.18
N THR K 29 -64.14 30.78 -6.22
CA THR K 29 -65.53 30.38 -6.03
C THR K 29 -65.70 28.88 -5.86
N GLN K 30 -64.61 28.11 -5.92
CA GLN K 30 -64.65 26.66 -5.76
C GLN K 30 -65.58 26.00 -6.78
N SER K 31 -65.57 26.53 -8.00
CA SER K 31 -66.33 25.97 -9.11
C SER K 31 -65.40 25.22 -10.03
N ALA K 32 -65.85 24.06 -10.50
CA ALA K 32 -65.00 23.19 -11.31
C ALA K 32 -64.61 23.86 -12.61
N ILE K 33 -63.33 23.75 -12.97
CA ILE K 33 -62.84 24.26 -14.24
C ILE K 33 -63.44 23.43 -15.37
N PRO K 34 -64.05 24.04 -16.37
CA PRO K 34 -64.80 23.27 -17.36
C PRO K 34 -64.00 22.86 -18.59
N LYS K 35 -64.57 21.91 -19.33
CA LYS K 35 -63.94 21.40 -20.54
C LYS K 35 -63.82 22.50 -21.58
N ILE K 36 -62.89 22.32 -22.52
CA ILE K 36 -62.76 23.24 -23.63
C ILE K 36 -63.97 23.03 -24.54
N SER K 37 -64.92 23.95 -24.50
CA SER K 37 -66.15 23.80 -25.25
C SER K 37 -65.92 24.05 -26.73
N ASN K 38 -66.88 23.61 -27.54
CA ASN K 38 -66.77 23.76 -28.99
C ASN K 38 -66.76 25.22 -29.41
N LYS K 39 -67.19 26.12 -28.54
CA LYS K 39 -67.21 27.54 -28.90
C LYS K 39 -65.80 28.12 -29.00
N GLU K 40 -64.87 27.62 -28.18
CA GLU K 40 -63.51 28.13 -28.18
C GLU K 40 -62.64 27.52 -29.26
N VAL K 41 -63.09 26.47 -29.92
CA VAL K 41 -62.28 25.71 -30.87
C VAL K 41 -62.85 25.88 -32.27
N ARG K 42 -62.01 26.32 -33.20
CA ARG K 42 -62.36 26.35 -34.61
C ARG K 42 -61.64 25.22 -35.34
N LEU K 43 -62.27 24.75 -36.41
CA LEU K 43 -61.82 23.55 -37.12
C LEU K 43 -61.40 23.93 -38.54
N ILE K 44 -60.09 23.99 -38.78
CA ILE K 44 -59.59 24.21 -40.12
C ILE K 44 -59.38 22.87 -40.83
N SER K 45 -59.48 22.89 -42.15
CA SER K 45 -59.30 21.70 -42.96
C SER K 45 -58.13 21.90 -43.89
N SER K 46 -57.11 21.05 -43.75
CA SER K 46 -55.92 21.08 -44.60
C SER K 46 -55.82 19.71 -45.27
N GLY K 47 -56.25 19.64 -46.53
CA GLY K 47 -56.29 18.36 -47.21
C GLY K 47 -57.21 17.40 -46.49
N SER K 48 -56.72 16.18 -46.26
CA SER K 48 -57.46 15.19 -45.51
C SER K 48 -57.32 15.37 -44.00
N LYS K 49 -56.49 16.31 -43.55
CA LYS K 49 -56.27 16.53 -42.14
C LYS K 49 -57.15 17.65 -41.61
N ILE K 50 -57.49 17.57 -40.33
CA ILE K 50 -58.31 18.57 -39.66
C ILE K 50 -57.51 19.10 -38.48
N PHE K 51 -57.41 20.43 -38.40
CA PHE K 51 -56.62 21.10 -37.36
C PHE K 51 -57.55 21.85 -36.42
N TYR K 52 -57.21 21.83 -35.14
CA TYR K 52 -58.02 22.44 -34.09
C TYR K 52 -57.29 23.66 -33.55
N ALA K 53 -57.92 24.82 -33.62
CA ALA K 53 -57.31 26.07 -33.17
C ALA K 53 -58.16 26.69 -32.08
N ILE K 54 -57.54 26.99 -30.95
CA ILE K 54 -58.23 27.60 -29.81
C ILE K 54 -58.06 29.10 -29.88
N ASN K 55 -59.10 29.82 -29.48
CA ASN K 55 -59.04 31.28 -29.49
C ASN K 55 -58.11 31.78 -28.39
N ASN K 56 -57.36 32.85 -28.71
CA ASN K 56 -56.40 33.39 -27.76
C ASN K 56 -57.09 34.04 -26.57
N THR K 57 -58.28 34.60 -26.78
CA THR K 57 -58.98 35.29 -25.70
C THR K 57 -59.40 34.35 -24.58
N SER K 58 -59.57 33.07 -24.87
CA SER K 58 -59.98 32.12 -23.84
C SER K 58 -58.86 31.95 -22.81
N PRO K 59 -59.21 31.76 -21.54
CA PRO K 59 -58.17 31.45 -20.53
C PRO K 59 -57.47 30.15 -20.79
N HIS K 60 -58.09 29.22 -21.53
CA HIS K 60 -57.45 27.95 -21.82
C HIS K 60 -56.17 28.14 -22.61
N SER K 61 -56.16 29.09 -23.56
CA SER K 61 -54.94 29.36 -24.31
C SER K 61 -53.82 29.84 -23.40
N HIS K 62 -54.14 30.74 -22.47
CA HIS K 62 -53.11 31.27 -21.57
C HIS K 62 -52.56 30.17 -20.68
N VAL K 63 -53.44 29.36 -20.09
CA VAL K 63 -52.95 28.32 -19.20
C VAL K 63 -52.17 27.27 -19.98
N GLN K 64 -52.57 26.98 -21.22
CA GLN K 64 -51.82 26.03 -22.04
C GLN K 64 -50.43 26.56 -22.37
N LEU K 65 -50.34 27.83 -22.76
CA LEU K 65 -49.03 28.41 -23.08
C LEU K 65 -48.12 28.40 -21.86
N ARG K 66 -48.65 28.76 -20.69
CA ARG K 66 -47.83 28.75 -19.49
C ARG K 66 -47.48 27.34 -19.06
N LEU K 67 -48.36 26.37 -19.36
CA LEU K 67 -48.08 24.97 -19.10
C LEU K 67 -46.89 24.48 -19.95
N ASN K 68 -46.88 24.84 -21.24
CA ASN K 68 -45.71 24.61 -22.08
C ASN K 68 -44.46 25.28 -21.53
N ARG K 69 -44.60 26.51 -21.08
CA ARG K 69 -43.41 27.23 -20.67
C ARG K 69 -42.79 26.66 -19.40
N PHE K 70 -43.61 26.30 -18.42
CA PHE K 70 -43.10 26.04 -17.08
C PHE K 70 -43.13 24.59 -16.64
N PHE K 71 -44.04 23.77 -17.15
CA PHE K 71 -44.20 22.41 -16.67
C PHE K 71 -43.73 21.38 -17.68
N LEU K 72 -44.26 21.39 -18.90
CA LEU K 72 -43.94 20.35 -19.87
C LEU K 72 -42.48 20.41 -20.29
N SER K 73 -41.86 21.58 -20.26
CA SER K 73 -40.47 21.71 -20.69
C SER K 73 -39.48 21.12 -19.68
N HIS K 74 -39.92 20.78 -18.47
CA HIS K 74 -39.02 20.28 -17.45
C HIS K 74 -39.02 18.76 -17.32
N ILE K 75 -40.03 18.09 -17.86
CA ILE K 75 -40.07 16.62 -17.77
C ILE K 75 -39.03 16.03 -18.70
N PRO K 76 -38.22 15.08 -18.24
CA PRO K 76 -37.17 14.52 -19.10
C PRO K 76 -37.75 13.73 -20.26
N LEU K 77 -36.96 13.65 -21.33
CA LEU K 77 -37.34 12.97 -22.57
C LEU K 77 -36.28 11.95 -22.93
N ASN K 78 -36.50 11.26 -24.05
CA ASN K 78 -35.53 10.33 -24.59
C ASN K 78 -34.71 11.01 -25.68
N SER K 79 -33.43 10.65 -25.76
CA SER K 79 -32.52 11.30 -26.69
C SER K 79 -32.79 10.95 -28.14
N ALA K 80 -33.60 9.93 -28.41
CA ALA K 80 -33.93 9.60 -29.79
C ALA K 80 -35.01 10.50 -30.37
N ALA K 81 -35.70 11.27 -29.53
CA ALA K 81 -36.73 12.18 -30.00
C ALA K 81 -36.08 13.50 -30.37
N LYS K 82 -35.99 13.79 -31.66
CA LYS K 82 -35.33 14.98 -32.15
C LYS K 82 -36.32 16.05 -32.60
N ALA K 83 -37.58 15.94 -32.22
CA ALA K 83 -38.61 16.86 -32.69
C ALA K 83 -39.30 17.53 -31.51
N PHE K 84 -39.56 18.83 -31.66
CA PHE K 84 -40.22 19.65 -30.65
C PHE K 84 -39.48 19.67 -29.32
N VAL K 85 -38.18 19.40 -29.34
CA VAL K 85 -37.35 19.38 -28.15
C VAL K 85 -36.35 20.51 -28.24
N ARG K 86 -36.04 21.11 -27.09
CA ARG K 86 -35.05 22.18 -27.02
C ARG K 86 -33.73 21.73 -27.63
N GLY K 87 -33.34 22.36 -28.74
CA GLY K 87 -32.11 22.03 -29.40
C GLY K 87 -32.20 20.96 -30.47
N GLY K 88 -33.38 20.36 -30.67
CA GLY K 88 -33.53 19.38 -31.72
C GLY K 88 -33.83 20.00 -33.07
N SER K 89 -33.49 19.27 -34.13
CA SER K 89 -33.69 19.75 -35.49
C SER K 89 -33.70 18.55 -36.42
N TYR K 90 -34.18 18.78 -37.65
CA TYR K 90 -34.22 17.70 -38.64
C TYR K 90 -32.83 17.22 -38.98
N LEU K 91 -31.87 18.15 -39.11
CA LEU K 91 -30.50 17.76 -39.41
C LEU K 91 -29.92 16.90 -38.30
N LYS K 92 -30.21 17.24 -37.04
CA LYS K 92 -29.82 16.38 -35.94
C LYS K 92 -30.53 15.04 -35.99
N TYR K 93 -31.70 14.98 -36.62
CA TYR K 93 -32.41 13.72 -36.76
C TYR K 93 -31.80 12.84 -37.84
N LEU K 94 -31.20 13.46 -38.86
CA LEU K 94 -30.53 12.70 -39.92
C LEU K 94 -29.08 12.38 -39.63
N GLU K 95 -28.43 13.17 -38.78
CA GLU K 95 -26.99 13.05 -38.60
C GLU K 95 -26.52 11.67 -38.16
N PRO K 96 -27.08 11.04 -37.13
CA PRO K 96 -26.49 9.79 -36.64
C PRO K 96 -26.52 8.66 -37.65
N HIS K 97 -27.16 8.83 -38.79
CA HIS K 97 -27.27 7.78 -39.79
C HIS K 97 -26.23 7.88 -40.89
N ILE K 98 -25.30 8.84 -40.80
CA ILE K 98 -24.24 8.91 -41.79
C ILE K 98 -23.33 7.70 -41.70
N TYR K 99 -23.23 7.10 -40.52
CA TYR K 99 -22.37 5.94 -40.33
C TYR K 99 -22.99 4.65 -40.84
N GLY K 100 -24.25 4.69 -41.27
CA GLY K 100 -24.93 3.48 -41.68
C GLY K 100 -24.78 3.18 -43.16
N SER K 101 -24.77 1.89 -43.49
CA SER K 101 -24.67 1.46 -44.88
C SER K 101 -26.00 1.05 -45.48
N SER K 102 -27.00 0.72 -44.67
CA SER K 102 -28.34 0.46 -45.16
C SER K 102 -29.33 1.29 -44.35
N TYR K 103 -30.40 1.74 -45.00
CA TYR K 103 -31.33 2.67 -44.37
C TYR K 103 -32.76 2.17 -44.49
N CYS K 104 -33.55 2.42 -43.45
CA CYS K 104 -34.96 2.09 -43.41
C CYS K 104 -35.72 3.24 -42.76
N ARG K 105 -36.88 3.57 -43.31
CA ARG K 105 -37.68 4.69 -42.84
C ARG K 105 -39.12 4.25 -42.68
N LEU K 106 -39.68 4.49 -41.49
CA LEU K 106 -41.03 4.08 -41.13
C LEU K 106 -41.81 5.28 -40.65
N ASP K 107 -43.13 5.19 -40.74
CA ASP K 107 -44.03 6.25 -40.35
C ASP K 107 -45.12 5.68 -39.45
N ILE K 108 -45.68 6.52 -38.60
CA ILE K 108 -46.78 6.15 -37.72
C ILE K 108 -48.06 6.80 -38.23
N SER K 109 -49.09 6.00 -38.43
CA SER K 109 -50.33 6.49 -39.01
C SER K 109 -51.15 7.21 -37.96
N SER K 110 -51.43 8.49 -38.21
CA SER K 110 -52.25 9.33 -37.33
C SER K 110 -51.70 9.30 -35.90
N PHE K 111 -50.47 9.83 -35.78
CA PHE K 111 -49.77 9.79 -34.50
C PHE K 111 -50.54 10.52 -33.41
N PHE K 112 -50.98 11.75 -33.70
CA PHE K 112 -51.65 12.54 -32.68
C PHE K 112 -53.08 12.08 -32.43
N ASN K 113 -53.76 11.56 -33.46
CA ASN K 113 -55.12 11.09 -33.27
C ASN K 113 -55.18 9.77 -32.50
N ASN K 114 -54.11 8.98 -32.53
CA ASN K 114 -54.10 7.68 -31.85
C ASN K 114 -53.50 7.75 -30.45
N ILE K 115 -53.18 8.94 -29.95
CA ILE K 115 -52.65 9.09 -28.60
C ILE K 115 -53.84 9.02 -27.63
N SER K 116 -53.96 7.91 -26.92
CA SER K 116 -55.04 7.75 -25.96
C SER K 116 -54.83 8.68 -24.77
N PHE K 117 -55.92 9.28 -24.31
CA PHE K 117 -55.81 10.19 -23.17
C PHE K 117 -55.49 9.45 -21.88
N ASP K 118 -55.85 8.16 -21.80
CA ASP K 118 -55.47 7.37 -20.64
C ASP K 118 -53.96 7.26 -20.52
N ASP K 119 -53.28 7.04 -21.64
CA ASP K 119 -51.81 7.00 -21.62
C ASP K 119 -51.23 8.34 -21.20
N VAL K 120 -51.86 9.43 -21.63
CA VAL K 120 -51.39 10.76 -21.22
C VAL K 120 -51.52 10.94 -19.72
N LYS K 121 -52.67 10.53 -19.16
CA LYS K 121 -52.85 10.64 -17.72
C LYS K 121 -51.84 9.79 -16.96
N GLN K 122 -51.61 8.56 -17.43
CA GLN K 122 -50.64 7.70 -16.77
C GLN K 122 -49.23 8.26 -16.88
N SER K 123 -48.91 8.94 -17.98
CA SER K 123 -47.58 9.50 -18.14
C SER K 123 -47.37 10.72 -17.28
N LEU K 124 -48.37 11.60 -17.19
CA LEU K 124 -48.24 12.83 -16.43
C LEU K 124 -48.55 12.66 -14.95
N SER K 125 -49.07 11.51 -14.53
CA SER K 125 -49.42 11.34 -13.12
C SER K 125 -48.24 11.45 -12.18
N PRO K 126 -47.09 10.78 -12.41
CA PRO K 126 -46.00 10.87 -11.41
C PRO K 126 -45.45 12.27 -11.24
N TYR K 127 -45.61 13.15 -12.23
CA TYR K 127 -45.07 14.50 -12.14
C TYR K 127 -46.07 15.51 -11.60
N ILE K 128 -47.26 15.07 -11.19
CA ILE K 128 -48.29 15.93 -10.63
C ILE K 128 -48.74 15.34 -9.30
N LYS K 129 -48.82 16.19 -8.28
CA LYS K 129 -49.21 15.71 -6.95
C LYS K 129 -50.65 15.21 -6.96
N ASP K 130 -50.90 14.15 -6.19
CA ASP K 130 -52.22 13.53 -6.11
C ASP K 130 -53.04 14.22 -5.02
N GLU K 131 -53.52 15.42 -5.36
CA GLU K 131 -54.30 16.25 -4.45
C GLU K 131 -55.66 16.53 -5.05
N TYR K 132 -56.52 17.15 -4.24
CA TYR K 132 -57.80 17.65 -4.70
C TYR K 132 -57.70 19.16 -4.88
N LEU K 133 -57.89 19.62 -6.12
CA LEU K 133 -57.76 21.05 -6.37
C LEU K 133 -58.95 21.83 -5.84
N ILE K 134 -60.16 21.32 -6.05
CA ILE K 134 -61.39 22.05 -5.74
C ILE K 134 -62.21 21.17 -4.81
N GLY K 135 -62.13 21.43 -3.52
CA GLY K 135 -62.92 20.68 -2.55
C GLY K 135 -62.62 19.20 -2.65
N THR K 136 -63.67 18.42 -2.89
CA THR K 136 -63.55 16.99 -3.17
C THR K 136 -64.28 16.68 -4.47
N GLU K 137 -64.33 17.65 -5.38
CA GLU K 137 -65.04 17.50 -6.64
C GLU K 137 -64.10 17.18 -7.80
N GLN K 138 -63.09 18.02 -8.02
CA GLN K 138 -62.17 17.90 -9.14
C GLN K 138 -60.74 17.82 -8.65
N LYS K 139 -59.96 16.95 -9.26
CA LYS K 139 -58.55 16.80 -8.91
C LYS K 139 -57.69 17.77 -9.70
N LEU K 140 -56.50 18.04 -9.18
CA LEU K 140 -55.57 18.93 -9.86
C LEU K 140 -55.15 18.36 -11.20
N ILE K 141 -54.84 17.06 -11.24
CA ILE K 141 -54.41 16.43 -12.48
C ILE K 141 -55.53 16.47 -13.50
N ASP K 142 -56.77 16.25 -13.07
CA ASP K 142 -57.90 16.31 -13.99
C ASP K 142 -58.10 17.73 -14.53
N ALA K 143 -57.86 18.74 -13.69
CA ALA K 143 -57.96 20.13 -14.17
C ALA K 143 -56.90 20.42 -15.22
N ILE K 144 -55.67 19.97 -14.98
CA ILE K 144 -54.61 20.19 -15.96
C ILE K 144 -54.92 19.45 -17.26
N LEU K 145 -55.45 18.23 -17.16
CA LEU K 145 -55.82 17.49 -18.37
C LEU K 145 -56.97 18.19 -19.09
N ASN K 146 -57.90 18.78 -18.34
CA ASN K 146 -58.91 19.64 -18.93
C ASN K 146 -58.25 20.76 -19.74
N SER K 147 -57.18 21.32 -19.19
CA SER K 147 -56.45 22.35 -19.91
C SER K 147 -55.84 21.81 -21.21
N VAL K 148 -55.31 20.60 -21.17
CA VAL K 148 -54.61 20.08 -22.35
C VAL K 148 -55.50 19.30 -23.31
N GLY K 149 -56.61 18.73 -22.83
CA GLY K 149 -57.41 17.82 -23.62
C GLY K 149 -58.54 18.52 -24.37
N TYR K 150 -59.23 17.72 -25.18
CA TYR K 150 -60.38 18.20 -25.95
C TYR K 150 -61.21 17.00 -26.42
N GLU K 151 -62.50 17.27 -26.65
CA GLU K 151 -63.41 16.29 -27.26
C GLU K 151 -63.76 16.82 -28.65
N SER K 152 -63.45 16.03 -29.66
CA SER K 152 -63.73 16.44 -31.03
C SER K 152 -65.21 16.27 -31.33
N PRO K 153 -65.94 17.33 -31.68
CA PRO K 153 -67.35 17.16 -32.06
C PRO K 153 -67.52 16.32 -33.31
N ILE K 154 -66.52 16.28 -34.20
CA ILE K 154 -66.60 15.44 -35.39
C ILE K 154 -66.68 13.97 -34.99
N ARG K 155 -65.83 13.57 -34.06
CA ARG K 155 -65.76 12.18 -33.59
C ARG K 155 -65.96 12.17 -32.08
N LYS K 156 -67.21 11.97 -31.67
CA LYS K 156 -67.54 11.88 -30.25
C LYS K 156 -67.27 10.50 -29.66
N ASP K 157 -66.97 9.51 -30.52
CA ASP K 157 -66.74 8.15 -30.03
C ASP K 157 -65.51 8.07 -29.13
N LYS K 158 -64.43 8.76 -29.51
CA LYS K 158 -63.19 8.68 -28.75
C LYS K 158 -63.19 9.55 -27.51
N GLY K 159 -64.10 10.50 -27.39
CA GLY K 159 -64.13 11.37 -26.22
C GLY K 159 -62.91 12.26 -26.17
N MET K 160 -62.10 12.11 -25.13
CA MET K 160 -60.87 12.88 -24.98
C MET K 160 -59.91 12.60 -26.13
N ILE K 161 -59.41 13.65 -26.75
CA ILE K 161 -58.48 13.57 -27.88
C ILE K 161 -57.50 14.71 -27.77
N ILE K 162 -56.23 14.43 -28.07
CA ILE K 162 -55.20 15.45 -28.22
C ILE K 162 -55.20 15.88 -29.68
N PRO K 163 -55.56 17.15 -29.96
CA PRO K 163 -55.65 17.62 -31.32
C PRO K 163 -54.42 18.34 -31.82
N MET K 164 -54.23 18.27 -33.13
CA MET K 164 -53.09 18.97 -33.69
C MET K 164 -53.43 20.45 -33.66
N GLY K 165 -52.43 21.31 -33.55
CA GLY K 165 -52.51 22.75 -33.51
C GLY K 165 -52.65 23.37 -32.14
N PHE K 166 -52.82 22.56 -31.09
CA PHE K 166 -52.90 23.14 -29.75
C PHE K 166 -51.53 23.60 -29.28
N ARG K 167 -51.55 24.32 -28.16
CA ARG K 167 -50.32 24.81 -27.56
C ARG K 167 -49.43 23.66 -27.10
N THR K 168 -50.03 22.63 -26.48
CA THR K 168 -49.31 21.63 -25.69
C THR K 168 -49.23 20.28 -26.39
N SER K 169 -49.84 20.11 -27.57
CA SER K 169 -49.91 18.79 -28.17
C SER K 169 -48.55 18.19 -28.50
N PRO K 170 -47.59 18.90 -29.10
CA PRO K 170 -46.31 18.25 -29.45
C PRO K 170 -45.54 17.73 -28.25
N ALA K 171 -45.37 18.56 -27.22
CA ALA K 171 -44.61 18.14 -26.06
C ALA K 171 -45.28 16.98 -25.34
N ILE K 172 -46.61 17.02 -25.23
CA ILE K 172 -47.33 15.92 -24.61
C ILE K 172 -47.16 14.65 -25.42
N SER K 173 -47.14 14.77 -26.75
CA SER K 173 -46.88 13.60 -27.59
C SER K 173 -45.50 13.02 -27.31
N ASN K 174 -44.50 13.88 -27.19
CA ASN K 174 -43.15 13.40 -26.90
C ASN K 174 -43.10 12.70 -25.55
N ILE K 175 -43.73 13.28 -24.53
CA ILE K 175 -43.70 12.65 -23.21
C ILE K 175 -44.41 11.31 -23.22
N VAL K 176 -45.58 11.23 -23.86
CA VAL K 176 -46.32 9.98 -23.86
C VAL K 176 -45.60 8.93 -24.70
N PHE K 177 -44.86 9.34 -25.73
CA PHE K 177 -44.16 8.38 -26.58
C PHE K 177 -42.75 8.08 -26.11
N ARG K 178 -42.29 8.70 -25.02
CA ARG K 178 -40.99 8.35 -24.46
C ARG K 178 -40.88 6.86 -24.17
N LYS K 179 -41.99 6.23 -23.78
CA LYS K 179 -41.97 4.79 -23.48
C LYS K 179 -41.57 3.98 -24.71
N MET K 180 -42.25 4.22 -25.83
CA MET K 180 -41.89 3.53 -27.06
C MET K 180 -40.53 3.97 -27.59
N ASP K 181 -40.14 5.21 -27.35
CA ASP K 181 -38.79 5.62 -27.72
C ASP K 181 -37.77 4.74 -27.03
N LEU K 182 -37.94 4.54 -25.72
CA LEU K 182 -37.02 3.71 -24.96
C LEU K 182 -37.04 2.27 -25.47
N LEU K 183 -38.24 1.73 -25.70
CA LEU K 183 -38.33 0.33 -26.12
C LEU K 183 -37.68 0.12 -27.48
N ILE K 184 -38.00 0.98 -28.45
CA ILE K 184 -37.45 0.83 -29.79
C ILE K 184 -35.95 1.09 -29.78
N GLN K 185 -35.49 2.06 -28.99
CA GLN K 185 -34.07 2.32 -28.91
C GLN K 185 -33.32 1.12 -28.35
N ASP K 186 -33.85 0.49 -27.31
CA ASP K 186 -33.21 -0.70 -26.76
C ASP K 186 -33.17 -1.82 -27.78
N PHE K 187 -34.30 -2.06 -28.47
CA PHE K 187 -34.31 -3.14 -29.45
C PHE K 187 -33.30 -2.90 -30.56
N CYS K 188 -33.33 -1.71 -31.15
CA CYS K 188 -32.44 -1.41 -32.25
C CYS K 188 -30.98 -1.48 -31.83
N ALA K 189 -30.66 -0.96 -30.65
CA ALA K 189 -29.28 -0.99 -30.19
C ALA K 189 -28.80 -2.40 -29.93
N LYS K 190 -29.66 -3.25 -29.37
CA LYS K 190 -29.28 -4.66 -29.23
C LYS K 190 -29.15 -5.34 -30.57
N LYS K 191 -29.80 -4.83 -31.61
CA LYS K 191 -29.59 -5.33 -32.96
C LYS K 191 -28.45 -4.61 -33.69
N GLY K 192 -27.85 -3.59 -33.08
CA GLY K 192 -26.77 -2.87 -33.72
C GLY K 192 -27.20 -1.78 -34.67
N VAL K 193 -28.46 -1.38 -34.63
CA VAL K 193 -29.02 -0.41 -35.58
C VAL K 193 -29.13 0.95 -34.90
N ILE K 194 -28.71 1.99 -35.60
CA ILE K 194 -28.86 3.36 -35.11
C ILE K 194 -30.29 3.82 -35.38
N TYR K 195 -30.95 4.31 -34.34
CA TYR K 195 -32.36 4.69 -34.41
C TYR K 195 -32.53 6.14 -34.02
N SER K 196 -33.41 6.84 -34.75
CA SER K 196 -33.77 8.20 -34.37
C SER K 196 -35.19 8.46 -34.82
N ARG K 197 -35.84 9.44 -34.20
CA ARG K 197 -37.24 9.72 -34.48
C ARG K 197 -37.50 11.22 -34.49
N TYR K 198 -38.27 11.66 -35.47
CA TYR K 198 -38.72 13.04 -35.60
C TYR K 198 -40.24 13.01 -35.74
N ALA K 199 -40.94 13.45 -34.70
CA ALA K 199 -42.39 13.33 -34.62
C ALA K 199 -42.80 11.88 -34.76
N ASP K 200 -43.49 11.55 -35.85
CA ASP K 200 -43.91 10.18 -36.11
C ASP K 200 -43.00 9.45 -37.08
N ASP K 201 -41.96 10.11 -37.60
CA ASP K 201 -41.10 9.53 -38.62
C ASP K 201 -39.89 8.90 -37.94
N MET K 202 -39.74 7.59 -38.08
CA MET K 202 -38.63 6.87 -37.48
C MET K 202 -37.63 6.48 -38.55
N LEU K 203 -36.36 6.72 -38.29
CA LEU K 203 -35.28 6.37 -39.21
C LEU K 203 -34.32 5.43 -38.53
N PHE K 204 -34.02 4.31 -39.21
CA PHE K 204 -33.08 3.32 -38.74
C PHE K 204 -31.99 3.16 -39.78
N SER K 205 -30.77 2.92 -39.31
CA SER K 205 -29.64 2.69 -40.20
C SER K 205 -28.74 1.60 -39.65
N ASN K 206 -28.36 0.67 -40.52
CA ASN K 206 -27.45 -0.40 -40.15
C ASN K 206 -26.08 -0.11 -40.74
N PRO K 207 -25.05 0.04 -39.90
CA PRO K 207 -23.71 0.33 -40.43
C PRO K 207 -23.00 -0.91 -40.93
N ARG K 208 -23.34 -2.07 -40.38
CA ARG K 208 -22.71 -3.31 -40.82
C ARG K 208 -23.25 -3.72 -42.18
N GLU K 209 -22.69 -4.79 -42.73
CA GLU K 209 -23.14 -5.34 -44.00
C GLU K 209 -24.12 -6.46 -43.69
N SER K 210 -25.41 -6.15 -43.81
CA SER K 210 -26.45 -7.12 -43.50
C SER K 210 -27.74 -6.66 -44.15
N LYS K 211 -28.67 -7.60 -44.30
CA LYS K 211 -29.98 -7.34 -44.89
C LYS K 211 -31.06 -7.17 -43.84
N LEU K 212 -30.70 -6.79 -42.61
CA LEU K 212 -31.66 -6.76 -41.52
C LEU K 212 -32.77 -5.77 -41.78
N LEU K 213 -32.41 -4.57 -42.23
CA LEU K 213 -33.41 -3.53 -42.45
C LEU K 213 -34.30 -3.81 -43.65
N MET K 214 -33.95 -4.79 -44.48
CA MET K 214 -34.75 -5.11 -45.66
C MET K 214 -35.72 -6.25 -45.42
N SER K 215 -35.48 -7.07 -44.41
CA SER K 215 -36.35 -8.20 -44.14
C SER K 215 -37.68 -7.72 -43.56
N ASP K 216 -38.70 -8.57 -43.68
CA ASP K 216 -39.99 -8.27 -43.08
C ASP K 216 -39.95 -8.43 -41.57
N TYR K 217 -38.93 -9.11 -41.04
CA TYR K 217 -38.85 -9.32 -39.60
C TYR K 217 -38.72 -8.00 -38.86
N PHE K 218 -37.92 -7.07 -39.39
CA PHE K 218 -37.71 -5.79 -38.72
C PHE K 218 -39.01 -5.01 -38.65
N ILE K 219 -39.75 -4.96 -39.75
CA ILE K 219 -41.03 -4.26 -39.75
C ILE K 219 -42.00 -4.93 -38.81
N ASP K 220 -42.03 -6.26 -38.80
CA ASP K 220 -42.90 -6.98 -37.88
C ASP K 220 -42.58 -6.65 -36.43
N GLU K 221 -41.28 -6.59 -36.10
CA GLU K 221 -40.89 -6.33 -34.73
C GLU K 221 -41.21 -4.90 -34.30
N ILE K 222 -40.99 -3.93 -35.20
CA ILE K 222 -41.33 -2.55 -34.86
C ILE K 222 -42.84 -2.40 -34.71
N SER K 223 -43.61 -3.06 -35.56
CA SER K 223 -45.07 -3.03 -35.41
C SER K 223 -45.50 -3.66 -34.11
N SER K 224 -44.85 -4.77 -33.72
CA SER K 224 -45.18 -5.42 -32.46
C SER K 224 -44.89 -4.52 -31.28
N LEU K 225 -43.76 -3.81 -31.32
CA LEU K 225 -43.46 -2.87 -30.25
C LEU K 225 -44.46 -1.72 -30.21
N LEU K 226 -44.83 -1.18 -31.38
CA LEU K 226 -45.77 -0.08 -31.40
C LEU K 226 -47.16 -0.51 -30.93
N SER K 227 -47.50 -1.79 -31.11
CA SER K 227 -48.84 -2.25 -30.75
C SER K 227 -49.13 -2.16 -29.26
N ILE K 228 -48.10 -2.00 -28.43
CA ILE K 228 -48.31 -1.99 -26.98
C ILE K 228 -49.22 -0.83 -26.58
N MET K 229 -48.97 0.36 -27.13
CA MET K 229 -49.79 1.52 -26.85
C MET K 229 -50.78 1.84 -27.97
N GLY K 230 -50.94 0.95 -28.93
CA GLY K 230 -52.03 1.06 -29.89
C GLY K 230 -51.71 1.77 -31.19
N PHE K 231 -50.43 1.96 -31.50
CA PHE K 231 -50.06 2.64 -32.73
C PHE K 231 -49.96 1.66 -33.90
N ASN K 232 -49.90 2.22 -35.11
CA ASN K 232 -49.79 1.42 -36.32
C ASN K 232 -48.77 2.04 -37.26
N ILE K 233 -48.20 1.20 -38.13
CA ILE K 233 -47.21 1.63 -39.09
C ILE K 233 -47.90 1.93 -40.41
N ASN K 234 -47.61 3.08 -40.99
CA ASN K 234 -48.14 3.45 -42.30
C ASN K 234 -47.33 2.71 -43.36
N GLN K 235 -47.94 1.70 -43.99
CA GLN K 235 -47.23 0.87 -44.94
C GLN K 235 -46.99 1.56 -46.28
N SER K 236 -47.68 2.67 -46.55
CA SER K 236 -47.44 3.38 -47.80
C SER K 236 -46.13 4.17 -47.77
N LYS K 237 -45.66 4.54 -46.58
CA LYS K 237 -44.47 5.35 -46.42
C LYS K 237 -43.25 4.56 -46.00
N TYR K 238 -43.32 3.22 -46.02
CA TYR K 238 -42.20 2.38 -45.62
C TYR K 238 -41.16 2.34 -46.73
N ILE K 239 -39.93 2.69 -46.41
CA ILE K 239 -38.84 2.77 -47.39
C ILE K 239 -37.65 1.99 -46.88
N SER K 240 -36.98 1.27 -47.78
CA SER K 240 -35.76 0.54 -47.43
C SER K 240 -34.80 0.59 -48.60
N ARG K 241 -33.54 0.97 -48.35
CA ARG K 241 -32.59 1.13 -49.44
C ARG K 241 -31.17 0.89 -48.94
N GLU K 242 -30.25 0.71 -49.88
CA GLU K 242 -28.85 0.46 -49.60
C GLU K 242 -28.00 1.57 -50.16
N LYS K 243 -27.00 1.99 -49.38
CA LYS K 243 -25.90 2.85 -49.82
C LYS K 243 -26.34 4.28 -50.09
N GLU K 244 -27.64 4.55 -50.09
CA GLU K 244 -28.15 5.91 -50.20
C GLU K 244 -29.65 5.89 -50.02
N ILE K 245 -30.17 6.98 -49.48
CA ILE K 245 -31.61 7.18 -49.33
C ILE K 245 -31.92 8.65 -49.55
N SER K 246 -33.06 8.92 -50.17
CA SER K 246 -33.51 10.28 -50.47
C SER K 246 -34.76 10.54 -49.65
N ILE K 247 -34.56 10.98 -48.41
CA ILE K 247 -35.64 11.15 -47.45
C ILE K 247 -36.17 12.58 -47.64
N ASN K 248 -37.32 12.69 -48.31
CA ASN K 248 -38.05 13.94 -48.43
C ASN K 248 -37.16 15.06 -48.97
N GLY K 249 -36.18 14.70 -49.81
CA GLY K 249 -35.26 15.65 -50.39
C GLY K 249 -33.84 15.55 -49.87
N TYR K 250 -33.66 15.32 -48.57
CA TYR K 250 -32.34 15.18 -47.99
C TYR K 250 -31.78 13.82 -48.38
N VAL K 251 -30.60 13.80 -49.00
CA VAL K 251 -30.00 12.56 -49.50
C VAL K 251 -28.83 12.19 -48.59
N ILE K 252 -28.89 10.99 -48.03
CA ILE K 252 -27.77 10.41 -47.29
C ILE K 252 -27.14 9.36 -48.17
N GLU K 253 -25.81 9.35 -48.23
CA GLU K 253 -25.10 8.39 -49.06
C GLU K 253 -23.89 7.84 -48.31
N ASN K 254 -23.71 6.52 -48.36
CA ASN K 254 -22.54 5.90 -47.74
C ASN K 254 -22.23 4.62 -48.51
N LYS K 255 -21.32 4.72 -49.47
CA LYS K 255 -20.98 3.56 -50.29
C LYS K 255 -20.08 2.58 -49.56
N GLY K 256 -19.24 3.06 -48.66
CA GLY K 256 -18.19 2.25 -48.07
C GLY K 256 -18.72 1.18 -47.14
N GLY K 257 -17.78 0.36 -46.67
CA GLY K 257 -18.10 -0.72 -45.76
C GLY K 257 -17.64 -0.46 -44.35
N ASN K 258 -16.59 -1.15 -43.92
CA ASN K 258 -16.14 -1.03 -42.53
C ASN K 258 -15.56 0.35 -42.29
N GLY K 259 -16.08 1.04 -41.28
CA GLY K 259 -15.54 2.32 -40.88
C GLY K 259 -15.63 3.41 -41.94
N SER K 260 -16.81 3.59 -42.52
CA SER K 260 -17.03 4.62 -43.52
C SER K 260 -17.99 5.67 -42.99
N ILE K 261 -17.79 6.91 -43.42
CA ILE K 261 -18.61 8.04 -43.01
C ILE K 261 -19.37 8.54 -44.23
N GLY K 262 -20.69 8.58 -44.13
CA GLY K 262 -21.52 9.03 -45.22
C GLY K 262 -21.59 10.53 -45.33
N THR K 263 -22.30 10.99 -46.36
CA THR K 263 -22.47 12.41 -46.64
C THR K 263 -23.94 12.72 -46.77
N ILE K 264 -24.34 13.87 -46.23
CA ILE K 264 -25.71 14.37 -46.33
C ILE K 264 -25.70 15.58 -47.24
N ARG K 265 -26.51 15.52 -48.30
CA ARG K 265 -26.66 16.64 -49.22
C ARG K 265 -28.14 16.87 -49.46
N LEU K 266 -28.44 17.83 -50.32
CA LEU K 266 -29.82 18.10 -50.72
C LEU K 266 -29.99 17.76 -52.19
N SER K 267 -31.07 17.06 -52.49
CA SER K 267 -31.34 16.70 -53.86
C SER K 267 -31.74 17.94 -54.67
N LYS K 268 -31.72 17.79 -55.99
CA LYS K 268 -32.10 18.89 -56.86
C LYS K 268 -33.56 19.30 -56.67
N SER K 269 -34.40 18.39 -56.15
CA SER K 269 -35.79 18.73 -55.91
C SER K 269 -35.92 19.84 -54.88
N LYS K 270 -35.14 19.76 -53.79
CA LYS K 270 -35.19 20.82 -52.79
C LYS K 270 -34.67 22.14 -53.35
N LEU K 271 -33.57 22.09 -54.10
CA LEU K 271 -32.99 23.31 -54.65
C LEU K 271 -33.77 23.87 -55.82
N ASN K 272 -34.75 23.13 -56.34
CA ASN K 272 -35.45 23.53 -57.56
C ASN K 272 -36.11 24.89 -57.39
N THR K 273 -36.90 25.06 -56.32
CA THR K 273 -37.66 26.29 -56.16
C THR K 273 -36.75 27.49 -55.97
N VAL K 274 -35.71 27.36 -55.15
CA VAL K 274 -34.84 28.50 -54.89
C VAL K 274 -34.03 28.86 -56.14
N LEU K 275 -33.56 27.85 -56.88
CA LEU K 275 -32.84 28.14 -58.12
C LEU K 275 -33.76 28.84 -59.12
N LYS K 276 -35.00 28.38 -59.23
CA LYS K 276 -35.94 29.02 -60.15
C LYS K 276 -36.26 30.44 -59.72
N VAL K 277 -36.37 30.68 -58.42
CA VAL K 277 -36.62 32.04 -57.93
C VAL K 277 -35.45 32.95 -58.26
N THR K 278 -34.22 32.48 -58.04
CA THR K 278 -33.05 33.29 -58.37
C THR K 278 -32.98 33.58 -59.87
N HIS K 279 -33.28 32.57 -60.69
CA HIS K 279 -33.28 32.79 -62.13
C HIS K 279 -34.35 33.79 -62.54
N ALA K 280 -35.54 33.70 -61.93
CA ALA K 280 -36.60 34.65 -62.25
C ALA K 280 -36.22 36.06 -61.85
N LEU K 281 -35.60 36.22 -60.68
CA LEU K 281 -35.15 37.54 -60.26
C LEU K 281 -34.07 38.09 -61.17
N ALA K 282 -33.20 37.22 -61.68
CA ALA K 282 -32.23 37.66 -62.68
C ALA K 282 -32.90 38.01 -64.00
N GLN K 283 -34.07 37.43 -64.27
CA GLN K 283 -34.79 37.65 -65.51
C GLN K 283 -35.65 38.91 -65.48
N ASN K 284 -35.71 39.60 -64.34
CA ASN K 284 -36.44 40.86 -64.17
C ASN K 284 -37.95 40.73 -64.34
N ILE K 285 -38.48 39.51 -64.28
CA ILE K 285 -39.93 39.30 -64.16
C ILE K 285 -40.38 39.91 -62.84
N PRO K 286 -41.51 40.68 -62.83
CA PRO K 286 -41.95 41.43 -61.64
C PRO K 286 -42.14 40.63 -60.36
N TYR K 287 -42.19 41.34 -59.24
CA TYR K 287 -42.27 40.66 -57.95
C TYR K 287 -43.62 39.97 -57.76
N LYS K 288 -44.70 40.54 -58.30
CA LYS K 288 -46.00 39.92 -58.15
C LYS K 288 -46.03 38.54 -58.80
N ASN K 289 -45.49 38.43 -60.01
CA ASN K 289 -45.46 37.14 -60.70
C ASN K 289 -44.55 36.15 -59.98
N ILE K 290 -43.42 36.63 -59.46
CA ILE K 290 -42.51 35.75 -58.71
C ILE K 290 -43.22 35.19 -57.49
N CYS K 291 -43.91 36.05 -56.74
CA CYS K 291 -44.59 35.59 -55.54
C CYS K 291 -45.72 34.63 -55.87
N ASN K 292 -46.51 34.93 -56.91
CA ASN K 292 -47.67 34.11 -57.20
C ASN K 292 -47.27 32.77 -57.81
N LYS K 293 -46.36 32.78 -58.78
CA LYS K 293 -46.08 31.57 -59.56
C LYS K 293 -45.33 30.52 -58.76
N TYR K 294 -44.29 30.92 -58.03
CA TYR K 294 -43.42 29.97 -57.35
C TYR K 294 -43.69 29.86 -55.85
N ILE K 295 -43.98 30.97 -55.19
CA ILE K 295 -44.04 30.97 -53.73
C ILE K 295 -45.45 30.74 -53.21
N LYS K 296 -46.46 30.95 -54.05
CA LYS K 296 -47.87 30.80 -53.68
C LYS K 296 -48.24 31.73 -52.54
N VAL K 297 -47.64 32.92 -52.51
CA VAL K 297 -47.99 33.97 -51.57
C VAL K 297 -48.62 35.11 -52.35
N ARG K 298 -49.78 35.58 -51.87
CA ARG K 298 -50.52 36.62 -52.57
C ARG K 298 -51.24 37.49 -51.55
N LEU K 299 -51.58 38.70 -51.98
CA LEU K 299 -52.31 39.66 -51.15
C LEU K 299 -53.76 39.66 -51.60
N LYS K 300 -54.62 38.99 -50.84
CA LYS K 300 -56.05 38.98 -51.16
C LYS K 300 -56.64 40.37 -50.92
N GLU K 301 -57.58 40.75 -51.78
CA GLU K 301 -58.16 42.09 -51.71
C GLU K 301 -58.89 42.32 -50.39
N LYS K 302 -59.44 41.26 -49.79
CA LYS K 302 -60.13 41.40 -48.53
C LYS K 302 -59.17 41.63 -47.36
N ASN K 303 -57.87 41.47 -47.57
CA ASN K 303 -56.88 41.60 -46.52
C ASN K 303 -56.19 42.97 -46.52
N ILE K 304 -56.70 43.92 -47.30
CA ILE K 304 -56.11 45.25 -47.33
C ILE K 304 -56.45 45.97 -46.04
N LYS K 305 -55.43 46.39 -45.30
CA LYS K 305 -55.64 46.99 -43.99
C LYS K 305 -56.36 48.33 -44.09
N TYR K 306 -55.85 49.21 -44.94
CA TYR K 306 -56.39 50.55 -45.09
C TYR K 306 -56.60 50.87 -46.56
N GLU K 307 -57.61 51.69 -46.84
CA GLU K 307 -57.95 52.07 -48.20
C GLU K 307 -57.28 53.37 -48.64
N SER K 308 -56.38 53.91 -47.81
CA SER K 308 -55.70 55.16 -48.17
C SER K 308 -54.86 54.99 -49.43
N LYS K 309 -54.08 53.92 -49.49
CA LYS K 309 -53.25 53.62 -50.66
C LYS K 309 -53.26 52.13 -50.93
N LYS K 310 -53.36 51.77 -52.20
CA LYS K 310 -53.47 50.37 -52.60
C LYS K 310 -52.27 49.89 -53.40
N ASP K 311 -51.94 50.58 -54.50
CA ASP K 311 -50.87 50.10 -55.38
C ASP K 311 -49.52 50.11 -54.67
N GLU K 312 -49.22 51.21 -53.98
CA GLU K 312 -47.97 51.26 -53.21
C GLU K 312 -47.98 50.24 -52.09
N PHE K 313 -49.15 50.03 -51.47
CA PHE K 313 -49.27 49.00 -50.44
C PHE K 313 -48.97 47.62 -51.01
N GLU K 314 -49.53 47.30 -52.19
CA GLU K 314 -49.28 46.00 -52.78
C GLU K 314 -47.82 45.84 -53.19
N LYS K 315 -47.21 46.90 -53.70
CA LYS K 315 -45.80 46.83 -54.06
C LYS K 315 -44.93 46.58 -52.82
N LYS K 316 -45.22 47.31 -51.74
CA LYS K 316 -44.46 47.11 -50.50
C LYS K 316 -44.68 45.72 -49.94
N TYR K 317 -45.91 45.20 -50.00
CA TYR K 317 -46.17 43.87 -49.47
C TYR K 317 -45.44 42.81 -50.28
N TYR K 318 -45.45 42.93 -51.61
CA TYR K 318 -44.74 41.94 -52.42
C TYR K 318 -43.23 42.02 -52.20
N ARG K 319 -42.70 43.23 -52.05
CA ARG K 319 -41.28 43.38 -51.73
C ARG K 319 -40.96 42.75 -50.38
N ASP K 320 -41.84 42.95 -49.39
CA ASP K 320 -41.65 42.36 -48.08
C ASP K 320 -41.68 40.84 -48.15
N GLN K 321 -42.62 40.29 -48.92
CA GLN K 321 -42.68 38.84 -49.05
C GLN K 321 -41.43 38.30 -49.71
N LEU K 322 -40.92 38.99 -50.73
CA LEU K 322 -39.71 38.51 -51.40
C LEU K 322 -38.50 38.59 -50.48
N ILE K 323 -38.34 39.71 -49.77
CA ILE K 323 -37.19 39.83 -48.86
C ILE K 323 -37.29 38.77 -47.77
N ASN K 324 -38.49 38.52 -47.26
CA ASN K 324 -38.68 37.51 -46.23
C ASN K 324 -38.34 36.12 -46.76
N TYR K 325 -38.78 35.79 -47.97
CA TYR K 325 -38.48 34.48 -48.51
C TYR K 325 -36.98 34.29 -48.72
N LEU K 326 -36.32 35.29 -49.28
CA LEU K 326 -34.89 35.16 -49.53
C LEU K 326 -34.14 35.01 -48.21
N GLY K 327 -34.50 35.81 -47.21
CA GLY K 327 -33.88 35.66 -45.91
C GLY K 327 -34.12 34.30 -45.30
N GLY K 328 -35.34 33.77 -45.46
CA GLY K 328 -35.63 32.47 -44.88
C GLY K 328 -34.86 31.34 -45.53
N TYR K 329 -34.77 31.35 -46.86
CA TYR K 329 -34.02 30.29 -47.53
C TYR K 329 -32.53 30.41 -47.26
N ARG K 330 -32.02 31.65 -47.18
CA ARG K 330 -30.64 31.84 -46.77
C ARG K 330 -30.39 31.31 -45.38
N SER K 331 -31.34 31.54 -44.46
CA SER K 331 -31.21 31.04 -43.10
C SER K 331 -31.20 29.52 -43.07
N TYR K 332 -32.05 28.90 -43.88
CA TYR K 332 -32.08 27.44 -43.97
C TYR K 332 -30.73 26.91 -44.46
N LEU K 333 -30.18 27.54 -45.49
CA LEU K 333 -28.93 27.04 -46.03
C LEU K 333 -27.75 27.29 -45.08
N ILE K 334 -27.77 28.39 -44.32
CA ILE K 334 -26.69 28.54 -43.35
C ILE K 334 -26.90 27.59 -42.17
N SER K 335 -28.15 27.22 -41.89
CA SER K 335 -28.34 26.15 -40.91
C SER K 335 -27.63 24.89 -41.38
N LEU K 336 -27.79 24.56 -42.66
CA LEU K 336 -27.07 23.42 -43.23
C LEU K 336 -25.55 23.61 -43.11
N VAL K 337 -25.06 24.81 -43.42
CA VAL K 337 -23.62 25.05 -43.41
C VAL K 337 -23.06 24.92 -42.00
N LYS K 338 -23.74 25.50 -41.01
CA LYS K 338 -23.29 25.37 -39.62
C LYS K 338 -23.32 23.93 -39.17
N PHE K 339 -24.37 23.18 -39.56
CA PHE K 339 -24.43 21.77 -39.23
C PHE K 339 -23.22 21.04 -39.80
N HIS K 340 -22.85 21.36 -41.04
CA HIS K 340 -21.65 20.76 -41.62
C HIS K 340 -20.41 21.15 -40.83
N SER K 341 -20.25 22.45 -40.55
CA SER K 341 -19.04 22.92 -39.90
C SER K 341 -18.86 22.31 -38.51
N GLU K 342 -19.96 21.98 -37.86
CA GLU K 342 -19.89 21.43 -36.51
C GLU K 342 -19.83 19.90 -36.52
N TYR K 343 -20.34 19.24 -37.56
CA TYR K 343 -20.29 17.78 -37.62
C TYR K 343 -19.42 17.22 -38.72
N LYS K 344 -19.14 17.98 -39.78
CA LYS K 344 -18.32 17.53 -40.91
C LYS K 344 -18.90 16.26 -41.54
N CYS K 345 -20.11 16.41 -42.09
CA CYS K 345 -20.80 15.30 -42.71
C CYS K 345 -21.51 15.65 -44.00
N VAL K 346 -21.35 16.86 -44.51
CA VAL K 346 -22.01 17.29 -45.74
C VAL K 346 -21.01 17.19 -46.89
N ASN K 347 -21.53 16.85 -48.07
CA ASN K 347 -20.69 16.67 -49.25
C ASN K 347 -19.94 17.96 -49.59
N SER K 348 -18.67 17.82 -49.95
CA SER K 348 -17.83 18.98 -50.21
C SER K 348 -18.26 19.72 -51.47
N ASP K 349 -18.53 18.99 -52.55
CA ASP K 349 -19.01 19.63 -53.76
C ASP K 349 -20.37 20.29 -53.53
N PHE K 350 -21.21 19.65 -52.73
CA PHE K 350 -22.47 20.28 -52.35
C PHE K 350 -22.22 21.52 -51.51
N ILE K 351 -21.17 21.53 -50.69
CA ILE K 351 -20.83 22.72 -49.93
C ILE K 351 -20.44 23.86 -50.88
N ILE K 352 -19.67 23.54 -51.92
CA ILE K 352 -19.29 24.55 -52.91
C ILE K 352 -20.53 25.10 -53.61
N GLN K 353 -21.44 24.21 -54.01
CA GLN K 353 -22.68 24.64 -54.65
C GLN K 353 -23.49 25.53 -53.72
N ILE K 354 -23.55 25.16 -52.43
CA ILE K 354 -24.25 25.98 -51.45
C ILE K 354 -23.62 27.36 -51.36
N ASN K 355 -22.28 27.42 -51.35
CA ASN K 355 -21.63 28.71 -51.26
C ASN K 355 -21.95 29.59 -52.48
N GLY K 356 -21.94 29.00 -53.67
CA GLY K 356 -22.32 29.76 -54.85
C GLY K 356 -23.76 30.24 -54.80
N ILE K 357 -24.68 29.36 -54.36
CA ILE K 357 -26.07 29.74 -54.24
C ILE K 357 -26.23 30.87 -53.23
N LEU K 358 -25.53 30.78 -52.11
CA LEU K 358 -25.61 31.80 -51.08
C LEU K 358 -25.12 33.14 -51.59
N ASN K 359 -24.01 33.13 -52.33
CA ASN K 359 -23.51 34.38 -52.90
C ASN K 359 -24.51 34.97 -53.89
N ASP K 360 -25.15 34.12 -54.70
CA ASP K 360 -26.17 34.61 -55.61
C ASP K 360 -27.36 35.21 -54.86
N ILE K 361 -27.79 34.54 -53.79
CA ILE K 361 -28.90 35.04 -52.98
C ILE K 361 -28.56 36.39 -52.37
N GLN K 362 -27.34 36.52 -51.86
CA GLN K 362 -26.93 37.79 -51.25
C GLN K 362 -26.82 38.90 -52.29
N ASN K 363 -26.34 38.57 -53.49
CA ASN K 363 -26.31 39.58 -54.55
C ASN K 363 -27.71 40.02 -54.93
N HIS K 364 -28.64 39.07 -55.06
CA HIS K 364 -30.02 39.42 -55.39
C HIS K 364 -30.67 40.24 -54.28
N ILE K 365 -30.38 39.90 -53.03
CA ILE K 365 -30.96 40.63 -51.90
C ILE K 365 -30.42 42.06 -51.86
N GLN K 366 -29.13 42.23 -52.17
CA GLN K 366 -28.56 43.57 -52.24
C GLN K 366 -29.18 44.36 -53.39
N LYS K 367 -29.38 43.71 -54.55
CA LYS K 367 -30.02 44.39 -55.66
C LYS K 367 -31.44 44.82 -55.32
N ILE K 368 -32.18 43.95 -54.65
CA ILE K 368 -33.55 44.29 -54.25
C ILE K 368 -33.57 45.46 -53.29
N LYS K 369 -32.70 45.43 -52.28
CA LYS K 369 -32.69 46.51 -51.31
C LYS K 369 -32.19 47.82 -51.92
N LYS K 370 -31.35 47.74 -52.95
CA LYS K 370 -30.92 48.95 -53.64
C LYS K 370 -32.03 49.52 -54.51
N ASN K 371 -32.75 48.65 -55.24
CA ASN K 371 -33.87 49.10 -56.05
C ASN K 371 -35.03 49.59 -55.20
N ARG K 372 -35.07 49.20 -53.92
CA ARG K 372 -36.10 49.72 -53.02
C ARG K 372 -36.03 51.24 -52.93
N ARG K 373 -34.82 51.81 -52.88
CA ARG K 373 -34.63 53.24 -52.69
C ARG K 373 -34.74 54.03 -53.98
N LEU K 374 -34.88 53.38 -55.13
CA LEU K 374 -34.96 54.08 -56.41
C LEU K 374 -36.41 54.37 -56.79
N LYS L 5 5.30 -6.25 38.15
CA LYS L 5 4.83 -5.42 39.24
C LYS L 5 5.85 -5.29 40.36
N MET L 6 6.14 -4.07 40.77
CA MET L 6 7.09 -3.84 41.85
C MET L 6 6.50 -4.33 43.17
N ILE L 7 7.34 -5.00 43.96
CA ILE L 7 6.88 -5.48 45.26
C ILE L 7 6.60 -4.30 46.17
N LEU L 8 5.54 -4.40 46.97
CA LEU L 8 5.18 -3.37 47.93
C LEU L 8 4.69 -4.05 49.20
N VAL L 9 5.45 -3.92 50.27
CA VAL L 9 5.09 -4.47 51.57
C VAL L 9 4.39 -3.38 52.37
N ASP L 10 3.19 -3.66 52.85
CA ASP L 10 2.42 -2.73 53.65
C ASP L 10 2.17 -3.35 55.03
N LYS L 11 1.32 -2.68 55.82
CA LYS L 11 1.09 -3.12 57.19
C LYS L 11 0.51 -4.53 57.24
N VAL L 12 -0.46 -4.82 56.38
CA VAL L 12 -1.06 -6.14 56.35
C VAL L 12 -0.03 -7.19 55.94
N PHE L 13 0.85 -6.83 54.99
CA PHE L 13 1.89 -7.75 54.55
C PHE L 13 2.84 -8.09 55.70
N TYR L 14 3.24 -7.08 56.48
CA TYR L 14 4.11 -7.35 57.63
C TYR L 14 3.38 -8.18 58.67
N GLU L 15 2.13 -7.84 58.97
CA GLU L 15 1.40 -8.54 60.03
C GLU L 15 1.18 -10.00 59.68
N LYS L 16 0.74 -10.28 58.46
CA LYS L 16 0.37 -11.65 58.10
C LYS L 16 1.57 -12.48 57.69
N ILE L 17 2.26 -12.07 56.63
CA ILE L 17 3.24 -12.93 55.98
C ILE L 17 4.59 -12.87 56.69
N LEU L 18 5.03 -11.69 57.11
CA LEU L 18 6.38 -11.55 57.65
C LEU L 18 6.43 -11.84 59.16
N SER L 19 5.67 -11.08 59.95
CA SER L 19 5.73 -11.24 61.40
C SER L 19 5.24 -12.61 61.84
N VAL L 20 4.13 -13.06 61.25
CA VAL L 20 3.52 -14.36 61.57
C VAL L 20 3.27 -14.45 63.07
N GLU L 21 4.19 -15.10 63.79
CA GLU L 21 4.09 -15.23 65.24
C GLU L 21 5.29 -14.66 65.98
N SER L 22 6.35 -14.27 65.27
CA SER L 22 7.57 -13.82 65.96
C SER L 22 7.32 -12.54 66.74
N PHE L 23 6.53 -11.62 66.19
CA PHE L 23 6.21 -10.36 66.85
C PHE L 23 4.71 -10.17 66.96
N LYS L 24 4.00 -11.24 67.35
CA LYS L 24 2.56 -11.13 67.58
C LYS L 24 2.26 -10.26 68.78
N GLU L 25 2.99 -10.46 69.88
CA GLU L 25 2.75 -9.68 71.09
C GLU L 25 3.01 -8.20 70.85
N ASN L 26 4.09 -7.87 70.16
CA ASN L 26 4.42 -6.48 69.94
C ASN L 26 3.44 -5.81 69.00
N ILE L 27 2.76 -6.58 68.15
CA ILE L 27 1.83 -5.99 67.20
C ILE L 27 0.41 -5.92 67.76
N ILE L 28 0.06 -6.78 68.72
CA ILE L 28 -1.27 -6.70 69.32
C ILE L 28 -1.29 -5.71 70.48
N THR L 29 -0.18 -5.60 71.21
CA THR L 29 -0.09 -4.69 72.35
C THR L 29 0.31 -3.27 71.94
N GLN L 30 0.54 -3.03 70.66
CA GLN L 30 0.92 -1.70 70.15
C GLN L 30 2.18 -1.18 70.84
N SER L 31 3.12 -2.08 71.10
CA SER L 31 4.41 -1.73 71.67
C SER L 31 5.47 -1.75 70.57
N ALA L 32 6.36 -0.76 70.60
CA ALA L 32 7.36 -0.61 69.56
C ALA L 32 8.30 -1.82 69.51
N ILE L 33 8.56 -2.30 68.31
CA ILE L 33 9.52 -3.39 68.11
C ILE L 33 10.93 -2.87 68.43
N PRO L 34 11.68 -3.54 69.30
CA PRO L 34 12.94 -2.96 69.77
C PRO L 34 14.17 -3.34 68.94
N LYS L 35 15.24 -2.60 69.17
CA LYS L 35 16.48 -2.82 68.48
C LYS L 35 17.06 -4.20 68.83
N ILE L 36 17.91 -4.71 67.95
CA ILE L 36 18.61 -5.96 68.24
C ILE L 36 19.63 -5.68 69.33
N SER L 37 19.33 -6.12 70.55
CA SER L 37 20.19 -5.80 71.69
C SER L 37 21.45 -6.65 71.65
N ASN L 38 22.44 -6.21 72.43
CA ASN L 38 23.72 -6.90 72.48
C ASN L 38 23.60 -8.32 73.02
N LYS L 39 22.49 -8.63 73.71
CA LYS L 39 22.32 -9.97 74.25
C LYS L 39 22.08 -11.00 73.16
N GLU L 40 21.44 -10.61 72.06
CA GLU L 40 21.13 -11.55 70.99
C GLU L 40 22.29 -11.74 70.02
N VAL L 41 23.33 -10.90 70.10
CA VAL L 41 24.41 -10.89 69.12
C VAL L 41 25.69 -11.33 69.80
N ARG L 42 26.33 -12.35 69.24
CA ARG L 42 27.66 -12.78 69.65
C ARG L 42 28.69 -12.32 68.62
N LEU L 43 29.91 -12.09 69.09
CA LEU L 43 30.96 -11.48 68.29
C LEU L 43 32.11 -12.47 68.12
N ILE L 44 32.21 -13.07 66.94
CA ILE L 44 33.34 -13.94 66.64
C ILE L 44 34.45 -13.13 66.00
N SER L 45 35.68 -13.59 66.17
CA SER L 45 36.86 -12.92 65.63
C SER L 45 37.55 -13.86 64.67
N SER L 46 37.65 -13.44 63.40
CA SER L 46 38.32 -14.20 62.35
C SER L 46 39.44 -13.30 61.81
N GLY L 47 40.67 -13.54 62.26
CA GLY L 47 41.76 -12.68 61.87
C GLY L 47 41.52 -11.26 62.33
N SER L 48 41.70 -10.31 61.42
CA SER L 48 41.42 -8.92 61.71
C SER L 48 39.94 -8.58 61.56
N LYS L 49 39.12 -9.51 61.09
CA LYS L 49 37.70 -9.27 60.88
C LYS L 49 36.89 -9.73 62.09
N ILE L 50 35.75 -9.06 62.29
CA ILE L 50 34.83 -9.38 63.37
C ILE L 50 33.47 -9.70 62.76
N PHE L 51 32.91 -10.85 63.13
CA PHE L 51 31.66 -11.33 62.58
C PHE L 51 30.59 -11.30 63.66
N TYR L 52 29.37 -10.94 63.26
CA TYR L 52 28.24 -10.79 64.17
C TYR L 52 27.25 -11.90 63.89
N ALA L 53 26.94 -12.70 64.92
CA ALA L 53 26.02 -13.82 64.78
C ALA L 53 24.85 -13.65 65.73
N ILE L 54 23.64 -13.73 65.19
CA ILE L 54 22.43 -13.58 65.98
C ILE L 54 21.92 -14.96 66.38
N ASN L 55 21.38 -15.06 67.58
CA ASN L 55 20.86 -16.34 68.06
C ASN L 55 19.58 -16.71 67.31
N ASN L 56 19.44 -18.00 67.02
CA ASN L 56 18.28 -18.47 66.26
C ASN L 56 16.99 -18.34 67.07
N THR L 57 17.08 -18.48 68.40
CA THR L 57 15.89 -18.43 69.23
C THR L 57 15.22 -17.06 69.21
N SER L 58 15.96 -16.00 68.92
CA SER L 58 15.38 -14.67 68.89
C SER L 58 14.40 -14.54 67.73
N PRO L 59 13.31 -13.79 67.91
CA PRO L 59 12.40 -13.54 66.78
C PRO L 59 13.05 -12.76 65.65
N HIS L 60 14.12 -12.02 65.93
CA HIS L 60 14.80 -11.26 64.90
C HIS L 60 15.36 -12.17 63.82
N SER L 61 15.90 -13.33 64.22
CA SER L 61 16.41 -14.27 63.24
C SER L 61 15.30 -14.77 62.31
N HIS L 62 14.13 -15.08 62.88
CA HIS L 62 13.03 -15.58 62.06
C HIS L 62 12.55 -14.52 61.09
N VAL L 63 12.36 -13.28 61.58
CA VAL L 63 11.88 -12.24 60.69
C VAL L 63 12.92 -11.90 59.64
N GLN L 64 14.21 -11.96 59.97
CA GLN L 64 15.25 -11.72 58.98
C GLN L 64 15.25 -12.79 57.91
N LEU L 65 15.14 -14.06 58.31
CA LEU L 65 15.12 -15.14 57.32
C LEU L 65 13.93 -15.01 56.39
N ARG L 66 12.76 -14.71 56.96
CA ARG L 66 11.58 -14.56 56.11
C ARG L 66 11.66 -13.31 55.25
N LEU L 67 12.35 -12.28 55.73
CA LEU L 67 12.60 -11.08 54.94
C LEU L 67 13.46 -11.40 53.72
N ASN L 68 14.53 -12.18 53.91
CA ASN L 68 15.31 -12.71 52.78
C ASN L 68 14.45 -13.52 51.84
N ARG L 69 13.60 -14.37 52.39
CA ARG L 69 12.86 -15.28 51.52
C ARG L 69 11.84 -14.54 50.66
N PHE L 70 11.12 -13.58 51.23
CA PHE L 70 9.93 -13.06 50.58
C PHE L 70 10.05 -11.64 50.06
N PHE L 71 10.90 -10.80 50.64
CA PHE L 71 10.95 -9.38 50.26
C PHE L 71 12.22 -9.04 49.50
N LEU L 72 13.40 -9.31 50.09
CA LEU L 72 14.64 -8.88 49.46
C LEU L 72 14.90 -9.61 48.15
N SER L 73 14.40 -10.83 48.00
CA SER L 73 14.64 -11.59 46.78
C SER L 73 13.83 -11.08 45.59
N HIS L 74 12.87 -10.19 45.80
CA HIS L 74 12.02 -9.70 44.71
C HIS L 74 12.46 -8.36 44.16
N ILE L 75 13.28 -7.61 44.88
CA ILE L 75 13.72 -6.30 44.40
C ILE L 75 14.72 -6.51 43.25
N PRO L 76 14.56 -5.82 42.13
CA PRO L 76 15.48 -6.02 41.01
C PRO L 76 16.89 -5.56 41.32
N LEU L 77 17.86 -6.17 40.63
CA LEU L 77 19.27 -5.89 40.81
C LEU L 77 19.90 -5.53 39.47
N ASN L 78 21.20 -5.26 39.50
CA ASN L 78 21.97 -5.02 38.28
C ASN L 78 22.66 -6.30 37.83
N SER L 79 22.76 -6.47 36.52
CA SER L 79 23.32 -7.70 35.96
C SER L 79 24.82 -7.83 36.18
N ALA L 80 25.51 -6.76 36.58
CA ALA L 80 26.93 -6.86 36.84
C ALA L 80 27.23 -7.45 38.21
N ALA L 81 26.23 -7.56 39.08
CA ALA L 81 26.42 -8.15 40.40
C ALA L 81 26.23 -9.65 40.29
N LYS L 82 27.33 -10.40 40.39
CA LYS L 82 27.30 -11.83 40.25
C LYS L 82 27.40 -12.56 41.58
N ALA L 83 27.21 -11.88 42.69
CA ALA L 83 27.38 -12.46 44.01
C ALA L 83 26.10 -12.36 44.82
N PHE L 84 25.79 -13.44 45.55
CA PHE L 84 24.61 -13.54 46.40
C PHE L 84 23.31 -13.35 45.64
N VAL L 85 23.34 -13.58 44.33
CA VAL L 85 22.16 -13.43 43.48
C VAL L 85 21.75 -14.80 42.97
N ARG L 86 20.44 -15.01 42.83
CA ARG L 86 19.91 -16.25 42.29
C ARG L 86 20.53 -16.57 40.94
N GLY L 87 21.31 -17.65 40.88
CA GLY L 87 21.95 -18.05 39.65
C GLY L 87 23.33 -17.49 39.41
N GLY L 88 23.83 -16.63 40.30
CA GLY L 88 25.17 -16.11 40.15
C GLY L 88 26.22 -17.03 40.73
N SER L 89 27.44 -16.90 40.22
CA SER L 89 28.55 -17.74 40.66
C SER L 89 29.85 -17.04 40.29
N TYR L 90 30.95 -17.52 40.89
CA TYR L 90 32.25 -16.93 40.60
C TYR L 90 32.64 -17.15 39.14
N LEU L 91 32.35 -18.34 38.61
CA LEU L 91 32.66 -18.61 37.21
C LEU L 91 31.89 -17.67 36.30
N LYS L 92 30.62 -17.40 36.61
CA LYS L 92 29.88 -16.39 35.86
C LYS L 92 30.46 -15.01 36.04
N TYR L 93 31.16 -14.77 37.15
CA TYR L 93 31.80 -13.48 37.36
C TYR L 93 33.07 -13.35 36.53
N LEU L 94 33.75 -14.46 36.25
CA LEU L 94 34.96 -14.44 35.44
C LEU L 94 34.68 -14.57 33.95
N GLU L 95 33.55 -15.18 33.57
CA GLU L 95 33.32 -15.53 32.18
C GLU L 95 33.36 -14.35 31.21
N PRO L 96 32.69 -13.23 31.45
CA PRO L 96 32.63 -12.19 30.41
C PRO L 96 33.97 -11.57 30.08
N HIS L 97 35.03 -11.91 30.82
CA HIS L 97 36.34 -11.33 30.60
C HIS L 97 37.25 -12.20 29.73
N ILE L 98 36.75 -13.32 29.22
CA ILE L 98 37.56 -14.13 28.32
C ILE L 98 37.83 -13.37 27.02
N TYR L 99 36.94 -12.46 26.63
CA TYR L 99 37.11 -11.71 25.41
C TYR L 99 38.10 -10.56 25.55
N GLY L 100 38.59 -10.30 26.76
CA GLY L 100 39.47 -9.16 26.97
C GLY L 100 40.93 -9.51 26.82
N SER L 101 41.70 -8.52 26.37
CA SER L 101 43.14 -8.69 26.18
C SER L 101 43.96 -8.08 27.32
N SER L 102 43.41 -7.14 28.07
CA SER L 102 44.06 -6.62 29.26
C SER L 102 43.08 -6.68 30.43
N TYR L 103 43.61 -6.92 31.63
CA TYR L 103 42.77 -7.14 32.80
C TYR L 103 43.17 -6.25 33.95
N CYS L 104 42.17 -5.81 34.71
CA CYS L 104 42.37 -4.99 35.90
C CYS L 104 41.42 -5.47 36.98
N ARG L 105 41.90 -5.54 38.21
CA ARG L 105 41.13 -6.06 39.34
C ARG L 105 41.25 -5.09 40.51
N LEU L 106 40.11 -4.66 41.04
CA LEU L 106 40.03 -3.70 42.12
C LEU L 106 39.22 -4.27 43.26
N ASP L 107 39.43 -3.74 44.45
CA ASP L 107 38.76 -4.19 45.66
C ASP L 107 38.22 -2.99 46.40
N ILE L 108 37.17 -3.20 47.18
CA ILE L 108 36.57 -2.16 48.01
C ILE L 108 36.92 -2.44 49.47
N SER L 109 37.48 -1.45 50.15
CA SER L 109 37.95 -1.64 51.51
C SER L 109 36.77 -1.58 52.48
N SER L 110 36.57 -2.67 53.22
CA SER L 110 35.50 -2.77 54.22
C SER L 110 34.14 -2.43 53.61
N PHE L 111 33.75 -3.28 52.67
CA PHE L 111 32.51 -3.04 51.92
C PHE L 111 31.30 -2.99 52.84
N PHE L 112 31.16 -3.98 53.71
CA PHE L 112 29.99 -4.06 54.56
C PHE L 112 30.04 -3.06 55.71
N ASN L 113 31.22 -2.74 56.21
CA ASN L 113 31.33 -1.78 57.30
C ASN L 113 31.10 -0.35 56.82
N ASN L 114 31.32 -0.06 55.55
CA ASN L 114 31.16 1.28 55.02
C ASN L 114 29.79 1.53 54.40
N ILE L 115 28.87 0.58 54.50
CA ILE L 115 27.52 0.75 53.99
C ILE L 115 26.74 1.59 55.01
N SER L 116 26.49 2.85 54.67
CA SER L 116 25.74 3.72 55.57
C SER L 116 24.29 3.28 55.63
N PHE L 117 23.72 3.33 56.84
CA PHE L 117 22.33 2.92 57.00
C PHE L 117 21.37 3.91 56.36
N ASP L 118 21.79 5.17 56.21
CA ASP L 118 20.96 6.15 55.51
C ASP L 118 20.77 5.74 54.06
N ASP L 119 21.83 5.27 53.40
CA ASP L 119 21.71 4.79 52.03
C ASP L 119 20.79 3.58 51.95
N VAL L 120 20.85 2.71 52.96
CA VAL L 120 19.96 1.55 52.98
C VAL L 120 18.50 1.99 53.08
N LYS L 121 18.22 2.96 53.96
CA LYS L 121 16.86 3.45 54.08
C LYS L 121 16.38 4.10 52.79
N GLN L 122 17.25 4.90 52.15
CA GLN L 122 16.86 5.52 50.90
C GLN L 122 16.64 4.49 49.80
N SER L 123 17.39 3.39 49.82
CA SER L 123 17.24 2.38 48.79
C SER L 123 15.98 1.56 48.99
N LEU L 124 15.67 1.21 50.24
CA LEU L 124 14.51 0.38 50.52
C LEU L 124 13.21 1.17 50.66
N SER L 125 13.28 2.50 50.69
CA SER L 125 12.06 3.29 50.87
C SER L 125 11.05 3.11 49.74
N PRO L 126 11.41 3.19 48.46
CA PRO L 126 10.36 3.09 47.42
C PRO L 126 9.65 1.76 47.41
N TYR L 127 10.26 0.70 47.93
CA TYR L 127 9.66 -0.62 47.92
C TYR L 127 8.88 -0.94 49.18
N ILE L 128 8.75 0.02 50.10
CA ILE L 128 8.00 -0.15 51.33
C ILE L 128 7.01 0.99 51.46
N LYS L 129 5.76 0.67 51.78
CA LYS L 129 4.73 1.71 51.89
C LYS L 129 5.03 2.65 53.05
N ASP L 130 4.73 3.94 52.84
CA ASP L 130 4.98 4.97 53.84
C ASP L 130 3.78 5.07 54.80
N GLU L 131 3.70 4.08 55.69
CA GLU L 131 2.63 3.99 56.65
C GLU L 131 3.19 4.01 58.07
N TYR L 132 2.28 4.09 59.03
CA TYR L 132 2.63 3.96 60.45
C TYR L 132 2.26 2.56 60.91
N LEU L 133 3.25 1.77 61.33
CA LEU L 133 2.96 0.41 61.75
C LEU L 133 2.28 0.36 63.10
N ILE L 134 2.76 1.15 64.06
CA ILE L 134 2.30 1.09 65.44
C ILE L 134 1.83 2.48 65.83
N GLY L 135 0.52 2.69 65.77
CA GLY L 135 -0.05 3.97 66.18
C GLY L 135 0.55 5.10 65.36
N THR L 136 1.15 6.06 66.07
CA THR L 136 1.91 7.14 65.46
C THR L 136 3.29 7.21 66.09
N GLU L 137 3.79 6.05 66.55
CA GLU L 137 5.08 5.97 67.24
C GLU L 137 6.19 5.49 66.32
N GLN L 138 6.01 4.32 65.69
CA GLN L 138 7.03 3.70 64.86
C GLN L 138 6.47 3.42 63.47
N LYS L 139 7.30 3.67 62.47
CA LYS L 139 6.91 3.43 61.09
C LYS L 139 7.23 1.98 60.69
N LEU L 140 6.54 1.52 59.65
CA LEU L 140 6.78 0.17 59.15
C LEU L 140 8.20 0.02 58.63
N ILE L 141 8.68 1.01 57.88
CA ILE L 141 10.03 0.96 57.32
C ILE L 141 11.06 0.95 58.45
N ASP L 142 10.83 1.73 59.49
CA ASP L 142 11.76 1.75 60.61
C ASP L 142 11.76 0.41 61.35
N ALA L 143 10.60 -0.24 61.44
CA ALA L 143 10.55 -1.56 62.07
C ALA L 143 11.33 -2.58 61.25
N ILE L 144 11.19 -2.55 59.93
CA ILE L 144 11.93 -3.48 59.08
C ILE L 144 13.43 -3.21 59.18
N LEU L 145 13.81 -1.94 59.21
CA LEU L 145 15.22 -1.60 59.37
C LEU L 145 15.74 -2.06 60.73
N ASN L 146 14.91 -1.95 61.77
CA ASN L 146 15.24 -2.55 63.06
C ASN L 146 15.53 -4.03 62.90
N SER L 147 14.73 -4.70 62.08
CA SER L 147 14.96 -6.11 61.82
C SER L 147 16.31 -6.34 61.15
N VAL L 148 16.69 -5.47 60.20
CA VAL L 148 17.90 -5.71 59.42
C VAL L 148 19.14 -5.06 60.04
N GLY L 149 18.99 -4.00 60.83
CA GLY L 149 20.12 -3.22 61.29
C GLY L 149 20.66 -3.68 62.64
N TYR L 150 21.75 -3.04 63.05
CA TYR L 150 22.40 -3.33 64.32
C TYR L 150 23.32 -2.18 64.70
N GLU L 151 23.55 -2.02 66.00
CA GLU L 151 24.54 -1.08 66.53
C GLU L 151 25.66 -1.91 67.12
N SER L 152 26.87 -1.72 66.61
CA SER L 152 28.02 -2.47 67.12
C SER L 152 28.46 -1.89 68.44
N PRO L 153 28.48 -2.68 69.52
CA PRO L 153 29.01 -2.15 70.79
C PRO L 153 30.49 -1.83 70.73
N ILE L 154 31.23 -2.48 69.84
CA ILE L 154 32.65 -2.16 69.68
C ILE L 154 32.82 -0.73 69.20
N ARG L 155 32.03 -0.34 68.19
CA ARG L 155 32.10 0.99 67.60
C ARG L 155 30.71 1.62 67.70
N LYS L 156 30.49 2.39 68.76
CA LYS L 156 29.23 3.11 68.95
C LYS L 156 29.18 4.41 68.15
N ASP L 157 30.29 4.84 67.56
CA ASP L 157 30.31 6.10 66.84
C ASP L 157 29.41 6.06 65.61
N LYS L 158 29.43 4.94 64.88
CA LYS L 158 28.65 4.84 63.66
C LYS L 158 27.17 4.54 63.88
N GLY L 159 26.80 4.09 65.08
CA GLY L 159 25.40 3.79 65.34
C GLY L 159 24.94 2.59 64.53
N MET L 160 23.96 2.82 63.66
CA MET L 160 23.45 1.76 62.79
C MET L 160 24.54 1.25 61.86
N ILE L 161 24.70 -0.08 61.83
CA ILE L 161 25.70 -0.73 61.00
C ILE L 161 25.10 -2.03 60.49
N ILE L 162 25.39 -2.36 59.23
CA ILE L 162 25.07 -3.66 58.65
C ILE L 162 26.28 -4.57 58.89
N PRO L 163 26.11 -5.63 59.71
CA PRO L 163 27.21 -6.49 60.06
C PRO L 163 27.31 -7.74 59.20
N MET L 164 28.55 -8.22 59.07
CA MET L 164 28.72 -9.44 58.30
C MET L 164 28.18 -10.57 59.15
N GLY L 165 27.69 -11.63 58.54
CA GLY L 165 27.14 -12.82 59.13
C GLY L 165 25.66 -12.80 59.40
N PHE L 166 24.98 -11.67 59.20
CA PHE L 166 23.55 -11.65 59.40
C PHE L 166 22.83 -12.36 58.27
N ARG L 167 21.53 -12.57 58.47
CA ARG L 167 20.69 -13.21 57.46
C ARG L 167 20.62 -12.37 56.20
N THR L 168 20.45 -11.05 56.35
CA THR L 168 20.02 -10.17 55.27
C THR L 168 21.15 -9.29 54.75
N SER L 169 22.35 -9.35 55.33
CA SER L 169 23.41 -8.40 54.94
C SER L 169 23.82 -8.50 53.48
N PRO L 170 24.03 -9.69 52.89
CA PRO L 170 24.49 -9.70 51.48
C PRO L 170 23.50 -9.11 50.50
N ALA L 171 22.23 -9.50 50.59
CA ALA L 171 21.24 -9.00 49.66
C ALA L 171 21.05 -7.50 49.82
N ILE L 172 21.03 -7.01 51.06
CA ILE L 172 20.91 -5.58 51.29
C ILE L 172 22.11 -4.83 50.71
N SER L 173 23.30 -5.43 50.83
CA SER L 173 24.48 -4.84 50.22
C SER L 173 24.32 -4.74 48.70
N ASN L 174 23.82 -5.79 48.08
CA ASN L 174 23.61 -5.75 46.63
C ASN L 174 22.61 -4.67 46.24
N ILE L 175 21.51 -4.57 46.98
CA ILE L 175 20.50 -3.57 46.64
C ILE L 175 21.05 -2.16 46.82
N VAL L 176 21.77 -1.92 47.91
CA VAL L 176 22.28 -0.57 48.15
C VAL L 176 23.38 -0.22 47.15
N PHE L 177 24.13 -1.22 46.67
CA PHE L 177 25.20 -0.97 45.72
C PHE L 177 24.77 -1.04 44.27
N ARG L 178 23.50 -1.35 44.01
CA ARG L 178 23.00 -1.30 42.63
C ARG L 178 23.25 0.05 41.98
N LYS L 179 23.21 1.13 42.74
CA LYS L 179 23.45 2.45 42.19
C LYS L 179 24.84 2.57 41.60
N MET L 180 25.86 2.19 42.39
CA MET L 180 27.22 2.22 41.87
C MET L 180 27.44 1.16 40.81
N ASP L 181 26.75 0.03 40.88
CA ASP L 181 26.83 -0.94 39.79
C ASP L 181 26.41 -0.31 38.49
N LEU L 182 25.29 0.41 38.50
CA LEU L 182 24.82 1.07 37.28
C LEU L 182 25.81 2.13 36.81
N LEU L 183 26.31 2.95 37.74
CA LEU L 183 27.21 4.03 37.34
C LEU L 183 28.51 3.48 36.74
N ILE L 184 29.12 2.50 37.41
CA ILE L 184 30.38 1.94 36.93
C ILE L 184 30.15 1.18 35.63
N GLN L 185 29.03 0.47 35.51
CA GLN L 185 28.74 -0.24 34.27
C GLN L 185 28.61 0.73 33.11
N ASP L 186 27.90 1.84 33.32
CA ASP L 186 27.76 2.83 32.26
C ASP L 186 29.12 3.42 31.87
N PHE L 187 29.93 3.77 32.86
CA PHE L 187 31.24 4.35 32.56
C PHE L 187 32.10 3.37 31.78
N CYS L 188 32.21 2.14 32.26
CA CYS L 188 33.07 1.16 31.61
C CYS L 188 32.58 0.85 30.21
N ALA L 189 31.27 0.73 30.02
CA ALA L 189 30.74 0.42 28.70
C ALA L 189 30.97 1.56 27.73
N LYS L 190 30.83 2.81 28.18
CA LYS L 190 31.16 3.92 27.31
C LYS L 190 32.66 3.98 27.01
N LYS L 191 33.48 3.39 27.87
CA LYS L 191 34.91 3.25 27.57
C LYS L 191 35.23 1.97 26.82
N GLY L 192 34.24 1.10 26.59
CA GLY L 192 34.50 -0.15 25.90
C GLY L 192 35.03 -1.28 26.75
N VAL L 193 34.95 -1.16 28.06
CA VAL L 193 35.52 -2.14 28.99
C VAL L 193 34.41 -3.02 29.55
N ILE L 194 34.65 -4.32 29.59
CA ILE L 194 33.72 -5.27 30.19
C ILE L 194 33.91 -5.23 31.70
N TYR L 195 32.82 -5.04 32.43
CA TYR L 195 32.86 -4.88 33.88
C TYR L 195 31.99 -5.93 34.55
N SER L 196 32.49 -6.48 35.66
CA SER L 196 31.68 -7.38 36.46
C SER L 196 32.12 -7.25 37.92
N ARG L 197 31.24 -7.64 38.83
CA ARG L 197 31.51 -7.47 40.25
C ARG L 197 31.01 -8.67 41.04
N TYR L 198 31.82 -9.13 41.97
CA TYR L 198 31.47 -10.20 42.90
C TYR L 198 31.74 -9.69 44.30
N ALA L 199 30.67 -9.43 45.06
CA ALA L 199 30.75 -8.78 46.36
C ALA L 199 31.44 -7.43 46.22
N ASP L 200 32.63 -7.30 46.80
CA ASP L 200 33.39 -6.07 46.72
C ASP L 200 34.49 -6.12 45.66
N ASP L 201 34.65 -7.24 44.97
CA ASP L 201 35.73 -7.43 44.03
C ASP L 201 35.23 -7.08 42.63
N MET L 202 35.83 -6.06 42.03
CA MET L 202 35.43 -5.62 40.69
C MET L 202 36.49 -6.03 39.68
N LEU L 203 36.06 -6.61 38.56
CA LEU L 203 36.95 -7.04 37.51
C LEU L 203 36.59 -6.32 36.22
N PHE L 204 37.59 -5.71 35.58
CA PHE L 204 37.44 -5.03 34.31
C PHE L 204 38.38 -5.66 33.30
N SER L 205 37.93 -5.72 32.05
CA SER L 205 38.75 -6.26 30.98
C SER L 205 38.56 -5.45 29.71
N ASN L 206 39.67 -5.09 29.07
CA ASN L 206 39.65 -4.37 27.81
C ASN L 206 39.97 -5.32 26.68
N PRO L 207 39.06 -5.53 25.73
CA PRO L 207 39.34 -6.44 24.62
C PRO L 207 40.19 -5.81 23.53
N ARG L 208 40.13 -4.49 23.41
CA ARG L 208 40.93 -3.83 22.39
C ARG L 208 42.39 -3.78 22.83
N GLU L 209 43.23 -3.26 21.94
CA GLU L 209 44.65 -3.08 22.24
C GLU L 209 44.85 -1.65 22.73
N SER L 210 44.95 -1.50 24.04
CA SER L 210 45.10 -0.17 24.64
C SER L 210 45.64 -0.34 26.05
N LYS L 211 46.19 0.74 26.59
CA LYS L 211 46.75 0.77 27.92
C LYS L 211 45.80 1.40 28.94
N LEU L 212 44.49 1.39 28.66
CA LEU L 212 43.55 2.12 29.50
C LEU L 212 43.51 1.56 30.90
N LEU L 213 43.47 0.24 31.04
CA LEU L 213 43.38 -0.38 32.36
C LEU L 213 44.68 -0.25 33.15
N MET L 214 45.78 0.16 32.52
CA MET L 214 47.05 0.29 33.22
C MET L 214 47.31 1.71 33.70
N SER L 215 46.65 2.70 33.11
CA SER L 215 46.87 4.08 33.50
C SER L 215 46.28 4.35 34.87
N ASP L 216 46.78 5.41 35.50
CA ASP L 216 46.21 5.83 36.78
C ASP L 216 44.86 6.51 36.59
N TYR L 217 44.53 6.92 35.37
CA TYR L 217 43.26 7.59 35.14
C TYR L 217 42.08 6.68 35.44
N PHE L 218 42.18 5.40 35.07
CA PHE L 218 41.08 4.48 35.31
C PHE L 218 40.83 4.30 36.79
N ILE L 219 41.91 4.11 37.57
CA ILE L 219 41.75 3.97 39.01
C ILE L 219 41.19 5.24 39.61
N ASP L 220 41.67 6.40 39.14
CA ASP L 220 41.15 7.66 39.65
C ASP L 220 39.65 7.79 39.37
N GLU L 221 39.22 7.40 38.17
CA GLU L 221 37.82 7.53 37.82
C GLU L 221 36.94 6.58 38.61
N ILE L 222 37.39 5.34 38.81
CA ILE L 222 36.62 4.39 39.61
C ILE L 222 36.55 4.86 41.06
N SER L 223 37.63 5.40 41.59
CA SER L 223 37.60 5.94 42.94
C SER L 223 36.65 7.12 43.03
N SER L 224 36.64 7.98 42.02
CA SER L 224 35.74 9.12 42.01
C SER L 224 34.28 8.67 42.00
N LEU L 225 33.97 7.64 41.20
CA LEU L 225 32.62 7.11 41.19
C LEU L 225 32.24 6.50 42.54
N LEU L 226 33.16 5.75 43.15
CA LEU L 226 32.87 5.13 44.44
C LEU L 226 32.70 6.16 45.54
N SER L 227 33.35 7.33 45.40
CA SER L 227 33.30 8.33 46.46
C SER L 227 31.90 8.91 46.66
N ILE L 228 30.98 8.71 45.71
CA ILE L 228 29.66 9.29 45.83
C ILE L 228 28.94 8.77 47.06
N MET L 229 28.99 7.46 47.30
CA MET L 229 28.38 6.86 48.48
C MET L 229 29.39 6.53 49.57
N GLY L 230 30.62 7.00 49.47
CA GLY L 230 31.55 6.95 50.57
C GLY L 230 32.48 5.76 50.60
N PHE L 231 32.60 5.01 49.51
CA PHE L 231 33.47 3.85 49.49
C PHE L 231 34.89 4.23 49.11
N ASN L 232 35.82 3.29 49.32
CA ASN L 232 37.22 3.50 49.02
C ASN L 232 37.79 2.26 48.34
N ILE L 233 38.84 2.45 47.57
CA ILE L 233 39.51 1.37 46.85
C ILE L 233 40.69 0.90 47.68
N ASN L 234 40.79 -0.42 47.88
CA ASN L 234 41.91 -1.01 48.58
C ASN L 234 43.10 -1.06 47.63
N GLN L 235 44.09 -0.21 47.86
CA GLN L 235 45.23 -0.10 46.95
C GLN L 235 46.20 -1.25 47.06
N SER L 236 46.12 -2.06 48.11
CA SER L 236 47.00 -3.22 48.23
C SER L 236 46.57 -4.35 47.31
N LYS L 237 45.30 -4.40 46.92
CA LYS L 237 44.77 -5.48 46.11
C LYS L 237 44.57 -5.08 44.65
N TYR L 238 45.07 -3.92 44.25
CA TYR L 238 44.91 -3.46 42.87
C TYR L 238 45.88 -4.19 41.95
N ILE L 239 45.34 -4.82 40.91
CA ILE L 239 46.15 -5.63 40.00
C ILE L 239 45.86 -5.20 38.57
N SER L 240 46.89 -5.16 37.73
CA SER L 240 46.74 -4.84 36.32
C SER L 240 47.73 -5.66 35.51
N ARG L 241 47.26 -6.34 34.48
CA ARG L 241 48.14 -7.22 33.71
C ARG L 241 47.65 -7.35 32.27
N GLU L 242 48.52 -7.85 31.41
CA GLU L 242 48.23 -8.04 30.00
C GLU L 242 48.28 -9.52 29.64
N LYS L 243 47.32 -9.95 28.83
CA LYS L 243 47.33 -11.24 28.15
C LYS L 243 47.10 -12.42 29.09
N GLU L 244 47.11 -12.18 30.39
CA GLU L 244 46.76 -13.20 31.36
C GLU L 244 46.73 -12.58 32.75
N ILE L 245 45.86 -13.13 33.60
CA ILE L 245 45.77 -12.73 35.00
C ILE L 245 45.47 -13.96 35.84
N SER L 246 46.04 -14.01 37.03
CA SER L 246 45.87 -15.12 37.96
C SER L 246 45.11 -14.60 39.16
N ILE L 247 43.79 -14.60 39.06
CA ILE L 247 42.92 -14.00 40.08
C ILE L 247 42.63 -15.11 41.09
N ASN L 248 43.30 -15.04 42.24
CA ASN L 248 43.01 -15.89 43.38
C ASN L 248 43.06 -17.38 43.01
N GLY L 249 43.87 -17.72 42.00
CA GLY L 249 44.00 -19.08 41.53
C GLY L 249 43.44 -19.32 40.14
N TYR L 250 42.31 -18.70 39.81
CA TYR L 250 41.70 -18.84 38.50
C TYR L 250 42.51 -18.02 37.50
N VAL L 251 43.00 -18.66 36.44
CA VAL L 251 43.86 -17.99 35.47
C VAL L 251 43.06 -17.77 34.19
N ILE L 252 42.98 -16.51 33.77
CA ILE L 252 42.40 -16.14 32.48
C ILE L 252 43.56 -15.79 31.56
N GLU L 253 43.50 -16.29 30.33
CA GLU L 253 44.57 -16.01 29.36
C GLU L 253 43.96 -15.71 28.00
N ASN L 254 44.47 -14.66 27.35
CA ASN L 254 44.02 -14.31 26.00
C ASN L 254 45.18 -13.60 25.30
N LYS L 255 45.97 -14.37 24.53
CA LYS L 255 47.12 -13.79 23.86
C LYS L 255 46.72 -13.01 22.62
N GLY L 256 45.64 -13.41 21.95
CA GLY L 256 45.30 -12.87 20.65
C GLY L 256 44.87 -11.42 20.70
N GLY L 257 44.64 -10.88 19.50
CA GLY L 257 44.21 -9.51 19.35
C GLY L 257 42.78 -9.38 18.93
N ASN L 258 42.53 -9.00 17.68
CA ASN L 258 41.18 -8.76 17.21
C ASN L 258 40.40 -10.07 17.17
N GLY L 259 39.26 -10.11 17.83
CA GLY L 259 38.38 -11.26 17.77
C GLY L 259 38.97 -12.53 18.32
N SER L 260 39.54 -12.48 19.52
CA SER L 260 40.12 -13.66 20.15
C SER L 260 39.33 -14.02 21.40
N ILE L 261 39.28 -15.32 21.69
CA ILE L 261 38.55 -15.84 22.84
C ILE L 261 39.56 -16.45 23.80
N GLY L 262 39.56 -15.97 25.04
CA GLY L 262 40.48 -16.45 26.04
C GLY L 262 40.05 -17.76 26.66
N THR L 263 40.90 -18.27 27.54
CA THR L 263 40.66 -19.54 28.23
C THR L 263 40.78 -19.32 29.73
N ILE L 264 39.90 -19.96 30.48
CA ILE L 264 39.92 -19.93 31.94
C ILE L 264 40.33 -21.30 32.43
N ARG L 265 41.40 -21.36 33.22
CA ARG L 265 41.87 -22.60 33.82
C ARG L 265 42.12 -22.36 35.30
N LEU L 266 42.60 -23.38 35.98
CA LEU L 266 42.98 -23.27 37.38
C LEU L 266 44.49 -23.44 37.50
N SER L 267 45.11 -22.56 38.28
CA SER L 267 46.55 -22.66 38.48
C SER L 267 46.87 -23.87 39.34
N LYS L 268 48.16 -24.23 39.36
CA LYS L 268 48.59 -25.36 40.16
C LYS L 268 48.40 -25.11 41.65
N SER L 269 48.31 -23.84 42.07
CA SER L 269 48.06 -23.54 43.48
C SER L 269 46.72 -24.08 43.93
N LYS L 270 45.68 -23.89 43.12
CA LYS L 270 44.37 -24.42 43.49
C LYS L 270 44.37 -25.94 43.52
N LEU L 271 44.99 -26.57 42.53
CA LEU L 271 45.01 -28.03 42.46
C LEU L 271 45.98 -28.65 43.46
N ASN L 272 46.79 -27.85 44.14
CA ASN L 272 47.83 -28.39 45.00
C ASN L 272 47.25 -29.26 46.11
N THR L 273 46.26 -28.73 46.83
CA THR L 273 45.73 -29.45 47.98
C THR L 273 45.04 -30.75 47.55
N VAL L 274 44.24 -30.71 46.49
CA VAL L 274 43.53 -31.91 46.08
C VAL L 274 44.49 -32.96 45.54
N LEU L 275 45.50 -32.54 44.77
CA LEU L 275 46.48 -33.49 44.29
C LEU L 275 47.25 -34.13 45.46
N LYS L 276 47.61 -33.33 46.46
CA LYS L 276 48.31 -33.87 47.61
C LYS L 276 47.42 -34.82 48.40
N VAL L 277 46.13 -34.52 48.51
CA VAL L 277 45.22 -35.41 49.21
C VAL L 277 45.09 -36.74 48.47
N THR L 278 44.96 -36.70 47.14
CA THR L 278 44.88 -37.93 46.37
C THR L 278 46.16 -38.75 46.51
N HIS L 279 47.32 -38.08 46.46
CA HIS L 279 48.58 -38.79 46.63
C HIS L 279 48.69 -39.42 48.02
N ALA L 280 48.25 -38.69 49.05
CA ALA L 280 48.30 -39.24 50.41
C ALA L 280 47.37 -40.45 50.54
N LEU L 281 46.18 -40.37 49.94
CA LEU L 281 45.27 -41.51 49.99
C LEU L 281 45.84 -42.71 49.23
N ALA L 282 46.55 -42.46 48.13
CA ALA L 282 47.25 -43.56 47.46
C ALA L 282 48.41 -44.09 48.29
N GLN L 283 48.96 -43.27 49.18
CA GLN L 283 50.09 -43.65 50.01
C GLN L 283 49.68 -44.41 51.27
N ASN L 284 48.37 -44.57 51.51
CA ASN L 284 47.82 -45.33 52.63
C ASN L 284 48.15 -44.74 54.00
N ILE L 285 48.58 -43.48 54.04
CA ILE L 285 48.66 -42.73 55.30
C ILE L 285 47.24 -42.61 55.87
N PRO L 286 47.06 -42.87 57.20
CA PRO L 286 45.71 -42.91 57.81
C PRO L 286 44.82 -41.69 57.61
N TYR L 287 43.53 -41.88 57.86
CA TYR L 287 42.59 -40.80 57.60
C TYR L 287 42.76 -39.65 58.58
N LYS L 288 43.14 -39.95 59.82
CA LYS L 288 43.34 -38.88 60.81
C LYS L 288 44.43 -37.93 60.38
N ASN L 289 45.56 -38.47 59.91
CA ASN L 289 46.66 -37.63 59.44
C ASN L 289 46.28 -36.85 58.21
N ILE L 290 45.52 -37.47 57.29
CA ILE L 290 45.08 -36.77 56.09
C ILE L 290 44.21 -35.58 56.46
N CYS L 291 43.26 -35.80 57.37
CA CYS L 291 42.35 -34.73 57.76
C CYS L 291 43.10 -33.62 58.49
N ASN L 292 44.01 -33.98 59.39
CA ASN L 292 44.69 -32.96 60.19
C ASN L 292 45.69 -32.16 59.37
N LYS L 293 46.52 -32.85 58.58
CA LYS L 293 47.66 -32.21 57.94
C LYS L 293 47.23 -31.28 56.81
N TYR L 294 46.32 -31.73 55.95
CA TYR L 294 45.97 -30.98 54.75
C TYR L 294 44.64 -30.24 54.87
N ILE L 295 43.64 -30.86 55.50
CA ILE L 295 42.30 -30.30 55.46
C ILE L 295 42.02 -29.41 56.66
N LYS L 296 42.81 -29.53 57.73
CA LYS L 296 42.61 -28.76 58.96
C LYS L 296 41.24 -29.01 59.57
N VAL L 297 40.75 -30.24 59.45
CA VAL L 297 39.52 -30.67 60.10
C VAL L 297 39.89 -31.70 61.16
N ARG L 298 39.37 -31.51 62.37
CA ARG L 298 39.71 -32.40 63.46
C ARG L 298 38.50 -32.51 64.39
N LEU L 299 38.48 -33.59 65.18
CA LEU L 299 37.43 -33.84 66.15
C LEU L 299 37.97 -33.48 67.54
N LYS L 300 37.58 -32.32 68.04
CA LYS L 300 37.98 -31.92 69.38
C LYS L 300 37.31 -32.81 70.43
N GLU L 301 38.05 -33.12 71.49
CA GLU L 301 37.54 -34.04 72.51
C GLU L 301 36.30 -33.49 73.20
N LYS L 302 36.17 -32.17 73.29
CA LYS L 302 34.99 -31.57 73.90
C LYS L 302 33.76 -31.69 73.02
N ASN L 303 33.90 -32.10 71.76
CA ASN L 303 32.79 -32.19 70.82
C ASN L 303 32.25 -33.60 70.69
N ILE L 304 32.67 -34.52 71.56
CA ILE L 304 32.18 -35.90 71.50
C ILE L 304 30.73 -35.91 72.00
N LYS L 305 29.81 -36.37 71.15
CA LYS L 305 28.40 -36.33 71.48
C LYS L 305 28.08 -37.27 72.64
N TYR L 306 28.50 -38.52 72.55
CA TYR L 306 28.20 -39.54 73.55
C TYR L 306 29.47 -40.26 73.94
N GLU L 307 29.51 -40.71 75.19
CA GLU L 307 30.67 -41.41 75.73
C GLU L 307 30.55 -42.92 75.60
N SER L 308 29.52 -43.41 74.91
CA SER L 308 29.35 -44.86 74.77
C SER L 308 30.51 -45.47 73.99
N LYS L 309 30.89 -44.86 72.88
CA LYS L 309 32.01 -45.32 72.08
C LYS L 309 32.80 -44.13 71.57
N LYS L 310 34.13 -44.25 71.60
CA LYS L 310 35.01 -43.16 71.22
C LYS L 310 35.83 -43.47 69.98
N ASP L 311 36.58 -44.58 69.98
CA ASP L 311 37.49 -44.88 68.88
C ASP L 311 36.71 -45.11 67.59
N GLU L 312 35.65 -45.92 67.65
CA GLU L 312 34.82 -46.12 66.47
C GLU L 312 34.14 -44.83 66.04
N PHE L 313 33.73 -44.01 67.01
CA PHE L 313 33.16 -42.71 66.68
C PHE L 313 34.16 -41.84 65.94
N GLU L 314 35.41 -41.79 66.41
CA GLU L 314 36.42 -40.97 65.75
C GLU L 314 36.73 -41.50 64.35
N LYS L 315 36.78 -42.82 64.20
CA LYS L 315 37.03 -43.41 62.87
C LYS L 315 35.90 -43.06 61.91
N LYS L 316 34.65 -43.18 62.37
CA LYS L 316 33.51 -42.84 61.54
C LYS L 316 33.52 -41.36 61.19
N TYR L 317 33.84 -40.50 62.16
CA TYR L 317 33.86 -39.06 61.88
C TYR L 317 34.93 -38.71 60.86
N TYR L 318 36.12 -39.29 60.99
CA TYR L 318 37.17 -38.99 60.02
C TYR L 318 36.82 -39.52 58.64
N ARG L 319 36.21 -40.70 58.58
CA ARG L 319 35.74 -41.21 57.29
C ARG L 319 34.68 -40.31 56.69
N ASP L 320 33.76 -39.81 57.52
CA ASP L 320 32.74 -38.88 57.04
C ASP L 320 33.35 -37.59 56.53
N GLN L 321 34.35 -37.06 57.24
CA GLN L 321 35.00 -35.84 56.78
C GLN L 321 35.71 -36.07 55.46
N LEU L 322 36.37 -37.23 55.30
CA LEU L 322 37.06 -37.49 54.05
C LEU L 322 36.08 -37.65 52.89
N ILE L 323 35.01 -38.41 53.10
CA ILE L 323 34.02 -38.59 52.03
C ILE L 323 33.40 -37.25 51.67
N ASN L 324 33.11 -36.43 52.67
CA ASN L 324 32.53 -35.11 52.41
C ASN L 324 33.49 -34.23 51.62
N TYR L 325 34.78 -34.23 51.98
CA TYR L 325 35.73 -33.41 51.25
C TYR L 325 35.87 -33.86 49.81
N LEU L 326 35.98 -35.17 49.59
CA LEU L 326 36.14 -35.66 48.22
C LEU L 326 34.90 -35.32 47.39
N GLY L 327 33.72 -35.51 47.96
CA GLY L 327 32.50 -35.14 47.25
C GLY L 327 32.46 -33.66 46.95
N GLY L 328 32.89 -32.82 47.89
CA GLY L 328 32.85 -31.39 47.66
C GLY L 328 33.80 -30.93 46.57
N TYR L 329 35.03 -31.45 46.57
CA TYR L 329 35.97 -31.06 45.53
C TYR L 329 35.55 -31.60 44.17
N ARG L 330 34.99 -32.82 44.15
CA ARG L 330 34.43 -33.34 42.90
C ARG L 330 33.31 -32.46 42.40
N SER L 331 32.45 -31.98 43.31
CA SER L 331 31.35 -31.10 42.92
C SER L 331 31.87 -29.79 42.36
N TYR L 332 32.92 -29.24 42.97
CA TYR L 332 33.53 -28.01 42.47
C TYR L 332 34.07 -28.22 41.05
N LEU L 333 34.75 -29.34 40.84
CA LEU L 333 35.34 -29.55 39.52
C LEU L 333 34.27 -29.85 38.47
N ILE L 334 33.17 -30.50 38.83
CA ILE L 334 32.12 -30.68 37.83
C ILE L 334 31.39 -29.36 37.61
N SER L 335 31.36 -28.48 38.61
CA SER L 335 30.85 -27.14 38.34
C SER L 335 31.68 -26.47 37.25
N LEU L 336 33.01 -26.61 37.35
CA LEU L 336 33.89 -26.10 36.30
C LEU L 336 33.60 -26.76 34.96
N VAL L 337 33.41 -28.08 34.96
CA VAL L 337 33.19 -28.81 33.71
C VAL L 337 31.88 -28.39 33.04
N LYS L 338 30.81 -28.27 33.83
CA LYS L 338 29.53 -27.82 33.29
C LYS L 338 29.63 -26.40 32.76
N PHE L 339 30.34 -25.53 33.49
CA PHE L 339 30.55 -24.18 33.01
C PHE L 339 31.26 -24.19 31.65
N HIS L 340 32.26 -25.04 31.50
CA HIS L 340 32.91 -25.18 30.21
C HIS L 340 31.94 -25.67 29.15
N SER L 341 31.20 -26.73 29.45
CA SER L 341 30.32 -27.34 28.45
C SER L 341 29.24 -26.38 28.00
N GLU L 342 28.84 -25.45 28.86
CA GLU L 342 27.79 -24.52 28.50
C GLU L 342 28.34 -23.23 27.89
N TYR L 343 29.59 -22.85 28.19
CA TYR L 343 30.16 -21.65 27.62
C TYR L 343 31.33 -21.88 26.67
N LYS L 344 32.01 -23.02 26.75
CA LYS L 344 33.15 -23.34 25.89
C LYS L 344 34.23 -22.27 26.01
N CYS L 345 34.79 -22.16 27.22
CA CYS L 345 35.82 -21.18 27.50
C CYS L 345 36.96 -21.70 28.37
N VAL L 346 36.99 -22.99 28.69
CA VAL L 346 38.02 -23.57 29.53
C VAL L 346 39.05 -24.26 28.64
N ASN L 347 40.31 -24.21 29.07
CA ASN L 347 41.39 -24.78 28.29
C ASN L 347 41.19 -26.28 28.08
N SER L 348 41.47 -26.75 26.87
CA SER L 348 41.23 -28.14 26.53
C SER L 348 42.17 -29.08 27.28
N ASP L 349 43.46 -28.76 27.33
CA ASP L 349 44.39 -29.58 28.08
C ASP L 349 44.04 -29.58 29.56
N PHE L 350 43.60 -28.42 30.07
CA PHE L 350 43.12 -28.38 31.44
C PHE L 350 41.87 -29.23 31.61
N ILE L 351 41.03 -29.30 30.58
CA ILE L 351 39.87 -30.19 30.65
C ILE L 351 40.31 -31.63 30.77
N ILE L 352 41.33 -32.02 30.00
CA ILE L 352 41.85 -33.39 30.08
C ILE L 352 42.41 -33.67 31.47
N GLN L 353 43.17 -32.72 32.01
CA GLN L 353 43.71 -32.88 33.36
C GLN L 353 42.59 -33.00 34.38
N ILE L 354 41.53 -32.21 34.22
CA ILE L 354 40.38 -32.30 35.12
C ILE L 354 39.75 -33.68 35.03
N ASN L 355 39.61 -34.22 33.80
CA ASN L 355 39.01 -35.53 33.66
C ASN L 355 39.84 -36.60 34.36
N GLY L 356 41.17 -36.54 34.20
CA GLY L 356 42.02 -37.48 34.90
C GLY L 356 41.92 -37.36 36.41
N ILE L 357 41.90 -36.12 36.91
CA ILE L 357 41.76 -35.89 38.35
C ILE L 357 40.44 -36.43 38.85
N LEU L 358 39.36 -36.20 38.09
CA LEU L 358 38.04 -36.67 38.48
C LEU L 358 38.00 -38.18 38.53
N ASN L 359 38.60 -38.86 37.55
CA ASN L 359 38.64 -40.31 37.57
C ASN L 359 39.43 -40.81 38.78
N ASP L 360 40.54 -40.15 39.11
CA ASP L 360 41.30 -40.54 40.30
C ASP L 360 40.48 -40.35 41.56
N ILE L 361 39.75 -39.23 41.66
CA ILE L 361 38.92 -38.97 42.83
C ILE L 361 37.83 -40.03 42.95
N GLN L 362 37.21 -40.40 41.85
CA GLN L 362 36.16 -41.40 41.89
C GLN L 362 36.71 -42.77 42.25
N ASN L 363 37.90 -43.11 41.76
CA ASN L 363 38.53 -44.36 42.15
C ASN L 363 38.84 -44.39 43.65
N HIS L 364 39.36 -43.27 44.18
CA HIS L 364 39.66 -43.21 45.60
C HIS L 364 38.39 -43.27 46.44
N ILE L 365 37.32 -42.63 45.97
CA ILE L 365 36.06 -42.64 46.71
C ILE L 365 35.47 -44.04 46.72
N GLN L 366 35.59 -44.77 45.60
CA GLN L 366 35.12 -46.14 45.57
C GLN L 366 35.95 -47.02 46.50
N LYS L 367 37.28 -46.82 46.52
CA LYS L 367 38.13 -47.58 47.42
C LYS L 367 37.77 -47.31 48.88
N ILE L 368 37.51 -46.05 49.22
CA ILE L 368 37.14 -45.69 50.59
C ILE L 368 35.82 -46.36 50.97
N LYS L 369 34.82 -46.27 50.09
CA LYS L 369 33.52 -46.84 50.42
C LYS L 369 33.58 -48.37 50.46
N LYS L 370 34.50 -48.98 49.72
CA LYS L 370 34.67 -50.43 49.80
C LYS L 370 35.37 -50.84 51.09
N ASN L 371 36.41 -50.09 51.49
CA ASN L 371 37.10 -50.37 52.74
C ASN L 371 36.23 -50.06 53.95
N ARG L 372 35.18 -49.25 53.77
CA ARG L 372 34.24 -49.01 54.85
C ARG L 372 33.60 -50.30 55.34
N ARG L 373 33.26 -51.20 54.43
CA ARG L 373 32.55 -52.43 54.76
C ARG L 373 33.47 -53.55 55.23
N LEU L 374 34.78 -53.35 55.18
CA LEU L 374 35.72 -54.39 55.59
C LEU L 374 36.10 -54.26 57.07
N LYS M 5 -6.17 -29.08 -25.28
CA LYS M 5 -5.67 -29.16 -26.65
C LYS M 5 -6.71 -29.74 -27.60
N MET M 6 -6.95 -29.05 -28.71
CA MET M 6 -7.91 -29.52 -29.69
C MET M 6 -7.36 -30.77 -30.38
N ILE M 7 -8.23 -31.76 -30.57
CA ILE M 7 -7.82 -32.98 -31.26
C ILE M 7 -7.50 -32.67 -32.70
N LEU M 8 -6.45 -33.32 -33.23
CA LEU M 8 -6.07 -33.16 -34.63
C LEU M 8 -5.63 -34.51 -35.15
N VAL M 9 -6.40 -35.07 -36.08
CA VAL M 9 -6.08 -36.34 -36.71
C VAL M 9 -5.35 -36.04 -38.02
N ASP M 10 -4.16 -36.61 -38.18
CA ASP M 10 -3.36 -36.45 -39.38
C ASP M 10 -3.16 -37.82 -40.03
N LYS M 11 -2.30 -37.85 -41.05
CA LYS M 11 -2.11 -39.08 -41.83
C LYS M 11 -1.59 -40.21 -40.95
N VAL M 12 -0.62 -39.92 -40.09
CA VAL M 12 -0.08 -40.95 -39.20
C VAL M 12 -1.15 -41.44 -38.23
N PHE M 13 -2.00 -40.52 -37.75
CA PHE M 13 -3.07 -40.90 -36.84
C PHE M 13 -4.05 -41.85 -37.52
N TYR M 14 -4.41 -41.58 -38.77
CA TYR M 14 -5.31 -42.46 -39.48
C TYR M 14 -4.63 -43.81 -39.74
N GLU M 15 -3.37 -43.79 -40.16
CA GLU M 15 -2.69 -45.03 -40.52
C GLU M 15 -2.54 -45.95 -39.31
N LYS M 16 -2.08 -45.39 -38.19
CA LYS M 16 -1.76 -46.22 -37.03
C LYS M 16 -3.00 -46.54 -36.21
N ILE M 17 -3.65 -45.52 -35.66
CA ILE M 17 -4.66 -45.73 -34.64
C ILE M 17 -6.02 -46.07 -35.24
N LEU M 18 -6.42 -45.42 -36.33
CA LEU M 18 -7.76 -45.61 -36.85
C LEU M 18 -7.84 -46.79 -37.82
N SER M 19 -7.06 -46.75 -38.90
CA SER M 19 -7.15 -47.80 -39.91
C SER M 19 -6.72 -49.15 -39.35
N VAL M 20 -5.63 -49.18 -38.60
CA VAL M 20 -5.07 -50.39 -38.00
C VAL M 20 -4.86 -51.43 -39.09
N GLU M 21 -5.81 -52.36 -39.24
CA GLU M 21 -5.75 -53.39 -40.27
C GLU M 21 -6.93 -53.38 -41.22
N SER M 22 -7.97 -52.58 -40.94
CA SER M 22 -9.16 -52.62 -41.77
C SER M 22 -8.87 -52.16 -43.19
N PHE M 23 -8.03 -51.14 -43.34
CA PHE M 23 -7.68 -50.60 -44.66
C PHE M 23 -6.17 -50.60 -44.84
N LYS M 24 -5.52 -51.69 -44.44
CA LYS M 24 -4.08 -51.82 -44.66
C LYS M 24 -3.75 -51.93 -46.14
N GLU M 25 -4.51 -52.77 -46.87
CA GLU M 25 -4.25 -52.95 -48.29
C GLU M 25 -4.45 -51.66 -49.06
N ASN M 26 -5.51 -50.92 -48.75
CA ASN M 26 -5.78 -49.69 -49.48
C ASN M 26 -4.74 -48.61 -49.18
N ILE M 27 -4.09 -48.70 -48.02
CA ILE M 27 -3.11 -47.68 -47.67
C ILE M 27 -1.70 -48.04 -48.11
N ILE M 28 -1.41 -49.33 -48.31
CA ILE M 28 -0.08 -49.70 -48.79
C ILE M 28 -0.04 -49.69 -50.31
N THR M 29 -1.16 -50.03 -50.96
CA THR M 29 -1.23 -50.05 -52.41
C THR M 29 -1.55 -48.70 -53.02
N GLN M 30 -1.76 -47.67 -52.20
CA GLN M 30 -2.07 -46.32 -52.66
C GLN M 30 -3.32 -46.31 -53.54
N SER M 31 -4.30 -47.13 -53.18
CA SER M 31 -5.58 -47.17 -53.87
C SER M 31 -6.63 -46.44 -53.03
N ALA M 32 -7.48 -45.67 -53.70
CA ALA M 32 -8.45 -44.84 -53.00
C ALA M 32 -9.44 -45.69 -52.22
N ILE M 33 -9.70 -45.27 -51.00
CA ILE M 33 -10.71 -45.94 -50.15
C ILE M 33 -12.09 -45.69 -50.76
N PRO M 34 -12.89 -46.72 -51.00
CA PRO M 34 -14.13 -46.53 -51.75
C PRO M 34 -15.35 -46.24 -50.90
N LYS M 35 -16.40 -45.77 -51.56
CA LYS M 35 -17.64 -45.45 -50.90
C LYS M 35 -18.28 -46.70 -50.31
N ILE M 36 -19.15 -46.49 -49.32
CA ILE M 36 -19.89 -47.60 -48.75
C ILE M 36 -20.92 -48.05 -49.78
N SER M 37 -20.66 -49.18 -50.43
CA SER M 37 -21.52 -49.63 -51.51
C SER M 37 -22.81 -50.20 -50.97
N ASN M 38 -23.79 -50.32 -51.86
CA ASN M 38 -25.11 -50.84 -51.46
C ASN M 38 -25.05 -52.27 -50.98
N LYS M 39 -23.97 -52.99 -51.28
CA LYS M 39 -23.86 -54.38 -50.84
C LYS M 39 -23.65 -54.47 -49.34
N GLU M 40 -22.98 -53.51 -48.74
CA GLU M 40 -22.70 -53.54 -47.31
C GLU M 40 -23.84 -53.01 -46.46
N VAL M 41 -24.85 -52.39 -47.07
CA VAL M 41 -25.92 -51.69 -46.35
C VAL M 41 -27.23 -52.43 -46.61
N ARG M 42 -27.90 -52.82 -45.53
CA ARG M 42 -29.25 -53.35 -45.60
C ARG M 42 -30.24 -52.30 -45.11
N LEU M 43 -31.45 -52.37 -45.65
CA LEU M 43 -32.47 -51.34 -45.44
C LEU M 43 -33.65 -51.95 -44.69
N ILE M 44 -33.77 -51.64 -43.41
CA ILE M 44 -34.92 -52.06 -42.63
C ILE M 44 -36.00 -50.98 -42.69
N SER M 45 -37.25 -51.40 -42.55
CA SER M 45 -38.39 -50.49 -42.57
C SER M 45 -39.10 -50.55 -41.24
N SER M 46 -39.16 -49.42 -40.54
CA SER M 46 -39.86 -49.30 -39.26
C SER M 46 -40.92 -48.22 -39.44
N GLY M 47 -42.17 -48.64 -39.64
CA GLY M 47 -43.22 -47.68 -39.92
C GLY M 47 -42.92 -46.90 -41.18
N SER M 48 -43.05 -45.58 -41.09
CA SER M 48 -42.71 -44.71 -42.21
C SER M 48 -41.22 -44.40 -42.28
N LYS M 49 -40.43 -44.87 -41.31
CA LYS M 49 -39.00 -44.61 -41.29
C LYS M 49 -38.23 -45.76 -41.90
N ILE M 50 -37.06 -45.43 -42.46
CA ILE M 50 -36.17 -46.41 -43.07
C ILE M 50 -34.83 -46.32 -42.38
N PHE M 51 -34.32 -47.47 -41.92
CA PHE M 51 -33.08 -47.53 -41.18
C PHE M 51 -32.02 -48.25 -41.99
N TYR M 52 -30.78 -47.77 -41.90
CA TYR M 52 -29.67 -48.28 -42.69
C TYR M 52 -28.71 -49.00 -41.74
N ALA M 53 -28.46 -50.28 -42.01
CA ALA M 53 -27.58 -51.08 -41.16
C ALA M 53 -26.42 -51.61 -41.98
N ILE M 54 -25.21 -51.37 -41.50
CA ILE M 54 -24.00 -51.82 -42.19
C ILE M 54 -23.57 -53.16 -41.60
N ASN M 55 -23.04 -54.04 -42.45
CA ASN M 55 -22.59 -55.34 -41.98
C ASN M 55 -21.32 -55.19 -41.15
N ASN M 56 -21.22 -56.00 -40.09
CA ASN M 56 -20.07 -55.93 -39.20
C ASN M 56 -18.79 -56.40 -39.87
N THR M 57 -18.90 -57.35 -40.81
CA THR M 57 -17.73 -57.90 -41.46
C THR M 57 -16.99 -56.87 -42.32
N SER M 58 -17.69 -55.84 -42.78
CA SER M 58 -17.05 -54.82 -43.60
C SER M 58 -16.05 -54.03 -42.78
N PRO M 59 -14.94 -53.61 -43.38
CA PRO M 59 -14.00 -52.73 -42.67
C PRO M 59 -14.60 -51.39 -42.30
N HIS M 60 -15.63 -50.96 -43.03
CA HIS M 60 -16.27 -49.68 -42.73
C HIS M 60 -16.85 -49.67 -41.32
N SER M 61 -17.44 -50.79 -40.90
CA SER M 61 -17.98 -50.85 -39.54
C SER M 61 -16.87 -50.69 -38.50
N HIS M 62 -15.73 -51.34 -38.71
CA HIS M 62 -14.64 -51.24 -37.75
C HIS M 62 -14.10 -49.82 -37.68
N VAL M 63 -13.87 -49.20 -38.84
CA VAL M 63 -13.33 -47.85 -38.82
C VAL M 63 -14.34 -46.87 -38.25
N GLN M 64 -15.63 -47.08 -38.49
CA GLN M 64 -16.65 -46.21 -37.90
C GLN M 64 -16.68 -46.34 -36.38
N LEU M 65 -16.63 -47.57 -35.87
CA LEU M 65 -16.64 -47.77 -34.43
C LEU M 65 -15.42 -47.14 -33.78
N ARG M 66 -14.25 -47.30 -34.39
CA ARG M 66 -13.06 -46.71 -33.81
C ARG M 66 -13.08 -45.18 -33.96
N LEU M 67 -13.73 -44.68 -35.01
CA LEU M 67 -13.91 -43.24 -35.16
C LEU M 67 -14.77 -42.66 -34.04
N ASN M 68 -15.88 -43.35 -33.71
CA ASN M 68 -16.65 -42.99 -32.51
C ASN M 68 -15.83 -43.05 -31.25
N ARG M 69 -15.01 -44.08 -31.11
CA ARG M 69 -14.31 -44.25 -29.85
C ARG M 69 -13.24 -43.17 -29.65
N PHE M 70 -12.49 -42.84 -30.70
CA PHE M 70 -11.26 -42.07 -30.52
C PHE M 70 -11.32 -40.64 -31.03
N PHE M 71 -12.13 -40.33 -32.03
CA PHE M 71 -12.13 -39.01 -32.64
C PHE M 71 -13.37 -38.21 -32.30
N LEU M 72 -14.56 -38.74 -32.60
CA LEU M 72 -15.77 -37.96 -32.41
C LEU M 72 -16.04 -37.65 -30.94
N SER M 73 -15.59 -38.51 -30.04
CA SER M 73 -15.84 -38.31 -28.62
C SER M 73 -15.01 -37.19 -28.02
N HIS M 74 -14.00 -36.67 -28.74
CA HIS M 74 -13.13 -35.65 -28.20
C HIS M 74 -13.49 -34.24 -28.65
N ILE M 75 -14.29 -34.10 -29.70
CA ILE M 75 -14.68 -32.77 -30.17
C ILE M 75 -15.66 -32.15 -29.18
N PRO M 76 -15.46 -30.91 -28.75
CA PRO M 76 -16.37 -30.31 -27.78
C PRO M 76 -17.76 -30.09 -28.34
N LEU M 77 -18.74 -30.06 -27.43
CA LEU M 77 -20.15 -29.92 -27.77
C LEU M 77 -20.73 -28.74 -26.99
N ASN M 78 -22.02 -28.51 -27.20
CA ASN M 78 -22.76 -27.51 -26.43
C ASN M 78 -23.51 -28.17 -25.28
N SER M 79 -23.59 -27.46 -24.17
CA SER M 79 -24.20 -28.02 -22.96
C SER M 79 -25.70 -28.19 -23.07
N ALA M 80 -26.34 -27.60 -24.08
CA ALA M 80 -27.78 -27.79 -24.23
C ALA M 80 -28.12 -29.11 -24.91
N ALA M 81 -27.15 -29.79 -25.48
CA ALA M 81 -27.37 -31.07 -26.13
C ALA M 81 -27.25 -32.16 -25.08
N LYS M 82 -28.38 -32.76 -24.69
CA LYS M 82 -28.41 -33.76 -23.65
C LYS M 82 -28.57 -35.18 -24.21
N ALA M 83 -28.35 -35.37 -25.50
CA ALA M 83 -28.57 -36.67 -26.14
C ALA M 83 -27.30 -37.16 -26.81
N PHE M 84 -27.05 -38.46 -26.67
CA PHE M 84 -25.89 -39.14 -27.24
C PHE M 84 -24.57 -38.55 -26.75
N VAL M 85 -24.59 -37.90 -25.60
CA VAL M 85 -23.39 -37.28 -25.03
C VAL M 85 -23.04 -38.02 -23.75
N ARG M 86 -21.74 -38.14 -23.49
CA ARG M 86 -21.25 -38.78 -22.28
C ARG M 86 -21.87 -38.12 -21.04
N GLY M 87 -22.68 -38.88 -20.31
CA GLY M 87 -23.32 -38.37 -19.12
C GLY M 87 -24.68 -37.74 -19.32
N GLY M 88 -25.15 -37.61 -20.56
CA GLY M 88 -26.47 -37.06 -20.80
C GLY M 88 -27.56 -38.10 -20.68
N SER M 89 -28.77 -37.62 -20.38
CA SER M 89 -29.91 -38.50 -20.20
C SER M 89 -31.18 -37.67 -20.39
N TYR M 90 -32.30 -38.38 -20.56
CA TYR M 90 -33.58 -37.69 -20.74
C TYR M 90 -33.95 -36.90 -19.48
N LEU M 91 -33.71 -37.48 -18.30
CA LEU M 91 -34.01 -36.78 -17.06
C LEU M 91 -33.18 -35.50 -16.95
N LYS M 92 -31.91 -35.55 -17.34
CA LYS M 92 -31.11 -34.33 -17.40
C LYS M 92 -31.64 -33.36 -18.43
N TYR M 93 -32.34 -33.86 -19.46
CA TYR M 93 -32.94 -32.98 -20.45
C TYR M 93 -34.19 -32.29 -19.93
N LEU M 94 -34.90 -32.94 -19.01
CA LEU M 94 -36.09 -32.35 -18.42
C LEU M 94 -35.80 -31.51 -17.18
N GLU M 95 -34.70 -31.78 -16.50
CA GLU M 95 -34.46 -31.17 -15.19
C GLU M 95 -34.45 -29.64 -15.21
N PRO M 96 -33.71 -28.96 -16.10
CA PRO M 96 -33.60 -27.50 -15.98
C PRO M 96 -34.92 -26.76 -16.14
N HIS M 97 -35.99 -27.44 -16.50
CA HIS M 97 -37.28 -26.80 -16.72
C HIS M 97 -38.20 -26.88 -15.52
N ILE M 98 -37.74 -27.43 -14.40
CA ILE M 98 -38.57 -27.43 -13.20
C ILE M 98 -38.79 -26.02 -12.70
N TYR M 99 -37.86 -25.11 -12.98
CA TYR M 99 -37.99 -23.73 -12.51
C TYR M 99 -38.92 -22.91 -13.38
N GLY M 100 -39.42 -23.45 -14.47
CA GLY M 100 -40.25 -22.69 -15.39
C GLY M 100 -41.74 -22.79 -15.07
N SER M 101 -42.45 -21.70 -15.36
CA SER M 101 -43.89 -21.66 -15.16
C SER M 101 -44.70 -21.89 -16.41
N SER M 102 -44.11 -21.68 -17.59
CA SER M 102 -44.76 -22.01 -18.85
C SER M 102 -43.82 -22.85 -19.69
N TYR M 103 -44.37 -23.78 -20.46
CA TYR M 103 -43.56 -24.75 -21.19
C TYR M 103 -43.93 -24.77 -22.67
N CYS M 104 -42.93 -24.97 -23.51
CA CYS M 104 -43.11 -25.10 -24.95
C CYS M 104 -42.19 -26.20 -25.46
N ARG M 105 -42.70 -27.03 -26.38
CA ARG M 105 -41.97 -28.17 -26.89
C ARG M 105 -42.06 -28.18 -28.41
N LEU M 106 -40.91 -28.24 -29.07
CA LEU M 106 -40.81 -28.19 -30.52
C LEU M 106 -40.03 -29.40 -31.00
N ASP M 107 -40.25 -29.76 -32.27
CA ASP M 107 -39.61 -30.90 -32.89
C ASP M 107 -39.04 -30.48 -34.23
N ILE M 108 -38.00 -31.19 -34.68
CA ILE M 108 -37.38 -30.95 -35.97
C ILE M 108 -37.76 -32.09 -36.91
N SER M 109 -38.28 -31.75 -38.07
CA SER M 109 -38.78 -32.75 -39.01
C SER M 109 -37.62 -33.37 -39.76
N SER M 110 -37.47 -34.69 -39.64
CA SER M 110 -36.43 -35.45 -40.32
C SER M 110 -35.05 -34.86 -40.05
N PHE M 111 -34.66 -34.92 -38.77
CA PHE M 111 -33.42 -34.30 -38.34
C PHE M 111 -32.22 -34.91 -39.05
N PHE M 112 -32.14 -36.23 -39.08
CA PHE M 112 -30.98 -36.89 -39.66
C PHE M 112 -31.00 -36.86 -41.19
N ASN M 113 -32.18 -36.89 -41.80
CA ASN M 113 -32.26 -36.83 -43.25
C ASN M 113 -31.96 -35.45 -43.80
N ASN M 114 -32.16 -34.40 -43.01
CA ASN M 114 -31.93 -33.03 -43.47
C ASN M 114 -30.54 -32.52 -43.13
N ILE M 115 -29.66 -33.35 -42.57
CA ILE M 115 -28.30 -32.94 -42.28
C ILE M 115 -27.50 -32.99 -43.58
N SER M 116 -27.19 -31.82 -44.12
CA SER M 116 -26.42 -31.76 -45.35
C SER M 116 -24.98 -32.20 -45.10
N PHE M 117 -24.43 -32.96 -46.05
CA PHE M 117 -23.06 -33.44 -45.89
C PHE M 117 -22.06 -32.30 -46.01
N ASP M 118 -22.42 -31.23 -46.72
CA ASP M 118 -21.54 -30.06 -46.79
C ASP M 118 -21.34 -29.45 -45.41
N ASP M 119 -22.42 -29.34 -44.64
CA ASP M 119 -22.30 -28.84 -43.27
C ASP M 119 -21.43 -29.75 -42.42
N VAL M 120 -21.53 -31.06 -42.63
CA VAL M 120 -20.69 -32.00 -41.88
C VAL M 120 -19.23 -31.79 -42.23
N LYS M 121 -18.92 -31.63 -43.51
CA LYS M 121 -17.53 -31.39 -43.90
C LYS M 121 -17.02 -30.08 -43.32
N GLN M 122 -17.82 -29.02 -43.36
CA GLN M 122 -17.40 -27.75 -42.80
C GLN M 122 -17.21 -27.85 -41.29
N SER M 123 -18.01 -28.67 -40.62
CA SER M 123 -17.89 -28.79 -39.17
C SER M 123 -16.66 -29.60 -38.78
N LEU M 124 -16.38 -30.68 -39.50
CA LEU M 124 -15.26 -31.55 -39.18
C LEU M 124 -13.94 -31.08 -39.76
N SER M 125 -13.95 -30.08 -40.64
CA SER M 125 -12.70 -29.65 -41.26
C SER M 125 -11.68 -29.11 -40.27
N PRO M 126 -12.01 -28.20 -39.35
CA PRO M 126 -10.96 -27.66 -38.47
C PRO M 126 -10.30 -28.71 -37.59
N TYR M 127 -10.97 -29.82 -37.32
CA TYR M 127 -10.43 -30.86 -36.44
C TYR M 127 -9.67 -31.94 -37.20
N ILE M 128 -9.52 -31.80 -38.51
CA ILE M 128 -8.80 -32.76 -39.34
C ILE M 128 -7.77 -32.00 -40.17
N LYS M 129 -6.53 -32.51 -40.19
CA LYS M 129 -5.46 -31.83 -40.91
C LYS M 129 -5.74 -31.83 -42.41
N ASP M 130 -5.38 -30.74 -43.07
CA ASP M 130 -5.60 -30.58 -44.51
C ASP M 130 -4.41 -31.16 -45.29
N GLU M 131 -4.39 -32.49 -45.33
CA GLU M 131 -3.33 -33.23 -46.00
C GLU M 131 -3.92 -34.09 -47.10
N TYR M 132 -3.02 -34.70 -47.88
CA TYR M 132 -3.39 -35.69 -48.88
C TYR M 132 -3.08 -37.07 -48.33
N LEU M 133 -4.12 -37.91 -48.17
CA LEU M 133 -3.90 -39.23 -47.61
C LEU M 133 -3.24 -40.16 -48.61
N ILE M 134 -3.69 -40.14 -49.85
CA ILE M 134 -3.27 -41.11 -50.86
C ILE M 134 -2.74 -40.31 -52.05
N GLY M 135 -1.41 -40.16 -52.12
CA GLY M 135 -0.81 -39.46 -53.24
C GLY M 135 -1.35 -38.06 -53.35
N THR M 136 -1.92 -37.74 -54.52
CA THR M 136 -2.62 -36.49 -54.75
C THR M 136 -4.00 -36.80 -55.32
N GLU M 137 -4.55 -37.95 -54.92
CA GLU M 137 -5.85 -38.39 -55.42
C GLU M 137 -6.97 -38.13 -54.42
N GLN M 138 -6.83 -38.64 -53.20
CA GLN M 138 -7.86 -38.54 -52.18
C GLN M 138 -7.30 -37.88 -50.92
N LYS M 139 -8.10 -37.00 -50.32
CA LYS M 139 -7.71 -36.33 -49.10
C LYS M 139 -8.07 -37.16 -47.88
N LEU M 140 -7.40 -36.88 -46.77
CA LEU M 140 -7.68 -37.58 -45.52
C LEU M 140 -9.11 -37.30 -45.06
N ILE M 141 -9.53 -36.03 -45.12
CA ILE M 141 -10.87 -35.67 -44.67
C ILE M 141 -11.92 -36.35 -45.55
N ASP M 142 -11.66 -36.43 -46.86
CA ASP M 142 -12.61 -37.10 -47.74
C ASP M 142 -12.67 -38.59 -47.44
N ALA M 143 -11.54 -39.20 -47.08
CA ALA M 143 -11.57 -40.62 -46.71
C ALA M 143 -12.38 -40.84 -45.44
N ILE M 144 -12.21 -39.97 -44.45
CA ILE M 144 -12.98 -40.11 -43.21
C ILE M 144 -14.46 -39.90 -43.48
N LEU M 145 -14.80 -38.93 -44.34
CA LEU M 145 -16.20 -38.72 -44.69
C LEU M 145 -16.76 -39.92 -45.46
N ASN M 146 -15.94 -40.54 -46.30
CA ASN M 146 -16.30 -41.81 -46.91
C ASN M 146 -16.66 -42.83 -45.85
N SER M 147 -15.88 -42.86 -44.77
CA SER M 147 -16.17 -43.76 -43.67
C SER M 147 -17.51 -43.44 -43.03
N VAL M 148 -17.84 -42.15 -42.87
CA VAL M 148 -19.05 -41.79 -42.14
C VAL M 148 -20.27 -41.63 -43.04
N GLY M 149 -20.09 -41.33 -44.32
CA GLY M 149 -21.18 -40.99 -45.20
C GLY M 149 -21.77 -42.18 -45.95
N TYR M 150 -22.84 -41.90 -46.69
CA TYR M 150 -23.50 -42.91 -47.50
C TYR M 150 -24.39 -42.23 -48.53
N GLU M 151 -24.62 -42.95 -49.63
CA GLU M 151 -25.58 -42.52 -50.66
C GLU M 151 -26.75 -43.49 -50.61
N SER M 152 -27.95 -42.96 -50.36
CA SER M 152 -29.13 -43.81 -50.28
C SER M 152 -29.58 -44.20 -51.67
N PRO M 153 -29.63 -45.50 -52.00
CA PRO M 153 -30.16 -45.89 -53.32
C PRO M 153 -31.62 -45.54 -53.50
N ILE M 154 -32.38 -45.43 -52.41
CA ILE M 154 -33.79 -45.03 -52.51
C ILE M 154 -33.88 -43.61 -53.07
N ARG M 155 -33.06 -42.70 -52.54
CA ARG M 155 -33.06 -41.30 -52.93
C ARG M 155 -31.66 -40.94 -53.39
N LYS M 156 -31.43 -41.04 -54.70
CA LYS M 156 -30.14 -40.66 -55.28
C LYS M 156 -30.00 -39.16 -55.51
N ASP M 157 -31.10 -38.41 -55.35
CA ASP M 157 -31.06 -36.97 -55.60
C ASP M 157 -30.14 -36.26 -54.62
N LYS M 158 -30.19 -36.65 -53.34
CA LYS M 158 -29.40 -35.96 -52.32
C LYS M 158 -27.94 -36.42 -52.29
N GLY M 159 -27.61 -37.53 -52.90
CA GLY M 159 -26.23 -37.99 -52.89
C GLY M 159 -25.80 -38.40 -51.50
N MET M 160 -24.80 -37.71 -50.96
CA MET M 160 -24.32 -37.99 -49.62
C MET M 160 -25.42 -37.74 -48.58
N ILE M 161 -25.63 -38.72 -47.70
CA ILE M 161 -26.65 -38.65 -46.66
C ILE M 161 -26.10 -39.35 -45.43
N ILE M 162 -26.37 -38.78 -44.25
CA ILE M 162 -26.10 -39.41 -42.98
C ILE M 162 -27.36 -40.21 -42.60
N PRO M 163 -27.25 -41.56 -42.54
CA PRO M 163 -28.39 -42.39 -42.28
C PRO M 163 -28.54 -42.79 -40.81
N MET M 164 -29.78 -43.03 -40.43
CA MET M 164 -29.99 -43.46 -39.06
C MET M 164 -29.52 -44.90 -38.97
N GLY M 165 -29.06 -45.33 -37.81
CA GLY M 165 -28.58 -46.65 -37.49
C GLY M 165 -27.10 -46.87 -37.70
N PHE M 166 -26.37 -45.90 -38.25
CA PHE M 166 -24.95 -46.08 -38.40
C PHE M 166 -24.24 -45.93 -37.06
N ARG M 167 -22.95 -46.27 -37.07
CA ARG M 167 -22.13 -46.16 -35.87
C ARG M 167 -21.99 -44.71 -35.43
N THR M 168 -21.77 -43.80 -36.39
CA THR M 168 -21.29 -42.44 -36.12
C THR M 168 -22.38 -41.39 -36.31
N SER M 169 -23.59 -41.76 -36.73
CA SER M 169 -24.59 -40.74 -37.06
C SER M 169 -24.99 -39.86 -35.88
N PRO M 170 -25.24 -40.37 -34.67
CA PRO M 170 -25.69 -39.47 -33.60
C PRO M 170 -24.66 -38.42 -33.21
N ALA M 171 -23.41 -38.84 -32.99
CA ALA M 171 -22.37 -37.89 -32.59
C ALA M 171 -22.12 -36.85 -33.68
N ILE M 172 -22.11 -37.28 -34.93
CA ILE M 172 -21.92 -36.33 -36.04
C ILE M 172 -23.09 -35.35 -36.08
N SER M 173 -24.30 -35.83 -35.81
CA SER M 173 -25.45 -34.92 -35.74
C SER M 173 -25.25 -33.88 -34.65
N ASN M 174 -24.79 -34.31 -33.48
CA ASN M 174 -24.57 -33.36 -32.39
C ASN M 174 -23.51 -32.32 -32.77
N ILE M 175 -22.42 -32.76 -33.38
CA ILE M 175 -21.36 -31.83 -33.75
C ILE M 175 -21.85 -30.84 -34.79
N VAL M 176 -22.57 -31.33 -35.82
CA VAL M 176 -23.03 -30.42 -36.86
C VAL M 176 -24.10 -29.47 -36.33
N PHE M 177 -24.88 -29.90 -35.34
CA PHE M 177 -25.94 -29.05 -34.81
C PHE M 177 -25.48 -28.19 -33.63
N ARG M 178 -24.22 -28.30 -33.21
CA ARG M 178 -23.70 -27.42 -32.17
C ARG M 178 -23.88 -25.95 -32.54
N LYS M 179 -23.81 -25.61 -33.83
CA LYS M 179 -23.98 -24.23 -34.25
C LYS M 179 -25.37 -23.72 -33.90
N MET M 180 -26.41 -24.47 -34.27
CA MET M 180 -27.76 -24.06 -33.91
C MET M 180 -28.01 -24.17 -32.42
N ASP M 181 -27.36 -25.11 -31.74
CA ASP M 181 -27.47 -25.15 -30.29
C ASP M 181 -27.01 -23.85 -29.69
N LEU M 182 -25.85 -23.35 -30.14
CA LEU M 182 -25.33 -22.09 -29.63
C LEU M 182 -26.27 -20.93 -29.96
N LEU M 183 -26.76 -20.88 -31.21
CA LEU M 183 -27.60 -19.76 -31.60
C LEU M 183 -28.91 -19.74 -30.82
N ILE M 184 -29.57 -20.89 -30.72
CA ILE M 184 -30.84 -20.96 -30.01
C ILE M 184 -30.64 -20.72 -28.52
N GLN M 185 -29.54 -21.23 -27.95
CA GLN M 185 -29.27 -20.99 -26.53
C GLN M 185 -29.07 -19.51 -26.26
N ASP M 186 -28.33 -18.82 -27.13
CA ASP M 186 -28.12 -17.39 -26.95
C ASP M 186 -29.45 -16.64 -27.05
N PHE M 187 -30.26 -16.97 -28.05
CA PHE M 187 -31.53 -16.27 -28.21
C PHE M 187 -32.43 -16.48 -26.99
N CYS M 188 -32.61 -17.73 -26.59
CA CYS M 188 -33.49 -18.03 -25.46
C CYS M 188 -33.00 -17.38 -24.18
N ALA M 189 -31.68 -17.42 -23.94
CA ALA M 189 -31.15 -16.83 -22.72
C ALA M 189 -31.32 -15.32 -22.71
N LYS M 190 -31.12 -14.67 -23.85
CA LYS M 190 -31.41 -13.23 -23.90
C LYS M 190 -32.89 -12.94 -23.74
N LYS M 191 -33.76 -13.90 -24.04
CA LYS M 191 -35.17 -13.76 -23.73
C LYS M 191 -35.54 -14.25 -22.34
N GLY M 192 -34.59 -14.82 -21.60
CA GLY M 192 -34.89 -15.31 -20.27
C GLY M 192 -35.48 -16.69 -20.20
N VAL M 193 -35.41 -17.46 -21.28
CA VAL M 193 -36.03 -18.77 -21.39
C VAL M 193 -34.97 -19.84 -21.22
N ILE M 194 -35.27 -20.85 -20.42
CA ILE M 194 -34.39 -22.01 -20.26
C ILE M 194 -34.61 -22.94 -21.44
N TYR M 195 -33.52 -23.31 -22.11
CA TYR M 195 -33.58 -24.12 -23.32
C TYR M 195 -32.76 -25.39 -23.15
N SER M 196 -33.30 -26.50 -23.65
CA SER M 196 -32.54 -27.75 -23.69
C SER M 196 -32.99 -28.56 -24.89
N ARG M 197 -32.15 -29.49 -25.31
CA ARG M 197 -32.43 -30.25 -26.52
C ARG M 197 -31.99 -31.70 -26.34
N TYR M 198 -32.84 -32.62 -26.78
CA TYR M 198 -32.55 -34.05 -26.81
C TYR M 198 -32.81 -34.54 -28.22
N ALA M 199 -31.74 -34.87 -28.94
CA ALA M 199 -31.82 -35.21 -30.36
C ALA M 199 -32.45 -34.06 -31.13
N ASP M 200 -33.64 -34.28 -31.68
CA ASP M 200 -34.35 -33.24 -32.42
C ASP M 200 -35.43 -32.57 -31.59
N ASP M 201 -35.63 -32.98 -30.34
CA ASP M 201 -36.71 -32.46 -29.51
C ASP M 201 -36.17 -31.32 -28.66
N MET M 202 -36.71 -30.11 -28.85
CA MET M 202 -36.28 -28.95 -28.12
C MET M 202 -37.34 -28.58 -27.10
N LEU M 203 -36.92 -28.31 -25.86
CA LEU M 203 -37.81 -27.92 -24.78
C LEU M 203 -37.40 -26.56 -24.26
N PHE M 204 -38.36 -25.65 -24.18
CA PHE M 204 -38.16 -24.32 -23.64
C PHE M 204 -39.11 -24.11 -22.47
N SER M 205 -38.65 -23.38 -21.46
CA SER M 205 -39.48 -23.06 -20.30
C SER M 205 -39.23 -21.64 -19.85
N ASN M 206 -40.32 -20.91 -19.60
CA ASN M 206 -40.24 -19.55 -19.11
C ASN M 206 -40.59 -19.54 -17.63
N PRO M 207 -39.68 -19.12 -16.76
CA PRO M 207 -39.97 -19.10 -15.32
C PRO M 207 -40.78 -17.88 -14.90
N ARG M 208 -40.66 -16.80 -15.65
CA ARG M 208 -41.42 -15.60 -15.33
C ARG M 208 -42.88 -15.78 -15.71
N GLU M 209 -43.70 -14.77 -15.39
CA GLU M 209 -45.10 -14.77 -15.74
C GLU M 209 -45.25 -13.99 -17.04
N SER M 210 -45.35 -14.70 -18.15
CA SER M 210 -45.45 -14.07 -19.46
C SER M 210 -46.03 -15.08 -20.44
N LYS M 211 -46.54 -14.57 -21.55
CA LYS M 211 -47.12 -15.38 -22.61
C LYS M 211 -46.16 -15.59 -23.77
N LEU M 212 -44.85 -15.47 -23.53
CA LEU M 212 -43.88 -15.49 -24.62
C LEU M 212 -43.90 -16.83 -25.35
N LEU M 213 -43.91 -17.93 -24.60
CA LEU M 213 -43.87 -19.25 -25.21
C LEU M 213 -45.17 -19.61 -25.93
N MET M 214 -46.24 -18.85 -25.73
CA MET M 214 -47.51 -19.13 -26.37
C MET M 214 -47.73 -18.35 -27.64
N SER M 215 -47.02 -17.24 -27.82
CA SER M 215 -47.19 -16.42 -29.01
C SER M 215 -46.59 -17.12 -30.22
N ASP M 216 -47.06 -16.70 -31.40
CA ASP M 216 -46.49 -17.22 -32.64
C ASP M 216 -45.11 -16.64 -32.91
N TYR M 217 -44.74 -15.55 -32.22
CA TYR M 217 -43.44 -14.94 -32.46
C TYR M 217 -42.32 -15.88 -32.09
N PHE M 218 -42.46 -16.60 -30.98
CA PHE M 218 -41.41 -17.52 -30.55
C PHE M 218 -41.19 -18.63 -31.57
N ILE M 219 -42.28 -19.22 -32.07
CA ILE M 219 -42.16 -20.26 -33.08
C ILE M 219 -41.55 -19.69 -34.34
N ASP M 220 -41.97 -18.50 -34.74
CA ASP M 220 -41.40 -17.87 -35.93
C ASP M 220 -39.90 -17.66 -35.78
N GLU M 221 -39.46 -17.21 -34.60
CA GLU M 221 -38.05 -16.94 -34.40
C GLU M 221 -37.23 -18.22 -34.37
N ILE M 222 -37.75 -19.27 -33.74
CA ILE M 222 -37.01 -20.53 -33.73
C ILE M 222 -36.94 -21.11 -35.14
N SER M 223 -38.02 -20.99 -35.91
CA SER M 223 -37.99 -21.45 -37.30
C SER M 223 -36.98 -20.65 -38.10
N SER M 224 -36.92 -19.33 -37.88
CA SER M 224 -35.96 -18.50 -38.59
C SER M 224 -34.54 -18.89 -38.26
N LEU M 225 -34.25 -19.19 -36.99
CA LEU M 225 -32.92 -19.64 -36.62
C LEU M 225 -32.60 -20.99 -37.26
N LEU M 226 -33.56 -21.92 -37.26
CA LEU M 226 -33.31 -23.23 -37.84
C LEU M 226 -33.12 -23.15 -39.35
N SER M 227 -33.72 -22.15 -40.00
CA SER M 227 -33.63 -22.05 -41.45
C SER M 227 -32.22 -21.81 -41.96
N ILE M 228 -31.30 -21.39 -41.09
CA ILE M 228 -29.95 -21.07 -41.54
C ILE M 228 -29.27 -22.30 -42.14
N MET M 229 -29.39 -23.45 -41.47
CA MET M 229 -28.82 -24.69 -41.98
C MET M 229 -29.85 -25.60 -42.63
N GLY M 230 -31.06 -25.12 -42.86
CA GLY M 230 -32.01 -25.83 -43.69
C GLY M 230 -32.99 -26.72 -42.97
N PHE M 231 -33.13 -26.59 -41.65
CA PHE M 231 -34.04 -27.43 -40.90
C PHE M 231 -35.45 -26.83 -40.88
N ASN M 232 -36.41 -27.65 -40.46
CA ASN M 232 -37.80 -27.23 -40.38
C ASN M 232 -38.41 -27.72 -39.07
N ILE M 233 -39.44 -27.04 -38.63
CA ILE M 233 -40.14 -27.38 -37.39
C ILE M 233 -41.36 -28.23 -37.73
N ASN M 234 -41.51 -29.35 -37.04
CA ASN M 234 -42.67 -30.20 -37.22
C ASN M 234 -43.84 -29.59 -36.48
N GLN M 235 -44.80 -29.04 -37.23
CA GLN M 235 -45.92 -28.32 -36.61
C GLN M 235 -46.95 -29.24 -35.97
N SER M 236 -46.91 -30.53 -36.27
CA SER M 236 -47.84 -31.46 -35.62
C SER M 236 -47.45 -31.75 -34.18
N LYS M 237 -46.18 -31.60 -33.83
CA LYS M 237 -45.68 -31.92 -32.51
C LYS M 237 -45.43 -30.69 -31.65
N TYR M 238 -45.88 -29.52 -32.09
CA TYR M 238 -45.69 -28.29 -31.33
C TYR M 238 -46.67 -28.22 -30.17
N ILE M 239 -46.14 -28.06 -28.95
CA ILE M 239 -46.97 -28.06 -27.74
C ILE M 239 -46.64 -26.83 -26.92
N SER M 240 -47.66 -26.21 -26.32
CA SER M 240 -47.47 -25.07 -25.44
C SER M 240 -48.49 -25.14 -24.32
N ARG M 241 -48.03 -25.00 -23.07
CA ARG M 241 -48.94 -25.15 -21.94
C ARG M 241 -48.42 -24.35 -20.75
N GLU M 242 -49.30 -24.14 -19.77
CA GLU M 242 -49.00 -23.40 -18.57
C GLU M 242 -49.11 -24.30 -17.35
N LYS M 243 -48.16 -24.15 -16.43
CA LYS M 243 -48.21 -24.70 -15.08
C LYS M 243 -48.05 -26.21 -15.04
N GLU M 244 -48.07 -26.86 -16.20
CA GLU M 244 -47.78 -28.29 -16.28
C GLU M 244 -47.73 -28.70 -17.74
N ILE M 245 -46.91 -29.71 -18.02
CA ILE M 245 -46.82 -30.30 -19.35
C ILE M 245 -46.58 -31.79 -19.19
N SER M 246 -47.17 -32.57 -20.09
CA SER M 246 -47.07 -34.03 -20.08
C SER M 246 -46.31 -34.43 -21.33
N ILE M 247 -44.98 -34.42 -21.23
CA ILE M 247 -44.11 -34.66 -22.38
C ILE M 247 -43.88 -36.16 -22.44
N ASN M 248 -44.56 -36.82 -23.38
CA ASN M 248 -44.33 -38.22 -23.69
C ASN M 248 -44.43 -39.11 -22.46
N GLY M 249 -45.25 -38.70 -21.49
CA GLY M 249 -45.43 -39.43 -20.26
C GLY M 249 -44.86 -38.74 -19.03
N TYR M 250 -43.69 -38.12 -19.16
CA TYR M 250 -43.07 -37.40 -18.05
C TYR M 250 -43.83 -36.10 -17.82
N VAL M 251 -44.33 -35.88 -16.61
CA VAL M 251 -45.15 -34.72 -16.30
C VAL M 251 -44.32 -33.75 -15.45
N ILE M 252 -44.17 -32.53 -15.94
CA ILE M 252 -43.57 -31.44 -15.18
C ILE M 252 -44.68 -30.52 -14.71
N GLU M 253 -44.65 -30.12 -13.45
CA GLU M 253 -45.68 -29.25 -12.91
C GLU M 253 -45.05 -28.16 -12.05
N ASN M 254 -45.49 -26.92 -12.24
CA ASN M 254 -45.02 -25.81 -11.41
C ASN M 254 -46.13 -24.77 -11.34
N LYS M 255 -46.93 -24.84 -10.28
CA LYS M 255 -48.05 -23.91 -10.14
C LYS M 255 -47.60 -22.53 -9.69
N GLY M 256 -46.52 -22.45 -8.91
CA GLY M 256 -46.15 -21.22 -8.25
C GLY M 256 -45.65 -20.15 -9.21
N GLY M 257 -45.38 -18.98 -8.64
CA GLY M 257 -44.90 -17.86 -9.40
C GLY M 257 -43.44 -17.55 -9.13
N ASN M 258 -43.17 -16.47 -8.42
CA ASN M 258 -41.80 -16.04 -8.19
C ASN M 258 -41.09 -17.05 -7.30
N GLY M 259 -39.95 -17.55 -7.77
CA GLY M 259 -39.12 -18.43 -6.97
C GLY M 259 -39.78 -19.74 -6.58
N SER M 260 -40.36 -20.44 -7.54
CA SER M 260 -40.99 -21.72 -7.27
C SER M 260 -40.23 -22.83 -7.99
N ILE M 261 -40.25 -24.02 -7.38
CA ILE M 261 -39.56 -25.18 -7.92
C ILE M 261 -40.61 -26.22 -8.28
N GLY M 262 -40.61 -26.65 -9.54
CA GLY M 262 -41.57 -27.62 -10.01
C GLY M 262 -41.19 -29.03 -9.63
N THR M 263 -42.08 -29.97 -10.00
CA THR M 263 -41.90 -31.38 -9.72
C THR M 263 -42.04 -32.18 -11.00
N ILE M 264 -41.20 -33.19 -11.16
CA ILE M 264 -41.24 -34.10 -12.29
C ILE M 264 -41.72 -35.45 -11.79
N ARG M 265 -42.80 -35.95 -12.38
CA ARG M 265 -43.32 -37.26 -12.05
C ARG M 265 -43.59 -38.01 -13.34
N LEU M 266 -44.12 -39.22 -13.22
CA LEU M 266 -44.53 -40.01 -14.37
C LEU M 266 -46.03 -40.17 -14.38
N SER M 267 -46.64 -39.96 -15.54
CA SER M 267 -48.07 -40.10 -15.66
C SER M 267 -48.47 -41.57 -15.55
N LYS M 268 -49.76 -41.80 -15.35
CA LYS M 268 -50.26 -43.17 -15.26
C LYS M 268 -50.07 -43.93 -16.55
N SER M 269 -49.94 -43.24 -17.68
CA SER M 269 -49.70 -43.93 -18.95
C SER M 269 -48.39 -44.69 -18.93
N LYS M 270 -47.32 -44.07 -18.41
CA LYS M 270 -46.04 -44.76 -18.33
C LYS M 270 -46.11 -45.95 -17.38
N LEU M 271 -46.75 -45.77 -16.22
CA LEU M 271 -46.84 -46.83 -15.24
C LEU M 271 -47.83 -47.92 -15.62
N ASN M 272 -48.62 -47.70 -16.67
CA ASN M 272 -49.71 -48.63 -17.00
C ASN M 272 -49.18 -50.02 -17.28
N THR M 273 -48.17 -50.13 -18.16
CA THR M 273 -47.68 -51.44 -18.57
C THR M 273 -47.05 -52.19 -17.40
N VAL M 274 -46.24 -51.50 -16.60
CA VAL M 274 -45.56 -52.20 -15.50
C VAL M 274 -46.56 -52.61 -14.43
N LEU M 275 -47.54 -51.76 -14.13
CA LEU M 275 -48.56 -52.14 -13.17
C LEU M 275 -49.37 -53.34 -13.66
N LYS M 276 -49.71 -53.35 -14.94
CA LYS M 276 -50.45 -54.48 -15.49
C LYS M 276 -49.62 -55.75 -15.47
N VAL M 277 -48.32 -55.64 -15.73
CA VAL M 277 -47.45 -56.81 -15.68
C VAL M 277 -47.37 -57.36 -14.26
N THR M 278 -47.22 -56.48 -13.26
CA THR M 278 -47.18 -56.94 -11.88
C THR M 278 -48.50 -57.59 -11.48
N HIS M 279 -49.63 -57.00 -11.90
CA HIS M 279 -50.92 -57.60 -11.59
C HIS M 279 -51.07 -58.97 -12.25
N ALA M 280 -50.62 -59.09 -13.50
CA ALA M 280 -50.70 -60.37 -14.18
C ALA M 280 -49.84 -61.43 -13.51
N LEU M 281 -48.63 -61.04 -13.07
CA LEU M 281 -47.78 -61.98 -12.36
C LEU M 281 -48.39 -62.39 -11.03
N ALA M 282 -49.08 -61.47 -10.35
CA ALA M 282 -49.80 -61.84 -9.14
C ALA M 282 -50.99 -62.73 -9.45
N GLN M 283 -51.53 -62.65 -10.67
CA GLN M 283 -52.69 -63.43 -11.08
C GLN M 283 -52.32 -64.84 -11.55
N ASN M 284 -51.04 -65.17 -11.62
CA ASN M 284 -50.53 -66.49 -11.97
C ASN M 284 -50.86 -66.90 -13.41
N ILE M 285 -51.22 -65.94 -14.25
CA ILE M 285 -51.29 -66.18 -15.71
C ILE M 285 -49.89 -66.51 -16.19
N PRO M 286 -49.72 -67.57 -17.04
CA PRO M 286 -48.39 -68.05 -17.46
C PRO M 286 -47.45 -67.03 -18.08
N TYR M 287 -46.17 -67.38 -18.13
CA TYR M 287 -45.19 -66.43 -18.62
C TYR M 287 -45.31 -66.18 -20.11
N LYS M 288 -45.73 -67.19 -20.88
CA LYS M 288 -45.89 -67.00 -22.32
C LYS M 288 -46.94 -65.93 -22.61
N ASN M 289 -48.09 -66.01 -21.93
CA ASN M 289 -49.14 -65.02 -22.13
C ASN M 289 -48.70 -63.64 -21.67
N ILE M 290 -47.97 -63.56 -20.56
CA ILE M 290 -47.48 -62.27 -20.08
C ILE M 290 -46.55 -61.64 -21.11
N CYS M 291 -45.62 -62.44 -21.65
CA CYS M 291 -44.69 -61.90 -22.64
C CYS M 291 -45.40 -61.49 -23.91
N ASN M 292 -46.35 -62.30 -24.39
CA ASN M 292 -46.97 -62.00 -25.67
C ASN M 292 -47.94 -60.83 -25.56
N LYS M 293 -48.78 -60.81 -24.53
CA LYS M 293 -49.88 -59.86 -24.47
C LYS M 293 -49.40 -58.44 -24.19
N TYR M 294 -48.50 -58.27 -23.22
CA TYR M 294 -48.09 -56.93 -22.78
C TYR M 294 -46.74 -56.51 -23.32
N ILE M 295 -45.77 -57.43 -23.40
CA ILE M 295 -44.41 -57.04 -23.71
C ILE M 295 -44.11 -57.13 -25.20
N LYS M 296 -44.91 -57.88 -25.95
CA LYS M 296 -44.71 -58.08 -27.38
C LYS M 296 -43.36 -58.73 -27.67
N VAL M 297 -42.92 -59.61 -26.78
CA VAL M 297 -41.72 -60.41 -26.98
C VAL M 297 -42.15 -61.86 -27.13
N ARG M 298 -41.64 -62.52 -28.17
CA ARG M 298 -42.03 -63.89 -28.46
C ARG M 298 -40.85 -64.62 -29.08
N LEU M 299 -40.89 -65.95 -28.98
CA LEU M 299 -39.86 -66.81 -29.56
C LEU M 299 -40.40 -67.41 -30.85
N LYS M 300 -39.97 -66.86 -31.98
CA LYS M 300 -40.37 -67.40 -33.27
C LYS M 300 -39.75 -68.77 -33.48
N GLU M 301 -40.53 -69.66 -34.12
CA GLU M 301 -40.07 -71.04 -34.30
C GLU M 301 -38.82 -71.11 -35.16
N LYS M 302 -38.63 -70.16 -36.08
CA LYS M 302 -37.44 -70.15 -36.90
C LYS M 302 -36.19 -69.73 -36.14
N ASN M 303 -36.34 -69.23 -34.92
CA ASN M 303 -35.22 -68.75 -34.13
C ASN M 303 -34.74 -69.76 -33.10
N ILE M 304 -35.21 -71.00 -33.18
CA ILE M 304 -34.77 -72.03 -32.25
C ILE M 304 -33.34 -72.44 -32.60
N LYS M 305 -32.43 -72.28 -31.63
CA LYS M 305 -31.02 -72.52 -31.90
C LYS M 305 -30.76 -74.00 -32.18
N TYR M 306 -31.24 -74.88 -31.31
CA TYR M 306 -30.99 -76.30 -31.41
C TYR M 306 -32.30 -77.06 -31.28
N GLU M 307 -32.38 -78.20 -31.95
CA GLU M 307 -33.57 -79.04 -31.94
C GLU M 307 -33.52 -80.12 -30.86
N SER M 308 -32.49 -80.11 -30.00
CA SER M 308 -32.38 -81.11 -28.96
C SER M 308 -33.56 -81.05 -27.99
N LYS M 309 -33.90 -79.85 -27.54
CA LYS M 309 -35.02 -79.64 -26.64
C LYS M 309 -35.75 -78.36 -27.03
N LYS M 310 -37.08 -78.41 -27.00
CA LYS M 310 -37.91 -77.30 -27.42
C LYS M 310 -38.73 -76.71 -26.28
N ASP M 311 -39.53 -77.53 -25.59
CA ASP M 311 -40.42 -77.01 -24.56
C ASP M 311 -39.64 -76.39 -23.40
N GLU M 312 -38.61 -77.10 -22.92
CA GLU M 312 -37.78 -76.53 -21.87
C GLU M 312 -37.05 -75.30 -22.36
N PHE M 313 -36.61 -75.30 -23.62
CA PHE M 313 -35.98 -74.12 -24.19
C PHE M 313 -36.93 -72.94 -24.20
N GLU M 314 -38.19 -73.15 -24.61
CA GLU M 314 -39.14 -72.06 -24.65
C GLU M 314 -39.46 -71.56 -23.24
N LYS M 315 -39.57 -72.47 -22.27
CA LYS M 315 -39.81 -72.06 -20.90
C LYS M 315 -38.67 -71.21 -20.36
N LYS M 316 -37.43 -71.66 -20.61
CA LYS M 316 -36.26 -70.90 -20.17
C LYS M 316 -36.19 -69.55 -20.86
N TYR M 317 -36.50 -69.49 -22.16
CA TYR M 317 -36.45 -68.22 -22.86
C TYR M 317 -37.49 -67.25 -22.34
N TYR M 318 -38.71 -67.73 -22.08
CA TYR M 318 -39.73 -66.83 -21.55
C TYR M 318 -39.37 -66.37 -20.14
N ARG M 319 -38.81 -67.25 -19.32
CA ARG M 319 -38.36 -66.85 -18.00
C ARG M 319 -37.24 -65.81 -18.10
N ASP M 320 -36.32 -65.99 -19.05
CA ASP M 320 -35.25 -65.03 -19.25
C ASP M 320 -35.81 -63.68 -19.71
N GLN M 321 -36.79 -63.68 -20.61
CA GLN M 321 -37.37 -62.43 -21.04
C GLN M 321 -38.07 -61.73 -19.89
N LEU M 322 -38.77 -62.48 -19.04
CA LEU M 322 -39.46 -61.85 -17.92
C LEU M 322 -38.47 -61.28 -16.91
N ILE M 323 -37.43 -62.04 -16.57
CA ILE M 323 -36.45 -61.54 -15.63
C ILE M 323 -35.76 -60.30 -16.19
N ASN M 324 -35.45 -60.32 -17.49
CA ASN M 324 -34.81 -59.18 -18.12
C ASN M 324 -35.72 -57.95 -18.09
N TYR M 325 -37.02 -58.13 -18.39
CA TYR M 325 -37.92 -56.99 -18.38
C TYR M 325 -38.05 -56.40 -16.99
N LEU M 326 -38.23 -57.26 -15.98
CA LEU M 326 -38.38 -56.75 -14.62
C LEU M 326 -37.12 -56.01 -14.18
N GLY M 327 -35.95 -56.58 -14.47
CA GLY M 327 -34.72 -55.88 -14.15
C GLY M 327 -34.60 -54.56 -14.86
N GLY M 328 -35.01 -54.50 -16.14
CA GLY M 328 -34.91 -53.26 -16.87
C GLY M 328 -35.82 -52.17 -16.34
N TYR M 329 -37.07 -52.52 -16.03
CA TYR M 329 -37.97 -51.51 -15.51
C TYR M 329 -37.55 -51.07 -14.11
N ARG M 330 -37.04 -52.01 -13.30
CA ARG M 330 -36.50 -51.63 -12.00
C ARG M 330 -35.32 -50.69 -12.17
N SER M 331 -34.46 -50.95 -13.15
CA SER M 331 -33.33 -50.07 -13.41
C SER M 331 -33.78 -48.68 -13.83
N TYR M 332 -34.81 -48.61 -14.67
CA TYR M 332 -35.36 -47.31 -15.07
C TYR M 332 -35.88 -46.55 -13.87
N LEU M 333 -36.61 -47.23 -12.99
CA LEU M 333 -37.19 -46.53 -11.86
C LEU M 333 -36.11 -46.12 -10.84
N ILE M 334 -35.04 -46.91 -10.68
CA ILE M 334 -33.99 -46.43 -9.78
C ILE M 334 -33.21 -45.31 -10.45
N SER M 335 -33.15 -45.29 -11.79
CA SER M 335 -32.58 -44.11 -12.43
C SER M 335 -33.37 -42.87 -12.04
N LEU M 336 -34.70 -42.98 -12.04
CA LEU M 336 -35.54 -41.88 -11.58
C LEU M 336 -35.25 -41.53 -10.12
N VAL M 337 -35.12 -42.55 -9.27
CA VAL M 337 -34.92 -42.31 -7.84
C VAL M 337 -33.59 -41.62 -7.59
N LYS M 338 -32.52 -42.09 -8.24
CA LYS M 338 -31.21 -41.44 -8.11
C LYS M 338 -31.25 -40.02 -8.61
N PHE M 339 -31.93 -39.79 -9.74
CA PHE M 339 -32.08 -38.43 -10.24
C PHE M 339 -32.76 -37.54 -9.21
N HIS M 340 -33.80 -38.06 -8.55
CA HIS M 340 -34.44 -37.29 -7.48
C HIS M 340 -33.48 -37.03 -6.34
N SER M 341 -32.79 -38.08 -5.87
CA SER M 341 -31.93 -37.94 -4.71
C SER M 341 -30.79 -36.95 -4.96
N GLU M 342 -30.36 -36.82 -6.20
CA GLU M 342 -29.27 -35.92 -6.51
C GLU M 342 -29.75 -34.51 -6.87
N TYR M 343 -30.98 -34.37 -7.38
CA TYR M 343 -31.50 -33.05 -7.73
C TYR M 343 -32.66 -32.57 -6.86
N LYS M 344 -33.39 -33.47 -6.20
CA LYS M 344 -34.53 -33.11 -5.36
C LYS M 344 -35.57 -32.32 -6.16
N CYS M 345 -36.14 -33.00 -7.16
CA CYS M 345 -37.14 -32.38 -8.01
C CYS M 345 -38.30 -33.29 -8.37
N VAL M 346 -38.39 -34.47 -7.79
CA VAL M 346 -39.46 -35.41 -8.09
C VAL M 346 -40.50 -35.32 -6.97
N ASN M 347 -41.76 -35.51 -7.35
CA ASN M 347 -42.87 -35.41 -6.40
C ASN M 347 -42.72 -36.43 -5.28
N SER M 348 -43.01 -36.00 -4.05
CA SER M 348 -42.81 -36.86 -2.89
C SER M 348 -43.80 -38.02 -2.87
N ASP M 349 -45.08 -37.74 -3.14
CA ASP M 349 -46.06 -38.81 -3.21
C ASP M 349 -45.74 -39.78 -4.35
N PHE M 350 -45.26 -39.25 -5.46
CA PHE M 350 -44.80 -40.11 -6.54
C PHE M 350 -43.59 -40.92 -6.11
N ILE M 351 -42.73 -40.36 -5.26
CA ILE M 351 -41.61 -41.13 -4.72
C ILE M 351 -42.11 -42.29 -3.88
N ILE M 352 -43.14 -42.06 -3.07
CA ILE M 352 -43.71 -43.13 -2.25
C ILE M 352 -44.31 -44.21 -3.15
N GLN M 353 -45.03 -43.80 -4.19
CA GLN M 353 -45.60 -44.77 -5.13
C GLN M 353 -44.50 -45.57 -5.82
N ILE M 354 -43.40 -44.90 -6.19
CA ILE M 354 -42.28 -45.59 -6.79
C ILE M 354 -41.70 -46.61 -5.83
N ASN M 355 -41.57 -46.24 -4.56
CA ASN M 355 -41.03 -47.19 -3.58
C ASN M 355 -41.91 -48.42 -3.44
N GLY M 356 -43.23 -48.21 -3.38
CA GLY M 356 -44.14 -49.34 -3.33
C GLY M 356 -44.04 -50.22 -4.57
N ILE M 357 -43.98 -49.60 -5.75
CA ILE M 357 -43.86 -50.36 -6.99
C ILE M 357 -42.55 -51.15 -7.00
N LEU M 358 -41.47 -50.53 -6.55
CA LEU M 358 -40.18 -51.19 -6.53
C LEU M 358 -40.20 -52.40 -5.60
N ASN M 359 -40.81 -52.24 -4.43
CA ASN M 359 -40.91 -53.37 -3.51
C ASN M 359 -41.74 -54.50 -4.13
N ASP M 360 -42.83 -54.15 -4.82
CA ASP M 360 -43.62 -55.18 -5.49
C ASP M 360 -42.81 -55.89 -6.57
N ILE M 361 -42.04 -55.13 -7.35
CA ILE M 361 -41.22 -55.71 -8.41
C ILE M 361 -40.18 -56.65 -7.80
N GLN M 362 -39.56 -56.24 -6.71
CA GLN M 362 -38.54 -57.09 -6.07
C GLN M 362 -39.16 -58.35 -5.48
N ASN M 363 -40.37 -58.23 -4.91
CA ASN M 363 -41.05 -59.43 -4.42
C ASN M 363 -41.37 -60.39 -5.55
N HIS M 364 -41.87 -59.85 -6.67
CA HIS M 364 -42.18 -60.70 -7.82
C HIS M 364 -40.93 -61.34 -8.40
N ILE M 365 -39.82 -60.59 -8.44
CA ILE M 365 -38.58 -61.12 -8.98
C ILE M 365 -38.05 -62.24 -8.08
N GLN M 366 -38.18 -62.07 -6.76
CA GLN M 366 -37.78 -63.13 -5.85
C GLN M 366 -38.65 -64.36 -6.00
N LYS M 367 -39.97 -64.16 -6.17
CA LYS M 367 -40.87 -65.28 -6.40
C LYS M 367 -40.51 -66.03 -7.67
N ILE M 368 -40.20 -65.29 -8.74
CA ILE M 368 -39.84 -65.92 -10.01
C ILE M 368 -38.56 -66.72 -9.85
N LYS M 369 -37.54 -66.13 -9.22
CA LYS M 369 -36.28 -66.83 -9.07
C LYS M 369 -36.39 -68.03 -8.14
N LYS M 370 -37.33 -67.99 -7.19
CA LYS M 370 -37.57 -69.13 -6.32
C LYS M 370 -38.30 -70.25 -7.07
N ASN M 371 -39.32 -69.90 -7.86
CA ASN M 371 -40.03 -70.88 -8.65
C ASN M 371 -39.17 -71.45 -9.76
N ARG M 372 -38.08 -70.76 -10.13
CA ARG M 372 -37.15 -71.31 -11.10
C ARG M 372 -36.57 -72.65 -10.64
N ARG M 373 -36.25 -72.76 -9.35
CA ARG M 373 -35.61 -73.94 -8.81
C ARG M 373 -36.58 -75.06 -8.46
N LEU M 374 -37.89 -74.82 -8.58
CA LEU M 374 -38.87 -75.85 -8.25
C LEU M 374 -39.26 -76.67 -9.47
#